data_8E98
#
_entry.id   8E98
#
_cell.length_a   1.00
_cell.length_b   1.00
_cell.length_c   1.00
_cell.angle_alpha   90.00
_cell.angle_beta   90.00
_cell.angle_gamma   90.00
#
_symmetry.space_group_name_H-M   'P 1'
#
loop_
_entity.id
_entity.type
_entity.pdbx_description
1 polymer 'Glutamate receptor ionotropic, NMDA 1'
2 polymer 'Glutamate receptor ionotropic, NMDA 2C'
3 branched beta-D-mannopyranose-(1-4)-2-acetamido-2-deoxy-beta-D-glucopyranose-(1-4)-2-acetamido-2-deoxy-beta-D-glucopyranose
4 non-polymer 2-acetamido-2-deoxy-beta-D-glucopyranose
#
loop_
_entity_poly.entity_id
_entity_poly.type
_entity_poly.pdbx_seq_one_letter_code
_entity_poly.pdbx_strand_id
1 'polypeptide(L)'
;MSTMHLLTFALLFSCSFARAASDPKIVNIGAVLSTRKHEQMFREAVNQANKRHGSWKIQLNATSVTHKPNAIQMALSVCE
DLISSQVYAILVSHPPTPNDHFTPTPVSYTAGFYRIPVLGLTTRMSIYSDKSIHLSFLRTVPPYSHQSSVWFEMMRVYSW
NHIILLVSDDHEGRAAQKRLETLLEERESKAEKVLQFDPGTKNVTALLMEAKELEARVIILSASEDDAATVYRAAAMLNM
TGSGYVWLVGEREISGNALRYAPDGILGLQLINGKNESAHISDAVGVVAQAVHELLEKENITDPPRGCVGNTNIWKTGPL
FKRVLMSSKYADGVTGRVEFNEDGDRKFANYSIMNLQNRKLVQVGIYNGTHVIPNDRKIIWPGGETEKPRGYQMSTRLKI
VTIHQEPFVYVKPTLSDGTCKEEFTVNGDPVKKVICTGPNDTSPGSPRHTVPQCCYGFCIDLLIKLARTMNFTYEVHLVA
DGKFGTQERVNNSNKKEWNGMMGELLSGQADMIVAPLTINNERAQYIEFSKPFKYQGLTILVKKEIPRSTLDSFMQPFQS
TLWLLVGLSVHVVAVMLYLLDRFSPFGRFKVNSEEEEEDALTLSSAMWFSWGVLLNSGIGEGAPRSFSARILGMVWAGFA
MIIVASYTANLAAFLVLDRPEERITGINDPRLRNPSDKFIYATVKQSSVDIYFRRQVELSTMYRHMEKHNYESAAEAIQA
VRDNKLHAFIWDSAVLEFEASQKCDLVTTGELFFRSGFGIGMRKDSPWKQNVSLSILKSHENGFMEDLDKTWVRYQECDS
RSNAPATLTFENMAGVFMLVAGGIVAGIFLIFIEIAYKRHKDANGAQ
;
A,C
2 'polypeptide(L)'
;MGTMRLFLLAVLFLFSFARATGWSHPQFEKGGGSGGGSGGSAWSHPQFEKGALVPRGEQGMTVAVVFSSSGPPQAQFRAR
LTPQSFLDLPLEIQPLTVGVNTTNPSSLLTQICGLLGAAHVHGIVFEDNVDTEAVAQILDFISSQTHVPILSISGGSAVV
LTPKEPGSAFLQLGVSLEQQLQVLFKVLEEYDWSAFAVITSLHPGHALFLEGVRAVADASHVSWRLLDVVTLELGPGGPR
ARTQRLLRQLDAPVFVAYCSREEAEVLFAEAAQAGLVGPGHVWLVPNLALGSTDAPPATFPVGLISVVTESWRLSLRQKV
RDGVAILALGAHSYWRQHGTLPAPAGDCRVHPGPVSPAREAFYRHLLNVTWEGRDFSFSPGGYLVQPTMVVIALNRHRLW
EMVGRWEHGVLYMKYPVWPRYSASLQPVVDSRHLTVATLEERPFVIVESPDPGTGGCVPNTVPCRRQSNHTFSSGDVAPY
TKLCCKGFCIDILKKLARVVKFSYDLYLVTNGKHGKRVRGVWNGMIGEVYYKRADMAIGSLTINEERSEIVDFSVPFVET
GISVMVARSNGTVSPSAFLEPYSPAVWVMMFVMCLTVVAITVFMFEYFSPVSYNQNLTRGKKSGGPAFTIGKSVWLLWAL
VFNNSVPIENPRGTTSKIMVLVWAFFAVIFLASYTANLAAFMIQEQYIDTVSGLSDKKFQRPQDQYPPFRFGTVPNGSTE
RNIRSNYRDMHTHMVKFNQRSVEDALTSLKMGKLDAFIYDAAVLNYMAGKDEGCKLVTIGSGKVFATTGYGIAMQKDSHW
KRAIDLALLQFLGDGETQKLETVWLSGICQNEKNEVMSSKLDIDNMAGVFYMLLVAMGLALLVFAWEHLVYWKLRHSVPN
;
B,D
#
loop_
_chem_comp.id
_chem_comp.type
_chem_comp.name
_chem_comp.formula
BMA D-saccharide, beta linking beta-D-mannopyranose 'C6 H12 O6'
NAG D-saccharide, beta linking 2-acetamido-2-deoxy-beta-D-glucopyranose 'C8 H15 N O6'
#
# COMPACT_ATOMS: atom_id res chain seq x y z
N LYS A 25 16.69 -49.13 6.59
CA LYS A 25 17.57 -48.65 5.54
C LYS A 25 18.96 -48.35 6.07
N ILE A 26 19.97 -48.52 5.23
CA ILE A 26 21.36 -48.27 5.60
C ILE A 26 21.69 -46.82 5.24
N VAL A 27 22.06 -46.03 6.23
CA VAL A 27 22.45 -44.64 6.04
C VAL A 27 23.93 -44.52 6.37
N ASN A 28 24.70 -43.97 5.45
CA ASN A 28 26.15 -43.87 5.59
C ASN A 28 26.56 -42.42 5.74
N ILE A 29 27.44 -42.17 6.71
CA ILE A 29 28.02 -40.85 6.94
C ILE A 29 29.53 -40.99 7.03
N GLY A 30 30.23 -39.90 6.74
CA GLY A 30 31.68 -39.89 6.71
C GLY A 30 32.26 -38.84 7.63
N ALA A 31 33.56 -38.96 7.86
CA ALA A 31 34.30 -38.04 8.70
C ALA A 31 35.78 -38.14 8.36
N VAL A 32 36.51 -37.05 8.61
CA VAL A 32 37.95 -36.99 8.39
C VAL A 32 38.59 -36.39 9.64
N LEU A 33 39.60 -37.06 10.18
CA LEU A 33 40.31 -36.59 11.35
C LEU A 33 41.79 -36.90 11.16
N SER A 34 42.57 -36.64 12.22
CA SER A 34 44.00 -36.91 12.18
C SER A 34 44.54 -37.50 13.47
N THR A 35 43.70 -37.80 14.46
CA THR A 35 44.18 -38.27 15.75
C THR A 35 44.46 -39.77 15.73
N ARG A 36 43.63 -40.54 15.02
CA ARG A 36 43.66 -42.00 15.00
C ARG A 36 43.29 -42.56 16.38
N LYS A 37 42.96 -41.69 17.31
CA LYS A 37 42.48 -42.07 18.64
C LYS A 37 41.09 -41.52 18.92
N HIS A 38 40.83 -40.27 18.53
CA HIS A 38 39.47 -39.73 18.59
C HIS A 38 38.58 -40.32 17.49
N GLU A 39 39.16 -41.05 16.54
CA GLU A 39 38.33 -41.79 15.59
C GLU A 39 37.51 -42.86 16.29
N GLN A 40 38.11 -43.53 17.28
CA GLN A 40 37.35 -44.45 18.12
C GLN A 40 36.26 -43.71 18.88
N MET A 41 36.54 -42.49 19.32
CA MET A 41 35.52 -41.68 19.97
C MET A 41 34.37 -41.37 19.01
N PHE A 42 34.70 -41.06 17.76
CA PHE A 42 33.65 -40.80 16.76
C PHE A 42 32.82 -42.06 16.50
N ARG A 43 33.48 -43.21 16.44
CA ARG A 43 32.76 -44.46 16.26
C ARG A 43 31.83 -44.73 17.44
N GLU A 44 32.30 -44.50 18.66
CA GLU A 44 31.45 -44.65 19.83
C GLU A 44 30.28 -43.67 19.79
N ALA A 45 30.54 -42.44 19.34
CA ALA A 45 29.48 -41.44 19.26
C ALA A 45 28.41 -41.84 18.26
N VAL A 46 28.81 -42.30 17.08
CA VAL A 46 27.81 -42.68 16.08
C VAL A 46 27.06 -43.94 16.53
N ASN A 47 27.74 -44.86 17.21
CA ASN A 47 27.05 -46.02 17.77
C ASN A 47 26.03 -45.61 18.81
N GLN A 48 26.38 -44.67 19.70
CA GLN A 48 25.44 -44.19 20.70
C GLN A 48 24.27 -43.44 20.06
N ALA A 49 24.54 -42.67 19.00
CA ALA A 49 23.45 -42.01 18.28
C ALA A 49 22.52 -43.02 17.63
N ASN A 50 23.08 -44.09 17.06
CA ASN A 50 22.25 -45.15 16.50
C ASN A 50 21.48 -45.89 17.60
N LYS A 51 22.01 -45.88 18.83
CA LYS A 51 21.26 -46.47 19.93
C LYS A 51 19.98 -45.68 20.23
N ARG A 52 19.95 -44.39 19.87
CA ARG A 52 18.72 -43.61 20.05
C ARG A 52 17.63 -44.07 19.10
N HIS A 53 18.00 -44.46 17.88
CA HIS A 53 17.05 -44.93 16.88
C HIS A 53 17.71 -46.06 16.11
N GLY A 54 17.37 -47.30 16.45
CA GLY A 54 17.97 -48.46 15.81
C GLY A 54 16.96 -49.52 15.42
N SER A 55 15.76 -49.09 15.04
CA SER A 55 14.69 -50.02 14.65
C SER A 55 14.77 -50.42 13.19
N TRP A 56 15.95 -50.33 12.57
CA TRP A 56 16.19 -50.73 11.19
C TRP A 56 15.49 -49.83 10.19
N LYS A 57 14.73 -48.85 10.67
CA LYS A 57 14.19 -47.82 9.78
C LYS A 57 15.32 -47.01 9.16
N ILE A 58 16.31 -46.65 9.97
CA ILE A 58 17.54 -46.04 9.50
C ILE A 58 18.70 -46.64 10.28
N GLN A 59 19.73 -47.07 9.57
CA GLN A 59 20.92 -47.67 10.17
C GLN A 59 22.13 -46.84 9.78
N LEU A 60 23.02 -46.62 10.76
CA LEU A 60 24.16 -45.73 10.59
C LEU A 60 25.45 -46.51 10.47
N ASN A 61 26.35 -46.04 9.62
CA ASN A 61 27.69 -46.58 9.46
C ASN A 61 28.70 -45.48 9.80
N ALA A 62 29.98 -45.79 9.60
CA ALA A 62 31.04 -44.83 9.94
C ALA A 62 32.27 -45.11 9.08
N THR A 63 32.92 -44.04 8.62
CA THR A 63 34.16 -44.12 7.87
C THR A 63 35.06 -42.96 8.29
N SER A 64 36.38 -43.17 8.17
CA SER A 64 37.33 -42.15 8.59
C SER A 64 38.56 -42.22 7.72
N VAL A 65 39.22 -41.07 7.55
CA VAL A 65 40.43 -40.93 6.77
C VAL A 65 41.36 -39.96 7.50
N THR A 66 42.66 -40.25 7.46
CA THR A 66 43.68 -39.44 8.11
C THR A 66 44.24 -38.41 7.15
N HIS A 67 44.84 -37.37 7.72
CA HIS A 67 45.41 -36.27 6.93
C HIS A 67 46.76 -36.69 6.33
N LYS A 68 47.22 -35.90 5.37
CA LYS A 68 48.46 -36.15 4.67
C LYS A 68 49.22 -34.84 4.51
N PRO A 69 50.55 -34.90 4.45
CA PRO A 69 51.33 -33.67 4.24
C PRO A 69 51.09 -33.01 2.89
N ASN A 70 50.56 -33.74 1.91
CA ASN A 70 50.32 -33.21 0.58
C ASN A 70 48.84 -32.87 0.42
N ALA A 71 48.56 -31.67 -0.07
CA ALA A 71 47.19 -31.21 -0.28
C ALA A 71 46.51 -31.93 -1.43
N ILE A 72 47.22 -32.11 -2.56
CA ILE A 72 46.63 -32.79 -3.71
C ILE A 72 46.33 -34.25 -3.36
N GLN A 73 47.29 -34.93 -2.75
CA GLN A 73 47.08 -36.31 -2.32
C GLN A 73 45.92 -36.40 -1.34
N MET A 74 45.78 -35.43 -0.46
CA MET A 74 44.62 -35.38 0.42
C MET A 74 43.33 -35.23 -0.38
N ALA A 75 43.38 -34.46 -1.47
CA ALA A 75 42.19 -34.32 -2.32
C ALA A 75 41.78 -35.64 -2.94
N LEU A 76 42.74 -36.38 -3.51
CA LEU A 76 42.37 -37.68 -4.09
C LEU A 76 42.01 -38.68 -3.00
N SER A 77 42.56 -38.52 -1.80
CA SER A 77 42.14 -39.38 -0.69
C SER A 77 40.69 -39.13 -0.31
N VAL A 78 40.28 -37.86 -0.27
CA VAL A 78 38.88 -37.53 -0.02
C VAL A 78 38.00 -38.04 -1.14
N CYS A 79 38.50 -37.97 -2.38
CA CYS A 79 37.79 -38.56 -3.52
C CYS A 79 37.56 -40.06 -3.32
N GLU A 80 38.62 -40.78 -2.93
CA GLU A 80 38.48 -42.22 -2.70
C GLU A 80 37.52 -42.51 -1.55
N ASP A 81 37.58 -41.71 -0.48
CA ASP A 81 36.66 -41.90 0.63
C ASP A 81 35.21 -41.66 0.21
N LEU A 82 34.97 -40.65 -0.64
CA LEU A 82 33.61 -40.38 -1.09
C LEU A 82 33.09 -41.50 -1.99
N ILE A 83 33.96 -42.05 -2.84
CA ILE A 83 33.51 -43.16 -3.69
C ILE A 83 33.43 -44.46 -2.90
N SER A 84 34.00 -44.51 -1.70
CA SER A 84 33.98 -45.73 -0.92
C SER A 84 32.56 -46.15 -0.56
N SER A 85 31.71 -45.20 -0.19
CA SER A 85 30.34 -45.47 0.19
C SER A 85 29.42 -44.38 -0.35
N GLN A 86 28.14 -44.49 -0.04
CA GLN A 86 27.15 -43.48 -0.40
C GLN A 86 27.09 -42.47 0.75
N VAL A 87 28.15 -41.67 0.86
CA VAL A 87 28.31 -40.75 1.97
C VAL A 87 27.28 -39.63 1.87
N TYR A 88 26.80 -39.17 3.02
CA TYR A 88 25.82 -38.10 3.09
C TYR A 88 26.33 -36.84 3.78
N ALA A 89 27.41 -36.94 4.55
CA ALA A 89 27.96 -35.78 5.25
C ALA A 89 29.44 -36.02 5.47
N ILE A 90 30.18 -34.93 5.66
CA ILE A 90 31.63 -34.97 5.84
C ILE A 90 31.98 -34.15 7.08
N LEU A 91 32.79 -34.74 7.97
CA LEU A 91 33.28 -34.06 9.16
C LEU A 91 34.79 -33.93 9.04
N VAL A 92 35.30 -32.72 9.26
CA VAL A 92 36.72 -32.43 9.12
C VAL A 92 37.21 -31.76 10.41
N SER A 93 38.44 -32.09 10.81
CA SER A 93 39.04 -31.55 12.02
C SER A 93 40.42 -31.01 11.71
N HIS A 94 40.99 -30.30 12.68
CA HIS A 94 42.28 -29.65 12.51
C HIS A 94 43.40 -30.61 12.91
N PRO A 95 44.32 -30.93 12.03
CA PRO A 95 45.44 -31.81 12.41
C PRO A 95 46.48 -31.05 13.21
N PRO A 96 47.51 -31.72 13.74
CA PRO A 96 48.56 -31.00 14.48
C PRO A 96 49.42 -30.12 13.58
N THR A 97 49.08 -30.03 12.30
CA THR A 97 49.81 -29.15 11.39
C THR A 97 49.58 -27.69 11.78
N PRO A 98 50.61 -26.85 11.63
CA PRO A 98 50.47 -25.43 11.96
C PRO A 98 49.81 -24.57 10.89
N ASN A 99 49.49 -25.13 9.73
CA ASN A 99 48.82 -24.40 8.66
C ASN A 99 47.31 -24.63 8.79
N ASP A 100 46.68 -23.79 9.59
CA ASP A 100 45.25 -23.90 9.85
C ASP A 100 44.38 -23.16 8.85
N HIS A 101 44.98 -22.49 7.86
CA HIS A 101 44.20 -21.72 6.90
C HIS A 101 43.65 -22.59 5.79
N PHE A 102 44.53 -23.24 5.03
CA PHE A 102 44.12 -24.00 3.86
C PHE A 102 43.86 -25.47 4.15
N THR A 103 43.89 -25.89 5.42
CA THR A 103 43.70 -27.29 5.77
C THR A 103 42.36 -27.86 5.31
N PRO A 104 41.21 -27.22 5.55
CA PRO A 104 39.93 -27.82 5.15
C PRO A 104 39.46 -27.47 3.73
N THR A 105 40.29 -26.84 2.91
CA THR A 105 39.87 -26.48 1.56
C THR A 105 39.92 -27.65 0.57
N PRO A 106 40.95 -28.51 0.57
CA PRO A 106 40.95 -29.59 -0.42
C PRO A 106 39.75 -30.51 -0.33
N VAL A 107 39.29 -30.82 0.88
CA VAL A 107 38.06 -31.59 1.02
C VAL A 107 36.84 -30.75 0.65
N SER A 108 36.84 -29.47 1.04
CA SER A 108 35.65 -28.64 0.85
C SER A 108 35.34 -28.43 -0.62
N TYR A 109 36.36 -28.16 -1.44
CA TYR A 109 36.13 -27.90 -2.86
C TYR A 109 35.55 -29.14 -3.56
N THR A 110 36.16 -30.30 -3.32
CA THR A 110 35.69 -31.53 -3.94
C THR A 110 34.29 -31.89 -3.47
N ALA A 111 34.01 -31.68 -2.18
CA ALA A 111 32.68 -31.96 -1.67
C ALA A 111 31.64 -31.01 -2.25
N GLY A 112 31.98 -29.73 -2.38
CA GLY A 112 31.06 -28.75 -2.93
C GLY A 112 30.84 -28.89 -4.42
N PHE A 113 31.78 -29.53 -5.13
CA PHE A 113 31.52 -29.85 -6.53
C PHE A 113 30.29 -30.75 -6.67
N TYR A 114 30.16 -31.74 -5.79
CA TYR A 114 29.00 -32.61 -5.78
C TYR A 114 27.92 -32.12 -4.81
N ARG A 115 28.11 -30.94 -4.22
CA ARG A 115 27.15 -30.36 -3.28
C ARG A 115 26.90 -31.27 -2.08
N ILE A 116 27.96 -31.90 -1.59
CA ILE A 116 27.88 -32.75 -0.40
C ILE A 116 28.07 -31.88 0.83
N PRO A 117 27.09 -31.81 1.72
CA PRO A 117 27.22 -30.98 2.93
C PRO A 117 28.39 -31.45 3.79
N VAL A 118 29.10 -30.48 4.36
CA VAL A 118 30.24 -30.75 5.23
C VAL A 118 30.10 -29.93 6.51
N LEU A 119 30.83 -30.34 7.54
CA LEU A 119 30.85 -29.65 8.82
C LEU A 119 32.27 -29.50 9.30
N GLY A 120 32.58 -28.33 9.84
CA GLY A 120 33.91 -28.06 10.38
C GLY A 120 33.93 -28.06 11.88
N LEU A 121 34.59 -29.07 12.47
CA LEU A 121 34.60 -29.19 13.93
C LEU A 121 35.33 -28.02 14.58
N THR A 122 36.56 -27.75 14.15
CA THR A 122 37.34 -26.66 14.71
C THR A 122 37.93 -25.85 13.56
N THR A 123 37.41 -24.64 13.35
CA THR A 123 37.89 -23.75 12.30
C THR A 123 37.44 -22.33 12.63
N ARG A 124 38.34 -21.37 12.42
CA ARG A 124 38.06 -19.98 12.74
C ARG A 124 38.29 -19.03 11.57
N MET A 125 38.71 -19.52 10.41
CA MET A 125 38.93 -18.65 9.27
C MET A 125 37.61 -18.07 8.77
N SER A 126 37.64 -16.80 8.40
CA SER A 126 36.45 -16.07 7.95
C SER A 126 36.31 -16.08 6.43
N ILE A 127 36.93 -17.04 5.75
CA ILE A 127 36.86 -17.12 4.30
C ILE A 127 35.84 -18.19 3.92
N TYR A 128 35.54 -19.08 4.85
CA TYR A 128 34.59 -20.16 4.58
C TYR A 128 33.15 -19.74 4.76
N SER A 129 32.89 -18.52 5.21
CA SER A 129 31.53 -18.00 5.33
C SER A 129 31.00 -17.42 4.02
N ASP A 130 31.85 -17.30 3.00
CA ASP A 130 31.42 -16.80 1.69
C ASP A 130 30.75 -17.95 0.95
N LYS A 131 29.42 -17.96 0.98
CA LYS A 131 28.65 -19.03 0.35
C LYS A 131 28.78 -19.06 -1.16
N SER A 132 29.14 -17.94 -1.80
CA SER A 132 29.28 -17.89 -3.23
C SER A 132 30.52 -18.61 -3.75
N ILE A 133 31.53 -18.78 -2.90
CA ILE A 133 32.74 -19.50 -3.27
C ILE A 133 32.72 -20.93 -2.74
N HIS A 134 32.38 -21.10 -1.47
CA HIS A 134 32.19 -22.43 -0.89
C HIS A 134 30.69 -22.70 -0.91
N LEU A 135 30.26 -23.57 -1.83
CA LEU A 135 28.83 -23.80 -2.03
C LEU A 135 28.18 -24.43 -0.81
N SER A 136 28.77 -25.50 -0.29
CA SER A 136 28.22 -26.22 0.85
C SER A 136 29.26 -26.28 1.96
N PHE A 137 28.95 -25.65 3.08
CA PHE A 137 29.86 -25.65 4.23
C PHE A 137 29.08 -25.23 5.47
N LEU A 138 29.28 -25.97 6.55
CA LEU A 138 28.66 -25.67 7.85
C LEU A 138 29.77 -25.54 8.89
N ARG A 139 29.38 -25.14 10.10
CA ARG A 139 30.36 -24.86 11.14
C ARG A 139 29.67 -24.92 12.50
N THR A 140 30.44 -25.26 13.53
CA THR A 140 29.90 -25.37 14.88
C THR A 140 30.64 -24.51 15.91
N VAL A 141 31.52 -23.61 15.46
CA VAL A 141 32.33 -22.78 16.35
C VAL A 141 32.32 -21.36 15.80
N PRO A 142 32.10 -20.32 16.62
CA PRO A 142 32.01 -18.97 16.07
C PRO A 142 33.33 -18.52 15.50
N PRO A 143 33.37 -18.12 14.22
CA PRO A 143 34.60 -17.56 13.65
C PRO A 143 35.00 -16.24 14.31
N TYR A 144 36.16 -15.72 13.91
CA TYR A 144 36.78 -14.62 14.63
C TYR A 144 36.04 -13.29 14.50
N SER A 145 35.19 -13.15 13.47
CA SER A 145 34.58 -11.85 13.20
C SER A 145 33.35 -11.57 14.05
N HIS A 146 32.85 -12.56 14.79
CA HIS A 146 31.63 -12.37 15.57
C HIS A 146 31.88 -11.83 16.97
N GLN A 147 33.13 -11.52 17.32
CA GLN A 147 33.38 -10.85 18.58
C GLN A 147 32.81 -9.43 18.59
N SER A 148 32.70 -8.80 17.41
CA SER A 148 32.26 -7.41 17.35
C SER A 148 30.92 -7.18 18.04
N SER A 149 30.03 -8.16 17.97
CA SER A 149 28.76 -8.04 18.70
C SER A 149 29.00 -7.97 20.19
N VAL A 150 29.92 -8.80 20.71
CA VAL A 150 30.25 -8.77 22.13
C VAL A 150 30.87 -7.43 22.51
N TRP A 151 31.76 -6.91 21.66
CA TRP A 151 32.36 -5.61 21.93
C TRP A 151 31.31 -4.50 21.94
N PHE A 152 30.36 -4.55 21.01
CA PHE A 152 29.29 -3.55 20.99
C PHE A 152 28.42 -3.66 22.24
N GLU A 153 28.13 -4.89 22.67
CA GLU A 153 27.34 -5.08 23.89
C GLU A 153 28.08 -4.53 25.10
N MET A 154 29.39 -4.77 25.19
CA MET A 154 30.17 -4.24 26.29
C MET A 154 30.18 -2.71 26.27
N MET A 155 30.32 -2.12 25.08
CA MET A 155 30.30 -0.66 24.97
C MET A 155 28.96 -0.10 25.39
N ARG A 156 27.86 -0.76 25.00
CA ARG A 156 26.53 -0.31 25.41
C ARG A 156 26.35 -0.44 26.92
N VAL A 157 26.84 -1.52 27.51
CA VAL A 157 26.69 -1.71 28.95
C VAL A 157 27.49 -0.68 29.73
N TYR A 158 28.74 -0.45 29.32
CA TYR A 158 29.61 0.50 30.02
C TYR A 158 29.42 1.94 29.57
N SER A 159 28.63 2.17 28.52
CA SER A 159 28.34 3.51 28.01
C SER A 159 29.61 4.25 27.60
N TRP A 160 30.34 3.63 26.66
CA TRP A 160 31.51 4.23 26.03
C TRP A 160 31.15 4.51 24.58
N ASN A 161 31.06 5.80 24.23
CA ASN A 161 30.55 6.21 22.92
C ASN A 161 31.65 6.55 21.92
N HIS A 162 32.66 7.30 22.33
CA HIS A 162 33.74 7.71 21.42
C HIS A 162 34.87 6.69 21.51
N ILE A 163 35.07 5.94 20.44
CA ILE A 163 36.01 4.83 20.42
C ILE A 163 36.93 4.94 19.21
N ILE A 164 38.10 4.31 19.32
CA ILE A 164 39.09 4.26 18.24
C ILE A 164 39.35 2.80 17.92
N LEU A 165 39.31 2.47 16.63
CA LEU A 165 39.53 1.10 16.17
C LEU A 165 40.83 1.06 15.37
N LEU A 166 41.75 0.20 15.79
CA LEU A 166 42.98 -0.07 15.06
C LEU A 166 42.96 -1.52 14.60
N VAL A 167 43.23 -1.74 13.31
CA VAL A 167 43.15 -3.05 12.70
C VAL A 167 44.31 -3.22 11.73
N SER A 168 44.34 -4.37 11.07
CA SER A 168 45.34 -4.69 10.07
C SER A 168 44.72 -4.63 8.68
N ASP A 169 45.56 -4.85 7.67
CA ASP A 169 45.12 -4.85 6.28
C ASP A 169 44.67 -6.22 5.80
N ASP A 170 44.68 -7.22 6.66
CA ASP A 170 44.22 -8.55 6.28
C ASP A 170 42.71 -8.55 6.04
N HIS A 171 42.24 -9.58 5.34
CA HIS A 171 40.82 -9.67 5.01
C HIS A 171 39.97 -9.79 6.27
N GLU A 172 40.41 -10.59 7.24
CA GLU A 172 39.63 -10.78 8.46
C GLU A 172 39.51 -9.49 9.25
N GLY A 173 40.62 -8.75 9.38
CA GLY A 173 40.57 -7.49 10.11
C GLY A 173 39.68 -6.47 9.44
N ARG A 174 39.79 -6.37 8.11
CA ARG A 174 38.93 -5.45 7.36
C ARG A 174 37.46 -5.83 7.50
N ALA A 175 37.16 -7.13 7.45
CA ALA A 175 35.78 -7.58 7.59
C ALA A 175 35.24 -7.27 8.98
N ALA A 176 36.06 -7.50 10.02
CA ALA A 176 35.61 -7.21 11.38
C ALA A 176 35.39 -5.72 11.57
N GLN A 177 36.29 -4.89 11.05
CA GLN A 177 36.10 -3.45 11.13
C GLN A 177 34.85 -3.01 10.38
N LYS A 178 34.59 -3.62 9.22
CA LYS A 178 33.39 -3.31 8.46
C LYS A 178 32.13 -3.69 9.23
N ARG A 179 32.15 -4.85 9.90
CA ARG A 179 30.99 -5.27 10.68
C ARG A 179 30.74 -4.32 11.85
N LEU A 180 31.81 -3.94 12.56
CA LEU A 180 31.65 -3.00 13.67
C LEU A 180 31.14 -1.65 13.18
N GLU A 181 31.67 -1.17 12.05
CA GLU A 181 31.21 0.11 11.50
C GLU A 181 29.77 0.02 11.04
N THR A 182 29.37 -1.13 10.49
CA THR A 182 27.98 -1.31 10.08
C THR A 182 27.05 -1.28 11.28
N LEU A 183 27.45 -1.93 12.38
CA LEU A 183 26.64 -1.87 13.60
C LEU A 183 26.54 -0.44 14.12
N LEU A 184 27.67 0.29 14.12
CA LEU A 184 27.66 1.67 14.60
C LEU A 184 26.78 2.55 13.71
N GLU A 185 26.84 2.35 12.39
CA GLU A 185 26.03 3.14 11.47
C GLU A 185 24.55 2.80 11.60
N GLU A 186 24.24 1.53 11.88
CA GLU A 186 22.86 1.18 12.21
C GLU A 186 22.41 1.90 13.46
N ARG A 187 23.30 2.02 14.46
CA ARG A 187 23.06 2.90 15.59
C ARG A 187 23.20 4.37 15.23
N GLU A 188 23.70 4.67 14.03
CA GLU A 188 23.90 6.05 13.55
C GLU A 188 24.83 6.82 14.49
N SER A 189 25.99 6.22 14.76
CA SER A 189 26.98 6.79 15.66
C SER A 189 28.36 6.93 15.02
N LYS A 190 28.71 6.02 14.11
CA LYS A 190 30.01 6.04 13.41
C LYS A 190 31.18 5.88 14.38
N ALA A 191 32.40 5.93 13.85
CA ALA A 191 33.60 5.78 14.65
C ALA A 191 34.39 7.09 14.68
N GLU A 192 35.01 7.35 15.83
CA GLU A 192 35.77 8.59 15.98
C GLU A 192 36.95 8.65 15.02
N LYS A 193 37.70 7.55 14.91
CA LYS A 193 38.85 7.50 14.01
C LYS A 193 39.23 6.05 13.78
N VAL A 194 39.42 5.68 12.52
CA VAL A 194 39.82 4.33 12.14
C VAL A 194 41.17 4.41 11.44
N LEU A 195 42.15 3.67 11.96
CA LEU A 195 43.48 3.63 11.36
C LEU A 195 43.94 2.18 11.28
N GLN A 196 44.51 1.80 10.15
CA GLN A 196 44.95 0.43 9.92
C GLN A 196 46.40 0.45 9.46
N PHE A 197 47.13 -0.61 9.81
CA PHE A 197 48.53 -0.77 9.43
C PHE A 197 48.70 -2.08 8.68
N ASP A 198 49.65 -2.08 7.74
CA ASP A 198 49.89 -3.28 6.95
C ASP A 198 50.43 -4.40 7.84
N PRO A 199 50.07 -5.65 7.55
CA PRO A 199 50.55 -6.77 8.36
C PRO A 199 52.05 -6.99 8.17
N GLY A 200 52.67 -7.55 9.20
CA GLY A 200 54.09 -7.82 9.19
C GLY A 200 54.93 -6.56 9.09
N THR A 201 54.84 -5.70 10.10
CA THR A 201 55.53 -4.42 10.10
C THR A 201 56.06 -4.14 11.50
N LYS A 202 57.13 -3.35 11.57
CA LYS A 202 57.73 -2.96 12.83
C LYS A 202 58.07 -1.48 12.78
N ASN A 203 58.26 -0.90 13.96
CA ASN A 203 58.57 0.53 14.12
C ASN A 203 57.46 1.38 13.50
N VAL A 204 56.27 1.25 14.09
CA VAL A 204 55.06 1.86 13.56
C VAL A 204 54.51 2.89 14.55
N THR A 205 55.40 3.57 15.26
CA THR A 205 54.98 4.54 16.26
C THR A 205 54.22 5.72 15.66
N ALA A 206 54.31 5.91 14.34
CA ALA A 206 53.60 7.02 13.71
C ALA A 206 52.09 6.88 13.86
N LEU A 207 51.56 5.66 13.67
CA LEU A 207 50.12 5.45 13.81
C LEU A 207 49.66 5.70 15.24
N LEU A 208 50.44 5.21 16.22
CA LEU A 208 50.08 5.44 17.62
C LEU A 208 50.13 6.92 17.97
N MET A 209 51.13 7.64 17.44
CA MET A 209 51.21 9.08 17.68
C MET A 209 50.02 9.80 17.06
N GLU A 210 49.61 9.39 15.85
CA GLU A 210 48.45 10.00 15.21
C GLU A 210 47.18 9.74 16.02
N ALA A 211 47.02 8.52 16.53
CA ALA A 211 45.84 8.17 17.31
C ALA A 211 45.86 8.74 18.73
N LYS A 212 47.03 9.16 19.22
CA LYS A 212 47.12 9.67 20.58
C LYS A 212 46.73 11.14 20.71
N GLU A 213 46.50 11.83 19.58
CA GLU A 213 46.16 13.24 19.60
C GLU A 213 44.65 13.48 19.52
N LEU A 214 43.85 12.58 20.06
CA LEU A 214 42.40 12.71 20.01
C LEU A 214 41.84 12.63 21.43
N GLU A 215 40.69 13.28 21.62
CA GLU A 215 40.06 13.31 22.94
C GLU A 215 39.62 11.93 23.39
N ALA A 216 39.02 11.14 22.50
CA ALA A 216 38.57 9.80 22.85
C ALA A 216 39.78 8.92 23.18
N ARG A 217 39.71 8.18 24.29
CA ARG A 217 40.78 7.29 24.70
C ARG A 217 40.20 5.92 25.07
N VAL A 218 39.96 5.10 24.05
CA VAL A 218 39.70 3.66 24.18
C VAL A 218 40.14 3.01 22.87
N ILE A 219 40.89 1.92 22.98
CA ILE A 219 41.54 1.30 21.82
C ILE A 219 40.96 -0.08 21.60
N ILE A 220 40.61 -0.37 20.35
CA ILE A 220 40.14 -1.69 19.94
C ILE A 220 41.21 -2.29 19.03
N LEU A 221 41.74 -3.44 19.41
CA LEU A 221 42.86 -4.06 18.72
C LEU A 221 42.47 -5.42 18.16
N SER A 222 42.96 -5.72 16.95
CA SER A 222 42.72 -7.02 16.32
C SER A 222 43.84 -7.27 15.32
N ALA A 223 44.76 -8.16 15.66
CA ALA A 223 45.90 -8.46 14.80
C ALA A 223 46.50 -9.78 15.25
N SER A 224 47.61 -10.16 14.59
CA SER A 224 48.30 -11.40 14.92
C SER A 224 49.09 -11.25 16.23
N GLU A 225 49.60 -12.38 16.71
CA GLU A 225 50.32 -12.38 17.98
C GLU A 225 51.58 -11.52 17.92
N ASP A 226 52.37 -11.66 16.85
CA ASP A 226 53.58 -10.87 16.70
C ASP A 226 53.23 -9.39 16.55
N ASP A 227 52.22 -9.07 15.74
CA ASP A 227 51.78 -7.70 15.60
C ASP A 227 51.25 -7.15 16.93
N ALA A 228 50.54 -7.99 17.69
CA ALA A 228 50.07 -7.56 19.00
C ALA A 228 51.22 -7.25 19.94
N ALA A 229 52.25 -8.09 19.94
CA ALA A 229 53.41 -7.84 20.79
C ALA A 229 54.14 -6.56 20.39
N THR A 230 54.31 -6.35 19.07
CA THR A 230 54.95 -5.13 18.61
C THR A 230 54.16 -3.90 18.99
N VAL A 231 52.83 -3.97 18.84
CA VAL A 231 51.97 -2.83 19.19
C VAL A 231 52.03 -2.57 20.69
N TYR A 232 52.05 -3.63 21.50
CA TYR A 232 52.13 -3.47 22.94
C TYR A 232 53.45 -2.81 23.33
N ARG A 233 54.55 -3.24 22.71
CA ARG A 233 55.85 -2.63 23.00
C ARG A 233 55.86 -1.15 22.62
N ALA A 234 55.32 -0.83 21.44
CA ALA A 234 55.29 0.56 20.99
C ALA A 234 54.42 1.41 21.92
N ALA A 235 53.26 0.90 22.32
CA ALA A 235 52.38 1.64 23.21
C ALA A 235 53.03 1.84 24.59
N ALA A 236 53.70 0.82 25.11
CA ALA A 236 54.40 0.97 26.37
C ALA A 236 55.51 2.01 26.28
N MET A 237 56.23 2.03 25.16
CA MET A 237 57.23 3.08 24.95
C MET A 237 56.59 4.44 24.78
N LEU A 238 55.33 4.49 24.34
CA LEU A 238 54.64 5.75 24.09
C LEU A 238 53.83 6.24 25.28
N ASN A 239 53.89 5.55 26.42
CA ASN A 239 53.23 5.90 27.67
C ASN A 239 51.71 5.83 27.58
N MET A 240 51.15 5.37 26.46
CA MET A 240 49.70 5.31 26.29
C MET A 240 49.07 4.12 27.00
N THR A 241 49.82 3.38 27.80
CA THR A 241 49.31 2.23 28.53
C THR A 241 49.06 2.54 30.00
N GLY A 242 49.10 3.80 30.39
CA GLY A 242 48.95 4.18 31.79
C GLY A 242 47.51 4.39 32.21
N SER A 243 47.29 5.36 33.10
CA SER A 243 45.96 5.62 33.61
C SER A 243 45.14 6.42 32.60
N GLY A 244 43.82 6.33 32.75
CA GLY A 244 42.89 7.01 31.86
C GLY A 244 42.61 6.29 30.57
N TYR A 245 43.24 5.14 30.32
CA TYR A 245 43.06 4.38 29.10
C TYR A 245 42.44 3.03 29.43
N VAL A 246 41.56 2.58 28.54
CA VAL A 246 40.92 1.26 28.65
C VAL A 246 40.89 0.66 27.26
N TRP A 247 41.76 -0.32 27.01
CA TRP A 247 41.85 -0.96 25.71
C TRP A 247 41.51 -2.43 25.85
N LEU A 248 40.62 -2.91 24.97
CA LEU A 248 40.18 -4.30 24.97
C LEU A 248 40.68 -4.98 23.70
N VAL A 249 41.09 -6.24 23.83
CA VAL A 249 41.56 -7.02 22.69
C VAL A 249 40.70 -8.27 22.57
N GLY A 250 40.85 -8.99 21.45
CA GLY A 250 40.09 -10.20 21.22
C GLY A 250 40.71 -11.42 21.88
N GLU A 251 40.60 -12.58 21.24
CA GLU A 251 41.16 -13.81 21.76
C GLU A 251 42.51 -14.18 21.18
N ARG A 252 42.78 -13.81 19.93
CA ARG A 252 44.05 -14.16 19.30
C ARG A 252 45.19 -13.23 19.72
N GLU A 253 44.89 -12.13 20.43
CA GLU A 253 45.91 -11.19 20.85
C GLU A 253 46.34 -11.40 22.29
N ILE A 254 45.85 -12.44 22.96
CA ILE A 254 46.18 -12.70 24.35
C ILE A 254 46.78 -14.09 24.49
N SER A 255 47.43 -14.57 23.42
CA SER A 255 48.01 -15.90 23.40
C SER A 255 49.41 -15.84 22.79
N GLY A 256 50.23 -16.82 23.16
CA GLY A 256 51.57 -16.89 22.62
C GLY A 256 52.49 -15.82 23.21
N ASN A 257 53.46 -15.39 22.40
CA ASN A 257 54.42 -14.39 22.84
C ASN A 257 53.76 -13.04 23.10
N ALA A 258 52.58 -12.80 22.52
CA ALA A 258 51.88 -11.54 22.78
C ALA A 258 51.49 -11.42 24.26
N LEU A 259 51.04 -12.52 24.86
CA LEU A 259 50.63 -12.49 26.26
C LEU A 259 51.81 -12.35 27.21
N ARG A 260 53.04 -12.49 26.72
CA ARG A 260 54.22 -12.35 27.58
C ARG A 260 54.31 -10.96 28.17
N TYR A 261 54.45 -9.95 27.31
CA TYR A 261 54.54 -8.56 27.72
C TYR A 261 53.28 -7.83 27.27
N ALA A 262 52.49 -7.34 28.24
CA ALA A 262 51.27 -6.63 27.95
C ALA A 262 50.87 -5.83 29.17
N PRO A 263 50.26 -4.65 28.99
CA PRO A 263 49.83 -3.88 30.16
C PRO A 263 48.77 -4.62 30.95
N ASP A 264 48.79 -4.40 32.26
CA ASP A 264 47.85 -5.07 33.15
C ASP A 264 46.43 -4.55 32.93
N GLY A 265 45.45 -5.40 33.21
CA GLY A 265 44.06 -5.01 33.09
C GLY A 265 43.50 -5.00 31.69
N ILE A 266 44.16 -5.65 30.73
CA ILE A 266 43.68 -5.68 29.35
C ILE A 266 42.49 -6.62 29.26
N LEU A 267 41.36 -6.10 28.82
CA LEU A 267 40.15 -6.91 28.69
C LEU A 267 40.26 -7.84 27.49
N GLY A 268 39.63 -9.00 27.60
CA GLY A 268 39.64 -9.99 26.54
C GLY A 268 38.46 -10.94 26.57
N LEU A 269 38.46 -11.91 25.67
CA LEU A 269 37.38 -12.88 25.59
C LEU A 269 37.94 -14.22 25.13
N GLN A 270 37.23 -15.29 25.48
CA GLN A 270 37.64 -16.64 25.12
C GLN A 270 36.41 -17.51 24.92
N LEU A 271 36.61 -18.64 24.24
CA LEU A 271 35.53 -19.57 23.98
C LEU A 271 35.18 -20.37 25.23
N ILE A 272 34.02 -21.04 25.18
CA ILE A 272 33.58 -21.83 26.31
C ILE A 272 34.43 -23.09 26.45
N ASN A 273 34.40 -23.96 25.44
CA ASN A 273 35.17 -25.19 25.47
C ASN A 273 35.88 -25.39 24.14
N GLY A 274 36.42 -24.33 23.57
CA GLY A 274 37.08 -24.41 22.29
C GLY A 274 38.37 -25.21 22.36
N LYS A 275 38.80 -25.66 21.18
CA LYS A 275 40.00 -26.47 20.97
C LYS A 275 39.92 -27.84 21.62
N ASN A 276 38.74 -28.23 22.11
CA ASN A 276 38.59 -29.57 22.67
C ASN A 276 38.74 -30.64 21.59
N GLU A 277 38.18 -30.39 20.41
CA GLU A 277 38.28 -31.27 19.26
C GLU A 277 37.61 -32.61 19.50
N SER A 278 36.97 -32.78 20.65
CA SER A 278 36.24 -33.99 20.97
C SER A 278 34.84 -33.75 21.51
N ALA A 279 34.57 -32.60 22.13
CA ALA A 279 33.23 -32.31 22.61
C ALA A 279 32.29 -31.97 21.47
N HIS A 280 32.79 -31.31 20.43
CA HIS A 280 31.95 -30.96 19.29
C HIS A 280 31.66 -32.13 18.37
N ILE A 281 32.47 -33.20 18.43
CA ILE A 281 32.25 -34.35 17.56
C ILE A 281 30.92 -35.01 17.88
N SER A 282 30.61 -35.17 19.18
CA SER A 282 29.35 -35.79 19.57
C SER A 282 28.16 -34.94 19.11
N ASP A 283 28.26 -33.62 19.26
CA ASP A 283 27.18 -32.73 18.84
C ASP A 283 26.99 -32.82 17.33
N ALA A 284 28.09 -32.82 16.57
CA ALA A 284 27.99 -32.92 15.11
C ALA A 284 27.36 -34.23 14.69
N VAL A 285 27.76 -35.34 15.33
CA VAL A 285 27.20 -36.64 14.99
C VAL A 285 25.70 -36.67 15.30
N GLY A 286 25.31 -36.14 16.46
CA GLY A 286 23.90 -36.12 16.81
C GLY A 286 23.08 -35.28 15.86
N VAL A 287 23.60 -34.11 15.48
CA VAL A 287 22.90 -33.25 14.55
C VAL A 287 22.77 -33.91 13.19
N VAL A 288 23.84 -34.57 12.71
CA VAL A 288 23.77 -35.25 11.42
C VAL A 288 22.74 -36.38 11.46
N ALA A 289 22.73 -37.15 12.54
CA ALA A 289 21.76 -38.24 12.67
C ALA A 289 20.33 -37.70 12.71
N GLN A 290 20.11 -36.61 13.46
CA GLN A 290 18.77 -36.03 13.53
C GLN A 290 18.32 -35.51 12.18
N ALA A 291 19.23 -34.87 11.44
CA ALA A 291 18.86 -34.36 10.11
C ALA A 291 18.57 -35.50 9.15
N VAL A 292 19.39 -36.56 9.17
CA VAL A 292 19.20 -37.64 8.21
C VAL A 292 17.96 -38.47 8.57
N HIS A 293 17.55 -38.46 9.85
CA HIS A 293 16.32 -39.15 10.22
C HIS A 293 15.11 -38.50 9.57
N GLU A 294 15.05 -37.16 9.56
CA GLU A 294 13.94 -36.48 8.90
C GLU A 294 14.09 -36.47 7.39
N LEU A 295 15.32 -36.47 6.89
CA LEU A 295 15.53 -36.41 5.45
C LEU A 295 15.08 -37.69 4.75
N LEU A 296 15.22 -38.83 5.42
CA LEU A 296 14.91 -40.12 4.80
C LEU A 296 13.42 -40.30 4.52
N GLU A 297 12.56 -39.48 5.11
CA GLU A 297 11.12 -39.58 4.89
C GLU A 297 10.66 -38.85 3.62
N LYS A 298 11.57 -38.16 2.94
CA LYS A 298 11.22 -37.41 1.74
C LYS A 298 10.99 -38.35 0.56
N GLU A 299 10.21 -37.88 -0.41
CA GLU A 299 9.94 -38.67 -1.60
C GLU A 299 11.18 -38.78 -2.49
N ASN A 300 12.01 -37.75 -2.51
CA ASN A 300 13.17 -37.69 -3.41
C ASN A 300 14.38 -38.31 -2.71
N ILE A 301 14.51 -39.63 -2.88
CA ILE A 301 15.71 -40.33 -2.42
C ILE A 301 16.72 -40.32 -3.56
N THR A 302 17.65 -39.37 -3.51
CA THR A 302 18.50 -39.10 -4.67
C THR A 302 19.64 -40.09 -4.79
N ASP A 303 19.88 -40.90 -3.74
CA ASP A 303 20.97 -41.86 -3.74
C ASP A 303 22.29 -41.12 -3.95
N PRO A 304 22.80 -40.42 -2.93
CA PRO A 304 23.93 -39.48 -3.11
C PRO A 304 25.03 -40.06 -3.97
N PRO A 305 25.73 -39.22 -4.73
CA PRO A 305 26.56 -39.71 -5.83
C PRO A 305 27.65 -40.67 -5.36
N ARG A 306 27.89 -41.69 -6.18
CA ARG A 306 28.96 -42.66 -5.96
C ARG A 306 29.79 -42.70 -7.25
N GLY A 307 30.87 -41.93 -7.27
CA GLY A 307 31.71 -41.81 -8.45
C GLY A 307 32.50 -40.52 -8.41
N CYS A 308 33.73 -40.60 -8.91
CA CYS A 308 34.66 -39.47 -8.86
C CYS A 308 35.25 -39.13 -10.22
N VAL A 309 35.28 -40.05 -11.16
CA VAL A 309 35.77 -39.82 -12.51
C VAL A 309 34.64 -40.11 -13.49
N GLY A 310 34.32 -39.15 -14.34
CA GLY A 310 33.26 -39.28 -15.33
C GLY A 310 31.90 -38.82 -14.85
N ASN A 311 31.72 -38.67 -13.54
CA ASN A 311 30.45 -38.23 -12.97
C ASN A 311 30.43 -36.71 -12.94
N THR A 312 30.12 -36.12 -14.09
CA THR A 312 30.03 -34.66 -14.20
C THR A 312 28.60 -34.18 -13.92
N ASN A 313 28.18 -34.44 -12.68
CA ASN A 313 26.84 -34.09 -12.23
C ASN A 313 26.89 -33.66 -10.76
N ILE A 314 25.73 -33.34 -10.21
CA ILE A 314 25.59 -32.94 -8.82
C ILE A 314 24.48 -33.74 -8.18
N TRP A 315 24.43 -33.72 -6.85
CA TRP A 315 23.44 -34.46 -6.10
C TRP A 315 22.11 -33.72 -6.23
N LYS A 316 21.05 -34.45 -6.60
CA LYS A 316 19.77 -33.86 -6.92
C LYS A 316 19.10 -33.15 -5.74
N THR A 317 19.30 -33.65 -4.51
CA THR A 317 18.69 -33.03 -3.35
C THR A 317 19.71 -32.51 -2.34
N GLY A 318 20.89 -32.12 -2.80
CA GLY A 318 21.90 -31.56 -1.92
C GLY A 318 21.47 -30.30 -1.22
N PRO A 319 20.92 -29.33 -1.96
CA PRO A 319 20.38 -28.13 -1.29
C PRO A 319 19.27 -28.45 -0.30
N LEU A 320 18.41 -29.42 -0.60
CA LEU A 320 17.36 -29.81 0.32
C LEU A 320 17.94 -30.36 1.62
N PHE A 321 18.95 -31.23 1.51
CA PHE A 321 19.59 -31.77 2.71
C PHE A 321 20.28 -30.66 3.51
N LYS A 322 20.95 -29.74 2.81
CA LYS A 322 21.60 -28.64 3.51
C LYS A 322 20.59 -27.76 4.26
N ARG A 323 19.47 -27.46 3.61
CA ARG A 323 18.43 -26.65 4.26
C ARG A 323 17.83 -27.39 5.46
N VAL A 324 17.60 -28.69 5.31
CA VAL A 324 17.04 -29.46 6.42
C VAL A 324 18.01 -29.50 7.60
N LEU A 325 19.30 -29.71 7.32
CA LEU A 325 20.29 -29.79 8.39
C LEU A 325 20.48 -28.43 9.05
N MET A 326 20.35 -27.34 8.27
CA MET A 326 20.50 -26.00 8.84
C MET A 326 19.42 -25.71 9.87
N SER A 327 18.17 -26.13 9.58
CA SER A 327 17.04 -25.84 10.45
C SER A 327 16.74 -26.98 11.43
N SER A 328 17.74 -27.79 11.77
CA SER A 328 17.58 -28.88 12.72
C SER A 328 18.29 -28.52 14.02
N LYS A 329 17.56 -28.57 15.12
CA LYS A 329 18.08 -28.20 16.42
C LYS A 329 18.47 -29.43 17.22
N TYR A 330 19.06 -29.18 18.39
CA TYR A 330 19.47 -30.24 19.31
C TYR A 330 18.84 -29.98 20.67
N ALA A 331 18.66 -31.05 21.44
CA ALA A 331 18.01 -30.97 22.73
C ALA A 331 19.00 -30.67 23.86
N ASP A 332 20.00 -31.53 24.04
CA ASP A 332 20.97 -31.39 25.12
C ASP A 332 22.34 -31.80 24.59
N GLY A 333 23.12 -30.80 24.15
CA GLY A 333 24.49 -31.05 23.73
C GLY A 333 25.48 -30.78 24.84
N VAL A 334 26.70 -31.29 24.65
CA VAL A 334 27.75 -31.07 25.64
C VAL A 334 28.11 -29.59 25.71
N THR A 335 28.09 -28.90 24.58
CA THR A 335 28.38 -27.47 24.52
C THR A 335 27.13 -26.61 24.61
N GLY A 336 25.99 -27.21 24.93
CA GLY A 336 24.73 -26.48 25.02
C GLY A 336 23.84 -26.73 23.81
N ARG A 337 22.71 -26.03 23.81
CA ARG A 337 21.77 -26.12 22.70
C ARG A 337 22.45 -25.65 21.42
N VAL A 338 22.25 -26.42 20.35
CA VAL A 338 22.94 -26.18 19.08
C VAL A 338 21.91 -25.71 18.05
N GLU A 339 22.18 -24.56 17.45
CA GLU A 339 21.37 -24.02 16.37
C GLU A 339 22.30 -23.49 15.28
N PHE A 340 21.72 -23.08 14.16
CA PHE A 340 22.47 -22.58 13.03
C PHE A 340 21.95 -21.22 12.59
N ASN A 341 22.87 -20.33 12.23
CA ASN A 341 22.52 -19.02 11.71
C ASN A 341 22.21 -19.13 10.22
N GLU A 342 22.12 -17.98 9.54
CA GLU A 342 21.84 -17.97 8.11
C GLU A 342 22.97 -18.57 7.28
N ASP A 343 24.17 -18.70 7.86
CA ASP A 343 25.30 -19.28 7.13
C ASP A 343 25.98 -20.41 7.89
N GLY A 344 25.46 -20.82 9.03
CA GLY A 344 26.04 -21.90 9.79
C GLY A 344 26.83 -21.49 11.01
N ASP A 345 26.56 -20.31 11.58
CA ASP A 345 27.31 -19.85 12.74
C ASP A 345 26.93 -20.66 13.99
N ARG A 346 27.71 -20.45 15.05
CA ARG A 346 27.54 -21.23 16.27
C ARG A 346 26.23 -20.94 16.98
N LYS A 347 25.54 -19.85 16.63
CA LYS A 347 24.25 -19.52 17.21
C LYS A 347 24.31 -19.33 18.72
N PHE A 348 25.00 -18.27 19.16
CA PHE A 348 25.05 -17.86 20.56
C PHE A 348 25.78 -18.85 21.46
N ALA A 349 27.01 -19.19 21.08
CA ALA A 349 27.89 -19.92 21.99
C ALA A 349 28.36 -19.01 23.11
N ASN A 350 28.93 -19.61 24.15
CA ASN A 350 29.37 -18.86 25.32
C ASN A 350 30.65 -18.08 25.02
N TYR A 351 30.99 -17.17 25.94
CA TYR A 351 32.23 -16.40 25.89
C TYR A 351 32.62 -16.04 27.31
N SER A 352 33.92 -16.06 27.58
CA SER A 352 34.45 -15.82 28.91
C SER A 352 35.32 -14.58 28.90
N ILE A 353 34.97 -13.59 29.72
CA ILE A 353 35.77 -12.38 29.85
C ILE A 353 37.07 -12.71 30.57
N MET A 354 38.15 -12.04 30.16
CA MET A 354 39.47 -12.28 30.72
C MET A 354 40.07 -10.95 31.18
N ASN A 355 41.25 -11.02 31.78
CA ASN A 355 41.95 -9.85 32.28
C ASN A 355 43.42 -10.19 32.44
N LEU A 356 44.21 -9.15 32.73
CA LEU A 356 45.65 -9.28 32.95
C LEU A 356 45.94 -8.79 34.37
N GLN A 357 45.86 -9.71 35.33
CA GLN A 357 46.08 -9.37 36.74
C GLN A 357 47.51 -9.76 37.12
N ASN A 358 48.43 -8.83 36.91
CA ASN A 358 49.84 -8.98 37.27
C ASN A 358 50.44 -10.22 36.61
N ARG A 359 50.53 -10.17 35.28
CA ARG A 359 51.13 -11.17 34.41
C ARG A 359 50.35 -12.48 34.38
N LYS A 360 49.18 -12.55 35.00
CA LYS A 360 48.40 -13.78 35.06
C LYS A 360 46.98 -13.51 34.58
N LEU A 361 46.49 -14.35 33.67
CA LEU A 361 45.12 -14.22 33.20
C LEU A 361 44.14 -14.73 34.26
N VAL A 362 42.91 -14.23 34.18
CA VAL A 362 41.87 -14.59 35.14
C VAL A 362 40.52 -14.36 34.49
N GLN A 363 39.52 -15.14 34.91
CA GLN A 363 38.16 -14.98 34.42
C GLN A 363 37.43 -13.96 35.28
N VAL A 364 36.69 -13.05 34.62
CA VAL A 364 36.05 -11.94 35.33
C VAL A 364 34.54 -12.02 35.15
N GLY A 365 34.09 -12.61 34.05
CA GLY A 365 32.67 -12.67 33.77
C GLY A 365 32.36 -13.65 32.66
N ILE A 366 31.07 -13.96 32.53
CA ILE A 366 30.59 -14.89 31.52
C ILE A 366 29.48 -14.22 30.73
N TYR A 367 29.61 -14.23 29.41
CA TYR A 367 28.61 -13.67 28.50
C TYR A 367 28.42 -14.62 27.33
N ASN A 368 27.16 -14.83 26.94
CA ASN A 368 26.83 -15.72 25.83
C ASN A 368 26.47 -14.94 24.56
N GLY A 369 26.92 -13.70 24.45
CA GLY A 369 26.68 -12.88 23.28
C GLY A 369 25.49 -11.96 23.37
N THR A 370 24.56 -12.21 24.29
CA THR A 370 23.39 -11.36 24.46
C THR A 370 23.50 -10.43 25.66
N HIS A 371 23.99 -10.94 26.79
CA HIS A 371 24.17 -10.12 27.98
C HIS A 371 25.40 -10.61 28.73
N VAL A 372 25.99 -9.71 29.51
CA VAL A 372 27.17 -10.02 30.32
C VAL A 372 26.74 -10.09 31.77
N ILE A 373 27.28 -11.08 32.49
CA ILE A 373 26.95 -11.31 33.89
C ILE A 373 28.26 -11.38 34.67
N PRO A 374 28.65 -10.31 35.37
CA PRO A 374 29.88 -10.36 36.17
C PRO A 374 29.72 -11.24 37.40
N ASN A 375 30.36 -12.40 37.38
CA ASN A 375 30.26 -13.37 38.46
C ASN A 375 31.65 -13.75 38.99
N ASP A 376 32.51 -12.76 39.16
CA ASP A 376 33.86 -12.99 39.67
C ASP A 376 34.28 -11.75 40.46
N ARG A 377 35.57 -11.65 40.76
CA ARG A 377 36.09 -10.54 41.54
C ARG A 377 36.14 -9.26 40.70
N LYS A 378 36.65 -8.20 41.30
CA LYS A 378 36.75 -6.92 40.63
C LYS A 378 37.80 -6.96 39.53
N ILE A 379 37.69 -6.03 38.59
CA ILE A 379 38.59 -5.94 37.45
C ILE A 379 39.45 -4.71 37.59
N ILE A 380 40.77 -4.88 37.47
CA ILE A 380 41.72 -3.78 37.54
C ILE A 380 41.92 -3.22 36.14
N TRP A 381 42.41 -1.99 36.08
CA TRP A 381 42.61 -1.25 34.85
C TRP A 381 44.08 -0.86 34.67
N PRO A 382 44.49 -0.49 33.46
CA PRO A 382 45.92 -0.26 33.21
C PRO A 382 46.58 0.73 34.15
N GLY A 383 45.86 1.76 34.59
CA GLY A 383 46.44 2.69 35.53
C GLY A 383 46.47 2.23 36.96
N GLY A 384 45.89 1.06 37.25
CA GLY A 384 45.85 0.54 38.60
C GLY A 384 44.73 1.08 39.46
N GLU A 385 43.94 2.01 38.94
CA GLU A 385 42.82 2.55 39.70
C GLU A 385 41.65 1.58 39.68
N THR A 386 40.80 1.68 40.71
CA THR A 386 39.62 0.84 40.83
C THR A 386 38.38 1.45 40.21
N GLU A 387 38.31 2.78 40.14
CA GLU A 387 37.17 3.45 39.53
C GLU A 387 37.13 3.18 38.04
N LYS A 388 35.92 3.10 37.50
CA LYS A 388 35.75 2.82 36.08
C LYS A 388 36.18 4.03 35.26
N PRO A 389 37.17 3.90 34.39
CA PRO A 389 37.59 5.04 33.57
C PRO A 389 36.53 5.45 32.57
N ARG A 390 36.53 6.73 32.23
CA ARG A 390 35.67 7.28 31.20
C ARG A 390 36.53 7.77 30.04
N GLY A 391 36.01 7.62 28.83
CA GLY A 391 36.71 8.07 27.65
C GLY A 391 36.71 9.58 27.53
N TYR A 392 36.86 10.09 26.31
CA TYR A 392 36.74 11.52 25.98
C TYR A 392 37.45 12.39 27.02
N GLN A 393 38.77 12.22 27.08
CA GLN A 393 39.56 13.05 27.98
C GLN A 393 39.48 14.50 27.52
N MET A 394 38.69 15.30 28.23
CA MET A 394 38.34 16.63 27.75
C MET A 394 39.53 17.58 27.83
N SER A 395 39.63 18.46 26.83
CA SER A 395 40.67 19.47 26.77
C SER A 395 40.19 20.73 27.49
N THR A 396 41.04 21.75 27.47
CA THR A 396 40.69 23.02 28.10
C THR A 396 41.13 24.23 27.27
N ARG A 397 41.67 24.02 26.07
CA ARG A 397 42.14 25.09 25.20
C ARG A 397 41.57 24.88 23.79
N LEU A 398 40.38 25.42 23.57
CA LEU A 398 39.71 25.21 22.29
C LEU A 398 40.02 26.33 21.31
N LYS A 399 40.06 25.96 20.03
CA LYS A 399 40.10 26.95 18.97
C LYS A 399 38.68 27.34 18.57
N ILE A 400 38.51 28.59 18.17
CA ILE A 400 37.19 29.10 17.83
C ILE A 400 37.28 29.84 16.50
N VAL A 401 36.35 29.53 15.62
CA VAL A 401 36.30 30.13 14.29
C VAL A 401 35.07 31.03 14.22
N THR A 402 35.15 32.09 13.42
CA THR A 402 34.08 33.06 13.34
C THR A 402 34.11 33.74 11.98
N ILE A 403 33.08 34.52 11.69
CA ILE A 403 32.93 35.21 10.42
C ILE A 403 32.64 36.67 10.69
N HIS A 404 32.86 37.50 9.67
CA HIS A 404 32.70 38.95 9.79
C HIS A 404 31.28 39.33 9.39
N GLN A 405 30.47 39.73 10.38
CA GLN A 405 29.12 40.21 10.15
C GLN A 405 28.92 41.45 11.01
N GLU A 406 28.23 42.45 10.45
CA GLU A 406 28.25 43.79 11.06
C GLU A 406 27.64 43.82 12.46
N PRO A 407 26.35 43.51 12.67
CA PRO A 407 25.78 43.71 14.01
C PRO A 407 26.38 42.82 15.08
N PHE A 408 27.03 41.71 14.69
CA PHE A 408 27.46 40.69 15.64
C PHE A 408 28.96 40.71 15.91
N VAL A 409 29.79 40.60 14.86
CA VAL A 409 31.24 40.48 15.03
C VAL A 409 31.90 41.60 14.26
N TYR A 410 32.49 42.56 14.99
CA TYR A 410 33.21 43.66 14.37
C TYR A 410 34.70 43.33 14.34
N VAL A 411 35.33 43.54 13.18
CA VAL A 411 36.75 43.34 13.00
C VAL A 411 37.41 44.70 12.81
N LYS A 412 38.42 44.98 13.62
CA LYS A 412 39.12 46.25 13.59
C LYS A 412 40.62 45.99 13.71
N PRO A 413 41.45 46.84 13.11
CA PRO A 413 42.90 46.70 13.28
C PRO A 413 43.36 47.22 14.63
N THR A 414 44.50 46.69 15.08
CA THR A 414 45.05 47.03 16.37
C THR A 414 46.02 48.20 16.28
N LEU A 415 46.34 48.78 17.42
CA LEU A 415 47.26 49.90 17.49
C LEU A 415 48.71 49.39 17.51
N SER A 416 49.67 50.31 17.52
CA SER A 416 51.07 49.94 17.55
C SER A 416 51.51 49.42 18.92
N ASP A 417 50.84 49.86 19.99
CA ASP A 417 51.21 49.42 21.34
C ASP A 417 50.91 47.95 21.59
N GLY A 418 50.18 47.29 20.69
CA GLY A 418 49.80 45.91 20.87
C GLY A 418 48.37 45.69 21.35
N THR A 419 47.66 46.76 21.69
CA THR A 419 46.27 46.68 22.11
C THR A 419 45.46 47.68 21.32
N CYS A 420 44.35 47.22 20.74
CA CYS A 420 43.47 48.12 20.02
C CYS A 420 42.81 49.11 20.97
N LYS A 421 42.48 50.29 20.43
CA LYS A 421 42.08 51.43 21.25
C LYS A 421 40.85 51.10 22.09
N GLU A 422 40.88 51.52 23.34
CA GLU A 422 39.74 51.36 24.23
C GLU A 422 38.59 52.25 23.76
N GLU A 423 37.37 51.80 24.06
CA GLU A 423 36.16 52.54 23.65
C GLU A 423 35.11 52.34 24.73
N PHE A 424 34.92 53.37 25.56
CA PHE A 424 33.90 53.32 26.58
C PHE A 424 32.51 53.52 25.98
N THR A 425 31.49 53.32 26.79
CA THR A 425 30.10 53.48 26.36
C THR A 425 29.38 54.38 27.35
N VAL A 426 28.19 54.83 26.96
CA VAL A 426 27.39 55.71 27.81
C VAL A 426 26.92 54.99 29.06
N ASN A 427 26.87 53.66 29.06
CA ASN A 427 26.42 52.93 30.24
C ASN A 427 27.42 53.07 31.38
N GLY A 428 28.69 53.28 31.08
CA GLY A 428 29.72 53.40 32.08
C GLY A 428 30.68 52.23 32.19
N ASP A 429 30.61 51.27 31.28
CA ASP A 429 31.49 50.11 31.27
C ASP A 429 32.14 49.98 29.91
N PRO A 430 33.38 49.50 29.85
CA PRO A 430 34.08 49.38 28.57
C PRO A 430 33.57 48.17 27.79
N VAL A 431 33.79 48.22 26.48
CA VAL A 431 33.41 47.13 25.60
C VAL A 431 34.51 46.07 25.61
N LYS A 432 34.11 44.81 25.72
CA LYS A 432 35.08 43.73 25.72
C LYS A 432 35.64 43.53 24.32
N LYS A 433 36.95 43.30 24.25
CA LYS A 433 37.62 43.07 22.99
C LYS A 433 38.58 41.90 23.13
N VAL A 434 38.70 41.13 22.04
CA VAL A 434 39.62 40.00 21.97
C VAL A 434 40.41 40.13 20.68
N ILE A 435 41.55 39.46 20.63
CA ILE A 435 42.47 39.53 19.50
C ILE A 435 42.21 38.32 18.60
N CYS A 436 41.88 38.59 17.34
CA CYS A 436 41.59 37.55 16.36
C CYS A 436 42.56 37.64 15.20
N THR A 437 43.18 36.53 14.87
CA THR A 437 44.14 36.42 13.77
C THR A 437 43.54 35.56 12.66
N GLY A 438 44.21 35.55 11.51
CA GLY A 438 43.76 34.71 10.42
C GLY A 438 43.38 35.37 9.10
N PRO A 439 42.70 36.52 9.12
CA PRO A 439 42.10 37.01 7.87
C PRO A 439 43.13 37.33 6.80
N ASN A 440 42.71 37.22 5.55
CA ASN A 440 43.58 37.49 4.40
C ASN A 440 44.06 38.93 4.40
N ARG A 448 47.42 37.43 0.36
CA ARG A 448 47.42 36.43 1.42
C ARG A 448 48.15 36.96 2.65
N HIS A 449 47.54 36.78 3.83
CA HIS A 449 48.14 37.24 5.07
C HIS A 449 47.50 36.50 6.23
N THR A 450 48.14 36.60 7.38
CA THR A 450 47.64 36.05 8.63
C THR A 450 47.91 37.07 9.74
N VAL A 451 47.61 38.33 9.46
CA VAL A 451 47.88 39.43 10.38
C VAL A 451 46.91 39.36 11.56
N PRO A 452 47.29 39.86 12.74
CA PRO A 452 46.35 39.89 13.87
C PRO A 452 45.52 41.16 13.91
N GLN A 453 44.29 41.04 14.39
CA GLN A 453 43.34 42.14 14.47
C GLN A 453 42.64 42.08 15.82
N CYS A 454 41.58 42.88 15.98
CA CYS A 454 40.75 42.86 17.17
C CYS A 454 39.31 42.56 16.80
N CYS A 455 38.66 41.72 17.62
CA CYS A 455 37.28 41.32 17.42
C CYS A 455 36.47 41.68 18.66
N TYR A 456 35.24 42.10 18.43
CA TYR A 456 34.32 42.45 19.52
C TYR A 456 32.90 42.50 18.97
N GLY A 457 31.93 42.52 19.87
CA GLY A 457 30.55 42.69 19.50
C GLY A 457 29.63 41.73 20.24
N PHE A 458 28.52 41.39 19.60
CA PHE A 458 27.50 40.53 20.21
C PHE A 458 28.07 39.15 20.54
N CYS A 459 28.46 38.40 19.51
CA CYS A 459 28.88 37.03 19.72
C CYS A 459 30.11 36.93 20.60
N ILE A 460 30.98 37.94 20.57
CA ILE A 460 32.16 37.90 21.44
C ILE A 460 31.74 38.04 22.90
N ASP A 461 30.76 38.90 23.19
CA ASP A 461 30.26 38.99 24.56
C ASP A 461 29.62 37.68 24.99
N LEU A 462 28.83 37.07 24.09
CA LEU A 462 28.24 35.78 24.43
C LEU A 462 29.31 34.74 24.72
N LEU A 463 30.38 34.73 23.92
CA LEU A 463 31.48 33.80 24.16
C LEU A 463 32.16 34.08 25.49
N ILE A 464 32.32 35.35 25.84
CA ILE A 464 32.92 35.71 27.13
C ILE A 464 32.11 35.09 28.26
N LYS A 465 30.81 35.31 28.25
CA LYS A 465 29.98 34.78 29.33
C LYS A 465 29.97 33.26 29.33
N LEU A 466 29.91 32.64 28.16
CA LEU A 466 29.88 31.18 28.07
C LEU A 466 31.17 30.57 28.62
N ALA A 467 32.32 31.15 28.25
CA ALA A 467 33.59 30.61 28.72
C ALA A 467 33.77 30.85 30.21
N ARG A 468 33.29 31.98 30.72
CA ARG A 468 33.36 32.21 32.16
C ARG A 468 32.50 31.20 32.90
N THR A 469 31.33 30.87 32.36
CA THR A 469 30.46 29.91 33.03
C THR A 469 31.03 28.49 32.97
N MET A 470 31.48 28.06 31.80
CA MET A 470 31.89 26.67 31.63
C MET A 470 33.39 26.44 31.78
N ASN A 471 34.16 27.44 32.20
CA ASN A 471 35.53 27.21 32.64
C ASN A 471 36.47 26.71 31.55
N PHE A 472 36.64 27.45 30.45
CA PHE A 472 37.62 27.02 29.45
C PHE A 472 38.32 28.25 28.87
N THR A 473 39.33 27.98 28.05
CA THR A 473 40.15 29.01 27.44
C THR A 473 40.01 28.93 25.93
N TYR A 474 40.06 30.09 25.27
CA TYR A 474 39.75 30.21 23.86
C TYR A 474 40.88 30.92 23.14
N GLU A 475 41.01 30.64 21.84
CA GLU A 475 41.99 31.31 20.97
C GLU A 475 41.26 31.62 19.66
N VAL A 476 40.72 32.83 19.55
CA VAL A 476 39.83 33.17 18.45
C VAL A 476 40.64 33.36 17.17
N HIS A 477 40.01 33.01 16.05
CA HIS A 477 40.59 33.24 14.73
C HIS A 477 39.46 33.34 13.71
N LEU A 478 39.81 33.69 12.49
CA LEU A 478 38.85 33.86 11.41
C LEU A 478 39.01 32.76 10.38
N VAL A 479 38.03 32.68 9.47
CA VAL A 479 38.03 31.69 8.41
C VAL A 479 39.07 32.07 7.37
N ALA A 480 39.37 31.15 6.45
CA ALA A 480 40.35 31.37 5.40
C ALA A 480 39.73 31.59 4.03
N ASP A 481 38.41 31.61 3.93
CA ASP A 481 37.77 31.77 2.61
C ASP A 481 36.78 32.92 2.57
N GLY A 482 36.05 33.17 3.65
CA GLY A 482 35.04 34.20 3.70
C GLY A 482 33.62 33.72 3.54
N LYS A 483 33.43 32.52 3.01
CA LYS A 483 32.10 31.98 2.82
C LYS A 483 31.57 31.39 4.12
N PHE A 484 30.25 31.46 4.29
CA PHE A 484 29.62 30.90 5.50
C PHE A 484 29.79 29.39 5.57
N GLY A 485 29.65 28.72 4.43
CA GLY A 485 29.78 27.28 4.38
C GLY A 485 28.61 26.60 3.72
N THR A 486 28.86 25.86 2.64
CA THR A 486 27.81 25.24 1.86
C THR A 486 28.35 23.95 1.26
N GLN A 487 27.58 22.87 1.41
CA GLN A 487 27.97 21.59 0.85
C GLN A 487 27.97 21.66 -0.67
N GLU A 488 29.04 21.12 -1.26
CA GLU A 488 29.17 21.11 -2.71
C GLU A 488 30.06 19.95 -3.10
N ARG A 489 29.79 19.38 -4.28
CA ARG A 489 30.56 18.28 -4.83
C ARG A 489 31.32 18.78 -6.05
N VAL A 490 32.65 18.74 -5.98
CA VAL A 490 33.47 19.22 -7.09
C VAL A 490 33.40 18.22 -8.24
N ASN A 491 33.80 18.69 -9.43
CA ASN A 491 33.78 17.85 -10.61
C ASN A 491 34.86 16.78 -10.53
N ASN A 492 34.68 15.73 -11.33
CA ASN A 492 35.62 14.59 -11.38
C ASN A 492 35.78 13.96 -10.00
N SER A 493 34.70 13.90 -9.24
CA SER A 493 34.72 13.30 -7.92
C SER A 493 33.32 12.86 -7.55
N ASN A 494 33.24 11.93 -6.59
CA ASN A 494 31.97 11.43 -6.07
C ASN A 494 31.72 11.85 -4.63
N LYS A 495 32.72 12.36 -3.93
CA LYS A 495 32.57 12.81 -2.55
C LYS A 495 32.45 14.32 -2.52
N LYS A 496 31.57 14.82 -1.65
CA LYS A 496 31.34 16.25 -1.48
C LYS A 496 31.87 16.67 -0.13
N GLU A 497 32.71 17.71 -0.13
CA GLU A 497 33.32 18.22 1.09
C GLU A 497 32.84 19.64 1.35
N TRP A 498 32.51 19.93 2.60
CA TRP A 498 32.05 21.26 2.97
C TRP A 498 33.16 22.29 2.79
N ASN A 499 32.76 23.51 2.49
CA ASN A 499 33.69 24.61 2.30
C ASN A 499 33.51 25.66 3.39
N GLY A 500 34.52 26.50 3.57
CA GLY A 500 34.39 27.61 4.49
C GLY A 500 34.39 27.19 5.94
N MET A 501 33.59 27.89 6.74
CA MET A 501 33.58 27.68 8.18
C MET A 501 33.10 26.28 8.53
N MET A 502 32.05 25.80 7.85
CA MET A 502 31.53 24.47 8.13
C MET A 502 32.58 23.41 7.78
N GLY A 503 33.28 23.59 6.67
CA GLY A 503 34.34 22.66 6.31
C GLY A 503 35.47 22.68 7.31
N GLU A 504 35.81 23.86 7.83
CA GLU A 504 36.85 23.97 8.85
C GLU A 504 36.44 23.23 10.12
N LEU A 505 35.16 23.33 10.52
CA LEU A 505 34.71 22.63 11.71
C LEU A 505 34.86 21.12 11.57
N LEU A 506 34.35 20.56 10.46
CA LEU A 506 34.45 19.12 10.26
C LEU A 506 35.91 18.67 10.12
N SER A 507 36.73 19.47 9.44
CA SER A 507 38.12 19.10 9.22
C SER A 507 38.92 19.03 10.52
N GLY A 508 38.43 19.63 11.59
CA GLY A 508 39.10 19.59 12.87
C GLY A 508 39.95 20.80 13.19
N GLN A 509 39.98 21.83 12.34
CA GLN A 509 40.77 23.01 12.65
C GLN A 509 40.13 23.84 13.76
N ALA A 510 38.81 23.79 13.87
CA ALA A 510 38.06 24.56 14.86
C ALA A 510 37.19 23.62 15.67
N ASP A 511 37.08 23.89 16.98
CA ASP A 511 36.29 23.06 17.86
C ASP A 511 34.94 23.65 18.19
N MET A 512 34.72 24.93 17.88
CA MET A 512 33.45 25.60 18.15
C MET A 512 33.25 26.66 17.08
N ILE A 513 31.99 27.03 16.87
CA ILE A 513 31.64 28.06 15.90
C ILE A 513 30.76 29.08 16.60
N VAL A 514 31.33 30.22 16.95
CA VAL A 514 30.54 31.30 17.53
C VAL A 514 30.31 32.33 16.45
N ALA A 515 29.19 32.20 15.74
CA ALA A 515 28.85 33.08 14.64
C ALA A 515 27.36 32.97 14.37
N PRO A 516 26.76 33.94 13.72
CA PRO A 516 25.33 33.84 13.41
C PRO A 516 25.04 32.77 12.39
N LEU A 517 25.11 31.51 12.83
CA LEU A 517 25.00 30.35 11.95
C LEU A 517 23.59 29.79 12.04
N THR A 518 22.83 29.90 10.96
CA THR A 518 21.48 29.38 10.94
C THR A 518 21.50 27.86 10.97
N ILE A 519 20.39 27.27 11.41
CA ILE A 519 20.29 25.83 11.57
C ILE A 519 19.38 25.30 10.47
N ASN A 520 19.89 24.36 9.68
CA ASN A 520 19.16 23.74 8.59
C ASN A 520 19.29 22.22 8.70
N ASN A 521 18.47 21.51 7.92
CA ASN A 521 18.52 20.06 7.94
C ASN A 521 19.87 19.54 7.43
N GLU A 522 20.36 20.11 6.33
CA GLU A 522 21.63 19.66 5.77
C GLU A 522 22.78 19.88 6.76
N ARG A 523 22.78 21.02 7.43
CA ARG A 523 23.78 21.25 8.47
C ARG A 523 23.61 20.27 9.63
N ALA A 524 22.36 20.02 10.04
CA ALA A 524 22.12 19.14 11.17
C ALA A 524 22.43 17.68 10.85
N GLN A 525 22.58 17.34 9.57
CA GLN A 525 22.95 15.97 9.23
C GLN A 525 24.33 15.60 9.77
N TYR A 526 25.29 16.51 9.67
CA TYR A 526 26.68 16.20 9.97
C TYR A 526 27.23 16.86 11.22
N ILE A 527 26.54 17.84 11.80
CA ILE A 527 26.93 18.39 13.08
C ILE A 527 25.70 18.51 13.97
N GLU A 528 25.88 18.97 15.21
CA GLU A 528 24.77 19.15 16.13
C GLU A 528 24.89 20.52 16.78
N PHE A 529 23.77 21.24 16.82
CA PHE A 529 23.72 22.60 17.34
C PHE A 529 23.21 22.62 18.77
N SER A 530 23.22 23.81 19.36
CA SER A 530 22.65 24.03 20.68
C SER A 530 21.22 24.53 20.52
N LYS A 531 20.62 24.94 21.63
CA LYS A 531 19.32 25.61 21.55
C LYS A 531 19.51 26.98 20.90
N PRO A 532 18.52 27.47 20.16
CA PRO A 532 18.65 28.78 19.54
C PRO A 532 18.76 29.89 20.58
N PHE A 533 19.59 30.87 20.28
CA PHE A 533 19.72 32.04 21.13
C PHE A 533 19.17 33.31 20.51
N LYS A 534 18.64 33.23 19.29
CA LYS A 534 18.04 34.39 18.63
C LYS A 534 17.20 33.86 17.48
N TYR A 535 15.98 34.36 17.32
CA TYR A 535 15.12 33.94 16.23
C TYR A 535 14.96 35.07 15.22
N GLN A 536 14.82 34.69 13.95
CA GLN A 536 14.90 35.64 12.85
C GLN A 536 14.30 35.00 11.62
N GLY A 537 14.50 35.64 10.47
CA GLY A 537 14.03 35.14 9.19
C GLY A 537 14.64 35.88 8.02
N LEU A 538 13.94 35.93 6.89
CA LEU A 538 14.43 36.57 5.68
C LEU A 538 13.47 37.67 5.24
N THR A 539 14.04 38.82 4.87
CA THR A 539 13.24 39.97 4.48
C THR A 539 13.96 40.71 3.35
N ILE A 540 13.40 41.84 2.93
CA ILE A 540 13.82 42.55 1.74
C ILE A 540 14.42 43.89 2.15
N LEU A 541 15.59 44.22 1.59
CA LEU A 541 16.19 45.53 1.76
C LEU A 541 16.12 46.29 0.44
N VAL A 542 15.54 47.49 0.47
CA VAL A 542 15.34 48.30 -0.72
C VAL A 542 15.63 49.76 -0.39
N LYS A 543 16.27 50.46 -1.33
CA LYS A 543 16.56 51.88 -1.15
C LYS A 543 15.28 52.70 -1.17
N LYS A 544 15.19 53.67 -0.27
CA LYS A 544 14.01 54.52 -0.18
C LYS A 544 13.97 55.53 -1.31
N ARG A 663 7.51 48.96 -7.92
CA ARG A 663 6.74 48.25 -6.90
C ARG A 663 7.50 47.01 -6.42
N ILE A 664 7.78 46.97 -5.12
CA ILE A 664 8.52 45.87 -4.50
C ILE A 664 7.68 45.30 -3.37
N THR A 665 7.54 43.99 -3.34
CA THR A 665 6.77 43.29 -2.31
C THR A 665 7.40 41.92 -2.11
N GLY A 666 6.66 41.02 -1.46
CA GLY A 666 7.11 39.65 -1.24
C GLY A 666 7.32 38.90 -2.54
N ILE A 667 7.69 37.62 -2.45
CA ILE A 667 8.04 36.84 -3.66
C ILE A 667 6.74 36.27 -4.19
N ASN A 668 5.98 37.12 -4.87
CA ASN A 668 4.81 36.68 -5.62
C ASN A 668 4.66 37.37 -6.97
N ASP A 669 5.37 38.48 -7.23
CA ASP A 669 5.17 39.25 -8.44
C ASP A 669 5.81 38.54 -9.64
N PRO A 670 5.18 38.61 -10.81
CA PRO A 670 5.83 38.09 -12.02
C PRO A 670 7.12 38.83 -12.35
N ARG A 671 7.26 40.08 -11.91
CA ARG A 671 8.52 40.79 -12.10
C ARG A 671 9.67 40.10 -11.38
N LEU A 672 9.36 39.39 -10.29
CA LEU A 672 10.35 38.61 -9.58
C LEU A 672 10.36 37.15 -10.04
N ARG A 673 9.18 36.61 -10.35
CA ARG A 673 9.11 35.25 -10.85
C ARG A 673 9.74 35.11 -12.23
N ASN A 674 9.64 36.15 -13.05
CA ASN A 674 10.23 36.14 -14.38
C ASN A 674 11.35 37.17 -14.46
N PRO A 675 12.46 36.82 -15.12
CA PRO A 675 13.58 37.76 -15.22
C PRO A 675 13.21 39.02 -16.00
N SER A 676 13.79 40.14 -15.58
CA SER A 676 13.60 41.41 -16.25
C SER A 676 14.72 42.36 -15.83
N ASP A 677 15.07 43.29 -16.72
CA ASP A 677 16.13 44.24 -16.42
C ASP A 677 15.69 45.33 -15.47
N LYS A 678 14.39 45.52 -15.28
CA LYS A 678 13.90 46.56 -14.38
C LYS A 678 14.30 46.28 -12.94
N PHE A 679 14.15 45.03 -12.50
CA PHE A 679 14.45 44.64 -11.13
C PHE A 679 15.47 43.51 -11.14
N ILE A 680 16.53 43.67 -10.34
CA ILE A 680 17.58 42.67 -10.23
C ILE A 680 17.78 42.34 -8.75
N TYR A 681 17.75 41.06 -8.41
CA TYR A 681 17.92 40.59 -7.06
C TYR A 681 19.14 39.67 -6.98
N ALA A 682 19.79 39.67 -5.81
CA ALA A 682 21.01 38.89 -5.63
C ALA A 682 21.11 38.48 -4.17
N THR A 683 21.99 37.51 -3.92
CA THR A 683 22.26 37.00 -2.59
C THR A 683 23.78 37.01 -2.39
N VAL A 684 24.24 36.35 -1.33
CA VAL A 684 25.64 36.01 -1.18
C VAL A 684 25.82 34.54 -1.47
N LYS A 685 26.67 34.21 -2.43
CA LYS A 685 26.82 32.83 -2.84
C LYS A 685 27.55 32.02 -1.78
N GLN A 686 27.54 30.69 -1.97
CA GLN A 686 28.05 29.74 -0.97
C GLN A 686 27.44 30.04 0.40
N SER A 687 26.12 30.09 0.47
CA SER A 687 25.42 30.34 1.72
C SER A 687 24.16 29.50 1.81
N SER A 688 23.35 29.75 2.84
CA SER A 688 22.13 28.97 3.05
C SER A 688 21.01 29.36 2.10
N VAL A 689 20.93 30.64 1.73
CA VAL A 689 19.87 31.08 0.82
C VAL A 689 20.02 30.45 -0.54
N ASP A 690 21.27 30.26 -1.00
CA ASP A 690 21.50 29.57 -2.25
C ASP A 690 20.94 28.15 -2.21
N ILE A 691 21.18 27.44 -1.11
CA ILE A 691 20.63 26.10 -0.97
C ILE A 691 19.11 26.14 -0.95
N TYR A 692 18.54 27.11 -0.22
CA TYR A 692 17.09 27.22 -0.14
C TYR A 692 16.46 27.41 -1.52
N PHE A 693 17.01 28.32 -2.32
CA PHE A 693 16.45 28.56 -3.64
C PHE A 693 16.80 27.48 -4.65
N ARG A 694 17.85 26.71 -4.42
CA ARG A 694 18.15 25.55 -5.22
C ARG A 694 17.28 24.35 -4.88
N ARG A 695 16.89 24.20 -3.62
CA ARG A 695 16.04 23.08 -3.20
C ARG A 695 14.57 23.41 -3.46
N GLN A 696 14.30 23.78 -4.70
CA GLN A 696 12.93 24.07 -5.13
C GLN A 696 12.82 23.95 -6.65
N VAL A 697 12.10 22.93 -7.10
CA VAL A 697 11.96 22.71 -8.55
C VAL A 697 11.14 23.83 -9.18
N GLU A 698 10.12 24.31 -8.46
CA GLU A 698 9.20 25.31 -8.99
C GLU A 698 9.87 26.67 -9.14
N LEU A 699 11.06 26.84 -8.57
CA LEU A 699 11.80 28.10 -8.65
C LEU A 699 13.08 27.96 -9.44
N SER A 700 13.12 27.07 -10.44
CA SER A 700 14.33 26.85 -11.23
C SER A 700 14.73 28.08 -12.02
N THR A 701 13.75 28.78 -12.60
CA THR A 701 14.05 29.99 -13.36
C THR A 701 14.63 31.07 -12.47
N MET A 702 14.04 31.26 -11.29
CA MET A 702 14.55 32.25 -10.35
C MET A 702 15.96 31.86 -9.88
N TYR A 703 16.19 30.57 -9.67
CA TYR A 703 17.53 30.13 -9.30
C TYR A 703 18.53 30.41 -10.40
N ARG A 704 18.15 30.18 -11.65
CA ARG A 704 19.05 30.46 -12.77
C ARG A 704 19.34 31.96 -12.85
N HIS A 705 18.32 32.79 -12.66
CA HIS A 705 18.52 34.23 -12.66
C HIS A 705 19.47 34.65 -11.56
N MET A 706 19.33 34.07 -10.37
CA MET A 706 20.27 34.37 -9.29
C MET A 706 21.68 33.89 -9.63
N GLU A 707 21.80 32.70 -10.22
CA GLU A 707 23.11 32.15 -10.57
C GLU A 707 23.76 32.91 -11.71
N LYS A 708 23.00 33.73 -12.43
CA LYS A 708 23.60 34.57 -13.46
C LYS A 708 24.67 35.49 -12.88
N HIS A 709 24.38 36.08 -11.71
CA HIS A 709 25.35 36.94 -11.04
C HIS A 709 24.93 37.11 -9.59
N ASN A 710 25.90 37.03 -8.68
CA ASN A 710 25.66 37.26 -7.26
C ASN A 710 26.99 37.57 -6.59
N TYR A 711 26.90 38.17 -5.41
CA TYR A 711 28.08 38.66 -4.70
C TYR A 711 28.64 37.59 -3.77
N GLU A 712 29.96 37.45 -3.78
CA GLU A 712 30.66 36.66 -2.78
C GLU A 712 31.20 37.59 -1.70
N SER A 713 30.27 38.26 -1.02
CA SER A 713 30.63 39.48 -0.32
C SER A 713 29.76 39.64 0.92
N ALA A 714 29.70 40.87 1.41
CA ALA A 714 29.21 41.26 2.72
C ALA A 714 28.55 42.63 2.56
N ALA A 715 28.56 43.44 3.62
CA ALA A 715 28.03 44.81 3.56
C ALA A 715 28.46 45.56 2.30
N GLU A 716 29.55 45.11 1.67
CA GLU A 716 29.86 45.59 0.33
C GLU A 716 28.67 45.43 -0.61
N ALA A 717 27.89 44.36 -0.44
CA ALA A 717 26.66 44.22 -1.22
C ALA A 717 25.65 45.30 -0.84
N ILE A 718 25.62 45.69 0.44
CA ILE A 718 24.77 46.81 0.84
C ILE A 718 25.20 48.08 0.14
N GLN A 719 26.51 48.28 0.00
CA GLN A 719 27.01 49.43 -0.75
C GLN A 719 26.62 49.34 -2.23
N ALA A 720 26.68 48.13 -2.79
CA ALA A 720 26.27 47.95 -4.19
C ALA A 720 24.81 48.32 -4.37
N VAL A 721 23.96 47.96 -3.41
CA VAL A 721 22.58 48.43 -3.41
C VAL A 721 22.54 49.96 -3.30
N ARG A 722 23.37 50.52 -2.43
CA ARG A 722 23.41 51.96 -2.24
C ARG A 722 23.82 52.68 -3.51
N ASP A 723 24.75 52.11 -4.27
CA ASP A 723 25.23 52.69 -5.51
C ASP A 723 24.28 52.45 -6.68
N ASN A 724 23.05 52.04 -6.41
CA ASN A 724 22.00 51.81 -7.39
C ASN A 724 22.33 50.69 -8.37
N LYS A 725 23.39 49.92 -8.11
CA LYS A 725 23.71 48.80 -8.97
C LYS A 725 22.75 47.64 -8.75
N LEU A 726 22.36 47.38 -7.50
CA LEU A 726 21.44 46.31 -7.16
C LEU A 726 20.12 46.90 -6.71
N HIS A 727 19.02 46.25 -7.12
CA HIS A 727 17.70 46.78 -6.82
C HIS A 727 17.24 46.40 -5.42
N ALA A 728 17.36 45.13 -5.03
CA ALA A 728 16.90 44.68 -3.73
C ALA A 728 17.81 43.54 -3.26
N PHE A 729 17.77 43.30 -1.95
CA PHE A 729 18.62 42.31 -1.31
C PHE A 729 17.78 41.38 -0.45
N ILE A 730 18.17 40.11 -0.39
CA ILE A 730 17.54 39.11 0.48
C ILE A 730 18.62 38.55 1.39
N TRP A 731 18.35 38.51 2.68
CA TRP A 731 19.35 38.10 3.67
C TRP A 731 18.63 37.88 5.00
N ASP A 732 19.41 37.63 6.06
CA ASP A 732 18.84 37.37 7.37
C ASP A 732 18.18 38.63 7.93
N SER A 733 17.14 38.42 8.73
CA SER A 733 16.29 39.53 9.16
C SER A 733 17.05 40.51 10.04
N ALA A 734 17.75 40.02 11.07
CA ALA A 734 18.40 40.92 12.02
C ALA A 734 19.50 41.73 11.35
N VAL A 735 20.27 41.10 10.47
CA VAL A 735 21.38 41.79 9.81
C VAL A 735 20.87 42.96 8.97
N LEU A 736 19.82 42.73 8.18
CA LEU A 736 19.29 43.81 7.36
C LEU A 736 18.60 44.86 8.22
N GLU A 737 17.86 44.43 9.25
CA GLU A 737 17.11 45.38 10.06
C GLU A 737 18.01 46.33 10.82
N PHE A 738 19.14 45.84 11.35
CA PHE A 738 20.03 46.73 12.09
C PHE A 738 20.56 47.84 11.19
N GLU A 739 20.99 47.50 9.98
CA GLU A 739 21.52 48.51 9.07
C GLU A 739 20.43 49.43 8.54
N ALA A 740 19.22 48.89 8.33
CA ALA A 740 18.12 49.73 7.88
C ALA A 740 17.75 50.77 8.92
N SER A 741 17.75 50.37 10.19
CA SER A 741 17.42 51.32 11.25
C SER A 741 18.62 52.11 11.74
N GLN A 742 19.83 51.80 11.27
CA GLN A 742 21.01 52.46 11.81
C GLN A 742 21.39 53.70 11.00
N LYS A 743 21.74 53.52 9.72
CA LYS A 743 22.43 54.61 9.02
C LYS A 743 21.48 55.67 8.48
N CYS A 744 20.71 55.33 7.44
CA CYS A 744 19.79 56.27 6.81
C CYS A 744 19.11 55.59 5.63
N ASP A 745 18.03 56.22 5.17
CA ASP A 745 17.45 56.08 3.82
C ASP A 745 17.32 54.65 3.34
N LEU A 746 17.11 53.69 4.23
CA LEU A 746 16.90 52.30 3.82
C LEU A 746 15.73 51.73 4.60
N VAL A 747 14.90 50.94 3.91
CA VAL A 747 13.66 50.44 4.47
C VAL A 747 13.50 48.98 4.11
N THR A 748 13.07 48.18 5.09
CA THR A 748 12.77 46.77 4.89
C THR A 748 11.38 46.62 4.31
N THR A 749 11.24 45.79 3.28
CA THR A 749 9.97 45.65 2.58
C THR A 749 9.20 44.44 3.11
N GLY A 750 7.92 44.65 3.40
CA GLY A 750 7.08 43.57 3.87
C GLY A 750 7.53 43.07 5.23
N GLU A 751 7.59 41.75 5.37
CA GLU A 751 7.98 41.12 6.62
C GLU A 751 8.63 39.79 6.31
N LEU A 752 8.92 39.01 7.35
CA LEU A 752 9.56 37.72 7.21
C LEU A 752 8.65 36.75 6.47
N PHE A 753 9.27 35.83 5.74
CA PHE A 753 8.45 34.84 5.03
C PHE A 753 8.90 33.42 5.35
N PHE A 754 10.15 33.24 5.74
CA PHE A 754 10.66 31.93 6.18
C PHE A 754 11.55 32.17 7.39
N ARG A 755 11.19 31.56 8.51
CA ARG A 755 11.79 31.86 9.81
C ARG A 755 12.77 30.75 10.21
N SER A 756 13.86 31.15 10.85
CA SER A 756 14.86 30.22 11.35
C SER A 756 15.62 30.89 12.48
N GLY A 757 16.36 30.08 13.24
CA GLY A 757 17.09 30.55 14.39
C GLY A 757 18.60 30.49 14.22
N PHE A 758 19.28 30.98 15.24
CA PHE A 758 20.74 31.02 15.29
C PHE A 758 21.23 30.04 16.34
N GLY A 759 22.40 29.46 16.12
CA GLY A 759 22.92 28.48 17.06
C GLY A 759 24.41 28.33 16.98
N ILE A 760 25.01 27.88 18.08
CA ILE A 760 26.42 27.51 18.08
C ILE A 760 26.60 26.13 17.47
N GLY A 761 27.64 25.98 16.66
CA GLY A 761 27.95 24.72 16.01
C GLY A 761 28.93 23.92 16.85
N MET A 762 28.81 22.60 16.79
CA MET A 762 29.69 21.71 17.52
C MET A 762 29.79 20.40 16.78
N ARG A 763 30.87 19.66 17.03
CA ARG A 763 31.10 18.40 16.35
C ARG A 763 30.11 17.35 16.83
N LYS A 764 29.98 16.29 16.04
CA LYS A 764 28.98 15.26 16.30
C LYS A 764 29.16 14.67 17.69
N ASP A 765 28.07 14.64 18.46
CA ASP A 765 28.02 14.00 19.77
C ASP A 765 29.14 14.50 20.68
N SER A 766 29.43 15.79 20.60
CA SER A 766 30.43 16.36 21.49
C SER A 766 29.87 16.43 22.91
N PRO A 767 30.73 16.28 23.92
CA PRO A 767 30.27 16.32 25.31
C PRO A 767 29.89 17.70 25.82
N TRP A 768 30.16 18.75 25.04
CA TRP A 768 29.91 20.12 25.46
C TRP A 768 28.46 20.54 25.29
N LYS A 769 27.64 19.71 24.63
CA LYS A 769 26.32 20.15 24.18
C LYS A 769 25.38 20.45 25.34
N GLN A 770 25.30 19.56 26.33
CA GLN A 770 24.29 19.71 27.37
C GLN A 770 24.50 20.98 28.17
N ASN A 771 25.76 21.26 28.56
CA ASN A 771 26.06 22.44 29.37
C ASN A 771 25.88 23.73 28.57
N VAL A 772 26.23 23.72 27.28
CA VAL A 772 26.01 24.89 26.45
C VAL A 772 24.52 25.20 26.36
N SER A 773 23.70 24.18 26.11
CA SER A 773 22.26 24.39 26.02
C SER A 773 21.67 24.89 27.33
N LEU A 774 22.10 24.29 28.45
CA LEU A 774 21.58 24.74 29.74
C LEU A 774 21.97 26.19 30.03
N SER A 775 23.21 26.56 29.75
CA SER A 775 23.65 27.93 30.02
C SER A 775 22.91 28.92 29.13
N ILE A 776 22.71 28.58 27.87
CA ILE A 776 21.97 29.48 26.97
C ILE A 776 20.55 29.66 27.44
N LEU A 777 19.90 28.58 27.88
CA LEU A 777 18.53 28.70 28.36
C LEU A 777 18.45 29.55 29.62
N LYS A 778 19.37 29.34 30.55
CA LYS A 778 19.32 30.11 31.79
C LYS A 778 19.66 31.58 31.55
N SER A 779 20.44 31.87 30.51
CA SER A 779 20.69 33.28 30.16
C SER A 779 19.50 33.89 29.43
N HIS A 780 18.74 33.09 28.66
CA HIS A 780 17.47 33.57 28.14
C HIS A 780 16.54 33.99 29.27
N GLU A 781 16.42 33.15 30.30
CA GLU A 781 15.41 33.40 31.32
C GLU A 781 15.89 34.40 32.36
N ASN A 782 17.20 34.57 32.50
CA ASN A 782 17.72 35.53 33.47
C ASN A 782 17.35 36.97 33.12
N GLY A 783 17.26 37.26 31.83
CA GLY A 783 17.18 38.61 31.35
C GLY A 783 18.49 39.17 30.84
N PHE A 784 19.57 38.39 30.90
CA PHE A 784 20.86 38.86 30.43
C PHE A 784 20.85 39.09 28.93
N MET A 785 20.20 38.21 28.17
CA MET A 785 20.12 38.42 26.73
C MET A 785 19.32 39.65 26.36
N GLU A 786 18.32 40.02 27.16
CA GLU A 786 17.61 41.28 26.91
C GLU A 786 18.54 42.47 27.08
N ASP A 787 19.38 42.45 28.12
CA ASP A 787 20.35 43.53 28.31
C ASP A 787 21.34 43.59 27.16
N LEU A 788 21.83 42.43 26.73
CA LEU A 788 22.78 42.40 25.61
C LEU A 788 22.12 42.92 24.33
N ASP A 789 20.86 42.55 24.11
CA ASP A 789 20.13 43.02 22.94
C ASP A 789 19.98 44.54 22.99
N LYS A 790 19.54 45.08 24.12
CA LYS A 790 19.34 46.53 24.18
C LYS A 790 20.66 47.27 24.07
N THR A 791 21.76 46.64 24.49
CA THR A 791 23.06 47.28 24.38
C THR A 791 23.54 47.34 22.93
N TRP A 792 23.42 46.23 22.21
CA TRP A 792 24.08 46.14 20.90
C TRP A 792 23.18 46.39 19.70
N VAL A 793 21.86 46.19 19.81
CA VAL A 793 21.00 46.23 18.64
C VAL A 793 19.94 47.32 18.79
N ARG A 794 19.50 47.59 20.03
CA ARG A 794 18.41 48.52 20.26
C ARG A 794 18.88 49.96 20.46
N TYR A 795 20.19 50.21 20.49
CA TYR A 795 20.71 51.57 20.66
C TYR A 795 20.87 52.22 19.29
N GLN A 796 19.73 52.54 18.69
CA GLN A 796 19.70 53.19 17.38
C GLN A 796 18.35 53.89 17.24
N GLU A 797 18.03 54.29 16.01
CA GLU A 797 16.77 54.96 15.69
C GLU A 797 16.56 56.22 16.52
N THR B 62 57.05 -22.34 -23.64
CA THR B 62 56.24 -23.55 -23.54
C THR B 62 54.95 -23.29 -22.79
N VAL B 63 53.83 -23.48 -23.47
CA VAL B 63 52.50 -23.27 -22.89
C VAL B 63 51.65 -24.49 -23.19
N ALA B 64 50.59 -24.65 -22.38
CA ALA B 64 49.70 -25.79 -22.49
C ALA B 64 48.26 -25.31 -22.72
N VAL B 65 47.53 -26.08 -23.53
CA VAL B 65 46.13 -25.80 -23.81
C VAL B 65 45.31 -26.98 -23.32
N VAL B 66 44.28 -26.69 -22.51
CA VAL B 66 43.45 -27.71 -21.90
C VAL B 66 42.01 -27.47 -22.36
N PHE B 67 41.53 -28.30 -23.26
CA PHE B 67 40.13 -28.24 -23.69
C PHE B 67 39.29 -29.12 -22.78
N SER B 68 38.26 -28.53 -22.16
CA SER B 68 37.45 -29.22 -21.18
C SER B 68 36.21 -29.87 -21.79
N SER B 69 35.40 -29.11 -22.54
CA SER B 69 34.18 -29.66 -23.12
C SER B 69 33.80 -28.84 -24.34
N SER B 70 33.32 -29.53 -25.36
CA SER B 70 32.90 -28.92 -26.63
C SER B 70 32.16 -29.99 -27.42
N GLY B 71 31.84 -29.66 -28.68
CA GLY B 71 31.24 -30.61 -29.58
C GLY B 71 32.29 -31.48 -30.24
N PRO B 72 32.26 -31.58 -31.56
CA PRO B 72 33.32 -32.27 -32.29
C PRO B 72 34.66 -31.59 -32.07
N PRO B 73 35.61 -32.27 -31.41
CA PRO B 73 36.88 -31.62 -31.04
C PRO B 73 37.99 -31.76 -32.07
N GLN B 74 37.70 -32.27 -33.27
CA GLN B 74 38.77 -32.52 -34.24
C GLN B 74 39.38 -31.22 -34.74
N ALA B 75 38.59 -30.15 -34.79
CA ALA B 75 39.05 -28.89 -35.37
C ALA B 75 40.24 -28.33 -34.59
N GLN B 76 40.04 -28.03 -33.31
CA GLN B 76 41.11 -27.45 -32.50
C GLN B 76 42.27 -28.41 -32.34
N PHE B 77 41.98 -29.70 -32.19
CA PHE B 77 43.04 -30.69 -32.02
C PHE B 77 43.95 -30.73 -33.24
N ARG B 78 43.36 -30.69 -34.44
CA ARG B 78 44.18 -30.64 -35.65
C ARG B 78 44.88 -29.30 -35.81
N ALA B 79 44.22 -28.21 -35.40
CA ALA B 79 44.81 -26.88 -35.54
C ALA B 79 45.96 -26.66 -34.57
N ARG B 80 46.08 -27.46 -33.52
CA ARG B 80 47.14 -27.32 -32.53
C ARG B 80 48.34 -28.23 -32.82
N LEU B 81 48.62 -28.50 -34.09
CA LEU B 81 49.67 -29.45 -34.44
C LEU B 81 51.06 -28.82 -34.31
N THR B 82 51.30 -27.75 -35.07
CA THR B 82 52.63 -27.17 -35.20
C THR B 82 52.62 -25.73 -34.67
N PRO B 83 53.79 -25.22 -34.25
CA PRO B 83 53.83 -23.82 -33.78
C PRO B 83 53.93 -22.83 -34.93
N GLN B 84 53.12 -23.04 -35.97
CA GLN B 84 52.93 -22.06 -37.02
C GLN B 84 51.71 -21.19 -36.79
N SER B 85 50.74 -21.68 -36.02
CA SER B 85 49.63 -20.84 -35.58
C SER B 85 50.13 -19.82 -34.58
N PHE B 86 49.52 -18.63 -34.61
CA PHE B 86 49.95 -17.50 -33.78
C PHE B 86 51.43 -17.19 -33.98
N LEU B 87 51.86 -17.21 -35.23
CA LEU B 87 53.24 -16.90 -35.58
C LEU B 87 53.46 -15.40 -35.72
N ASP B 88 53.04 -14.65 -34.70
CA ASP B 88 53.27 -13.21 -34.64
C ASP B 88 53.75 -12.76 -33.27
N LEU B 89 53.84 -13.66 -32.31
CA LEU B 89 54.34 -13.33 -30.97
C LEU B 89 55.85 -13.19 -30.99
N PRO B 90 56.41 -12.09 -30.47
CA PRO B 90 57.87 -11.92 -30.49
C PRO B 90 58.59 -12.85 -29.51
N LEU B 91 58.40 -14.16 -29.67
CA LEU B 91 59.04 -15.15 -28.82
C LEU B 91 58.92 -16.51 -29.49
N GLU B 92 59.78 -17.43 -29.08
CA GLU B 92 59.74 -18.80 -29.58
C GLU B 92 58.67 -19.57 -28.82
N ILE B 93 57.73 -20.16 -29.56
CA ILE B 93 56.58 -20.84 -28.97
C ILE B 93 56.77 -22.35 -29.11
N GLN B 94 56.56 -23.07 -28.01
CA GLN B 94 56.61 -24.53 -27.98
C GLN B 94 55.31 -25.02 -27.35
N PRO B 95 54.20 -24.96 -28.09
CA PRO B 95 52.90 -25.27 -27.49
C PRO B 95 52.74 -26.76 -27.22
N LEU B 96 51.87 -27.06 -26.24
CA LEU B 96 51.49 -28.41 -25.91
C LEU B 96 49.98 -28.47 -25.74
N THR B 97 49.39 -29.59 -26.16
CA THR B 97 47.94 -29.75 -26.14
C THR B 97 47.54 -30.87 -25.18
N VAL B 98 46.58 -30.56 -24.32
CA VAL B 98 46.05 -31.50 -23.35
C VAL B 98 44.55 -31.66 -23.58
N GLY B 99 44.09 -32.90 -23.72
CA GLY B 99 42.69 -33.20 -23.90
C GLY B 99 42.08 -33.71 -22.61
N VAL B 100 40.80 -33.40 -22.42
CA VAL B 100 40.09 -33.74 -21.19
C VAL B 100 38.75 -34.38 -21.55
N ASN B 101 38.43 -35.49 -20.89
CA ASN B 101 37.13 -36.13 -20.99
C ASN B 101 36.13 -35.42 -20.09
N THR B 102 34.99 -36.05 -19.82
CA THR B 102 34.00 -35.50 -18.90
C THR B 102 34.65 -35.03 -17.62
N THR B 103 34.46 -33.75 -17.31
CA THR B 103 35.20 -33.07 -16.25
C THR B 103 34.84 -33.61 -14.88
N ASN B 104 35.86 -33.77 -14.04
CA ASN B 104 35.72 -34.17 -12.65
C ASN B 104 37.01 -33.83 -11.93
N PRO B 105 36.93 -33.37 -10.68
CA PRO B 105 38.13 -32.81 -10.02
C PRO B 105 39.32 -33.75 -10.04
N SER B 106 39.09 -35.06 -9.89
CA SER B 106 40.18 -36.02 -10.01
C SER B 106 40.82 -35.97 -11.39
N SER B 107 39.99 -35.87 -12.44
CA SER B 107 40.51 -35.85 -13.80
C SER B 107 41.37 -34.62 -14.05
N LEU B 108 40.86 -33.43 -13.70
CA LEU B 108 41.64 -32.21 -13.88
C LEU B 108 42.92 -32.26 -13.06
N LEU B 109 42.83 -32.71 -11.81
CA LEU B 109 44.00 -32.77 -10.96
C LEU B 109 45.07 -33.67 -11.56
N THR B 110 44.69 -34.89 -11.95
CA THR B 110 45.65 -35.84 -12.50
C THR B 110 46.25 -35.31 -13.81
N GLN B 111 45.41 -34.79 -14.71
CA GLN B 111 45.91 -34.33 -16.00
C GLN B 111 46.86 -33.15 -15.83
N ILE B 112 46.47 -32.16 -15.02
CA ILE B 112 47.29 -30.99 -14.82
C ILE B 112 48.61 -31.36 -14.14
N CYS B 113 48.56 -32.24 -13.12
CA CYS B 113 49.78 -32.63 -12.44
C CYS B 113 50.71 -33.39 -13.36
N GLY B 114 50.17 -34.30 -14.17
CA GLY B 114 51.00 -35.01 -15.12
C GLY B 114 51.65 -34.09 -16.15
N LEU B 115 50.87 -33.16 -16.68
CA LEU B 115 51.41 -32.21 -17.65
C LEU B 115 52.50 -31.34 -17.02
N LEU B 116 52.27 -30.88 -15.79
CA LEU B 116 53.26 -30.04 -15.11
C LEU B 116 54.54 -30.81 -14.84
N GLY B 117 54.41 -32.07 -14.40
CA GLY B 117 55.58 -32.86 -14.08
C GLY B 117 56.31 -33.38 -15.30
N ALA B 118 55.65 -33.47 -16.45
CA ALA B 118 56.26 -34.03 -17.65
C ALA B 118 56.80 -32.99 -18.61
N ALA B 119 56.10 -31.86 -18.78
CA ALA B 119 56.46 -30.90 -19.81
C ALA B 119 57.07 -29.61 -19.28
N HIS B 120 57.00 -29.36 -17.97
CA HIS B 120 57.50 -28.12 -17.37
C HIS B 120 56.92 -26.90 -18.07
N VAL B 121 55.60 -26.92 -18.26
CA VAL B 121 54.91 -25.86 -18.99
C VAL B 121 54.93 -24.58 -18.15
N HIS B 122 55.31 -23.47 -18.79
CA HIS B 122 55.39 -22.18 -18.12
C HIS B 122 54.06 -21.43 -18.14
N GLY B 123 53.01 -22.04 -18.69
CA GLY B 123 51.70 -21.41 -18.73
C GLY B 123 50.62 -22.36 -19.18
N ILE B 124 49.39 -22.15 -18.73
CA ILE B 124 48.27 -23.02 -19.05
C ILE B 124 47.07 -22.18 -19.46
N VAL B 125 46.33 -22.68 -20.45
CA VAL B 125 45.11 -22.05 -20.92
C VAL B 125 43.98 -23.06 -20.79
N PHE B 126 42.88 -22.63 -20.17
CA PHE B 126 41.75 -23.51 -19.90
C PHE B 126 40.51 -22.99 -20.62
N GLU B 127 39.95 -23.81 -21.50
CA GLU B 127 38.69 -23.52 -22.17
C GLU B 127 37.67 -24.56 -21.78
N ASP B 128 36.53 -24.12 -21.27
CA ASP B 128 35.51 -25.00 -20.72
C ASP B 128 34.14 -24.61 -21.26
N ASN B 129 33.18 -25.51 -21.06
CA ASN B 129 31.81 -25.27 -21.50
C ASN B 129 31.08 -24.36 -20.53
N VAL B 130 30.00 -23.75 -21.01
CA VAL B 130 29.19 -22.84 -20.21
C VAL B 130 28.33 -23.64 -19.24
N ASP B 131 27.69 -22.94 -18.30
CA ASP B 131 26.76 -23.44 -17.28
C ASP B 131 27.47 -24.15 -16.14
N THR B 132 28.80 -24.23 -16.14
CA THR B 132 29.55 -24.79 -15.03
C THR B 132 29.69 -23.73 -13.94
N GLU B 133 29.48 -24.15 -12.69
CA GLU B 133 29.42 -23.24 -11.55
C GLU B 133 30.59 -23.36 -10.60
N ALA B 134 31.16 -24.55 -10.43
CA ALA B 134 32.18 -24.80 -9.42
C ALA B 134 33.42 -25.40 -10.06
N VAL B 135 33.88 -24.79 -11.14
CA VAL B 135 35.07 -25.25 -11.85
C VAL B 135 36.26 -24.32 -11.62
N ALA B 136 36.00 -23.01 -11.51
CA ALA B 136 37.09 -22.06 -11.36
C ALA B 136 37.78 -22.18 -10.01
N GLN B 137 37.04 -22.58 -8.96
CA GLN B 137 37.64 -22.69 -7.63
C GLN B 137 38.72 -23.76 -7.60
N ILE B 138 38.48 -24.90 -8.25
CA ILE B 138 39.48 -25.96 -8.30
C ILE B 138 40.74 -25.47 -9.01
N LEU B 139 40.56 -24.75 -10.12
CA LEU B 139 41.71 -24.20 -10.85
C LEU B 139 42.48 -23.22 -9.99
N ASP B 140 41.78 -22.36 -9.26
CA ASP B 140 42.45 -21.40 -8.38
C ASP B 140 43.23 -22.12 -7.29
N PHE B 141 42.64 -23.15 -6.70
CA PHE B 141 43.34 -23.92 -5.67
C PHE B 141 44.58 -24.60 -6.24
N ILE B 142 44.48 -25.17 -7.44
CA ILE B 142 45.62 -25.82 -8.06
C ILE B 142 46.72 -24.81 -8.34
N SER B 143 46.35 -23.63 -8.84
CA SER B 143 47.34 -22.60 -9.12
C SER B 143 48.02 -22.13 -7.83
N SER B 144 47.25 -21.98 -6.75
CA SER B 144 47.84 -21.59 -5.47
C SER B 144 48.80 -22.66 -4.96
N GLN B 145 48.42 -23.93 -5.10
CA GLN B 145 49.28 -25.01 -4.64
C GLN B 145 50.51 -25.21 -5.51
N THR B 146 50.47 -24.75 -6.77
CA THR B 146 51.58 -24.94 -7.68
C THR B 146 52.33 -23.65 -8.03
N HIS B 147 51.74 -22.48 -7.76
CA HIS B 147 52.32 -21.17 -8.01
C HIS B 147 52.52 -20.88 -9.50
N VAL B 148 52.07 -21.77 -10.38
CA VAL B 148 52.19 -21.58 -11.82
C VAL B 148 51.04 -20.69 -12.30
N PRO B 149 51.26 -19.80 -13.25
CA PRO B 149 50.18 -18.94 -13.73
C PRO B 149 49.15 -19.72 -14.53
N ILE B 150 47.93 -19.19 -14.56
CA ILE B 150 46.82 -19.77 -15.29
C ILE B 150 46.10 -18.67 -16.05
N LEU B 151 45.26 -19.09 -17.00
CA LEU B 151 44.47 -18.14 -17.80
C LEU B 151 43.29 -18.90 -18.38
N SER B 152 42.08 -18.51 -17.99
CA SER B 152 40.86 -19.18 -18.40
C SER B 152 40.09 -18.27 -19.36
N ILE B 153 40.37 -18.43 -20.65
CA ILE B 153 39.64 -17.70 -21.69
C ILE B 153 38.54 -18.64 -22.17
N SER B 154 37.39 -18.56 -21.51
CA SER B 154 36.27 -19.45 -21.79
C SER B 154 34.99 -18.76 -21.35
N GLY B 155 33.89 -19.51 -21.28
CA GLY B 155 32.64 -18.97 -20.83
C GLY B 155 32.20 -19.49 -19.48
N GLY B 156 32.52 -20.75 -19.18
CA GLY B 156 32.12 -21.33 -17.91
C GLY B 156 32.95 -20.84 -16.75
N SER B 157 34.28 -20.88 -16.89
CA SER B 157 35.18 -20.50 -15.82
C SER B 157 35.44 -19.01 -15.76
N ALA B 158 34.89 -18.23 -16.68
CA ALA B 158 35.10 -16.78 -16.71
C ALA B 158 34.11 -16.05 -15.81
N VAL B 159 34.06 -16.45 -14.54
CA VAL B 159 33.22 -15.80 -13.53
C VAL B 159 34.13 -15.33 -12.40
N VAL B 160 34.02 -14.05 -12.05
CA VAL B 160 34.94 -13.45 -11.11
C VAL B 160 34.56 -13.79 -9.68
N LEU B 161 35.53 -14.22 -8.89
CA LEU B 161 35.40 -14.37 -7.44
C LEU B 161 36.32 -13.36 -6.76
N THR B 162 35.74 -12.50 -5.91
CA THR B 162 36.50 -11.35 -5.44
C THR B 162 37.62 -11.76 -4.48
N PRO B 163 37.36 -12.25 -3.26
CA PRO B 163 38.34 -13.05 -2.57
C PRO B 163 38.93 -14.17 -3.43
N LYS B 164 40.24 -14.38 -3.31
CA LYS B 164 40.94 -15.46 -3.96
C LYS B 164 42.07 -15.94 -3.05
N GLU B 165 42.78 -16.97 -3.52
CA GLU B 165 43.92 -17.44 -2.76
C GLU B 165 45.01 -16.37 -2.70
N PRO B 166 45.61 -16.15 -1.53
CA PRO B 166 46.63 -15.09 -1.42
C PRO B 166 47.81 -15.27 -2.35
N GLY B 167 48.25 -16.51 -2.57
CA GLY B 167 49.42 -16.80 -3.37
C GLY B 167 49.15 -17.33 -4.77
N SER B 168 47.93 -17.24 -5.26
CA SER B 168 47.59 -17.79 -6.57
C SER B 168 47.73 -16.73 -7.65
N ALA B 169 47.56 -17.15 -8.90
CA ALA B 169 47.61 -16.24 -10.05
C ALA B 169 46.60 -16.77 -11.08
N PHE B 170 45.39 -16.20 -11.06
CA PHE B 170 44.30 -16.66 -11.90
C PHE B 170 44.22 -15.89 -13.22
N LEU B 171 44.22 -14.56 -13.17
CA LEU B 171 44.12 -13.71 -14.35
C LEU B 171 42.88 -14.05 -15.17
N GLN B 172 41.73 -14.04 -14.50
CA GLN B 172 40.48 -14.37 -15.16
C GLN B 172 40.11 -13.32 -16.19
N LEU B 173 39.52 -13.76 -17.30
CA LEU B 173 39.11 -12.88 -18.38
C LEU B 173 37.61 -12.62 -18.23
N GLY B 174 37.27 -11.51 -17.57
CA GLY B 174 35.89 -11.16 -17.38
C GLY B 174 35.77 -9.90 -16.55
N VAL B 175 34.58 -9.32 -16.59
CA VAL B 175 34.28 -8.10 -15.86
C VAL B 175 33.53 -8.46 -14.58
N SER B 176 33.61 -7.58 -13.60
CA SER B 176 32.91 -7.76 -12.34
C SER B 176 31.52 -7.15 -12.44
N LEU B 177 30.76 -7.23 -11.35
CA LEU B 177 29.41 -6.66 -11.34
C LEU B 177 29.44 -5.14 -11.34
N GLU B 178 30.51 -4.53 -10.84
CA GLU B 178 30.57 -3.08 -10.76
C GLU B 178 30.60 -2.43 -12.15
N GLN B 179 31.46 -2.93 -13.04
CA GLN B 179 31.54 -2.37 -14.38
C GLN B 179 30.26 -2.60 -15.16
N GLN B 180 29.68 -3.79 -15.05
CA GLN B 180 28.42 -4.07 -15.75
C GLN B 180 27.31 -3.18 -15.23
N LEU B 181 27.24 -2.97 -13.91
CA LEU B 181 26.24 -2.09 -13.35
C LEU B 181 26.43 -0.64 -13.79
N GLN B 182 27.69 -0.19 -13.87
CA GLN B 182 27.95 1.15 -14.36
C GLN B 182 27.52 1.31 -15.81
N VAL B 183 27.81 0.31 -16.64
CA VAL B 183 27.40 0.36 -18.04
C VAL B 183 25.88 0.39 -18.15
N LEU B 184 25.19 -0.45 -17.36
CA LEU B 184 23.73 -0.48 -17.38
C LEU B 184 23.14 0.84 -16.93
N PHE B 185 23.72 1.45 -15.89
CA PHE B 185 23.24 2.76 -15.44
C PHE B 185 23.45 3.84 -16.49
N LYS B 186 24.61 3.81 -17.17
CA LYS B 186 24.85 4.78 -18.23
C LYS B 186 23.86 4.60 -19.37
N VAL B 187 23.55 3.35 -19.71
CA VAL B 187 22.57 3.09 -20.76
C VAL B 187 21.18 3.56 -20.33
N LEU B 188 20.80 3.30 -19.08
CA LEU B 188 19.48 3.70 -18.60
C LEU B 188 19.34 5.22 -18.59
N GLU B 189 20.38 5.93 -18.15
CA GLU B 189 20.34 7.38 -18.12
C GLU B 189 20.26 8.01 -19.50
N GLU B 190 20.63 7.26 -20.54
CA GLU B 190 20.59 7.81 -21.90
C GLU B 190 19.15 8.06 -22.36
N TYR B 191 18.25 7.14 -22.05
CA TYR B 191 16.87 7.20 -22.52
C TYR B 191 15.94 7.89 -21.52
N ASP B 192 16.49 8.68 -20.61
CA ASP B 192 15.80 9.48 -19.61
C ASP B 192 15.03 8.64 -18.60
N TRP B 193 15.24 7.33 -18.56
CA TRP B 193 14.57 6.49 -17.56
C TRP B 193 15.14 6.79 -16.18
N SER B 194 14.27 7.14 -15.24
CA SER B 194 14.69 7.51 -13.90
C SER B 194 13.99 6.71 -12.80
N ALA B 195 13.06 5.82 -13.16
CA ALA B 195 12.34 5.00 -12.18
C ALA B 195 12.57 3.53 -12.52
N PHE B 196 12.82 2.73 -11.49
CA PHE B 196 13.13 1.33 -11.70
C PHE B 196 12.76 0.54 -10.46
N ALA B 197 12.62 -0.77 -10.64
CA ALA B 197 12.40 -1.72 -9.57
C ALA B 197 13.43 -2.83 -9.67
N VAL B 198 13.77 -3.41 -8.53
CA VAL B 198 14.82 -4.42 -8.43
C VAL B 198 14.21 -5.72 -7.93
N ILE B 199 14.42 -6.80 -8.68
CA ILE B 199 14.00 -8.14 -8.29
C ILE B 199 15.21 -9.05 -8.36
N THR B 200 15.61 -9.59 -7.21
CA THR B 200 16.77 -10.46 -7.11
C THR B 200 16.36 -11.80 -6.52
N SER B 201 16.91 -12.88 -7.07
CA SER B 201 16.62 -14.21 -6.55
C SER B 201 17.45 -14.48 -5.28
N LEU B 202 17.26 -15.68 -4.75
CA LEU B 202 17.99 -16.12 -3.57
C LEU B 202 19.37 -16.70 -3.90
N HIS B 203 19.89 -16.40 -5.09
CA HIS B 203 21.20 -16.91 -5.47
C HIS B 203 22.28 -16.31 -4.58
N PRO B 204 23.33 -17.05 -4.26
CA PRO B 204 24.36 -16.53 -3.36
C PRO B 204 25.16 -15.42 -4.02
N GLY B 205 25.77 -14.58 -3.18
CA GLY B 205 26.48 -13.42 -3.65
C GLY B 205 25.58 -12.36 -4.25
N HIS B 206 24.37 -12.20 -3.71
CA HIS B 206 23.45 -11.18 -4.17
C HIS B 206 23.49 -9.91 -3.34
N ALA B 207 23.98 -9.99 -2.09
CA ALA B 207 24.10 -8.81 -1.25
C ALA B 207 25.14 -7.84 -1.81
N LEU B 208 26.23 -8.37 -2.37
CA LEU B 208 27.23 -7.52 -3.00
C LEU B 208 26.61 -6.72 -4.13
N PHE B 209 25.78 -7.37 -4.94
CA PHE B 209 25.07 -6.66 -6.01
C PHE B 209 24.08 -5.64 -5.44
N LEU B 210 23.39 -6.01 -4.36
CA LEU B 210 22.42 -5.10 -3.77
C LEU B 210 23.09 -3.83 -3.27
N GLU B 211 24.28 -3.95 -2.69
CA GLU B 211 25.05 -2.78 -2.29
C GLU B 211 25.64 -2.02 -3.47
N GLY B 212 26.11 -2.75 -4.49
CA GLY B 212 26.72 -2.08 -5.63
C GLY B 212 25.72 -1.26 -6.43
N VAL B 213 24.48 -1.75 -6.54
CA VAL B 213 23.45 -0.99 -7.24
C VAL B 213 23.21 0.34 -6.54
N ARG B 214 23.09 0.31 -5.20
CA ARG B 214 22.91 1.54 -4.45
C ARG B 214 24.11 2.46 -4.58
N ALA B 215 25.32 1.89 -4.53
CA ALA B 215 26.52 2.70 -4.65
C ALA B 215 26.60 3.39 -6.00
N VAL B 216 26.27 2.67 -7.08
CA VAL B 216 26.29 3.25 -8.42
C VAL B 216 25.21 4.31 -8.55
N ALA B 217 24.03 4.07 -7.96
CA ALA B 217 22.96 5.07 -8.01
C ALA B 217 23.37 6.34 -7.28
N ASP B 218 24.04 6.21 -6.13
CA ASP B 218 24.46 7.38 -5.38
C ASP B 218 25.61 8.10 -6.08
N ALA B 219 26.44 7.35 -6.82
CA ALA B 219 27.57 7.96 -7.51
C ALA B 219 27.10 8.91 -8.61
N SER B 220 26.04 8.56 -9.32
CA SER B 220 25.55 9.37 -10.41
C SER B 220 24.92 10.66 -9.89
N HIS B 221 24.83 11.65 -10.78
CA HIS B 221 24.27 12.95 -10.43
C HIS B 221 22.76 13.01 -10.61
N VAL B 222 22.18 12.03 -11.33
CA VAL B 222 20.73 12.03 -11.53
C VAL B 222 20.04 11.70 -10.20
N SER B 223 18.76 12.05 -10.12
CA SER B 223 17.99 11.76 -8.91
C SER B 223 17.88 10.26 -8.67
N TRP B 224 17.58 9.50 -9.73
CA TRP B 224 17.51 8.04 -9.68
C TRP B 224 16.56 7.57 -8.57
N ARG B 225 15.30 7.96 -8.73
CA ARG B 225 14.25 7.62 -7.77
C ARG B 225 13.83 6.18 -7.99
N LEU B 226 14.16 5.32 -7.03
CA LEU B 226 13.83 3.90 -7.10
C LEU B 226 12.46 3.65 -6.50
N LEU B 227 11.78 2.61 -7.00
CA LEU B 227 10.44 2.29 -6.54
C LEU B 227 10.47 1.29 -5.38
N ASP B 228 11.00 0.09 -5.62
CA ASP B 228 11.04 -0.94 -4.60
C ASP B 228 12.08 -1.98 -4.97
N VAL B 229 12.47 -2.79 -3.99
CA VAL B 229 13.36 -3.91 -4.18
C VAL B 229 12.71 -5.16 -3.61
N VAL B 230 12.72 -6.24 -4.38
CA VAL B 230 12.05 -7.49 -4.01
C VAL B 230 13.05 -8.63 -4.12
N THR B 231 13.10 -9.45 -3.07
CA THR B 231 13.95 -10.64 -3.03
C THR B 231 13.05 -11.86 -3.14
N LEU B 232 13.19 -12.61 -4.23
CA LEU B 232 12.38 -13.79 -4.48
C LEU B 232 13.16 -15.06 -4.12
N GLU B 233 12.42 -16.16 -4.06
CA GLU B 233 13.00 -17.49 -3.81
C GLU B 233 12.32 -18.45 -4.79
N LEU B 234 12.90 -18.59 -5.97
CA LEU B 234 12.34 -19.43 -7.03
C LEU B 234 13.32 -20.54 -7.37
N GLY B 235 12.79 -21.75 -7.50
CA GLY B 235 13.58 -22.91 -7.84
C GLY B 235 12.74 -23.93 -8.58
N PRO B 236 12.80 -25.18 -8.15
CA PRO B 236 11.83 -26.17 -8.65
C PRO B 236 10.41 -25.72 -8.36
N GLY B 237 9.47 -26.24 -9.16
CA GLY B 237 8.12 -25.72 -9.14
C GLY B 237 7.27 -26.15 -7.96
N GLY B 238 7.88 -26.43 -6.81
CA GLY B 238 7.15 -26.73 -5.61
C GLY B 238 6.79 -25.47 -4.82
N PRO B 239 7.81 -24.73 -4.38
CA PRO B 239 7.57 -23.42 -3.72
C PRO B 239 7.53 -22.25 -4.70
N ARG B 240 6.40 -22.12 -5.41
CA ARG B 240 6.22 -21.09 -6.43
C ARG B 240 4.87 -20.40 -6.26
N ALA B 241 4.56 -20.03 -5.01
CA ALA B 241 3.29 -19.36 -4.72
C ALA B 241 3.50 -17.97 -4.13
N ARG B 242 4.37 -17.83 -3.12
CA ARG B 242 4.60 -16.52 -2.53
C ARG B 242 5.26 -15.57 -3.53
N THR B 243 6.13 -16.10 -4.39
CA THR B 243 6.81 -15.27 -5.38
C THR B 243 5.82 -14.65 -6.36
N GLN B 244 4.80 -15.42 -6.78
CA GLN B 244 3.78 -14.87 -7.68
C GLN B 244 3.04 -13.72 -7.04
N ARG B 245 2.67 -13.88 -5.76
CA ARG B 245 1.98 -12.80 -5.05
C ARG B 245 2.88 -11.58 -4.90
N LEU B 246 4.16 -11.80 -4.62
CA LEU B 246 5.09 -10.68 -4.48
C LEU B 246 5.24 -9.93 -5.80
N LEU B 247 5.32 -10.65 -6.91
CA LEU B 247 5.49 -10.02 -8.21
C LEU B 247 4.19 -9.42 -8.73
N ARG B 248 3.03 -9.86 -8.21
CA ARG B 248 1.76 -9.37 -8.72
C ARG B 248 1.49 -7.93 -8.28
N GLN B 249 2.04 -7.52 -7.13
CA GLN B 249 1.76 -6.21 -6.57
C GLN B 249 2.88 -5.21 -6.82
N LEU B 250 3.77 -5.49 -7.76
CA LEU B 250 4.88 -4.62 -8.09
C LEU B 250 4.71 -4.09 -9.50
N ASP B 251 4.84 -2.77 -9.66
CA ASP B 251 4.69 -2.11 -10.95
C ASP B 251 5.81 -1.10 -11.14
N ALA B 252 6.41 -1.11 -12.32
CA ALA B 252 7.50 -0.19 -12.65
C ALA B 252 7.65 -0.16 -14.17
N PRO B 253 8.22 0.92 -14.72
CA PRO B 253 8.48 0.97 -16.17
C PRO B 253 9.76 0.25 -16.54
N VAL B 254 10.70 0.17 -15.60
CA VAL B 254 12.01 -0.42 -15.85
C VAL B 254 12.32 -1.40 -14.72
N PHE B 255 12.80 -2.58 -15.09
CA PHE B 255 13.19 -3.61 -14.12
C PHE B 255 14.65 -3.99 -14.31
N VAL B 256 15.34 -4.19 -13.20
CA VAL B 256 16.68 -4.76 -13.19
C VAL B 256 16.64 -6.03 -12.38
N ALA B 257 16.87 -7.16 -13.04
CA ALA B 257 16.76 -8.48 -12.42
C ALA B 257 18.15 -9.07 -12.21
N TYR B 258 18.22 -10.01 -11.27
CA TYR B 258 19.48 -10.69 -10.94
C TYR B 258 19.18 -12.14 -10.56
N CYS B 259 19.40 -13.04 -11.51
CA CYS B 259 19.20 -14.46 -11.31
C CYS B 259 20.08 -15.23 -12.29
N SER B 260 20.24 -16.52 -12.04
CA SER B 260 21.03 -17.37 -12.91
C SER B 260 20.22 -17.80 -14.12
N ARG B 261 20.91 -18.43 -15.08
CA ARG B 261 20.23 -18.92 -16.28
C ARG B 261 19.21 -20.00 -15.95
N GLU B 262 19.44 -20.76 -14.88
CA GLU B 262 18.50 -21.80 -14.46
C GLU B 262 17.26 -21.25 -13.78
N GLU B 263 17.24 -19.97 -13.43
CA GLU B 263 16.07 -19.35 -12.83
C GLU B 263 15.37 -18.34 -13.74
N ALA B 264 15.99 -17.95 -14.85
CA ALA B 264 15.33 -17.04 -15.78
C ALA B 264 14.11 -17.68 -16.42
N GLU B 265 14.22 -18.95 -16.80
CA GLU B 265 13.11 -19.66 -17.42
C GLU B 265 11.91 -19.75 -16.49
N VAL B 266 12.11 -19.58 -15.19
CA VAL B 266 11.02 -19.55 -14.23
C VAL B 266 10.52 -18.14 -13.98
N LEU B 267 11.44 -17.18 -13.79
CA LEU B 267 11.00 -15.83 -13.44
C LEU B 267 10.27 -15.17 -14.60
N PHE B 268 10.77 -15.34 -15.83
CA PHE B 268 10.05 -14.78 -16.96
C PHE B 268 8.74 -15.50 -17.23
N ALA B 269 8.71 -16.82 -17.00
CA ALA B 269 7.46 -17.57 -17.15
C ALA B 269 6.41 -17.07 -16.17
N GLU B 270 6.81 -16.80 -14.93
CA GLU B 270 5.88 -16.27 -13.95
C GLU B 270 5.49 -14.83 -14.26
N ALA B 271 6.42 -14.03 -14.78
CA ALA B 271 6.11 -12.63 -15.09
C ALA B 271 5.15 -12.53 -16.27
N ALA B 272 5.27 -13.45 -17.23
CA ALA B 272 4.39 -13.42 -18.39
C ALA B 272 2.92 -13.65 -18.02
N GLN B 273 2.65 -14.31 -16.91
CA GLN B 273 1.27 -14.52 -16.46
C GLN B 273 0.74 -13.37 -15.62
N ALA B 274 1.60 -12.43 -15.22
CA ALA B 274 1.20 -11.30 -14.39
C ALA B 274 1.25 -9.98 -15.16
N GLY B 275 1.32 -10.05 -16.49
CA GLY B 275 1.38 -8.86 -17.30
C GLY B 275 2.62 -8.02 -17.08
N LEU B 276 3.79 -8.61 -17.35
CA LEU B 276 5.05 -7.89 -17.20
C LEU B 276 5.96 -8.04 -18.41
N VAL B 277 5.41 -8.44 -19.56
CA VAL B 277 6.19 -8.63 -20.77
C VAL B 277 5.68 -7.77 -21.92
N GLY B 278 4.80 -6.81 -21.67
CA GLY B 278 4.26 -5.97 -22.70
C GLY B 278 5.28 -4.98 -23.25
N PRO B 279 4.98 -4.38 -24.41
CA PRO B 279 5.90 -3.39 -24.99
C PRO B 279 6.09 -2.16 -24.12
N GLY B 280 5.16 -1.86 -23.21
CA GLY B 280 5.33 -0.68 -22.37
C GLY B 280 6.41 -0.87 -21.31
N HIS B 281 6.81 -2.11 -21.06
CA HIS B 281 7.82 -2.43 -20.07
C HIS B 281 9.08 -2.96 -20.74
N VAL B 282 10.23 -2.63 -20.14
CA VAL B 282 11.52 -3.07 -20.62
C VAL B 282 12.29 -3.70 -19.47
N TRP B 283 13.25 -4.56 -19.81
CA TRP B 283 14.04 -5.29 -18.84
C TRP B 283 15.53 -5.02 -19.06
N LEU B 284 16.32 -5.28 -18.03
CA LEU B 284 17.77 -5.15 -18.10
C LEU B 284 18.39 -6.11 -17.10
N VAL B 285 19.22 -7.03 -17.60
CA VAL B 285 19.85 -8.05 -16.76
C VAL B 285 21.35 -8.04 -17.01
N PRO B 286 22.17 -8.49 -16.05
CA PRO B 286 23.61 -8.58 -16.29
C PRO B 286 23.99 -9.75 -17.19
N ASN B 287 25.28 -9.98 -17.37
CA ASN B 287 25.77 -11.06 -18.22
C ASN B 287 25.83 -12.41 -17.50
N LEU B 288 25.47 -12.47 -16.22
CA LEU B 288 25.46 -13.75 -15.51
C LEU B 288 24.46 -14.72 -16.13
N ALA B 289 23.29 -14.23 -16.51
CA ALA B 289 22.29 -15.04 -17.19
C ALA B 289 22.65 -15.14 -18.67
N LEU B 290 21.80 -15.80 -19.45
CA LEU B 290 22.01 -15.97 -20.89
C LEU B 290 23.37 -16.61 -21.18
N GLY B 291 23.67 -17.71 -20.51
CA GLY B 291 24.96 -18.36 -20.71
C GLY B 291 25.15 -18.87 -22.13
N SER B 292 24.11 -19.47 -22.70
CA SER B 292 24.16 -19.99 -24.07
C SER B 292 23.76 -18.88 -25.03
N THR B 293 24.72 -17.98 -25.29
CA THR B 293 24.46 -16.84 -26.16
C THR B 293 24.26 -17.26 -27.62
N ASP B 294 24.73 -18.44 -28.01
CA ASP B 294 24.56 -18.88 -29.39
C ASP B 294 23.09 -19.16 -29.70
N ALA B 295 22.39 -19.85 -28.80
CA ALA B 295 20.99 -20.20 -28.98
C ALA B 295 20.19 -19.69 -27.79
N PRO B 296 19.60 -18.51 -27.90
CA PRO B 296 18.75 -18.02 -26.82
C PRO B 296 17.53 -18.91 -26.65
N PRO B 297 17.03 -19.07 -25.43
CA PRO B 297 15.88 -19.95 -25.22
C PRO B 297 14.56 -19.23 -25.37
N ALA B 298 13.46 -19.98 -25.25
CA ALA B 298 12.13 -19.41 -25.37
C ALA B 298 11.71 -18.77 -24.04
N THR B 299 10.48 -18.25 -24.02
CA THR B 299 9.88 -17.62 -22.85
C THR B 299 10.64 -16.37 -22.42
N PHE B 300 11.65 -15.97 -23.20
CA PHE B 300 12.37 -14.74 -22.92
C PHE B 300 11.65 -13.56 -23.54
N PRO B 301 11.63 -12.41 -22.86
CA PRO B 301 10.99 -11.23 -23.44
C PRO B 301 11.74 -10.73 -24.66
N VAL B 302 10.99 -10.14 -25.58
CA VAL B 302 11.58 -9.58 -26.79
C VAL B 302 12.11 -8.19 -26.46
N GLY B 303 13.40 -7.98 -26.70
CA GLY B 303 14.01 -6.69 -26.41
C GLY B 303 14.52 -6.57 -24.98
N LEU B 304 15.39 -7.47 -24.57
CA LEU B 304 16.02 -7.43 -23.25
C LEU B 304 17.45 -6.95 -23.39
N ILE B 305 17.80 -5.92 -22.64
CA ILE B 305 19.10 -5.26 -22.73
C ILE B 305 20.07 -5.94 -21.78
N SER B 306 21.23 -6.33 -22.29
CA SER B 306 22.29 -6.90 -21.47
C SER B 306 23.63 -6.37 -21.95
N VAL B 307 24.64 -6.47 -21.09
CA VAL B 307 25.97 -5.97 -21.37
C VAL B 307 26.94 -7.14 -21.37
N VAL B 308 27.75 -7.24 -22.41
CA VAL B 308 28.73 -8.32 -22.56
C VAL B 308 30.09 -7.70 -22.84
N THR B 309 31.14 -8.47 -22.57
CA THR B 309 32.49 -8.00 -22.81
C THR B 309 32.79 -7.95 -24.30
N GLU B 310 33.97 -7.42 -24.63
CA GLU B 310 34.37 -7.31 -26.03
C GLU B 310 34.58 -8.69 -26.64
N SER B 311 34.48 -8.74 -27.97
CA SER B 311 34.67 -9.97 -28.74
C SER B 311 33.66 -11.04 -28.35
N TRP B 312 32.39 -10.66 -28.21
CA TRP B 312 31.34 -11.63 -27.97
C TRP B 312 31.03 -12.48 -29.19
N ARG B 313 31.26 -11.96 -30.39
CA ARG B 313 31.04 -12.69 -31.62
C ARG B 313 32.32 -13.34 -32.15
N LEU B 314 33.43 -13.24 -31.42
CA LEU B 314 34.68 -13.82 -31.86
C LEU B 314 34.63 -15.34 -31.82
N SER B 315 35.48 -15.96 -32.63
CA SER B 315 35.55 -17.41 -32.70
C SER B 315 36.46 -17.97 -31.62
N LEU B 316 36.36 -19.29 -31.40
CA LEU B 316 37.20 -19.94 -30.40
C LEU B 316 38.67 -19.88 -30.79
N ARG B 317 38.98 -20.02 -32.08
CA ARG B 317 40.36 -19.89 -32.53
C ARG B 317 40.87 -18.48 -32.27
N GLN B 318 40.02 -17.47 -32.49
CA GLN B 318 40.41 -16.09 -32.21
C GLN B 318 40.70 -15.90 -30.73
N LYS B 319 39.86 -16.48 -29.87
CA LYS B 319 40.07 -16.35 -28.42
C LYS B 319 41.36 -17.03 -27.99
N VAL B 320 41.63 -18.23 -28.52
CA VAL B 320 42.87 -18.92 -28.18
C VAL B 320 44.08 -18.13 -28.67
N ARG B 321 44.01 -17.59 -29.88
CA ARG B 321 45.10 -16.77 -30.39
C ARG B 321 45.31 -15.53 -29.55
N ASP B 322 44.22 -14.89 -29.11
CA ASP B 322 44.34 -13.71 -28.27
C ASP B 322 44.99 -14.04 -26.93
N GLY B 323 44.59 -15.15 -26.31
CA GLY B 323 45.20 -15.55 -25.05
C GLY B 323 46.68 -15.85 -25.18
N VAL B 324 47.03 -16.63 -26.21
CA VAL B 324 48.43 -16.96 -26.45
C VAL B 324 49.22 -15.69 -26.75
N ALA B 325 48.64 -14.77 -27.52
CA ALA B 325 49.31 -13.52 -27.84
C ALA B 325 49.55 -12.68 -26.59
N ILE B 326 48.57 -12.62 -25.69
CA ILE B 326 48.75 -11.85 -24.47
C ILE B 326 49.84 -12.47 -23.60
N LEU B 327 49.83 -13.79 -23.45
CA LEU B 327 50.85 -14.45 -22.62
C LEU B 327 52.24 -14.24 -23.20
N ALA B 328 52.39 -14.45 -24.51
CA ALA B 328 53.70 -14.27 -25.14
C ALA B 328 54.10 -12.81 -25.18
N LEU B 329 53.14 -11.88 -25.24
CA LEU B 329 53.46 -10.46 -25.19
C LEU B 329 54.02 -10.08 -23.83
N GLY B 330 53.43 -10.61 -22.75
CA GLY B 330 54.02 -10.40 -21.44
C GLY B 330 55.41 -11.01 -21.32
N ALA B 331 55.57 -12.23 -21.86
CA ALA B 331 56.87 -12.89 -21.81
C ALA B 331 57.93 -12.09 -22.56
N HIS B 332 57.58 -11.56 -23.73
CA HIS B 332 58.53 -10.79 -24.51
C HIS B 332 58.76 -9.41 -23.92
N SER B 333 57.76 -8.83 -23.28
CA SER B 333 57.95 -7.56 -22.58
C SER B 333 58.95 -7.71 -21.46
N TYR B 334 58.90 -8.82 -20.73
CA TYR B 334 59.98 -9.10 -19.79
C TYR B 334 61.28 -9.40 -20.52
N TRP B 335 61.20 -10.06 -21.68
CA TRP B 335 62.42 -10.37 -22.43
C TRP B 335 63.12 -9.11 -22.91
N ARG B 336 62.37 -8.05 -23.20
CA ARG B 336 62.98 -6.78 -23.57
C ARG B 336 63.83 -6.21 -22.44
N GLN B 337 63.52 -6.55 -21.19
CA GLN B 337 64.35 -6.19 -20.06
C GLN B 337 65.60 -7.05 -19.94
N HIS B 338 65.67 -8.14 -20.72
CA HIS B 338 66.84 -9.02 -20.75
C HIS B 338 67.17 -9.57 -19.37
N GLY B 339 66.13 -9.92 -18.60
CA GLY B 339 66.36 -10.46 -17.28
C GLY B 339 66.44 -11.97 -17.26
N THR B 340 65.38 -12.63 -17.72
CA THR B 340 65.31 -14.08 -17.75
C THR B 340 64.03 -14.58 -18.41
N LEU B 341 63.89 -15.90 -18.52
CA LEU B 341 62.65 -16.55 -18.91
C LEU B 341 62.30 -17.53 -17.80
N PRO B 342 61.56 -17.08 -16.78
CA PRO B 342 61.40 -17.88 -15.56
C PRO B 342 60.75 -19.23 -15.84
N ALA B 343 61.25 -20.25 -15.13
CA ALA B 343 60.73 -21.60 -15.26
C ALA B 343 59.61 -21.84 -14.24
N PRO B 344 58.69 -22.74 -14.54
CA PRO B 344 57.60 -23.03 -13.60
C PRO B 344 58.06 -23.86 -12.42
N ALA B 345 57.12 -24.27 -11.56
CA ALA B 345 57.44 -25.08 -10.41
C ALA B 345 57.72 -26.53 -10.82
N GLY B 346 58.13 -27.33 -9.86
CA GLY B 346 58.52 -28.71 -10.13
C GLY B 346 57.37 -29.64 -10.48
N ASP B 347 56.51 -29.93 -9.51
CA ASP B 347 55.41 -30.88 -9.71
C ASP B 347 54.46 -30.73 -8.52
N CYS B 348 53.49 -31.65 -8.43
CA CYS B 348 52.51 -31.63 -7.36
C CYS B 348 52.89 -32.47 -6.16
N ARG B 349 53.54 -33.62 -6.37
CA ARG B 349 53.77 -34.59 -5.31
C ARG B 349 54.66 -34.06 -4.18
N VAL B 350 55.40 -32.98 -4.41
CA VAL B 350 56.29 -32.44 -3.39
C VAL B 350 55.69 -31.24 -2.66
N HIS B 351 54.55 -30.71 -3.12
CA HIS B 351 53.92 -29.54 -2.55
C HIS B 351 54.91 -28.36 -2.41
N PRO B 352 55.47 -27.88 -3.53
CA PRO B 352 56.51 -26.85 -3.44
C PRO B 352 55.94 -25.44 -3.34
N GLY B 353 56.83 -24.44 -3.36
CA GLY B 353 56.43 -23.06 -3.34
C GLY B 353 56.01 -22.55 -1.97
N PRO B 354 56.96 -22.52 -1.02
CA PRO B 354 56.62 -22.02 0.32
C PRO B 354 56.56 -20.50 0.37
N VAL B 355 57.40 -19.84 -0.44
CA VAL B 355 57.48 -18.39 -0.47
C VAL B 355 57.44 -17.92 -1.92
N SER B 356 57.36 -16.60 -2.09
CA SER B 356 57.30 -16.01 -3.42
C SER B 356 58.67 -15.48 -3.79
N PRO B 357 59.37 -16.07 -4.76
CA PRO B 357 60.66 -15.55 -5.18
C PRO B 357 60.53 -14.29 -6.03
N ALA B 358 61.64 -13.85 -6.62
CA ALA B 358 61.64 -12.66 -7.47
C ALA B 358 60.82 -12.88 -8.75
N ARG B 359 60.23 -14.06 -8.90
CA ARG B 359 59.39 -14.33 -10.07
C ARG B 359 58.09 -13.55 -10.05
N GLU B 360 57.76 -12.90 -8.93
CA GLU B 360 56.56 -12.08 -8.88
C GLU B 360 56.62 -10.91 -9.85
N ALA B 361 57.81 -10.52 -10.28
CA ALA B 361 57.94 -9.47 -11.29
C ALA B 361 57.30 -9.91 -12.60
N PHE B 362 57.36 -11.20 -12.91
CA PHE B 362 56.70 -11.73 -14.10
C PHE B 362 55.19 -11.51 -14.02
N TYR B 363 54.59 -11.85 -12.88
CA TYR B 363 53.15 -11.64 -12.69
C TYR B 363 52.81 -10.16 -12.75
N ARG B 364 53.66 -9.31 -12.16
CA ARG B 364 53.43 -7.87 -12.20
C ARG B 364 53.47 -7.34 -13.62
N HIS B 365 54.45 -7.80 -14.41
CA HIS B 365 54.60 -7.34 -15.79
C HIS B 365 53.58 -7.96 -16.73
N LEU B 366 52.89 -9.01 -16.30
CA LEU B 366 51.85 -9.64 -17.11
C LEU B 366 50.48 -8.96 -16.96
N LEU B 367 50.44 -7.73 -16.46
CA LEU B 367 49.19 -7.05 -16.17
C LEU B 367 48.83 -5.99 -17.20
N ASN B 368 49.76 -5.12 -17.57
CA ASN B 368 49.49 -3.93 -18.34
C ASN B 368 50.00 -4.03 -19.78
N VAL B 369 49.98 -5.23 -20.37
CA VAL B 369 50.42 -5.46 -21.74
C VAL B 369 49.19 -5.46 -22.64
N THR B 370 49.19 -4.58 -23.64
CA THR B 370 48.11 -4.49 -24.60
C THR B 370 48.49 -5.22 -25.88
N TRP B 371 47.51 -5.36 -26.78
CA TRP B 371 47.74 -6.07 -28.03
C TRP B 371 46.71 -5.61 -29.05
N GLU B 372 47.19 -5.24 -30.24
CA GLU B 372 46.33 -4.85 -31.37
C GLU B 372 45.42 -3.67 -30.99
N GLY B 373 45.96 -2.74 -30.22
CA GLY B 373 45.20 -1.56 -29.83
C GLY B 373 43.98 -1.87 -28.99
N ARG B 374 44.10 -2.82 -28.06
CA ARG B 374 43.01 -3.17 -27.15
C ARG B 374 43.54 -3.14 -25.73
N ASP B 375 42.93 -2.31 -24.89
CA ASP B 375 43.38 -2.17 -23.51
C ASP B 375 43.07 -3.46 -22.74
N PHE B 376 44.10 -4.03 -22.12
CA PHE B 376 43.97 -5.26 -21.34
C PHE B 376 44.50 -5.06 -19.93
N SER B 377 44.27 -3.88 -19.36
CA SER B 377 44.73 -3.57 -18.01
C SER B 377 43.99 -4.42 -16.99
N PHE B 378 44.72 -5.34 -16.35
CA PHE B 378 44.12 -6.26 -15.38
C PHE B 378 44.24 -5.66 -13.97
N SER B 379 43.10 -5.60 -13.28
CA SER B 379 43.09 -5.11 -11.91
C SER B 379 43.76 -6.14 -10.99
N PRO B 380 44.23 -5.70 -9.81
CA PRO B 380 44.83 -6.65 -8.86
C PRO B 380 43.86 -7.72 -8.39
N GLY B 381 42.56 -7.56 -8.62
CA GLY B 381 41.56 -8.54 -8.27
C GLY B 381 41.37 -9.65 -9.28
N GLY B 382 42.20 -9.69 -10.33
CA GLY B 382 42.10 -10.74 -11.33
C GLY B 382 41.10 -10.48 -12.44
N TYR B 383 40.53 -9.29 -12.51
CA TYR B 383 39.58 -8.93 -13.55
C TYR B 383 40.10 -7.75 -14.35
N LEU B 384 39.87 -7.78 -15.65
CA LEU B 384 40.32 -6.71 -16.53
C LEU B 384 39.61 -5.40 -16.18
N VAL B 385 40.35 -4.29 -16.26
CA VAL B 385 39.84 -2.98 -15.91
C VAL B 385 39.74 -2.14 -17.17
N GLN B 386 38.51 -1.88 -17.60
CA GLN B 386 38.14 -1.02 -18.72
C GLN B 386 38.60 -1.48 -20.12
N PRO B 387 38.26 -2.73 -20.58
CA PRO B 387 37.92 -2.86 -21.93
C PRO B 387 36.65 -2.16 -22.40
N THR B 388 36.30 -2.33 -23.68
CA THR B 388 35.06 -1.77 -24.23
C THR B 388 33.97 -2.84 -24.19
N MET B 389 32.76 -2.44 -23.82
CA MET B 389 31.62 -3.33 -23.75
C MET B 389 30.48 -2.78 -24.60
N VAL B 390 29.67 -3.69 -25.13
CA VAL B 390 28.57 -3.32 -26.02
C VAL B 390 27.25 -3.71 -25.36
N VAL B 391 26.17 -3.18 -25.93
CA VAL B 391 24.81 -3.44 -25.47
C VAL B 391 24.07 -4.21 -26.55
N ILE B 392 23.43 -5.31 -26.16
CA ILE B 392 22.72 -6.18 -27.10
C ILE B 392 21.27 -6.28 -26.68
N ALA B 393 20.42 -6.60 -27.66
CA ALA B 393 18.98 -6.73 -27.43
C ALA B 393 18.42 -7.72 -28.44
N LEU B 394 17.23 -8.23 -28.13
CA LEU B 394 16.55 -9.20 -28.97
C LEU B 394 15.55 -8.47 -29.86
N ASN B 395 15.85 -8.39 -31.15
CA ASN B 395 14.96 -7.75 -32.10
C ASN B 395 13.83 -8.72 -32.46
N ARG B 396 13.04 -8.38 -33.48
CA ARG B 396 11.97 -9.27 -33.92
C ARG B 396 12.52 -10.35 -34.85
N HIS B 397 13.61 -11.00 -34.43
CA HIS B 397 14.17 -12.11 -35.18
C HIS B 397 14.70 -13.22 -34.27
N ARG B 398 14.53 -13.12 -32.95
CA ARG B 398 15.11 -14.07 -32.00
C ARG B 398 16.62 -14.15 -32.15
N LEU B 399 17.24 -13.00 -32.43
CA LEU B 399 18.68 -12.92 -32.62
C LEU B 399 19.19 -11.63 -32.00
N TRP B 400 20.22 -11.74 -31.17
CA TRP B 400 20.80 -10.57 -30.53
C TRP B 400 21.54 -9.71 -31.55
N GLU B 401 21.44 -8.39 -31.37
CA GLU B 401 22.11 -7.44 -32.23
C GLU B 401 22.73 -6.33 -31.40
N MET B 402 23.83 -5.79 -31.89
CA MET B 402 24.52 -4.71 -31.19
C MET B 402 23.69 -3.44 -31.23
N VAL B 403 23.82 -2.63 -30.18
CA VAL B 403 23.09 -1.36 -30.05
C VAL B 403 24.04 -0.18 -29.92
N GLY B 404 25.01 -0.29 -29.01
CA GLY B 404 25.97 0.79 -28.82
C GLY B 404 27.16 0.40 -27.97
N ARG B 405 28.33 0.93 -28.31
CA ARG B 405 29.54 0.67 -27.55
C ARG B 405 29.68 1.67 -26.41
N TRP B 406 30.72 1.49 -25.60
CA TRP B 406 31.00 2.36 -24.47
C TRP B 406 32.48 2.73 -24.45
N GLU B 407 33.02 3.04 -25.63
CA GLU B 407 34.44 3.37 -25.74
C GLU B 407 34.71 4.73 -25.11
N HIS B 408 35.77 4.81 -24.31
CA HIS B 408 36.22 6.04 -23.65
C HIS B 408 35.15 6.65 -22.74
N GLY B 409 34.22 5.83 -22.25
CA GLY B 409 33.23 6.32 -21.30
C GLY B 409 32.15 7.18 -21.89
N VAL B 410 31.94 7.13 -23.20
CA VAL B 410 30.87 7.87 -23.87
C VAL B 410 29.93 6.86 -24.51
N LEU B 411 28.65 7.00 -24.22
CA LEU B 411 27.66 6.04 -24.68
C LEU B 411 27.20 6.38 -26.10
N TYR B 412 27.24 5.38 -26.98
CA TYR B 412 26.72 5.50 -28.34
C TYR B 412 25.41 4.74 -28.45
N MET B 413 24.49 5.28 -29.26
CA MET B 413 23.19 4.69 -29.44
C MET B 413 22.87 4.59 -30.93
N LYS B 414 22.50 3.38 -31.37
CA LYS B 414 22.07 3.21 -32.75
C LYS B 414 20.66 3.74 -32.97
N TYR B 415 19.81 3.67 -31.95
CA TYR B 415 18.43 4.13 -32.05
C TYR B 415 18.26 5.42 -31.26
N PRO B 416 17.99 6.56 -31.91
CA PRO B 416 17.67 7.77 -31.14
C PRO B 416 16.44 7.60 -30.28
N VAL B 417 15.46 6.82 -30.71
CA VAL B 417 14.25 6.54 -29.95
C VAL B 417 14.09 5.02 -29.86
N TRP B 418 13.68 4.55 -28.69
CA TRP B 418 13.47 3.12 -28.50
C TRP B 418 12.36 2.64 -29.44
N PRO B 419 12.56 1.51 -30.14
CA PRO B 419 11.55 1.10 -31.12
C PRO B 419 10.25 0.64 -30.50
N ARG B 420 10.31 -0.12 -29.41
CA ARG B 420 9.13 -0.70 -28.77
C ARG B 420 8.31 -1.51 -29.78
N TYR B 421 9.00 -2.45 -30.44
CA TYR B 421 8.40 -3.25 -31.49
C TYR B 421 7.47 -4.31 -30.88
N SER B 422 6.84 -5.08 -31.76
CA SER B 422 5.93 -6.13 -31.33
C SER B 422 5.90 -7.28 -32.34
N ASP B 430 -6.09 -4.90 -24.82
CA ASP B 430 -5.63 -3.85 -23.91
C ASP B 430 -4.15 -3.57 -24.12
N SER B 431 -3.76 -2.32 -23.91
CA SER B 431 -2.38 -1.88 -24.11
C SER B 431 -2.17 -0.57 -23.38
N ARG B 432 -0.95 -0.05 -23.47
CA ARG B 432 -0.60 1.24 -22.87
C ARG B 432 0.37 1.93 -23.81
N HIS B 433 1.02 2.99 -23.30
CA HIS B 433 2.02 3.75 -24.05
C HIS B 433 1.43 4.30 -25.36
N LEU B 434 0.48 5.22 -25.18
CA LEU B 434 -0.14 5.92 -26.29
C LEU B 434 0.68 7.17 -26.62
N THR B 435 0.75 7.49 -27.91
CA THR B 435 1.53 8.62 -28.38
C THR B 435 0.71 9.91 -28.36
N VAL B 436 1.41 11.02 -28.14
CA VAL B 436 0.79 12.32 -27.88
C VAL B 436 1.51 13.38 -28.71
N ALA B 437 0.75 14.37 -29.16
CA ALA B 437 1.31 15.46 -29.96
C ALA B 437 0.84 16.81 -29.43
N THR B 438 1.75 17.78 -29.44
CA THR B 438 1.47 19.17 -29.10
C THR B 438 2.22 20.05 -30.09
N LEU B 439 2.00 21.36 -30.01
CA LEU B 439 2.80 22.28 -30.82
C LEU B 439 2.68 23.71 -30.30
N GLU B 440 3.84 24.32 -30.01
CA GLU B 440 4.11 25.76 -30.01
C GLU B 440 2.98 26.66 -29.54
N GLU B 441 2.28 26.29 -28.49
CA GLU B 441 1.33 27.20 -27.84
C GLU B 441 2.13 28.02 -26.83
N ARG B 442 2.44 29.26 -27.19
CA ARG B 442 3.44 30.04 -26.46
C ARG B 442 3.22 30.12 -24.95
N PRO B 443 2.01 30.38 -24.44
CA PRO B 443 1.82 30.34 -22.99
C PRO B 443 1.47 28.96 -22.43
N PHE B 444 1.22 27.98 -23.30
CA PHE B 444 0.74 26.67 -22.86
C PHE B 444 1.82 25.59 -22.98
N VAL B 445 2.44 25.46 -24.15
CA VAL B 445 3.53 24.53 -24.35
C VAL B 445 4.69 25.27 -25.00
N ILE B 446 5.87 25.20 -24.38
CA ILE B 446 7.04 25.96 -24.80
C ILE B 446 8.12 24.97 -25.21
N VAL B 447 8.71 25.20 -26.39
CA VAL B 447 9.78 24.36 -26.92
C VAL B 447 11.08 25.13 -26.82
N GLU B 448 12.12 24.47 -26.32
CA GLU B 448 13.43 25.10 -26.16
C GLU B 448 14.51 24.06 -26.42
N SER B 449 15.78 24.50 -26.33
CA SER B 449 17.00 23.73 -26.52
C SER B 449 17.34 22.92 -25.27
N PRO B 450 18.03 21.79 -25.42
CA PRO B 450 18.43 21.00 -24.25
C PRO B 450 19.58 21.62 -23.48
N ASP B 451 20.09 20.90 -22.48
CA ASP B 451 21.19 21.41 -21.67
C ASP B 451 22.44 21.61 -22.53
N PRO B 452 23.25 22.63 -22.22
CA PRO B 452 24.41 22.92 -23.07
C PRO B 452 25.41 21.78 -23.17
N GLY B 453 25.62 21.01 -22.10
CA GLY B 453 26.62 19.97 -22.12
C GLY B 453 26.10 18.59 -21.76
N THR B 454 24.99 18.53 -21.00
CA THR B 454 24.50 17.25 -20.52
C THR B 454 23.60 16.57 -21.55
N GLY B 455 22.64 17.29 -22.10
CA GLY B 455 21.64 16.76 -22.98
C GLY B 455 20.32 16.44 -22.29
N GLY B 456 20.38 15.87 -21.09
CA GLY B 456 19.18 15.70 -20.29
C GLY B 456 18.66 17.03 -19.82
N CYS B 457 17.40 17.33 -20.15
CA CYS B 457 16.85 18.66 -19.89
C CYS B 457 16.61 18.86 -18.40
N VAL B 458 16.11 20.04 -18.06
CA VAL B 458 15.86 20.46 -16.68
C VAL B 458 14.81 19.54 -16.06
N PRO B 459 14.89 19.24 -14.77
CA PRO B 459 13.81 18.48 -14.12
C PRO B 459 12.48 19.22 -14.23
N ASN B 460 11.40 18.43 -14.23
CA ASN B 460 10.04 18.91 -14.47
C ASN B 460 9.92 19.49 -15.89
N THR B 461 10.46 18.73 -16.85
CA THR B 461 10.37 19.09 -18.26
C THR B 461 10.47 17.83 -19.11
N VAL B 462 9.48 17.60 -19.97
CA VAL B 462 9.35 16.36 -20.72
C VAL B 462 10.07 16.51 -22.05
N PRO B 463 10.96 15.59 -22.41
CA PRO B 463 11.60 15.67 -23.74
C PRO B 463 10.57 15.45 -24.84
N CYS B 464 10.82 16.08 -25.99
CA CYS B 464 9.87 16.02 -27.11
C CYS B 464 10.68 16.10 -28.40
N ARG B 465 10.86 14.96 -29.05
CA ARG B 465 11.60 14.87 -30.30
C ARG B 465 10.64 15.10 -31.46
N ARG B 466 10.69 16.29 -32.05
CA ARG B 466 9.79 16.62 -33.15
C ARG B 466 10.13 15.79 -34.38
N GLN B 467 9.11 15.50 -35.19
CA GLN B 467 9.28 14.73 -36.42
C GLN B 467 9.36 15.71 -37.58
N SER B 468 10.55 15.81 -38.17
CA SER B 468 10.79 16.71 -39.30
C SER B 468 11.04 15.92 -40.59
N ASN B 469 10.39 14.77 -40.73
CA ASN B 469 10.53 13.92 -41.90
C ASN B 469 9.67 14.50 -43.03
N HIS B 470 10.10 15.65 -43.54
CA HIS B 470 9.39 16.32 -44.62
C HIS B 470 9.44 15.53 -45.93
N THR B 471 10.45 14.68 -46.10
CA THR B 471 10.58 13.89 -47.31
C THR B 471 11.17 12.52 -46.95
N PHE B 472 10.48 11.47 -47.38
CA PHE B 472 10.94 10.11 -47.16
C PHE B 472 11.08 9.29 -48.44
N SER B 473 10.50 9.76 -49.56
CA SER B 473 10.64 9.04 -50.81
C SER B 473 12.10 9.02 -51.28
N SER B 474 12.80 10.14 -51.14
CA SER B 474 14.19 10.24 -51.57
C SER B 474 15.08 10.81 -50.47
N GLY B 475 14.65 10.69 -49.21
CA GLY B 475 15.44 11.16 -48.10
C GLY B 475 15.69 10.05 -47.08
N ASP B 476 16.93 9.92 -46.63
CA ASP B 476 17.28 8.81 -45.74
C ASP B 476 16.73 9.06 -44.34
N VAL B 477 17.20 10.10 -43.66
CA VAL B 477 16.77 10.40 -42.31
C VAL B 477 17.18 11.83 -41.97
N ALA B 478 16.29 12.53 -41.25
CA ALA B 478 16.58 13.87 -40.74
C ALA B 478 16.89 13.79 -39.25
N PRO B 479 18.05 14.26 -38.81
CA PRO B 479 18.37 14.21 -37.31
C PRO B 479 17.31 14.83 -36.40
N TYR B 480 16.67 13.98 -35.61
CA TYR B 480 15.60 14.40 -34.70
C TYR B 480 16.24 14.98 -33.45
N THR B 481 16.35 16.31 -33.42
CA THR B 481 16.95 16.99 -32.28
C THR B 481 16.12 16.75 -31.02
N LYS B 482 16.80 16.43 -29.93
CA LYS B 482 16.15 16.13 -28.66
C LYS B 482 15.83 17.45 -27.96
N LEU B 483 14.64 17.98 -28.22
CA LEU B 483 14.16 19.16 -27.50
C LEU B 483 13.30 18.72 -26.33
N CYS B 484 13.11 19.64 -25.39
CA CYS B 484 12.31 19.38 -24.20
C CYS B 484 11.21 20.42 -24.10
N CYS B 485 9.98 19.97 -23.88
CA CYS B 485 8.82 20.83 -23.79
C CYS B 485 8.41 21.01 -22.33
N LYS B 486 7.91 22.20 -22.01
CA LYS B 486 7.43 22.49 -20.67
C LYS B 486 6.37 23.58 -20.74
N GLY B 487 5.39 23.49 -19.86
CA GLY B 487 4.34 24.48 -19.81
C GLY B 487 3.12 23.93 -19.08
N PHE B 488 1.95 24.45 -19.48
CA PHE B 488 0.68 24.16 -18.81
C PHE B 488 0.10 22.81 -19.25
N CYS B 489 -0.12 22.65 -20.55
CA CYS B 489 -0.69 21.40 -21.06
C CYS B 489 0.23 20.23 -20.79
N ILE B 490 1.54 20.47 -20.80
CA ILE B 490 2.48 19.39 -20.49
C ILE B 490 2.31 18.97 -19.03
N ASP B 491 2.11 19.93 -18.13
CA ASP B 491 1.91 19.57 -16.73
C ASP B 491 0.59 18.81 -16.56
N ILE B 492 -0.46 19.22 -17.27
CA ILE B 492 -1.72 18.48 -17.23
C ILE B 492 -1.51 17.05 -17.72
N LEU B 493 -0.71 16.89 -18.78
CA LEU B 493 -0.39 15.55 -19.27
C LEU B 493 0.36 14.74 -18.23
N LYS B 494 1.29 15.37 -17.51
CA LYS B 494 2.02 14.69 -16.45
C LYS B 494 1.07 14.20 -15.36
N LYS B 495 0.13 15.06 -14.97
CA LYS B 495 -0.85 14.66 -13.96
C LYS B 495 -1.70 13.50 -14.45
N LEU B 496 -2.12 13.55 -15.72
CA LEU B 496 -2.92 12.47 -16.27
C LEU B 496 -2.13 11.16 -16.29
N ALA B 497 -0.85 11.24 -16.62
CA ALA B 497 0.00 10.04 -16.59
C ALA B 497 0.11 9.48 -15.18
N ARG B 498 0.27 10.36 -14.19
CA ARG B 498 0.35 9.89 -12.80
C ARG B 498 -0.95 9.25 -12.36
N VAL B 499 -2.08 9.82 -12.76
CA VAL B 499 -3.38 9.35 -12.25
C VAL B 499 -3.83 8.09 -12.98
N VAL B 500 -4.01 8.17 -14.30
CA VAL B 500 -4.63 7.09 -15.04
C VAL B 500 -3.63 6.05 -15.56
N LYS B 501 -2.35 6.17 -15.20
CA LYS B 501 -1.35 5.13 -15.44
C LYS B 501 -1.22 4.86 -16.95
N PHE B 502 -0.60 5.83 -17.62
CA PHE B 502 -0.21 5.58 -19.01
C PHE B 502 1.16 6.18 -19.32
N SER B 503 1.74 5.75 -20.44
CA SER B 503 3.02 6.27 -20.90
C SER B 503 2.81 7.02 -22.21
N TYR B 504 3.77 7.87 -22.56
CA TYR B 504 3.60 8.78 -23.69
C TYR B 504 4.95 9.13 -24.28
N ASP B 505 4.91 9.78 -25.44
CA ASP B 505 6.11 10.32 -26.07
C ASP B 505 5.69 11.47 -26.97
N LEU B 506 5.97 12.69 -26.54
CA LEU B 506 5.57 13.87 -27.30
C LEU B 506 6.32 13.94 -28.63
N TYR B 507 5.66 14.50 -29.63
CA TYR B 507 6.31 14.79 -30.91
C TYR B 507 5.49 15.87 -31.61
N LEU B 508 6.17 16.89 -32.10
CA LEU B 508 5.46 18.01 -32.72
C LEU B 508 5.02 17.64 -34.13
N VAL B 509 4.02 18.37 -34.62
CA VAL B 509 3.48 18.18 -35.96
C VAL B 509 4.01 19.30 -36.86
N THR B 510 4.11 18.99 -38.15
CA THR B 510 4.68 19.92 -39.12
C THR B 510 3.84 19.97 -40.39
N ASN B 511 2.53 19.78 -40.27
CA ASN B 511 1.61 19.86 -41.40
C ASN B 511 0.41 20.70 -40.96
N GLY B 512 0.54 22.02 -41.11
CA GLY B 512 -0.50 22.93 -40.68
C GLY B 512 -0.42 23.25 -39.19
N LYS B 513 -1.18 24.25 -38.78
CA LYS B 513 -1.14 24.68 -37.39
C LYS B 513 -2.01 23.80 -36.51
N HIS B 514 -3.32 23.81 -36.73
CA HIS B 514 -4.25 22.99 -35.97
C HIS B 514 -5.12 22.12 -36.85
N GLY B 515 -5.54 22.63 -38.01
CA GLY B 515 -6.28 21.82 -38.96
C GLY B 515 -7.36 22.57 -39.70
N LYS B 516 -7.32 22.48 -41.03
CA LYS B 516 -8.35 23.05 -41.89
C LYS B 516 -8.29 22.27 -43.20
N ARG B 517 -9.24 21.36 -43.39
CA ARG B 517 -9.14 20.42 -44.51
C ARG B 517 -9.13 21.16 -45.84
N VAL B 518 -8.18 20.78 -46.69
CA VAL B 518 -8.06 21.37 -48.03
C VAL B 518 -8.70 20.39 -49.00
N ARG B 519 -10.00 20.57 -49.22
CA ARG B 519 -10.78 19.79 -50.18
C ARG B 519 -10.75 18.29 -49.82
N GLY B 520 -11.18 18.00 -48.60
CA GLY B 520 -11.43 16.64 -48.17
C GLY B 520 -10.34 16.00 -47.33
N VAL B 521 -9.13 16.53 -47.33
CA VAL B 521 -8.04 15.99 -46.55
C VAL B 521 -7.68 16.97 -45.45
N TRP B 522 -7.67 16.48 -44.22
CA TRP B 522 -7.39 17.33 -43.06
C TRP B 522 -5.89 17.56 -42.90
N ASN B 523 -5.54 18.32 -41.86
CA ASN B 523 -4.15 18.63 -41.57
C ASN B 523 -4.02 18.90 -40.08
N GLY B 524 -2.79 19.10 -39.65
CA GLY B 524 -2.55 19.49 -38.26
C GLY B 524 -2.99 18.42 -37.28
N MET B 525 -3.52 18.89 -36.15
CA MET B 525 -3.81 18.01 -35.03
C MET B 525 -4.99 17.09 -35.36
N ILE B 526 -6.06 17.66 -35.91
CA ILE B 526 -7.26 16.88 -36.19
C ILE B 526 -6.98 15.85 -37.28
N GLY B 527 -6.26 16.25 -38.33
CA GLY B 527 -5.87 15.30 -39.35
C GLY B 527 -4.94 14.22 -38.80
N GLU B 528 -4.06 14.60 -37.88
CA GLU B 528 -3.18 13.63 -37.24
C GLU B 528 -3.97 12.58 -36.48
N VAL B 529 -4.98 13.01 -35.73
CA VAL B 529 -5.79 12.06 -34.96
C VAL B 529 -6.64 11.20 -35.89
N TYR B 530 -7.21 11.81 -36.94
CA TYR B 530 -8.17 11.12 -37.79
C TYR B 530 -7.55 9.94 -38.51
N TYR B 531 -6.32 10.11 -39.02
CA TYR B 531 -5.67 9.06 -39.80
C TYR B 531 -4.97 8.03 -38.93
N LYS B 532 -5.32 7.96 -37.64
CA LYS B 532 -4.92 6.88 -36.75
C LYS B 532 -3.40 6.75 -36.61
N ARG B 533 -2.68 7.86 -36.71
CA ARG B 533 -1.25 7.84 -36.45
C ARG B 533 -0.92 8.25 -35.01
N ALA B 534 -1.88 8.80 -34.27
CA ALA B 534 -1.66 9.16 -32.88
C ALA B 534 -2.94 8.92 -32.10
N ASP B 535 -2.80 8.44 -30.86
CA ASP B 535 -3.96 8.14 -30.03
C ASP B 535 -4.56 9.40 -29.40
N MET B 536 -3.73 10.37 -29.04
CA MET B 536 -4.17 11.51 -28.25
C MET B 536 -3.58 12.79 -28.84
N ALA B 537 -4.30 13.90 -28.65
CA ALA B 537 -3.80 15.21 -29.05
C ALA B 537 -4.17 16.27 -28.02
N ILE B 538 -3.17 16.97 -27.49
CA ILE B 538 -3.38 17.94 -26.43
C ILE B 538 -2.64 19.22 -26.80
N GLY B 539 -3.18 20.35 -26.39
CA GLY B 539 -2.58 21.63 -26.65
C GLY B 539 -3.64 22.72 -26.58
N SER B 540 -3.57 23.65 -27.53
CA SER B 540 -4.56 24.71 -27.67
C SER B 540 -5.50 24.29 -28.80
N LEU B 541 -6.46 23.43 -28.46
CA LEU B 541 -7.39 22.87 -29.42
C LEU B 541 -8.81 23.28 -29.04
N THR B 542 -9.49 23.98 -29.94
CA THR B 542 -10.84 24.45 -29.70
C THR B 542 -11.85 23.42 -30.20
N ILE B 543 -13.02 23.40 -29.56
CA ILE B 543 -14.09 22.48 -29.90
C ILE B 543 -15.03 23.18 -30.87
N ASN B 544 -15.37 22.52 -31.97
CA ASN B 544 -16.30 23.05 -32.95
C ASN B 544 -17.29 21.96 -33.30
N GLU B 545 -18.29 22.30 -34.12
CA GLU B 545 -19.16 21.30 -34.71
C GLU B 545 -18.62 20.77 -36.04
N GLU B 546 -17.60 21.42 -36.60
CA GLU B 546 -17.02 20.94 -37.84
C GLU B 546 -16.10 19.75 -37.60
N ARG B 547 -15.34 19.76 -36.50
CA ARG B 547 -14.38 18.71 -36.23
C ARG B 547 -14.77 17.79 -35.09
N SER B 548 -15.85 18.09 -34.35
CA SER B 548 -16.27 17.18 -33.30
C SER B 548 -17.00 15.96 -33.84
N GLU B 549 -17.50 16.02 -35.08
CA GLU B 549 -18.11 14.86 -35.71
C GLU B 549 -17.09 13.88 -36.24
N ILE B 550 -15.83 14.27 -36.34
CA ILE B 550 -14.76 13.42 -36.86
C ILE B 550 -13.98 12.76 -35.74
N VAL B 551 -13.56 13.53 -34.74
CA VAL B 551 -12.80 12.99 -33.62
C VAL B 551 -13.63 13.06 -32.36
N ASP B 552 -13.11 12.53 -31.26
CA ASP B 552 -13.80 12.53 -29.98
C ASP B 552 -13.10 13.49 -29.03
N PHE B 553 -13.86 14.42 -28.46
CA PHE B 553 -13.33 15.41 -27.55
C PHE B 553 -13.64 15.03 -26.11
N SER B 554 -12.95 15.69 -25.19
CA SER B 554 -13.18 15.53 -23.77
C SER B 554 -13.81 16.77 -23.18
N VAL B 555 -14.05 16.72 -21.87
CA VAL B 555 -14.66 17.88 -21.19
C VAL B 555 -13.69 19.05 -21.24
N PRO B 556 -14.17 20.27 -21.46
CA PRO B 556 -13.26 21.43 -21.45
C PRO B 556 -12.63 21.63 -20.09
N PHE B 557 -11.36 22.03 -20.09
CA PHE B 557 -10.65 22.35 -18.87
C PHE B 557 -10.16 23.79 -18.82
N VAL B 558 -10.26 24.54 -19.93
CA VAL B 558 -10.04 25.98 -19.95
C VAL B 558 -11.20 26.62 -20.71
N GLU B 559 -11.61 27.80 -20.29
CA GLU B 559 -12.69 28.51 -20.96
C GLU B 559 -12.12 29.51 -21.95
N THR B 560 -12.50 29.37 -23.22
CA THR B 560 -11.99 30.23 -24.28
C THR B 560 -13.16 30.85 -25.04
N GLY B 561 -12.84 31.47 -26.16
CA GLY B 561 -13.84 32.10 -27.00
C GLY B 561 -13.24 32.92 -28.14
N ILE B 562 -13.80 34.10 -28.38
CA ILE B 562 -13.31 35.03 -29.39
C ILE B 562 -13.32 36.44 -28.81
N SER B 563 -12.22 37.16 -28.96
CA SER B 563 -12.08 38.48 -28.37
C SER B 563 -11.48 39.44 -29.39
N VAL B 564 -11.72 40.73 -29.15
CA VAL B 564 -11.28 41.81 -30.04
C VAL B 564 -10.43 42.77 -29.22
N MET B 565 -9.12 42.75 -29.44
CA MET B 565 -8.21 43.65 -28.76
C MET B 565 -8.00 44.92 -29.59
N VAL B 566 -7.94 46.06 -28.92
CA VAL B 566 -7.77 47.34 -29.59
C VAL B 566 -6.40 47.91 -29.24
N ALA B 567 -6.07 49.04 -29.86
CA ALA B 567 -4.72 49.61 -29.74
C ALA B 567 -4.41 50.01 -28.31
N ARG B 568 -5.12 51.00 -27.78
CA ARG B 568 -4.85 51.53 -26.45
C ARG B 568 -6.07 52.33 -26.01
N SER B 569 -5.91 53.06 -24.91
CA SER B 569 -6.99 53.90 -24.38
C SER B 569 -6.69 55.38 -24.60
N ASP B 689 -14.23 52.05 -24.64
CA ASP B 689 -14.16 51.22 -25.83
C ASP B 689 -14.64 51.98 -27.06
N THR B 690 -14.27 51.47 -28.24
CA THR B 690 -14.66 52.08 -29.50
C THR B 690 -15.57 51.22 -30.35
N VAL B 691 -15.59 49.90 -30.12
CA VAL B 691 -16.38 48.98 -30.93
C VAL B 691 -17.15 48.05 -29.99
N SER B 692 -18.44 47.87 -30.31
CA SER B 692 -19.34 47.08 -29.47
C SER B 692 -19.34 45.60 -29.83
N GLY B 693 -18.31 45.13 -30.52
CA GLY B 693 -18.21 43.71 -30.83
C GLY B 693 -18.43 43.39 -32.30
N LEU B 694 -19.06 42.26 -32.57
CA LEU B 694 -19.32 41.81 -33.93
C LEU B 694 -20.64 42.32 -34.49
N SER B 695 -21.37 43.12 -33.71
CA SER B 695 -22.63 43.70 -34.17
C SER B 695 -22.49 45.15 -34.60
N ASP B 696 -21.33 45.77 -34.40
CA ASP B 696 -21.15 47.17 -34.79
C ASP B 696 -21.18 47.31 -36.31
N LYS B 697 -21.78 48.41 -36.77
CA LYS B 697 -21.87 48.67 -38.20
C LYS B 697 -20.50 48.88 -38.81
N LYS B 698 -19.52 49.33 -38.02
CA LYS B 698 -18.17 49.51 -38.54
C LYS B 698 -17.61 48.18 -39.04
N PHE B 699 -17.69 47.14 -38.22
CA PHE B 699 -17.30 45.81 -38.67
C PHE B 699 -18.31 45.26 -39.67
N GLN B 700 -19.60 45.33 -39.34
CA GLN B 700 -20.62 44.68 -40.14
C GLN B 700 -20.74 45.31 -41.52
N ARG B 701 -20.47 46.61 -41.64
CA ARG B 701 -20.51 47.31 -42.92
C ARG B 701 -19.14 47.91 -43.22
N PRO B 702 -18.30 47.25 -44.01
CA PRO B 702 -16.99 47.81 -44.38
C PRO B 702 -17.05 48.79 -45.54
N GLN B 703 -17.71 49.93 -45.29
CA GLN B 703 -17.85 50.97 -46.31
C GLN B 703 -17.67 52.36 -45.74
N ASP B 704 -16.90 52.47 -44.65
CA ASP B 704 -16.70 53.74 -43.98
C ASP B 704 -15.58 54.55 -44.63
N GLN B 705 -15.71 55.88 -44.57
CA GLN B 705 -14.65 56.75 -45.07
C GLN B 705 -13.36 56.55 -44.27
N TYR B 706 -13.48 56.45 -42.95
CA TYR B 706 -12.39 55.99 -42.11
C TYR B 706 -12.63 54.52 -41.82
N PRO B 707 -12.10 53.62 -42.64
CA PRO B 707 -12.48 52.20 -42.59
C PRO B 707 -11.67 51.43 -41.56
N PRO B 708 -12.14 51.31 -40.31
CA PRO B 708 -11.38 50.53 -39.33
C PRO B 708 -11.17 49.11 -39.84
N PHE B 709 -9.91 48.78 -40.15
CA PHE B 709 -9.62 47.67 -41.03
C PHE B 709 -8.64 46.70 -40.39
N ARG B 710 -8.59 45.51 -40.98
CA ARG B 710 -7.52 44.53 -40.73
C ARG B 710 -7.45 44.13 -39.26
N PHE B 711 -8.53 43.50 -38.80
CA PHE B 711 -8.39 42.66 -37.62
C PHE B 711 -7.56 41.44 -38.00
N GLY B 712 -6.67 41.03 -37.10
CA GLY B 712 -5.66 40.04 -37.43
C GLY B 712 -6.22 38.78 -38.07
N THR B 713 -6.94 37.98 -37.29
CA THR B 713 -7.61 36.77 -37.78
C THR B 713 -6.65 35.96 -38.65
N VAL B 714 -5.62 35.43 -38.00
CA VAL B 714 -4.59 34.67 -38.69
C VAL B 714 -5.29 33.64 -39.57
N PRO B 715 -4.94 33.54 -40.85
CA PRO B 715 -5.73 32.72 -41.76
C PRO B 715 -5.68 31.26 -41.37
N ASN B 716 -6.69 30.52 -41.78
CA ASN B 716 -6.57 29.07 -41.90
C ASN B 716 -6.18 28.45 -40.57
N GLY B 717 -6.95 28.86 -39.55
CA GLY B 717 -6.96 28.38 -38.19
C GLY B 717 -8.37 27.99 -37.79
N SER B 718 -8.91 28.58 -36.72
CA SER B 718 -10.24 28.23 -36.23
C SER B 718 -11.27 29.33 -36.35
N THR B 719 -10.98 30.53 -35.82
CA THR B 719 -11.98 31.60 -35.84
C THR B 719 -12.31 32.05 -37.26
N GLU B 720 -11.39 31.85 -38.19
CA GLU B 720 -11.66 32.14 -39.59
C GLU B 720 -12.82 31.30 -40.11
N ARG B 721 -12.93 30.04 -39.66
CA ARG B 721 -14.06 29.21 -40.06
C ARG B 721 -15.37 29.81 -39.58
N ASN B 722 -15.41 30.28 -38.32
CA ASN B 722 -16.62 30.90 -37.80
C ASN B 722 -16.99 32.14 -38.60
N ILE B 723 -16.00 32.99 -38.90
CA ILE B 723 -16.28 34.21 -39.64
C ILE B 723 -16.81 33.88 -41.04
N ARG B 724 -16.13 32.96 -41.73
CA ARG B 724 -16.53 32.60 -43.09
C ARG B 724 -17.85 31.85 -43.12
N SER B 725 -18.26 31.24 -42.01
CA SER B 725 -19.52 30.51 -41.98
C SER B 725 -20.69 31.43 -41.68
N ASN B 726 -20.54 32.32 -40.70
CA ASN B 726 -21.67 33.13 -40.27
C ASN B 726 -21.91 34.31 -41.21
N TYR B 727 -20.95 35.22 -41.29
CA TYR B 727 -21.10 36.46 -42.07
C TYR B 727 -19.95 36.54 -43.06
N ARG B 728 -20.28 36.43 -44.35
CA ARG B 728 -19.24 36.36 -45.37
C ARG B 728 -18.69 37.73 -45.75
N ASP B 729 -19.31 38.82 -45.30
CA ASP B 729 -18.90 40.14 -45.78
C ASP B 729 -17.58 40.58 -45.15
N MET B 730 -17.38 40.33 -43.85
CA MET B 730 -16.05 40.58 -43.30
C MET B 730 -15.01 39.72 -43.99
N HIS B 731 -15.29 38.42 -44.13
CA HIS B 731 -14.34 37.51 -44.75
C HIS B 731 -13.99 37.94 -46.16
N THR B 732 -14.92 38.58 -46.87
CA THR B 732 -14.61 39.16 -48.17
C THR B 732 -13.72 40.38 -48.02
N HIS B 733 -14.08 41.29 -47.11
CA HIS B 733 -13.28 42.49 -46.93
C HIS B 733 -11.96 42.19 -46.23
N MET B 734 -11.95 41.20 -45.35
CA MET B 734 -10.80 41.00 -44.47
C MET B 734 -9.68 40.30 -45.25
N VAL B 735 -8.77 41.08 -45.82
CA VAL B 735 -7.63 40.52 -46.55
C VAL B 735 -6.30 41.06 -46.07
N LYS B 736 -6.29 42.16 -45.31
CA LYS B 736 -5.05 42.70 -44.77
C LYS B 736 -4.71 42.04 -43.44
N PHE B 737 -4.67 40.72 -43.43
CA PHE B 737 -4.44 39.96 -42.21
C PHE B 737 -2.95 39.93 -41.87
N ASN B 738 -2.58 39.07 -40.91
CA ASN B 738 -1.20 38.83 -40.54
C ASN B 738 -0.78 37.44 -40.98
N GLN B 739 0.45 37.33 -41.49
CA GLN B 739 0.99 36.07 -41.94
C GLN B 739 1.68 35.27 -40.83
N ARG B 740 1.77 35.84 -39.63
CA ARG B 740 2.43 35.19 -38.51
C ARG B 740 1.46 35.11 -37.33
N SER B 741 1.99 34.70 -36.18
CA SER B 741 1.17 34.49 -35.00
C SER B 741 0.89 35.83 -34.32
N VAL B 742 0.35 35.77 -33.10
CA VAL B 742 0.02 36.98 -32.34
C VAL B 742 1.27 37.80 -32.07
N GLU B 743 2.44 37.14 -32.02
CA GLU B 743 3.67 37.86 -31.70
C GLU B 743 3.96 38.95 -32.73
N ASP B 744 3.81 38.63 -34.02
CA ASP B 744 4.01 39.66 -35.04
C ASP B 744 2.83 40.61 -35.10
N ALA B 745 1.62 40.11 -34.86
CA ALA B 745 0.43 40.94 -34.95
C ALA B 745 0.44 42.04 -33.89
N LEU B 746 0.87 41.71 -32.67
CA LEU B 746 0.88 42.71 -31.61
C LEU B 746 1.87 43.83 -31.90
N THR B 747 3.06 43.49 -32.42
CA THR B 747 4.02 44.53 -32.79
C THR B 747 3.54 45.34 -33.99
N SER B 748 2.87 44.68 -34.94
CA SER B 748 2.30 45.42 -36.07
C SER B 748 1.24 46.41 -35.60
N LEU B 749 0.40 45.99 -34.66
CA LEU B 749 -0.59 46.90 -34.07
C LEU B 749 0.08 48.05 -33.34
N LYS B 750 1.12 47.75 -32.56
CA LYS B 750 1.83 48.80 -31.84
C LYS B 750 2.49 49.78 -32.80
N MET B 751 2.92 49.30 -33.96
CA MET B 751 3.52 50.17 -34.98
C MET B 751 2.49 50.96 -35.76
N GLY B 752 1.21 50.64 -35.64
CA GLY B 752 0.16 51.37 -36.33
C GLY B 752 -0.31 50.75 -37.63
N LYS B 753 0.10 49.52 -37.95
CA LYS B 753 -0.35 48.89 -39.18
C LYS B 753 -1.86 48.63 -39.14
N LEU B 754 -2.35 48.09 -38.03
CA LEU B 754 -3.76 47.79 -37.86
C LEU B 754 -4.17 48.17 -36.44
N ASP B 755 -5.44 48.52 -36.27
CA ASP B 755 -5.95 49.03 -35.00
C ASP B 755 -6.82 48.04 -34.26
N ALA B 756 -7.09 46.87 -34.84
CA ALA B 756 -7.95 45.88 -34.20
C ALA B 756 -7.37 44.49 -34.43
N PHE B 757 -7.48 43.64 -33.41
CA PHE B 757 -7.04 42.25 -33.50
C PHE B 757 -8.17 41.35 -33.03
N ILE B 758 -8.53 40.36 -33.84
CA ILE B 758 -9.59 39.41 -33.53
C ILE B 758 -8.99 38.02 -33.48
N TYR B 759 -9.01 37.40 -32.30
CA TYR B 759 -8.38 36.11 -32.09
C TYR B 759 -9.01 35.47 -30.85
N ASP B 760 -8.38 34.42 -30.32
CA ASP B 760 -8.94 33.68 -29.20
C ASP B 760 -9.02 34.55 -27.96
N ALA B 761 -9.55 33.99 -26.88
CA ALA B 761 -9.75 34.74 -25.65
C ALA B 761 -8.59 34.54 -24.67
N ALA B 762 -8.22 33.28 -24.41
CA ALA B 762 -7.21 33.02 -23.39
C ALA B 762 -5.84 33.59 -23.78
N VAL B 763 -5.42 33.33 -25.03
CA VAL B 763 -4.10 33.78 -25.46
C VAL B 763 -4.02 35.29 -25.52
N LEU B 764 -5.08 35.95 -26.02
CA LEU B 764 -5.09 37.41 -26.05
C LEU B 764 -5.10 38.00 -24.65
N ASN B 765 -5.87 37.40 -23.74
CA ASN B 765 -5.87 37.88 -22.37
C ASN B 765 -4.49 37.74 -21.75
N TYR B 766 -3.80 36.63 -22.00
CA TYR B 766 -2.46 36.45 -21.46
C TYR B 766 -1.50 37.46 -22.05
N MET B 767 -1.58 37.69 -23.37
CA MET B 767 -0.73 38.69 -24.01
C MET B 767 -0.94 40.07 -23.39
N ALA B 768 -2.21 40.46 -23.19
CA ALA B 768 -2.49 41.74 -22.56
C ALA B 768 -2.01 41.79 -21.11
N GLY B 769 -2.01 40.66 -20.41
CA GLY B 769 -1.57 40.63 -19.03
C GLY B 769 -0.06 40.71 -18.86
N LYS B 770 0.68 40.32 -19.89
CA LYS B 770 2.15 40.32 -19.86
C LYS B 770 2.63 41.29 -20.93
N ASP B 771 2.77 42.56 -20.53
CA ASP B 771 3.19 43.60 -21.46
C ASP B 771 3.70 44.80 -20.66
N GLU B 772 4.68 45.49 -21.22
CA GLU B 772 5.11 46.76 -20.65
C GLU B 772 3.99 47.78 -20.80
N GLY B 773 3.67 48.47 -19.70
CA GLY B 773 2.44 49.24 -19.70
C GLY B 773 1.26 48.30 -19.85
N CYS B 774 0.38 48.60 -20.79
CA CYS B 774 -0.76 47.72 -21.05
C CYS B 774 -1.39 48.08 -22.38
N LYS B 775 -1.77 47.05 -23.13
CA LYS B 775 -2.66 47.19 -24.27
C LYS B 775 -3.99 46.54 -23.93
N LEU B 776 -5.06 47.34 -24.00
CA LEU B 776 -6.35 46.96 -23.45
C LEU B 776 -7.22 46.31 -24.51
N VAL B 777 -7.79 45.16 -24.16
CA VAL B 777 -8.83 44.55 -24.97
C VAL B 777 -10.17 45.22 -24.65
N THR B 778 -11.16 44.97 -25.50
CA THR B 778 -12.51 45.45 -25.22
C THR B 778 -13.02 44.82 -23.92
N ILE B 779 -14.21 45.28 -23.49
CA ILE B 779 -14.72 44.95 -22.16
C ILE B 779 -14.66 43.46 -21.93
N GLY B 780 -13.85 43.04 -20.95
CA GLY B 780 -13.47 41.64 -20.85
C GLY B 780 -14.61 40.71 -20.52
N SER B 781 -15.49 41.13 -19.61
CA SER B 781 -16.63 40.29 -19.23
C SER B 781 -17.54 40.03 -20.43
N GLY B 782 -17.65 40.98 -21.35
CA GLY B 782 -18.38 40.81 -22.57
C GLY B 782 -17.54 40.53 -23.80
N LYS B 783 -16.23 40.33 -23.64
CA LYS B 783 -15.32 40.11 -24.75
C LYS B 783 -15.15 38.65 -25.10
N VAL B 784 -16.04 37.78 -24.64
CA VAL B 784 -15.97 36.35 -24.91
C VAL B 784 -17.15 36.02 -25.81
N PHE B 785 -16.93 36.04 -27.11
CA PHE B 785 -17.95 35.74 -28.11
C PHE B 785 -17.77 34.31 -28.59
N ALA B 786 -18.88 33.62 -28.82
CA ALA B 786 -18.87 32.21 -29.24
C ALA B 786 -18.09 31.36 -28.24
N THR B 787 -18.59 31.35 -27.00
CA THR B 787 -17.90 30.69 -25.90
C THR B 787 -17.71 29.20 -26.20
N THR B 788 -16.50 28.72 -25.96
CA THR B 788 -16.18 27.30 -26.07
C THR B 788 -15.06 27.02 -25.08
N GLY B 789 -14.39 25.89 -25.23
CA GLY B 789 -13.28 25.56 -24.35
C GLY B 789 -12.28 24.65 -25.03
N TYR B 790 -11.08 24.62 -24.46
CA TYR B 790 -10.04 23.72 -24.93
C TYR B 790 -10.41 22.28 -24.57
N GLY B 791 -9.64 21.33 -25.10
CA GLY B 791 -9.91 19.94 -24.81
C GLY B 791 -8.92 19.04 -25.50
N ILE B 792 -9.07 17.74 -25.22
CA ILE B 792 -8.22 16.70 -25.78
C ILE B 792 -9.01 15.94 -26.83
N ALA B 793 -8.41 15.76 -28.01
CA ALA B 793 -9.05 15.06 -29.11
C ALA B 793 -8.42 13.69 -29.26
N MET B 794 -9.26 12.65 -29.27
CA MET B 794 -8.80 11.28 -29.41
C MET B 794 -9.45 10.65 -30.63
N GLN B 795 -9.15 9.37 -30.84
CA GLN B 795 -9.78 8.62 -31.91
C GLN B 795 -11.25 8.38 -31.59
N LYS B 796 -12.03 8.07 -32.63
CA LYS B 796 -13.47 7.95 -32.48
C LYS B 796 -13.82 6.76 -31.59
N ASP B 797 -14.46 7.04 -30.46
CA ASP B 797 -14.99 6.02 -29.54
C ASP B 797 -13.88 5.11 -29.02
N SER B 798 -12.96 5.71 -28.28
CA SER B 798 -11.89 4.98 -27.60
C SER B 798 -12.18 4.89 -26.11
N HIS B 799 -11.73 3.79 -25.51
CA HIS B 799 -12.05 3.51 -24.11
C HIS B 799 -11.35 4.44 -23.13
N TRP B 800 -10.34 5.20 -23.57
CA TRP B 800 -9.66 6.12 -22.67
C TRP B 800 -10.59 7.26 -22.24
N LYS B 801 -11.50 7.67 -23.11
CA LYS B 801 -12.38 8.79 -22.83
C LYS B 801 -13.14 8.60 -21.53
N ARG B 802 -13.46 7.35 -21.17
CA ARG B 802 -14.18 7.11 -19.94
C ARG B 802 -13.36 7.51 -18.72
N ALA B 803 -12.04 7.33 -18.78
CA ALA B 803 -11.20 7.53 -17.61
C ALA B 803 -10.58 8.93 -17.58
N ILE B 804 -10.06 9.38 -18.72
CA ILE B 804 -9.36 10.66 -18.74
C ILE B 804 -10.34 11.81 -18.48
N ASP B 805 -11.58 11.68 -18.96
CA ASP B 805 -12.58 12.69 -18.70
C ASP B 805 -12.89 12.79 -17.21
N LEU B 806 -13.09 11.65 -16.55
CA LEU B 806 -13.37 11.67 -15.12
C LEU B 806 -12.18 12.20 -14.33
N ALA B 807 -10.96 11.90 -14.81
CA ALA B 807 -9.77 12.48 -14.21
C ALA B 807 -9.79 14.00 -14.31
N LEU B 808 -10.19 14.52 -15.48
CA LEU B 808 -10.27 15.96 -15.66
C LEU B 808 -11.32 16.58 -14.75
N LEU B 809 -12.49 15.93 -14.62
CA LEU B 809 -13.49 16.42 -13.67
C LEU B 809 -12.95 16.45 -12.25
N GLN B 810 -12.25 15.39 -11.84
CA GLN B 810 -11.62 15.40 -10.53
C GLN B 810 -10.69 16.61 -10.40
N PHE B 811 -9.82 16.80 -11.41
CA PHE B 811 -8.83 17.87 -11.36
C PHE B 811 -9.50 19.23 -11.17
N LEU B 812 -10.55 19.51 -11.94
CA LEU B 812 -11.29 20.74 -11.71
C LEU B 812 -12.02 20.73 -10.36
N GLY B 813 -12.26 19.56 -9.79
CA GLY B 813 -12.96 19.47 -8.53
C GLY B 813 -12.15 19.77 -7.29
N ASP B 814 -10.89 19.32 -7.24
CA ASP B 814 -10.08 19.51 -6.03
C ASP B 814 -9.34 20.83 -6.02
N GLY B 815 -9.42 21.61 -7.11
CA GLY B 815 -8.71 22.87 -7.18
C GLY B 815 -7.28 22.78 -7.65
N GLU B 816 -6.84 21.63 -8.17
CA GLU B 816 -5.46 21.52 -8.63
C GLU B 816 -5.25 22.19 -9.98
N THR B 817 -6.31 22.57 -10.67
CA THR B 817 -6.16 23.44 -11.83
C THR B 817 -5.91 24.88 -11.41
N GLN B 818 -6.28 25.23 -10.17
CA GLN B 818 -6.26 26.61 -9.73
C GLN B 818 -4.82 27.11 -9.56
N LYS B 819 -3.98 26.35 -8.86
CA LYS B 819 -2.62 26.85 -8.63
C LYS B 819 -1.79 26.76 -9.89
N LEU B 820 -2.19 25.92 -10.85
CA LEU B 820 -1.61 26.02 -12.19
C LEU B 820 -1.93 27.36 -12.82
N GLU B 821 -3.15 27.86 -12.62
CA GLU B 821 -3.49 29.20 -13.10
C GLU B 821 -2.61 30.24 -12.44
N THR B 822 -2.36 30.10 -11.13
CA THR B 822 -1.46 31.06 -10.49
C THR B 822 -0.03 30.96 -11.04
N VAL B 823 0.48 29.75 -11.21
CA VAL B 823 1.89 29.57 -11.54
C VAL B 823 2.16 29.99 -12.99
N TRP B 824 1.34 29.52 -13.93
CA TRP B 824 1.69 29.61 -15.33
C TRP B 824 1.04 30.77 -16.07
N LEU B 825 -0.12 31.26 -15.62
CA LEU B 825 -0.86 32.29 -16.35
C LEU B 825 -1.10 33.47 -15.42
N SER B 826 -0.16 34.40 -15.38
CA SER B 826 -0.30 35.58 -14.53
C SER B 826 0.42 36.75 -15.15
N GLY B 827 0.02 37.95 -14.74
CA GLY B 827 0.63 39.17 -15.22
C GLY B 827 0.51 40.26 -14.19
N ILE B 828 1.27 41.34 -14.41
CA ILE B 828 1.28 42.46 -13.46
C ILE B 828 0.02 43.31 -13.62
N CYS B 829 -0.27 43.72 -14.85
CA CYS B 829 -1.43 44.56 -15.10
C CYS B 829 -2.72 43.75 -15.04
N LYS C 25 -18.78 -60.11 1.33
CA LYS C 25 -19.97 -59.84 2.13
C LYS C 25 -21.17 -59.62 1.24
N ILE C 26 -22.34 -59.43 1.86
CA ILE C 26 -23.57 -59.16 1.12
C ILE C 26 -24.00 -57.73 1.36
N VAL C 27 -23.55 -56.81 0.49
CA VAL C 27 -23.96 -55.42 0.61
C VAL C 27 -25.41 -55.28 0.18
N ASN C 28 -26.15 -54.41 0.86
CA ASN C 28 -27.58 -54.28 0.65
C ASN C 28 -27.94 -52.83 0.40
N ILE C 29 -28.84 -52.62 -0.57
CA ILE C 29 -29.34 -51.29 -0.89
C ILE C 29 -30.86 -51.28 -0.73
N GLY C 30 -31.40 -50.09 -0.52
CA GLY C 30 -32.81 -49.90 -0.34
C GLY C 30 -33.39 -48.92 -1.34
N ALA C 31 -34.71 -48.84 -1.37
CA ALA C 31 -35.39 -47.96 -2.31
C ALA C 31 -36.82 -47.74 -1.84
N VAL C 32 -37.33 -46.54 -2.14
CA VAL C 32 -38.73 -46.20 -1.94
C VAL C 32 -39.33 -45.95 -3.31
N LEU C 33 -40.34 -46.73 -3.67
CA LEU C 33 -40.92 -46.67 -5.01
C LEU C 33 -42.43 -46.48 -4.91
N SER C 34 -43.04 -46.14 -6.05
CA SER C 34 -44.39 -45.61 -6.03
C SER C 34 -45.46 -46.69 -5.99
N THR C 35 -45.55 -47.52 -7.04
CA THR C 35 -46.75 -48.33 -7.25
C THR C 35 -46.43 -49.82 -7.16
N ARG C 36 -45.20 -50.15 -6.73
CA ARG C 36 -44.80 -51.52 -6.43
C ARG C 36 -44.75 -52.40 -7.67
N LYS C 37 -45.18 -51.86 -8.82
CA LYS C 37 -44.86 -52.51 -10.08
C LYS C 37 -43.47 -52.11 -10.54
N HIS C 38 -43.06 -50.89 -10.20
CA HIS C 38 -41.68 -50.48 -10.43
C HIS C 38 -40.72 -51.30 -9.59
N GLU C 39 -41.20 -51.83 -8.45
CA GLU C 39 -40.34 -52.61 -7.57
C GLU C 39 -39.91 -53.91 -8.23
N GLN C 40 -40.82 -54.58 -8.93
CA GLN C 40 -40.46 -55.82 -9.61
C GLN C 40 -39.43 -55.57 -10.71
N MET C 41 -39.62 -54.51 -11.49
CA MET C 41 -38.64 -54.16 -12.52
C MET C 41 -37.31 -53.78 -11.90
N PHE C 42 -37.35 -53.08 -10.75
CA PHE C 42 -36.13 -52.73 -10.03
C PHE C 42 -35.37 -53.98 -9.59
N ARG C 43 -36.08 -54.95 -9.03
CA ARG C 43 -35.44 -56.19 -8.61
C ARG C 43 -34.85 -56.93 -9.81
N GLU C 44 -35.60 -57.01 -10.91
CA GLU C 44 -35.09 -57.67 -12.10
C GLU C 44 -33.84 -56.98 -12.62
N ALA C 45 -33.86 -55.65 -12.65
CA ALA C 45 -32.71 -54.89 -13.16
C ALA C 45 -31.50 -55.04 -12.25
N VAL C 46 -31.71 -55.05 -10.94
CA VAL C 46 -30.57 -55.21 -10.03
C VAL C 46 -29.99 -56.61 -10.13
N ASN C 47 -30.85 -57.61 -10.35
CA ASN C 47 -30.35 -58.96 -10.58
C ASN C 47 -29.55 -59.04 -11.88
N GLN C 48 -30.04 -58.38 -12.93
CA GLN C 48 -29.32 -58.36 -14.19
C GLN C 48 -27.97 -57.67 -14.05
N ALA C 49 -27.93 -56.58 -13.28
CA ALA C 49 -26.68 -55.88 -13.05
C ALA C 49 -25.72 -56.74 -12.22
N ASN C 50 -26.27 -57.51 -11.26
CA ASN C 50 -25.44 -58.45 -10.51
C ASN C 50 -24.84 -59.49 -11.43
N LYS C 51 -25.62 -59.99 -12.39
CA LYS C 51 -25.10 -60.94 -13.36
C LYS C 51 -24.01 -60.31 -14.21
N ARG C 52 -24.25 -59.08 -14.69
CA ARG C 52 -23.29 -58.43 -15.59
C ARG C 52 -22.03 -58.01 -14.86
N HIS C 53 -22.18 -57.36 -13.71
CA HIS C 53 -21.04 -56.87 -12.97
C HIS C 53 -20.53 -57.93 -12.00
N GLY C 54 -19.39 -57.62 -11.37
CA GLY C 54 -18.84 -58.49 -10.36
C GLY C 54 -18.01 -59.64 -10.90
N SER C 55 -16.94 -59.98 -10.20
CA SER C 55 -16.06 -61.09 -10.56
C SER C 55 -16.20 -62.24 -9.56
N TRP C 56 -17.44 -62.51 -9.15
CA TRP C 56 -17.74 -63.56 -8.17
C TRP C 56 -17.04 -63.30 -6.84
N LYS C 57 -17.03 -62.04 -6.43
CA LYS C 57 -16.44 -61.65 -5.16
C LYS C 57 -17.41 -60.93 -4.24
N ILE C 58 -18.23 -60.03 -4.77
CA ILE C 58 -19.18 -59.25 -3.98
C ILE C 58 -20.55 -59.34 -4.63
N GLN C 59 -21.57 -59.59 -3.80
CA GLN C 59 -22.94 -59.71 -4.27
C GLN C 59 -23.78 -58.59 -3.66
N LEU C 60 -24.59 -57.95 -4.51
CA LEU C 60 -25.50 -56.89 -4.07
C LEU C 60 -26.89 -57.46 -3.85
N ASN C 61 -27.72 -56.71 -3.13
CA ASN C 61 -28.88 -57.21 -2.41
C ASN C 61 -29.95 -56.13 -2.50
N ALA C 62 -31.22 -56.50 -2.46
CA ALA C 62 -32.27 -55.55 -2.76
C ALA C 62 -33.46 -55.68 -1.82
N THR C 63 -34.05 -54.54 -1.47
CA THR C 63 -35.26 -54.49 -0.66
C THR C 63 -35.89 -53.11 -0.82
N SER C 64 -37.23 -53.06 -0.83
CA SER C 64 -37.92 -51.82 -1.13
C SER C 64 -39.21 -51.73 -0.31
N VAL C 65 -39.73 -50.51 -0.20
CA VAL C 65 -40.95 -50.21 0.52
C VAL C 65 -41.74 -49.18 -0.30
N THR C 66 -43.06 -49.23 -0.17
CA THR C 66 -43.95 -48.34 -0.91
C THR C 66 -44.15 -47.03 -0.15
N HIS C 67 -44.48 -45.97 -0.88
CA HIS C 67 -44.67 -44.66 -0.27
C HIS C 67 -46.05 -44.56 0.35
N LYS C 68 -46.10 -44.08 1.60
CA LYS C 68 -47.35 -43.90 2.34
C LYS C 68 -47.60 -42.41 2.58
N PRO C 69 -48.85 -41.98 2.82
CA PRO C 69 -49.16 -40.55 2.72
C PRO C 69 -48.67 -39.70 3.88
N ASN C 70 -48.60 -40.26 5.09
CA ASN C 70 -48.19 -39.47 6.24
C ASN C 70 -46.68 -39.37 6.31
N ALA C 71 -46.17 -38.14 6.41
CA ALA C 71 -44.73 -37.92 6.43
C ALA C 71 -44.08 -38.51 7.68
N ILE C 72 -44.71 -38.34 8.83
CA ILE C 72 -44.16 -38.89 10.07
C ILE C 72 -44.17 -40.42 10.02
N GLN C 73 -45.29 -40.99 9.58
CA GLN C 73 -45.32 -42.43 9.35
C GLN C 73 -44.33 -42.84 8.28
N MET C 74 -44.07 -41.97 7.30
CA MET C 74 -43.04 -42.26 6.32
C MET C 74 -41.68 -42.42 6.98
N ALA C 75 -41.30 -41.47 7.85
CA ALA C 75 -40.00 -41.55 8.51
C ALA C 75 -39.90 -42.79 9.40
N LEU C 76 -40.98 -43.09 10.13
CA LEU C 76 -40.98 -44.29 10.95
C LEU C 76 -40.75 -45.54 10.10
N SER C 77 -41.42 -45.61 8.96
CA SER C 77 -41.19 -46.72 8.03
C SER C 77 -39.76 -46.72 7.50
N VAL C 78 -39.19 -45.53 7.30
CA VAL C 78 -37.83 -45.46 6.77
C VAL C 78 -36.84 -46.09 7.73
N CYS C 79 -36.91 -45.77 9.02
CA CYS C 79 -35.88 -46.40 9.84
C CYS C 79 -36.31 -47.80 10.29
N GLU C 80 -37.58 -48.15 10.09
CA GLU C 80 -37.93 -49.57 10.12
C GLU C 80 -37.15 -50.32 9.05
N ASP C 81 -37.12 -49.76 7.84
CA ASP C 81 -36.28 -50.29 6.75
C ASP C 81 -34.80 -50.23 7.11
N LEU C 82 -34.37 -49.14 7.74
CA LEU C 82 -32.97 -48.95 8.08
C LEU C 82 -32.51 -50.01 9.09
N ILE C 83 -33.35 -50.32 10.06
CA ILE C 83 -33.05 -51.41 10.98
C ILE C 83 -33.13 -52.75 10.26
N SER C 84 -33.99 -52.83 9.24
CA SER C 84 -34.20 -54.10 8.55
C SER C 84 -32.98 -54.55 7.76
N SER C 85 -32.00 -53.67 7.56
CA SER C 85 -30.82 -54.06 6.80
C SER C 85 -29.65 -53.10 7.00
N GLN C 86 -28.46 -53.50 6.56
CA GLN C 86 -27.29 -52.62 6.53
C GLN C 86 -27.34 -51.87 5.20
N VAL C 87 -28.31 -50.95 5.11
CA VAL C 87 -28.58 -50.26 3.85
C VAL C 87 -27.41 -49.36 3.50
N TYR C 88 -26.94 -49.46 2.25
CA TYR C 88 -25.84 -48.63 1.78
C TYR C 88 -26.30 -47.38 1.04
N ALA C 89 -27.47 -47.41 0.42
CA ALA C 89 -27.99 -46.25 -0.30
C ALA C 89 -29.49 -46.40 -0.43
N ILE C 90 -30.16 -45.28 -0.71
CA ILE C 90 -31.60 -45.24 -0.83
C ILE C 90 -31.98 -44.55 -2.14
N LEU C 91 -32.95 -45.12 -2.84
CA LEU C 91 -33.48 -44.53 -4.07
C LEU C 91 -34.92 -44.12 -3.80
N VAL C 92 -35.24 -42.86 -4.05
CA VAL C 92 -36.54 -42.29 -3.75
C VAL C 92 -37.15 -41.73 -5.02
N SER C 93 -38.47 -41.89 -5.17
CA SER C 93 -39.19 -41.38 -6.33
C SER C 93 -40.46 -40.66 -5.92
N HIS C 94 -41.30 -40.32 -6.88
CA HIS C 94 -42.50 -39.60 -6.48
C HIS C 94 -43.73 -40.48 -6.58
N PRO C 95 -44.72 -40.25 -5.72
CA PRO C 95 -46.00 -40.94 -5.86
C PRO C 95 -46.86 -40.25 -6.90
N PRO C 96 -48.03 -40.81 -7.23
CA PRO C 96 -48.93 -40.11 -8.16
C PRO C 96 -49.49 -38.79 -7.63
N THR C 97 -49.24 -38.46 -6.37
CA THR C 97 -49.71 -37.19 -5.82
C THR C 97 -48.91 -36.04 -6.43
N PRO C 98 -49.58 -34.99 -6.94
CA PRO C 98 -48.85 -33.87 -7.55
C PRO C 98 -48.05 -33.04 -6.58
N ASN C 99 -48.20 -33.23 -5.26
CA ASN C 99 -47.43 -32.49 -4.27
C ASN C 99 -46.01 -33.06 -4.25
N ASP C 100 -45.17 -32.55 -5.16
CA ASP C 100 -43.82 -33.05 -5.34
C ASP C 100 -42.80 -32.41 -4.42
N HIS C 101 -43.22 -31.51 -3.53
CA HIS C 101 -42.27 -30.80 -2.68
C HIS C 101 -41.89 -31.65 -1.46
N PHE C 102 -42.88 -31.97 -0.62
CA PHE C 102 -42.58 -32.51 0.69
C PHE C 102 -42.39 -34.02 0.68
N THR C 103 -42.68 -34.70 -0.44
CA THR C 103 -42.62 -36.16 -0.44
C THR C 103 -41.20 -36.70 -0.25
N PRO C 104 -40.18 -36.25 -0.97
CA PRO C 104 -38.83 -36.79 -0.74
C PRO C 104 -38.04 -36.10 0.35
N THR C 105 -38.69 -35.32 1.21
CA THR C 105 -38.00 -34.67 2.32
C THR C 105 -37.75 -35.63 3.49
N PRO C 106 -38.75 -36.34 4.01
CA PRO C 106 -38.51 -37.14 5.23
C PRO C 106 -37.42 -38.18 5.07
N VAL C 107 -37.32 -38.82 3.90
CA VAL C 107 -36.26 -39.81 3.73
C VAL C 107 -34.90 -39.13 3.74
N SER C 108 -34.80 -37.93 3.16
CA SER C 108 -33.54 -37.20 3.21
C SER C 108 -33.18 -36.79 4.63
N TYR C 109 -34.17 -36.35 5.41
CA TYR C 109 -33.91 -35.96 6.79
C TYR C 109 -33.45 -37.15 7.62
N THR C 110 -34.10 -38.30 7.44
CA THR C 110 -33.73 -39.47 8.25
C THR C 110 -32.38 -40.04 7.82
N ALA C 111 -32.14 -40.19 6.53
CA ALA C 111 -30.90 -40.78 6.04
C ALA C 111 -29.74 -39.80 6.04
N GLY C 112 -29.98 -38.52 6.32
CA GLY C 112 -28.89 -37.60 6.49
C GLY C 112 -28.31 -37.56 7.89
N PHE C 113 -29.02 -38.11 8.87
CA PHE C 113 -28.49 -38.18 10.23
C PHE C 113 -27.24 -39.04 10.28
N TYR C 114 -27.25 -40.18 9.59
CA TYR C 114 -26.12 -41.10 9.54
C TYR C 114 -25.31 -40.96 8.27
N ARG C 115 -25.51 -39.90 7.50
CA ARG C 115 -24.75 -39.64 6.27
C ARG C 115 -24.89 -40.77 5.25
N ILE C 116 -25.97 -41.56 5.35
CA ILE C 116 -26.23 -42.60 4.38
C ILE C 116 -26.70 -41.91 3.09
N PRO C 117 -26.03 -42.12 1.96
CA PRO C 117 -26.40 -41.40 0.75
C PRO C 117 -27.79 -41.80 0.27
N VAL C 118 -28.52 -40.81 -0.26
CA VAL C 118 -29.82 -41.03 -0.88
C VAL C 118 -29.81 -40.36 -2.24
N LEU C 119 -30.43 -41.01 -3.22
CA LEU C 119 -30.48 -40.49 -4.59
C LEU C 119 -31.92 -40.25 -5.00
N GLY C 120 -32.20 -39.02 -5.45
CA GLY C 120 -33.51 -38.69 -5.96
C GLY C 120 -33.63 -39.04 -7.43
N LEU C 121 -34.68 -39.79 -7.79
CA LEU C 121 -34.79 -40.26 -9.16
C LEU C 121 -35.30 -39.16 -10.08
N THR C 122 -36.51 -38.67 -9.84
CA THR C 122 -37.15 -37.72 -10.74
C THR C 122 -37.69 -36.53 -9.94
N THR C 123 -36.86 -35.97 -9.07
CA THR C 123 -37.22 -34.79 -8.31
C THR C 123 -36.59 -33.56 -8.95
N ARG C 124 -37.41 -32.52 -9.15
CA ARG C 124 -36.95 -31.26 -9.75
C ARG C 124 -37.42 -30.10 -8.88
N MET C 125 -36.64 -29.77 -7.86
CA MET C 125 -36.86 -28.57 -7.07
C MET C 125 -35.51 -27.96 -6.72
N SER C 126 -35.52 -26.66 -6.49
CA SER C 126 -34.29 -25.89 -6.36
C SER C 126 -33.86 -25.68 -4.91
N ILE C 127 -34.52 -26.33 -3.95
CA ILE C 127 -34.12 -26.23 -2.55
C ILE C 127 -33.36 -27.46 -2.07
N TYR C 128 -33.33 -28.53 -2.86
CA TYR C 128 -32.61 -29.73 -2.48
C TYR C 128 -31.13 -29.66 -2.81
N SER C 129 -30.69 -28.62 -3.51
CA SER C 129 -29.29 -28.47 -3.92
C SER C 129 -28.52 -27.53 -2.99
N ASP C 130 -29.14 -27.12 -1.89
CA ASP C 130 -28.45 -26.34 -0.87
C ASP C 130 -27.80 -27.31 0.09
N LYS C 131 -26.51 -27.58 -0.13
CA LYS C 131 -25.83 -28.62 0.61
C LYS C 131 -25.42 -28.17 2.00
N SER C 132 -26.35 -27.57 2.74
CA SER C 132 -26.13 -27.27 4.15
C SER C 132 -27.35 -27.73 4.95
N ILE C 133 -28.48 -27.87 4.26
CA ILE C 133 -29.72 -28.32 4.88
C ILE C 133 -29.95 -29.80 4.64
N HIS C 134 -30.05 -30.20 3.37
CA HIS C 134 -30.15 -31.61 3.01
C HIS C 134 -28.74 -32.13 2.83
N LEU C 135 -28.26 -32.86 3.82
CA LEU C 135 -26.83 -33.04 4.01
C LEU C 135 -26.24 -34.01 2.99
N SER C 136 -27.00 -35.02 2.58
CA SER C 136 -26.51 -36.04 1.66
C SER C 136 -27.61 -36.35 0.65
N PHE C 137 -27.62 -35.63 -0.46
CA PHE C 137 -28.67 -35.79 -1.46
C PHE C 137 -28.07 -35.66 -2.86
N LEU C 138 -28.49 -36.56 -3.75
CA LEU C 138 -28.05 -36.57 -5.13
C LEU C 138 -29.29 -36.53 -6.03
N ARG C 139 -29.08 -36.11 -7.28
CA ARG C 139 -30.14 -36.13 -8.27
C ARG C 139 -29.63 -36.76 -9.55
N THR C 140 -30.53 -37.44 -10.25
CA THR C 140 -30.27 -37.95 -11.59
C THR C 140 -30.99 -37.13 -12.65
N VAL C 141 -31.54 -35.99 -12.25
CA VAL C 141 -32.27 -35.11 -13.14
C VAL C 141 -32.01 -33.66 -12.73
N PRO C 142 -31.63 -32.78 -13.65
CA PRO C 142 -31.30 -31.40 -13.27
C PRO C 142 -32.52 -30.68 -12.74
N PRO C 143 -32.33 -29.67 -11.89
CA PRO C 143 -33.46 -28.95 -11.31
C PRO C 143 -34.08 -27.94 -12.27
N TYR C 144 -35.05 -27.18 -11.77
CA TYR C 144 -35.68 -26.15 -12.60
C TYR C 144 -34.76 -24.95 -12.79
N SER C 145 -33.82 -24.75 -11.86
CA SER C 145 -32.99 -23.55 -11.93
C SER C 145 -31.99 -23.61 -13.08
N HIS C 146 -31.73 -24.81 -13.60
CA HIS C 146 -30.79 -24.94 -14.71
C HIS C 146 -31.40 -24.55 -16.04
N GLN C 147 -32.67 -24.13 -16.04
CA GLN C 147 -33.32 -23.78 -17.30
C GLN C 147 -32.78 -22.47 -17.86
N SER C 148 -32.13 -21.65 -17.03
CA SER C 148 -31.70 -20.34 -17.51
C SER C 148 -30.57 -20.46 -18.52
N SER C 149 -29.86 -21.59 -18.53
CA SER C 149 -28.74 -21.76 -19.45
C SER C 149 -29.20 -21.77 -20.91
N VAL C 150 -30.27 -22.52 -21.20
CA VAL C 150 -30.77 -22.56 -22.57
C VAL C 150 -31.36 -21.21 -22.97
N TRP C 151 -31.98 -20.52 -22.01
CA TRP C 151 -32.47 -19.17 -22.29
C TRP C 151 -31.31 -18.28 -22.72
N PHE C 152 -30.20 -18.33 -22.00
CA PHE C 152 -29.02 -17.56 -22.36
C PHE C 152 -28.48 -17.94 -23.73
N GLU C 153 -28.39 -19.25 -24.00
CA GLU C 153 -27.85 -19.72 -25.27
C GLU C 153 -28.71 -19.24 -26.44
N MET C 154 -29.99 -19.61 -26.44
CA MET C 154 -30.88 -19.18 -27.52
C MET C 154 -31.05 -17.67 -27.54
N MET C 155 -30.71 -16.99 -26.44
CA MET C 155 -30.77 -15.54 -26.44
C MET C 155 -29.60 -14.95 -27.21
N ARG C 156 -28.41 -15.51 -27.03
CA ARG C 156 -27.28 -15.11 -27.86
C ARG C 156 -27.55 -15.46 -29.33
N VAL C 157 -28.14 -16.63 -29.57
CA VAL C 157 -28.31 -17.15 -30.93
C VAL C 157 -29.14 -16.19 -31.77
N TYR C 158 -30.23 -15.67 -31.20
CA TYR C 158 -31.12 -14.79 -31.95
C TYR C 158 -30.79 -13.32 -31.77
N SER C 159 -29.65 -12.99 -31.15
CA SER C 159 -29.16 -11.62 -31.05
C SER C 159 -30.16 -10.70 -30.37
N TRP C 160 -30.62 -11.12 -29.19
CA TRP C 160 -31.49 -10.31 -28.35
C TRP C 160 -30.71 -9.82 -27.15
N ASN C 161 -30.79 -8.51 -26.87
CA ASN C 161 -30.05 -7.91 -25.77
C ASN C 161 -30.91 -7.08 -24.85
N HIS C 162 -32.21 -6.99 -25.09
CA HIS C 162 -33.11 -6.16 -24.29
C HIS C 162 -34.17 -7.09 -23.70
N ILE C 163 -34.07 -7.34 -22.40
CA ILE C 163 -34.68 -8.49 -21.75
C ILE C 163 -35.60 -8.02 -20.64
N ILE C 164 -36.76 -8.64 -20.50
CA ILE C 164 -37.64 -8.44 -19.37
C ILE C 164 -37.75 -9.76 -18.61
N LEU C 165 -37.39 -9.74 -17.33
CA LEU C 165 -37.46 -10.91 -16.49
C LEU C 165 -38.70 -10.84 -15.61
N LEU C 166 -39.38 -11.99 -15.46
CA LEU C 166 -40.64 -12.04 -14.76
C LEU C 166 -40.73 -13.40 -14.06
N VAL C 167 -40.35 -13.42 -12.78
CA VAL C 167 -40.24 -14.64 -12.00
C VAL C 167 -41.01 -14.48 -10.70
N SER C 168 -41.49 -15.59 -10.15
CA SER C 168 -42.26 -15.58 -8.91
C SER C 168 -41.38 -15.24 -7.72
N ASP C 169 -41.99 -14.99 -6.56
CA ASP C 169 -41.27 -14.55 -5.37
C ASP C 169 -40.88 -15.68 -4.42
N ASP C 170 -41.22 -16.92 -4.74
CA ASP C 170 -40.86 -18.04 -3.88
C ASP C 170 -39.36 -18.32 -3.97
N HIS C 171 -38.89 -19.24 -3.12
CA HIS C 171 -37.48 -19.60 -3.14
C HIS C 171 -37.10 -20.24 -4.47
N GLU C 172 -37.95 -21.11 -5.01
CA GLU C 172 -37.69 -21.67 -6.32
C GLU C 172 -37.68 -20.59 -7.39
N GLY C 173 -38.57 -19.61 -7.27
CA GLY C 173 -38.57 -18.51 -8.21
C GLY C 173 -37.33 -17.63 -8.11
N ARG C 174 -36.82 -17.46 -6.89
CA ARG C 174 -35.69 -16.56 -6.67
C ARG C 174 -34.34 -17.21 -6.95
N ALA C 175 -34.32 -18.47 -7.40
CA ALA C 175 -33.07 -19.15 -7.70
C ALA C 175 -32.65 -19.04 -9.16
N ALA C 176 -33.59 -19.09 -10.10
CA ALA C 176 -33.23 -18.93 -11.50
C ALA C 176 -32.77 -17.51 -11.80
N GLN C 177 -33.37 -16.53 -11.14
CA GLN C 177 -32.97 -15.13 -11.35
C GLN C 177 -31.53 -14.92 -10.95
N LYS C 178 -31.09 -15.52 -9.84
CA LYS C 178 -29.71 -15.35 -9.40
C LYS C 178 -28.71 -15.82 -10.45
N ARG C 179 -28.93 -17.03 -10.98
CA ARG C 179 -27.99 -17.58 -11.94
C ARG C 179 -28.02 -16.83 -13.27
N LEU C 180 -29.23 -16.46 -13.73
CA LEU C 180 -29.30 -15.72 -14.99
C LEU C 180 -28.65 -14.34 -14.84
N GLU C 181 -28.86 -13.69 -13.70
CA GLU C 181 -28.22 -12.40 -13.45
C GLU C 181 -26.71 -12.55 -13.37
N THR C 182 -26.23 -13.65 -12.78
CA THR C 182 -24.80 -13.89 -12.75
C THR C 182 -24.23 -14.00 -14.16
N LEU C 183 -24.90 -14.76 -15.02
CA LEU C 183 -24.42 -14.89 -16.40
C LEU C 183 -24.42 -13.53 -17.11
N LEU C 184 -25.52 -12.77 -16.99
CA LEU C 184 -25.62 -11.51 -17.71
C LEU C 184 -24.66 -10.47 -17.18
N GLU C 185 -24.38 -10.48 -15.87
CA GLU C 185 -23.36 -9.58 -15.33
C GLU C 185 -21.96 -10.03 -15.73
N GLU C 186 -21.76 -11.34 -15.90
CA GLU C 186 -20.49 -11.82 -16.45
C GLU C 186 -20.28 -11.28 -17.85
N ARG C 187 -21.35 -11.19 -18.64
CA ARG C 187 -21.29 -10.48 -19.92
C ARG C 187 -21.64 -9.00 -19.78
N GLU C 188 -21.90 -8.54 -18.55
CA GLU C 188 -22.21 -7.13 -18.28
C GLU C 188 -23.42 -6.66 -19.07
N SER C 189 -24.40 -7.55 -19.27
CA SER C 189 -25.59 -7.18 -20.02
C SER C 189 -26.53 -6.32 -19.18
N LYS C 190 -26.66 -6.64 -17.89
CA LYS C 190 -27.51 -5.88 -16.96
C LYS C 190 -28.94 -5.82 -17.46
N ALA C 191 -29.58 -7.00 -17.45
CA ALA C 191 -30.95 -7.15 -17.92
C ALA C 191 -31.86 -6.08 -17.34
N GLU C 192 -32.90 -5.73 -18.10
CA GLU C 192 -33.78 -4.64 -17.74
C GLU C 192 -34.68 -5.07 -16.57
N LYS C 193 -35.68 -4.24 -16.26
CA LYS C 193 -36.45 -4.38 -15.03
C LYS C 193 -37.00 -5.79 -14.87
N VAL C 194 -36.74 -6.38 -13.71
CA VAL C 194 -37.24 -7.70 -13.35
C VAL C 194 -38.43 -7.49 -12.41
N LEU C 195 -39.48 -8.28 -12.61
CA LEU C 195 -40.73 -8.12 -11.89
C LEU C 195 -41.00 -9.34 -11.03
N GLN C 196 -41.34 -9.11 -9.77
CA GLN C 196 -41.68 -10.18 -8.83
C GLN C 196 -43.15 -10.06 -8.47
N PHE C 197 -43.83 -11.20 -8.43
CA PHE C 197 -45.23 -11.26 -8.03
C PHE C 197 -45.41 -12.32 -6.97
N ASP C 198 -46.35 -12.08 -6.06
CA ASP C 198 -46.65 -13.05 -5.02
C ASP C 198 -47.37 -14.26 -5.63
N PRO C 199 -46.88 -15.47 -5.39
CA PRO C 199 -47.54 -16.66 -5.93
C PRO C 199 -48.95 -16.80 -5.38
N GLY C 200 -49.87 -17.28 -6.22
CA GLY C 200 -51.25 -17.45 -5.82
C GLY C 200 -51.96 -16.14 -5.59
N THR C 201 -52.16 -15.36 -6.66
CA THR C 201 -52.79 -14.05 -6.55
C THR C 201 -53.65 -13.84 -7.79
N LYS C 202 -54.63 -12.93 -7.66
CA LYS C 202 -55.46 -12.50 -8.78
C LYS C 202 -55.19 -11.03 -9.02
N ASN C 203 -55.65 -10.56 -10.18
CA ASN C 203 -55.42 -9.19 -10.63
C ASN C 203 -53.92 -8.86 -10.62
N VAL C 204 -53.20 -9.61 -11.45
CA VAL C 204 -51.75 -9.44 -11.61
C VAL C 204 -51.50 -8.35 -12.65
N THR C 205 -52.57 -7.64 -13.03
CA THR C 205 -52.51 -6.71 -14.15
C THR C 205 -51.50 -5.59 -13.91
N ALA C 206 -51.43 -5.09 -12.67
CA ALA C 206 -50.62 -3.91 -12.35
C ALA C 206 -49.17 -4.06 -12.79
N LEU C 207 -48.57 -5.24 -12.53
CA LEU C 207 -47.19 -5.47 -12.93
C LEU C 207 -47.05 -5.40 -14.44
N LEU C 208 -47.99 -5.99 -15.17
CA LEU C 208 -47.91 -5.96 -16.63
C LEU C 208 -48.12 -4.55 -17.16
N MET C 209 -48.98 -3.76 -16.51
CA MET C 209 -49.17 -2.37 -16.93
C MET C 209 -47.88 -1.58 -16.71
N GLU C 210 -47.19 -1.83 -15.60
CA GLU C 210 -45.90 -1.19 -15.38
C GLU C 210 -44.87 -1.63 -16.41
N ALA C 211 -44.90 -2.90 -16.81
CA ALA C 211 -43.90 -3.42 -17.74
C ALA C 211 -44.16 -2.99 -19.18
N LYS C 212 -45.42 -2.82 -19.58
CA LYS C 212 -45.74 -2.55 -20.97
C LYS C 212 -45.17 -1.22 -21.45
N GLU C 213 -44.95 -0.27 -20.53
CA GLU C 213 -44.39 1.02 -20.91
C GLU C 213 -42.92 0.93 -21.27
N LEU C 214 -42.26 -0.19 -20.98
CA LEU C 214 -40.84 -0.32 -21.26
C LEU C 214 -40.60 -0.51 -22.76
N GLU C 215 -39.32 -0.64 -23.12
CA GLU C 215 -38.92 -0.74 -24.51
C GLU C 215 -38.71 -2.17 -24.98
N ALA C 216 -38.17 -3.04 -24.12
CA ALA C 216 -37.86 -4.40 -24.54
C ALA C 216 -39.15 -5.15 -24.87
N ARG C 217 -39.05 -6.06 -25.84
CA ARG C 217 -40.21 -6.77 -26.36
C ARG C 217 -40.08 -8.28 -26.25
N VAL C 218 -39.16 -8.76 -25.40
CA VAL C 218 -39.07 -10.18 -25.09
C VAL C 218 -39.12 -10.31 -23.57
N ILE C 219 -40.01 -11.16 -23.08
CA ILE C 219 -40.23 -11.33 -21.65
C ILE C 219 -40.11 -12.81 -21.31
N ILE C 220 -39.62 -13.10 -20.10
CA ILE C 220 -39.32 -14.45 -19.67
C ILE C 220 -40.20 -14.78 -18.49
N LEU C 221 -40.94 -15.89 -18.58
CA LEU C 221 -41.87 -16.29 -17.53
C LEU C 221 -41.39 -17.56 -16.86
N SER C 222 -41.46 -17.59 -15.53
CA SER C 222 -41.09 -18.77 -14.75
C SER C 222 -41.86 -18.72 -13.44
N ALA C 223 -42.87 -19.58 -13.32
CA ALA C 223 -43.71 -19.63 -12.12
C ALA C 223 -44.47 -20.95 -12.12
N SER C 224 -45.32 -21.13 -11.12
CA SER C 224 -46.13 -22.33 -11.02
C SER C 224 -47.17 -22.36 -12.15
N GLU C 225 -47.66 -23.57 -12.43
CA GLU C 225 -48.57 -23.75 -13.56
C GLU C 225 -49.85 -22.95 -13.37
N ASP C 226 -50.27 -22.73 -12.12
CA ASP C 226 -51.48 -21.96 -11.87
C ASP C 226 -51.26 -20.48 -12.17
N ASP C 227 -50.14 -19.93 -11.73
CA ASP C 227 -49.87 -18.51 -11.97
C ASP C 227 -49.61 -18.23 -13.44
N ALA C 228 -49.12 -19.22 -14.17
CA ALA C 228 -48.93 -19.06 -15.61
C ALA C 228 -50.27 -18.81 -16.30
N ALA C 229 -51.32 -19.50 -15.85
CA ALA C 229 -52.64 -19.30 -16.47
C ALA C 229 -53.16 -17.89 -16.25
N THR C 230 -53.05 -17.37 -15.03
CA THR C 230 -53.57 -16.02 -14.77
C THR C 230 -52.71 -14.97 -15.45
N VAL C 231 -51.40 -15.20 -15.53
CA VAL C 231 -50.55 -14.26 -16.27
C VAL C 231 -50.92 -14.27 -17.75
N TYR C 232 -51.19 -15.45 -18.32
CA TYR C 232 -51.61 -15.52 -19.71
C TYR C 232 -52.93 -14.79 -19.93
N ARG C 233 -53.88 -14.97 -19.02
CA ARG C 233 -55.15 -14.28 -19.14
C ARG C 233 -54.98 -12.76 -19.07
N ALA C 234 -54.15 -12.29 -18.14
CA ALA C 234 -53.90 -10.85 -18.03
C ALA C 234 -53.23 -10.31 -19.29
N ALA C 235 -52.26 -11.06 -19.83
CA ALA C 235 -51.58 -10.62 -21.05
C ALA C 235 -52.54 -10.57 -22.23
N ALA C 236 -53.44 -11.56 -22.33
CA ALA C 236 -54.44 -11.52 -23.38
C ALA C 236 -55.38 -10.33 -23.22
N MET C 237 -55.77 -10.03 -21.97
CA MET C 237 -56.66 -8.90 -21.72
C MET C 237 -56.00 -7.58 -22.09
N LEU C 238 -54.71 -7.43 -21.76
CA LEU C 238 -54.00 -6.19 -22.02
C LEU C 238 -53.32 -6.17 -23.39
N ASN C 239 -53.49 -7.21 -24.19
CA ASN C 239 -52.94 -7.30 -25.54
C ASN C 239 -51.42 -7.09 -25.54
N MET C 240 -50.76 -7.74 -24.59
CA MET C 240 -49.31 -7.81 -24.59
C MET C 240 -48.79 -8.93 -25.50
N THR C 241 -49.69 -9.73 -26.07
CA THR C 241 -49.34 -10.81 -26.99
C THR C 241 -49.44 -10.39 -28.45
N GLY C 242 -49.49 -9.09 -28.73
CA GLY C 242 -49.60 -8.65 -30.11
C GLY C 242 -48.34 -8.97 -30.90
N SER C 243 -48.40 -8.70 -32.20
CA SER C 243 -47.30 -8.99 -33.11
C SER C 243 -46.01 -8.34 -32.64
N GLY C 244 -44.89 -9.00 -32.88
CA GLY C 244 -43.60 -8.52 -32.41
C GLY C 244 -43.19 -9.06 -31.06
N TYR C 245 -44.09 -9.04 -30.09
CA TYR C 245 -43.82 -9.60 -28.78
C TYR C 245 -43.51 -11.09 -28.90
N VAL C 246 -42.44 -11.53 -28.25
CA VAL C 246 -42.02 -12.93 -28.28
C VAL C 246 -41.89 -13.43 -26.84
N TRP C 247 -42.51 -14.57 -26.56
CA TRP C 247 -42.46 -15.17 -25.23
C TRP C 247 -41.55 -16.39 -25.24
N LEU C 248 -41.07 -16.75 -24.06
CA LEU C 248 -40.37 -18.01 -23.87
C LEU C 248 -40.48 -18.37 -22.40
N VAL C 249 -40.92 -19.60 -22.12
CA VAL C 249 -41.30 -20.03 -20.78
C VAL C 249 -40.56 -21.31 -20.45
N GLY C 250 -40.85 -21.86 -19.27
CA GLY C 250 -40.20 -23.06 -18.78
C GLY C 250 -41.09 -24.30 -18.91
N GLU C 251 -40.56 -25.41 -18.38
CA GLU C 251 -41.25 -26.68 -18.51
C GLU C 251 -42.52 -26.73 -17.67
N ARG C 252 -42.50 -26.10 -16.50
CA ARG C 252 -43.65 -26.15 -15.61
C ARG C 252 -44.72 -25.13 -15.96
N GLU C 253 -44.46 -24.24 -16.92
CA GLU C 253 -45.41 -23.19 -17.25
C GLU C 253 -46.21 -23.46 -18.52
N ILE C 254 -46.06 -24.64 -19.12
CA ILE C 254 -46.82 -24.96 -20.33
C ILE C 254 -47.93 -25.96 -20.05
N SER C 255 -47.64 -27.03 -19.32
CA SER C 255 -48.59 -28.10 -19.10
C SER C 255 -49.49 -27.79 -17.91
N GLY C 256 -50.70 -28.35 -17.96
CA GLY C 256 -51.66 -28.17 -16.89
C GLY C 256 -52.76 -27.18 -17.24
N ASN C 257 -53.17 -26.37 -16.27
CA ASN C 257 -54.19 -25.36 -16.52
C ASN C 257 -53.70 -24.29 -17.49
N ALA C 258 -52.38 -24.09 -17.56
CA ALA C 258 -51.83 -23.04 -18.40
C ALA C 258 -51.93 -23.33 -19.89
N LEU C 259 -52.01 -24.60 -20.29
CA LEU C 259 -52.05 -24.92 -21.71
C LEU C 259 -53.32 -24.42 -22.38
N ARG C 260 -54.43 -24.34 -21.66
CA ARG C 260 -55.68 -23.87 -22.25
C ARG C 260 -55.62 -22.39 -22.58
N TYR C 261 -55.08 -21.58 -21.68
CA TYR C 261 -55.05 -20.13 -21.85
C TYR C 261 -53.72 -19.63 -22.42
N ALA C 262 -52.84 -20.53 -22.83
CA ALA C 262 -51.54 -20.12 -23.34
C ALA C 262 -51.68 -19.38 -24.67
N PRO C 263 -51.02 -18.24 -24.82
CA PRO C 263 -51.01 -17.55 -26.12
C PRO C 263 -50.31 -18.38 -27.17
N ASP C 264 -50.81 -18.27 -28.40
CA ASP C 264 -50.28 -19.09 -29.49
C ASP C 264 -48.89 -18.63 -29.90
N GLY C 265 -48.04 -19.60 -30.25
CA GLY C 265 -46.72 -19.30 -30.74
C GLY C 265 -45.75 -18.78 -29.70
N ILE C 266 -45.52 -19.56 -28.64
CA ILE C 266 -44.57 -19.20 -27.60
C ILE C 266 -43.54 -20.31 -27.47
N LEU C 267 -42.27 -19.92 -27.35
CA LEU C 267 -41.20 -20.89 -27.21
C LEU C 267 -41.24 -21.54 -25.84
N GLY C 268 -40.92 -22.82 -25.80
CA GLY C 268 -40.87 -23.57 -24.58
C GLY C 268 -39.88 -24.69 -24.67
N LEU C 269 -39.75 -25.45 -23.58
CA LEU C 269 -38.80 -26.55 -23.58
C LEU C 269 -39.33 -27.65 -22.66
N GLN C 270 -38.76 -28.84 -22.85
CA GLN C 270 -39.12 -30.02 -22.09
C GLN C 270 -37.89 -30.92 -22.00
N LEU C 271 -37.91 -31.82 -21.02
CA LEU C 271 -36.85 -32.79 -20.83
C LEU C 271 -37.18 -34.08 -21.58
N ILE C 272 -36.13 -34.77 -22.05
CA ILE C 272 -36.33 -35.90 -22.93
C ILE C 272 -36.99 -37.06 -22.19
N ASN C 273 -36.48 -37.41 -21.02
CA ASN C 273 -36.94 -38.59 -20.30
C ASN C 273 -37.65 -38.22 -18.99
N GLY C 274 -38.34 -37.10 -18.97
CA GLY C 274 -39.08 -36.70 -17.79
C GLY C 274 -40.18 -37.68 -17.43
N LYS C 275 -40.27 -38.02 -16.15
CA LYS C 275 -41.33 -38.86 -15.59
C LYS C 275 -41.40 -40.25 -16.21
N ASN C 276 -40.29 -40.73 -16.78
CA ASN C 276 -40.25 -42.11 -17.27
C ASN C 276 -40.11 -43.13 -16.15
N GLU C 277 -39.26 -42.86 -15.16
CA GLU C 277 -39.16 -43.67 -13.94
C GLU C 277 -38.72 -45.11 -14.21
N SER C 278 -38.33 -45.42 -15.43
CA SER C 278 -37.82 -46.75 -15.78
C SER C 278 -36.35 -46.75 -16.15
N ALA C 279 -35.89 -45.77 -16.94
CA ALA C 279 -34.47 -45.66 -17.23
C ALA C 279 -33.71 -45.16 -16.00
N HIS C 280 -34.33 -44.28 -15.22
CA HIS C 280 -33.68 -43.72 -14.05
C HIS C 280 -33.37 -44.80 -13.02
N ILE C 281 -34.29 -45.72 -12.79
CA ILE C 281 -34.01 -46.86 -11.91
C ILE C 281 -32.78 -47.60 -12.41
N SER C 282 -32.73 -47.86 -13.71
CA SER C 282 -31.64 -48.66 -14.28
C SER C 282 -30.30 -47.98 -14.08
N ASP C 283 -30.18 -46.70 -14.46
CA ASP C 283 -28.87 -46.07 -14.43
C ASP C 283 -28.44 -45.74 -13.00
N ALA C 284 -29.42 -45.45 -12.12
CA ALA C 284 -29.07 -45.29 -10.71
C ALA C 284 -28.51 -46.58 -10.13
N VAL C 285 -29.15 -47.71 -10.44
CA VAL C 285 -28.64 -49.00 -9.97
C VAL C 285 -27.25 -49.24 -10.55
N GLY C 286 -27.06 -48.93 -11.83
CA GLY C 286 -25.76 -49.14 -12.44
C GLY C 286 -24.66 -48.34 -11.78
N VAL C 287 -24.90 -47.05 -11.53
CA VAL C 287 -23.85 -46.22 -10.94
C VAL C 287 -23.59 -46.63 -9.49
N VAL C 288 -24.63 -47.01 -8.75
CA VAL C 288 -24.42 -47.46 -7.38
C VAL C 288 -23.61 -48.75 -7.36
N ALA C 289 -23.93 -49.68 -8.25
CA ALA C 289 -23.18 -50.93 -8.32
C ALA C 289 -21.75 -50.70 -8.78
N GLN C 290 -21.51 -49.67 -9.59
CA GLN C 290 -20.15 -49.34 -9.95
C GLN C 290 -19.39 -48.74 -8.78
N ALA C 291 -20.07 -47.94 -7.96
CA ALA C 291 -19.40 -47.25 -6.86
C ALA C 291 -19.12 -48.15 -5.66
N VAL C 292 -19.94 -49.19 -5.45
CA VAL C 292 -19.76 -50.03 -4.26
C VAL C 292 -18.40 -50.73 -4.28
N HIS C 293 -17.96 -51.17 -5.46
CA HIS C 293 -16.67 -51.86 -5.55
C HIS C 293 -15.53 -50.93 -5.18
N GLU C 294 -15.54 -49.71 -5.72
CA GLU C 294 -14.52 -48.73 -5.38
C GLU C 294 -14.57 -48.35 -3.90
N LEU C 295 -15.75 -48.36 -3.29
CA LEU C 295 -15.84 -48.11 -1.86
C LEU C 295 -15.19 -49.25 -1.06
N LEU C 296 -15.55 -50.49 -1.38
CA LEU C 296 -15.07 -51.63 -0.61
C LEU C 296 -13.60 -51.90 -0.82
N GLU C 297 -13.02 -51.43 -1.92
CA GLU C 297 -11.59 -51.63 -2.16
C GLU C 297 -10.72 -50.62 -1.43
N LYS C 298 -11.24 -49.92 -0.43
CA LYS C 298 -10.51 -48.85 0.24
C LYS C 298 -10.22 -49.15 1.71
N GLU C 299 -10.36 -50.41 2.13
CA GLU C 299 -10.09 -50.85 3.49
C GLU C 299 -10.93 -50.11 4.54
N ASN C 300 -12.10 -49.62 4.15
CA ASN C 300 -12.99 -48.90 5.06
C ASN C 300 -14.33 -49.60 5.15
N ILE C 301 -14.31 -50.92 5.33
CA ILE C 301 -15.49 -51.77 5.19
C ILE C 301 -16.48 -51.59 6.33
N THR C 302 -16.22 -50.63 7.21
CA THR C 302 -17.11 -50.38 8.35
C THR C 302 -18.56 -50.26 7.89
N ASP C 303 -19.43 -51.05 8.51
CA ASP C 303 -20.83 -51.25 8.18
C ASP C 303 -21.68 -50.09 8.68
N PRO C 304 -22.77 -49.79 7.99
CA PRO C 304 -23.71 -48.76 8.47
C PRO C 304 -24.44 -49.24 9.72
N PRO C 305 -24.94 -48.32 10.54
CA PRO C 305 -25.63 -48.73 11.77
C PRO C 305 -26.85 -49.58 11.46
N ARG C 306 -27.07 -50.60 12.28
CA ARG C 306 -28.22 -51.49 12.14
C ARG C 306 -29.18 -51.18 13.29
N GLY C 307 -30.10 -50.24 13.05
CA GLY C 307 -31.04 -49.83 14.08
C GLY C 307 -31.19 -48.32 14.18
N CYS C 308 -32.42 -47.85 14.09
CA CYS C 308 -32.71 -46.43 14.16
C CYS C 308 -32.77 -45.95 15.61
N VAL C 309 -32.67 -46.89 16.58
CA VAL C 309 -32.60 -46.55 17.99
C VAL C 309 -31.21 -46.93 18.53
N GLY C 310 -30.59 -47.93 17.92
CA GLY C 310 -29.42 -48.56 18.52
C GLY C 310 -28.24 -47.63 18.70
N ASN C 311 -27.89 -46.86 17.66
CA ASN C 311 -26.66 -46.08 17.66
C ASN C 311 -26.98 -44.62 17.39
N THR C 312 -26.52 -43.73 18.28
CA THR C 312 -26.61 -42.29 18.09
C THR C 312 -25.27 -41.76 17.59
N ASN C 313 -24.84 -42.28 16.45
CA ASN C 313 -23.57 -41.87 15.86
C ASN C 313 -23.69 -41.92 14.35
N ILE C 314 -22.89 -41.11 13.68
CA ILE C 314 -22.93 -41.03 12.23
C ILE C 314 -22.10 -42.17 11.66
N TRP C 315 -22.30 -42.45 10.37
CA TRP C 315 -21.46 -43.42 9.69
C TRP C 315 -20.03 -42.91 9.63
N LYS C 316 -19.07 -43.78 9.94
CA LYS C 316 -17.68 -43.39 9.95
C LYS C 316 -17.08 -43.27 8.55
N THR C 317 -17.74 -43.83 7.53
CA THR C 317 -17.23 -43.78 6.17
C THR C 317 -18.22 -43.19 5.18
N GLY C 318 -19.30 -42.56 5.64
CA GLY C 318 -20.29 -41.98 4.76
C GLY C 318 -19.78 -40.87 3.85
N PRO C 319 -19.07 -39.87 4.38
CA PRO C 319 -18.54 -38.83 3.49
C PRO C 319 -17.63 -39.36 2.38
N LEU C 320 -16.81 -40.36 2.69
CA LEU C 320 -15.96 -40.94 1.65
C LEU C 320 -16.78 -41.60 0.56
N PHE C 321 -17.83 -42.34 0.96
CA PHE C 321 -18.68 -42.97 -0.04
C PHE C 321 -19.40 -41.94 -0.89
N LYS C 322 -19.87 -40.85 -0.28
CA LYS C 322 -20.51 -39.80 -1.06
C LYS C 322 -19.53 -39.17 -2.04
N ARG C 323 -18.30 -38.92 -1.58
CA ARG C 323 -17.29 -38.30 -2.45
C ARG C 323 -16.97 -39.20 -3.64
N VAL C 324 -16.80 -40.50 -3.40
CA VAL C 324 -16.48 -41.39 -4.51
C VAL C 324 -17.72 -41.60 -5.38
N LEU C 325 -18.91 -41.39 -4.82
CA LEU C 325 -20.12 -41.54 -5.60
C LEU C 325 -20.30 -40.38 -6.59
N MET C 326 -19.99 -39.16 -6.15
CA MET C 326 -20.21 -38.00 -7.00
C MET C 326 -19.30 -38.02 -8.23
N SER C 327 -18.06 -38.45 -8.06
CA SER C 327 -17.09 -38.39 -9.15
C SER C 327 -17.10 -39.67 -9.99
N SER C 328 -18.12 -40.50 -9.82
CA SER C 328 -18.21 -41.76 -10.55
C SER C 328 -18.84 -41.48 -11.92
N LYS C 329 -18.03 -41.59 -12.97
CA LYS C 329 -18.51 -41.37 -14.33
C LYS C 329 -18.97 -42.68 -14.93
N TYR C 330 -20.26 -42.76 -15.23
CA TYR C 330 -20.84 -43.95 -15.84
C TYR C 330 -20.56 -43.95 -17.35
N ALA C 331 -20.55 -45.14 -17.93
CA ALA C 331 -20.15 -45.28 -19.33
C ALA C 331 -21.28 -44.89 -20.27
N ASP C 332 -22.39 -45.62 -20.23
CA ASP C 332 -23.51 -45.38 -21.14
C ASP C 332 -24.76 -46.02 -20.58
N GLY C 333 -25.76 -45.21 -20.27
CA GLY C 333 -27.05 -45.68 -19.82
C GLY C 333 -28.13 -45.51 -20.87
N VAL C 334 -29.37 -45.72 -20.44
CA VAL C 334 -30.51 -45.52 -21.33
C VAL C 334 -30.65 -44.05 -21.70
N THR C 335 -30.38 -43.16 -20.75
CA THR C 335 -30.38 -41.72 -20.99
C THR C 335 -28.99 -41.20 -21.32
N GLY C 336 -28.02 -42.09 -21.52
CA GLY C 336 -26.68 -41.67 -21.86
C GLY C 336 -25.75 -41.60 -20.67
N ARG C 337 -24.56 -41.08 -20.93
CA ARG C 337 -23.56 -40.89 -19.88
C ARG C 337 -24.08 -39.93 -18.82
N VAL C 338 -23.84 -40.27 -17.55
CA VAL C 338 -24.28 -39.46 -16.42
C VAL C 338 -23.06 -39.10 -15.59
N GLU C 339 -22.97 -37.83 -15.18
CA GLU C 339 -21.88 -37.36 -14.35
C GLU C 339 -22.41 -36.23 -13.47
N PHE C 340 -21.95 -36.18 -12.22
CA PHE C 340 -22.52 -35.26 -11.26
C PHE C 340 -21.68 -33.98 -11.15
N ASN C 341 -22.32 -32.94 -10.62
CA ASN C 341 -21.72 -31.62 -10.47
C ASN C 341 -21.31 -31.43 -9.01
N GLU C 342 -20.43 -30.46 -8.77
CA GLU C 342 -19.88 -30.24 -7.44
C GLU C 342 -20.97 -30.01 -6.39
N ASP C 343 -22.09 -29.44 -6.80
CA ASP C 343 -23.20 -29.24 -5.87
C ASP C 343 -24.09 -30.46 -5.73
N GLY C 344 -23.79 -31.54 -6.44
CA GLY C 344 -24.56 -32.76 -6.36
C GLY C 344 -25.58 -32.95 -7.46
N ASP C 345 -25.94 -31.91 -8.20
CA ASP C 345 -26.94 -31.99 -9.24
C ASP C 345 -26.36 -32.67 -10.47
N ARG C 346 -27.25 -33.20 -11.31
CA ARG C 346 -26.82 -33.83 -12.55
C ARG C 346 -26.59 -32.78 -13.63
N LYS C 347 -25.46 -32.89 -14.32
CA LYS C 347 -25.09 -31.93 -15.35
C LYS C 347 -25.13 -32.58 -16.72
N PHE C 348 -25.04 -31.73 -17.74
CA PHE C 348 -25.05 -32.16 -19.15
C PHE C 348 -26.33 -32.90 -19.49
N ALA C 349 -27.45 -32.21 -19.28
CA ALA C 349 -28.77 -32.66 -19.66
C ALA C 349 -29.32 -31.77 -20.77
N ASN C 350 -29.80 -32.42 -21.82
CA ASN C 350 -30.11 -31.81 -23.11
C ASN C 350 -31.58 -31.93 -23.46
N TYR C 351 -32.21 -30.75 -23.66
CA TYR C 351 -33.65 -30.56 -23.69
C TYR C 351 -34.20 -30.66 -25.12
N SER C 352 -35.45 -30.24 -25.27
CA SER C 352 -36.13 -30.24 -26.56
C SER C 352 -36.98 -28.98 -26.66
N ILE C 353 -36.56 -28.04 -27.51
CA ILE C 353 -37.27 -26.77 -27.67
C ILE C 353 -38.67 -27.03 -28.21
N MET C 354 -39.66 -26.35 -27.66
CA MET C 354 -41.05 -26.58 -28.00
C MET C 354 -41.72 -25.31 -28.48
N ASN C 355 -42.64 -25.45 -29.43
CA ASN C 355 -43.42 -24.33 -29.93
C ASN C 355 -44.88 -24.74 -30.03
N LEU C 356 -45.77 -23.75 -29.94
CA LEU C 356 -47.21 -23.97 -29.95
C LEU C 356 -47.77 -23.42 -31.26
N GLN C 357 -48.17 -24.31 -32.16
CA GLN C 357 -48.76 -23.93 -33.44
C GLN C 357 -50.14 -24.54 -33.55
N ASN C 358 -51.16 -23.69 -33.67
CA ASN C 358 -52.55 -24.11 -33.83
C ASN C 358 -52.98 -25.04 -32.72
N ARG C 359 -52.61 -24.67 -31.49
CA ARG C 359 -52.90 -25.44 -30.27
C ARG C 359 -52.31 -26.85 -30.32
N LYS C 360 -51.36 -27.11 -31.21
CA LYS C 360 -50.69 -28.40 -31.31
C LYS C 360 -49.19 -28.20 -31.14
N LEU C 361 -48.61 -28.84 -30.14
CA LEU C 361 -47.18 -28.68 -29.88
C LEU C 361 -46.36 -29.38 -30.95
N VAL C 362 -45.34 -28.69 -31.45
CA VAL C 362 -44.44 -29.26 -32.44
C VAL C 362 -43.01 -28.83 -32.09
N GLN C 363 -42.08 -29.78 -32.16
CA GLN C 363 -40.70 -29.50 -31.83
C GLN C 363 -40.03 -28.70 -32.95
N VAL C 364 -39.23 -27.72 -32.56
CA VAL C 364 -38.55 -26.84 -33.52
C VAL C 364 -37.04 -26.87 -33.36
N GLY C 365 -36.51 -27.45 -32.29
CA GLY C 365 -35.09 -27.47 -32.08
C GLY C 365 -34.70 -28.38 -30.94
N ILE C 366 -33.43 -28.79 -30.95
CA ILE C 366 -32.87 -29.70 -29.96
C ILE C 366 -31.69 -29.04 -29.29
N TYR C 367 -31.70 -29.01 -27.95
CA TYR C 367 -30.57 -28.51 -27.20
C TYR C 367 -29.43 -29.53 -27.20
N ASN C 368 -28.21 -29.04 -27.35
CA ASN C 368 -27.01 -29.84 -27.18
C ASN C 368 -26.52 -29.66 -25.75
N GLY C 369 -25.31 -30.13 -25.46
CA GLY C 369 -24.72 -29.86 -24.15
C GLY C 369 -24.55 -28.36 -23.90
N THR C 370 -24.09 -27.63 -24.92
CA THR C 370 -23.91 -26.20 -24.82
C THR C 370 -24.75 -25.42 -25.81
N HIS C 371 -24.70 -25.76 -27.09
CA HIS C 371 -25.40 -25.01 -28.12
C HIS C 371 -26.78 -25.58 -28.39
N VAL C 372 -27.51 -24.93 -29.28
CA VAL C 372 -28.85 -25.34 -29.69
C VAL C 372 -28.87 -25.45 -31.21
N ILE C 373 -29.41 -26.56 -31.71
CA ILE C 373 -29.42 -26.87 -33.13
C ILE C 373 -30.87 -26.95 -33.59
N PRO C 374 -31.31 -26.10 -34.52
CA PRO C 374 -32.65 -26.25 -35.09
C PRO C 374 -32.74 -27.49 -35.95
N ASN C 375 -33.97 -27.96 -36.15
CA ASN C 375 -34.16 -29.22 -36.89
C ASN C 375 -35.33 -29.06 -37.86
N ASP C 376 -35.01 -28.59 -39.07
CA ASP C 376 -35.90 -28.65 -40.24
C ASP C 376 -37.31 -28.18 -39.93
N ARG C 377 -37.44 -27.08 -39.19
CA ARG C 377 -38.74 -26.53 -38.85
C ARG C 377 -38.64 -25.02 -38.77
N LYS C 378 -39.79 -24.37 -38.96
CA LYS C 378 -39.88 -22.92 -38.92
C LYS C 378 -40.73 -22.48 -37.73
N ILE C 379 -40.33 -21.40 -37.11
CA ILE C 379 -41.00 -20.87 -35.92
C ILE C 379 -42.18 -20.03 -36.36
N ILE C 380 -43.24 -20.04 -35.55
CA ILE C 380 -44.42 -19.23 -35.78
C ILE C 380 -44.54 -18.30 -34.57
N TRP C 381 -44.16 -17.04 -34.75
CA TRP C 381 -44.21 -16.06 -33.68
C TRP C 381 -45.66 -15.63 -33.44
N PRO C 382 -45.94 -15.04 -32.27
CA PRO C 382 -47.35 -14.78 -31.91
C PRO C 382 -48.12 -13.96 -32.93
N GLY C 383 -47.46 -13.04 -33.64
CA GLY C 383 -48.13 -12.27 -34.66
C GLY C 383 -48.28 -12.97 -35.99
N GLY C 384 -47.82 -14.20 -36.12
CA GLY C 384 -47.87 -14.90 -37.38
C GLY C 384 -46.78 -14.53 -38.36
N GLU C 385 -45.79 -13.74 -37.94
CA GLU C 385 -44.73 -13.32 -38.83
C GLU C 385 -43.87 -14.51 -39.23
N THR C 386 -42.96 -14.27 -40.18
CA THR C 386 -42.07 -15.30 -40.67
C THR C 386 -40.60 -15.00 -40.42
N GLU C 387 -40.22 -13.74 -40.28
CA GLU C 387 -38.84 -13.35 -40.00
C GLU C 387 -38.66 -13.13 -38.51
N LYS C 388 -37.40 -13.18 -38.07
CA LYS C 388 -37.05 -13.01 -36.66
C LYS C 388 -37.48 -11.64 -36.17
N PRO C 389 -38.48 -11.57 -35.29
CA PRO C 389 -38.95 -10.26 -34.82
C PRO C 389 -37.95 -9.58 -33.90
N ARG C 390 -37.33 -8.51 -34.39
CA ARG C 390 -36.38 -7.78 -33.56
C ARG C 390 -37.10 -7.07 -32.43
N GLY C 391 -36.49 -7.08 -31.24
CA GLY C 391 -37.07 -6.39 -30.10
C GLY C 391 -36.75 -4.91 -30.10
N TYR C 392 -37.01 -4.28 -28.96
CA TYR C 392 -36.73 -2.86 -28.76
C TYR C 392 -37.44 -2.01 -29.79
N GLN C 393 -38.76 -1.93 -29.70
CA GLN C 393 -39.53 -0.94 -30.43
C GLN C 393 -39.05 0.44 -29.99
N MET C 394 -38.41 1.16 -30.90
CA MET C 394 -37.80 2.44 -30.56
C MET C 394 -38.86 3.44 -30.12
N SER C 395 -38.50 4.29 -29.17
CA SER C 395 -39.42 5.23 -28.56
C SER C 395 -39.09 6.66 -28.96
N THR C 396 -40.11 7.39 -29.40
CA THR C 396 -40.00 8.82 -29.68
C THR C 396 -40.62 9.67 -28.57
N ARG C 397 -41.61 9.14 -27.88
CA ARG C 397 -42.15 9.81 -26.70
C ARG C 397 -41.27 9.49 -25.50
N LEU C 398 -40.83 10.52 -24.80
CA LEU C 398 -40.00 10.34 -23.62
C LEU C 398 -40.33 11.40 -22.58
N LYS C 399 -40.38 10.99 -21.32
CA LYS C 399 -40.72 11.89 -20.23
C LYS C 399 -39.48 12.68 -19.79
N ILE C 400 -39.70 13.93 -19.42
CA ILE C 400 -38.62 14.84 -19.05
C ILE C 400 -38.95 15.46 -17.69
N VAL C 401 -37.99 15.41 -16.78
CA VAL C 401 -38.16 15.97 -15.45
C VAL C 401 -37.55 17.37 -15.43
N THR C 402 -37.98 18.17 -14.46
CA THR C 402 -37.52 19.55 -14.34
C THR C 402 -37.67 19.96 -12.88
N ILE C 403 -36.99 21.05 -12.52
CA ILE C 403 -37.11 21.62 -11.19
C ILE C 403 -37.30 23.13 -11.34
N HIS C 404 -37.94 23.73 -10.34
CA HIS C 404 -38.26 25.15 -10.41
C HIS C 404 -37.04 25.99 -10.05
N GLN C 405 -36.67 26.92 -10.93
CA GLN C 405 -35.60 27.86 -10.68
C GLN C 405 -35.99 29.21 -11.27
N GLU C 406 -35.38 30.27 -10.77
CA GLU C 406 -35.86 31.61 -11.07
C GLU C 406 -35.65 31.99 -12.54
N PRO C 407 -34.40 32.05 -13.03
CA PRO C 407 -34.18 32.53 -14.40
C PRO C 407 -34.15 31.46 -15.46
N PHE C 408 -34.42 30.20 -15.11
CA PHE C 408 -34.36 29.10 -16.06
C PHE C 408 -35.73 28.50 -16.37
N VAL C 409 -36.46 28.06 -15.34
CA VAL C 409 -37.73 27.36 -15.51
C VAL C 409 -38.75 28.06 -14.63
N TYR C 410 -39.46 29.03 -15.20
CA TYR C 410 -40.56 29.66 -14.50
C TYR C 410 -41.75 28.72 -14.47
N VAL C 411 -42.49 28.74 -13.37
CA VAL C 411 -43.71 27.96 -13.22
C VAL C 411 -44.82 28.90 -12.76
N LYS C 412 -46.00 28.75 -13.34
CA LYS C 412 -47.12 29.62 -13.04
C LYS C 412 -48.41 28.82 -13.05
N PRO C 413 -49.41 29.22 -12.26
CA PRO C 413 -50.71 28.55 -12.31
C PRO C 413 -51.38 28.70 -13.67
N THR C 414 -52.12 27.68 -14.06
CA THR C 414 -52.80 27.70 -15.34
C THR C 414 -53.99 28.66 -15.30
N LEU C 415 -54.47 29.01 -16.49
CA LEU C 415 -55.62 29.90 -16.59
C LEU C 415 -56.89 29.18 -16.15
N SER C 416 -57.95 29.97 -15.94
CA SER C 416 -59.20 29.41 -15.45
C SER C 416 -59.81 28.43 -16.44
N ASP C 417 -59.72 28.74 -17.74
CA ASP C 417 -60.27 27.84 -18.75
C ASP C 417 -59.54 26.51 -18.75
N GLY C 418 -58.22 26.54 -18.57
CA GLY C 418 -57.43 25.32 -18.57
C GLY C 418 -56.11 25.48 -19.29
N THR C 419 -56.05 26.46 -20.20
CA THR C 419 -54.84 26.74 -20.95
C THR C 419 -53.93 27.67 -20.13
N CYS C 420 -52.90 28.22 -20.77
CA CYS C 420 -52.00 29.15 -20.14
C CYS C 420 -52.41 30.58 -20.50
N LYS C 421 -52.02 31.53 -19.67
CA LYS C 421 -52.27 32.94 -19.96
C LYS C 421 -51.45 33.36 -21.18
N GLU C 422 -52.11 34.06 -22.10
CA GLU C 422 -51.45 34.49 -23.34
C GLU C 422 -50.65 35.76 -23.08
N GLU C 423 -49.33 35.66 -23.13
CA GLU C 423 -48.43 36.78 -22.91
C GLU C 423 -47.62 37.03 -24.17
N PHE C 424 -46.88 38.13 -24.17
CA PHE C 424 -46.07 38.54 -25.31
C PHE C 424 -44.74 39.09 -24.81
N THR C 425 -43.73 39.02 -25.67
CA THR C 425 -42.45 39.63 -25.37
C THR C 425 -42.52 41.14 -25.54
N VAL C 426 -41.59 41.83 -24.89
CA VAL C 426 -41.56 43.29 -24.96
C VAL C 426 -41.25 43.75 -26.38
N ASN C 427 -40.58 42.93 -27.18
CA ASN C 427 -40.23 43.25 -28.55
C ASN C 427 -41.27 42.78 -29.55
N GLY C 428 -42.50 42.51 -29.10
CA GLY C 428 -43.55 42.07 -29.99
C GLY C 428 -43.34 40.66 -30.51
N ASP C 429 -43.32 39.69 -29.61
CA ASP C 429 -43.12 38.29 -29.98
C ASP C 429 -43.82 37.42 -28.96
N PRO C 430 -44.35 36.28 -29.37
CA PRO C 430 -44.99 35.38 -28.40
C PRO C 430 -43.95 34.69 -27.52
N VAL C 431 -44.37 34.35 -26.31
CA VAL C 431 -43.54 33.62 -25.36
C VAL C 431 -44.00 32.17 -25.42
N LYS C 432 -43.07 31.26 -25.69
CA LYS C 432 -43.42 29.86 -25.84
C LYS C 432 -43.52 29.18 -24.47
N LYS C 433 -44.62 28.50 -24.23
CA LYS C 433 -44.91 27.85 -22.96
C LYS C 433 -45.38 26.43 -23.19
N VAL C 434 -45.34 25.63 -22.14
CA VAL C 434 -45.78 24.24 -22.17
C VAL C 434 -46.65 23.97 -20.95
N ILE C 435 -47.37 22.86 -20.99
CA ILE C 435 -48.24 22.44 -19.89
C ILE C 435 -47.49 21.39 -19.08
N CYS C 436 -47.35 21.63 -17.79
CA CYS C 436 -46.54 20.78 -16.91
C CYS C 436 -47.36 20.34 -15.70
N THR C 437 -47.43 19.03 -15.49
CA THR C 437 -47.94 18.46 -14.26
C THR C 437 -46.85 18.55 -13.20
N GLY C 438 -47.00 17.81 -12.10
CA GLY C 438 -45.95 17.77 -11.12
C GLY C 438 -46.40 17.54 -9.69
N PRO C 439 -46.04 18.46 -8.81
CA PRO C 439 -46.14 18.20 -7.39
C PRO C 439 -47.48 18.46 -6.73
N ASN C 440 -47.47 18.41 -5.40
CA ASN C 440 -48.69 18.61 -4.63
C ASN C 440 -49.16 20.06 -4.65
N ASP C 441 -48.37 20.98 -5.19
CA ASP C 441 -48.60 22.42 -5.22
C ASP C 441 -48.52 23.04 -3.83
N THR C 442 -48.30 22.24 -2.79
CA THR C 442 -48.09 22.72 -1.43
C THR C 442 -47.00 21.84 -0.83
N SER C 443 -45.80 22.40 -0.70
CA SER C 443 -44.64 21.60 -0.27
C SER C 443 -44.80 20.97 1.11
N PRO C 444 -45.17 21.71 2.18
CA PRO C 444 -45.14 21.10 3.52
C PRO C 444 -46.12 19.95 3.71
N GLY C 445 -47.40 20.18 3.51
CA GLY C 445 -48.37 19.13 3.73
C GLY C 445 -49.41 18.95 2.64
N SER C 446 -49.36 17.80 1.96
CA SER C 446 -50.40 17.38 1.03
C SER C 446 -50.20 15.92 0.68
N PRO C 447 -51.23 15.06 0.81
CA PRO C 447 -51.04 13.66 0.41
C PRO C 447 -50.76 13.48 -1.07
N ARG C 448 -51.66 13.96 -1.93
CA ARG C 448 -51.44 13.88 -3.38
C ARG C 448 -52.40 14.85 -4.07
N HIS C 449 -51.86 15.86 -4.74
CA HIS C 449 -52.66 16.75 -5.57
C HIS C 449 -51.78 17.23 -6.72
N THR C 450 -51.79 16.49 -7.82
CA THR C 450 -50.92 16.78 -8.96
C THR C 450 -51.71 17.57 -10.00
N VAL C 451 -51.94 18.83 -9.71
CA VAL C 451 -52.65 19.74 -10.61
C VAL C 451 -51.65 20.26 -11.63
N PRO C 452 -51.93 20.15 -12.93
CA PRO C 452 -50.99 20.67 -13.93
C PRO C 452 -50.83 22.17 -13.83
N GLN C 453 -49.59 22.62 -14.04
CA GLN C 453 -49.28 24.05 -14.06
C GLN C 453 -48.69 24.44 -15.40
N CYS C 454 -48.21 25.68 -15.50
CA CYS C 454 -47.78 26.24 -16.77
C CYS C 454 -46.30 26.63 -16.66
N CYS C 455 -45.49 26.17 -17.60
CA CYS C 455 -44.04 26.32 -17.53
C CYS C 455 -43.53 27.08 -18.74
N TYR C 456 -42.49 27.88 -18.52
CA TYR C 456 -41.83 28.66 -19.55
C TYR C 456 -40.51 29.17 -19.00
N GLY C 457 -39.58 29.43 -19.90
CA GLY C 457 -38.29 29.96 -19.49
C GLY C 457 -37.23 29.73 -20.54
N PHE C 458 -36.02 30.17 -20.21
CA PHE C 458 -34.88 30.04 -21.12
C PHE C 458 -34.56 28.57 -21.38
N CYS C 459 -34.45 27.78 -20.32
CA CYS C 459 -34.21 26.35 -20.49
C CYS C 459 -35.35 25.69 -21.25
N ILE C 460 -36.58 26.13 -21.03
CA ILE C 460 -37.72 25.58 -21.76
C ILE C 460 -37.63 25.94 -23.25
N ASP C 461 -37.18 27.15 -23.56
CA ASP C 461 -37.01 27.52 -24.96
C ASP C 461 -35.94 26.66 -25.62
N LEU C 462 -34.84 26.39 -24.91
CA LEU C 462 -33.84 25.48 -25.44
C LEU C 462 -34.43 24.09 -25.68
N LEU C 463 -35.26 23.63 -24.74
CA LEU C 463 -35.90 22.32 -24.92
C LEU C 463 -36.80 22.30 -26.14
N ILE C 464 -37.55 23.39 -26.36
CA ILE C 464 -38.43 23.45 -27.53
C ILE C 464 -37.61 23.38 -28.81
N LYS C 465 -36.50 24.13 -28.87
CA LYS C 465 -35.65 24.09 -30.05
C LYS C 465 -35.09 22.69 -30.27
N LEU C 466 -34.63 22.04 -29.20
CA LEU C 466 -34.10 20.69 -29.33
C LEU C 466 -35.16 19.71 -29.80
N ALA C 467 -36.38 19.83 -29.28
CA ALA C 467 -37.45 18.95 -29.70
C ALA C 467 -37.79 19.14 -31.17
N ARG C 468 -37.81 20.40 -31.62
CA ARG C 468 -38.09 20.67 -33.03
C ARG C 468 -37.01 20.09 -33.92
N THR C 469 -35.74 20.19 -33.50
CA THR C 469 -34.65 19.84 -34.39
C THR C 469 -34.34 18.35 -34.44
N MET C 470 -35.05 17.51 -33.67
CA MET C 470 -34.77 16.07 -33.68
C MET C 470 -36.04 15.22 -33.68
N ASN C 471 -37.18 15.81 -34.03
CA ASN C 471 -38.44 15.11 -34.31
C ASN C 471 -39.07 14.45 -33.09
N PHE C 472 -38.43 14.48 -31.92
CA PHE C 472 -39.01 13.80 -30.78
C PHE C 472 -40.06 14.68 -30.10
N THR C 473 -40.85 14.06 -29.22
CA THR C 473 -41.95 14.71 -28.54
C THR C 473 -41.81 14.51 -27.03
N TYR C 474 -42.12 15.56 -26.28
CA TYR C 474 -41.83 15.64 -24.85
C TYR C 474 -43.11 15.56 -24.03
N GLU C 475 -42.95 15.17 -22.77
CA GLU C 475 -44.03 15.21 -21.77
C GLU C 475 -43.38 15.68 -20.46
N VAL C 476 -43.38 16.98 -20.25
CA VAL C 476 -42.63 17.58 -19.15
C VAL C 476 -43.44 17.45 -17.86
N HIS C 477 -42.81 16.90 -16.83
CA HIS C 477 -43.41 16.78 -15.51
C HIS C 477 -42.38 17.14 -14.46
N LEU C 478 -42.81 17.91 -13.46
CA LEU C 478 -41.90 18.41 -12.44
C LEU C 478 -41.45 17.28 -11.53
N VAL C 479 -40.55 17.61 -10.61
CA VAL C 479 -40.01 16.61 -9.70
C VAL C 479 -40.95 16.44 -8.51
N ALA C 480 -40.82 15.29 -7.83
CA ALA C 480 -41.65 14.98 -6.69
C ALA C 480 -41.01 15.46 -5.38
N ASP C 481 -39.80 15.00 -5.10
CA ASP C 481 -39.14 15.34 -3.83
C ASP C 481 -38.87 16.83 -3.74
N GLY C 482 -38.42 17.45 -4.84
CA GLY C 482 -38.02 18.83 -4.83
C GLY C 482 -36.54 19.07 -4.60
N LYS C 483 -35.74 18.01 -4.47
CA LYS C 483 -34.32 18.13 -4.24
C LYS C 483 -33.55 17.94 -5.54
N PHE C 484 -32.43 18.65 -5.66
CA PHE C 484 -31.64 18.58 -6.87
C PHE C 484 -31.09 17.17 -7.10
N GLY C 485 -30.67 16.50 -6.04
CA GLY C 485 -30.24 15.12 -6.14
C GLY C 485 -28.90 14.86 -5.49
N THR C 486 -28.88 13.92 -4.54
CA THR C 486 -27.67 13.54 -3.84
C THR C 486 -27.70 12.04 -3.59
N GLN C 487 -26.60 11.52 -3.06
CA GLN C 487 -26.49 10.11 -2.70
C GLN C 487 -26.46 9.98 -1.19
N GLU C 488 -27.31 9.11 -0.65
CA GLU C 488 -27.40 8.89 0.79
C GLU C 488 -27.45 7.40 1.08
N ARG C 489 -26.98 7.05 2.27
CA ARG C 489 -26.98 5.66 2.73
C ARG C 489 -28.24 5.43 3.57
N VAL C 490 -29.11 4.55 3.10
CA VAL C 490 -30.33 4.24 3.83
C VAL C 490 -29.97 3.54 5.14
N ASN C 491 -30.75 3.80 6.18
CA ASN C 491 -30.48 3.21 7.49
C ASN C 491 -30.62 1.69 7.43
N ASN C 492 -29.84 1.02 8.28
CA ASN C 492 -29.79 -0.45 8.33
C ASN C 492 -29.39 -1.04 6.98
N SER C 493 -28.52 -0.34 6.25
CA SER C 493 -28.06 -0.81 4.95
C SER C 493 -26.85 0.02 4.55
N ASN C 494 -25.95 -0.61 3.79
CA ASN C 494 -24.80 0.09 3.24
C ASN C 494 -24.96 0.41 1.75
N LYS C 495 -25.94 -0.21 1.08
CA LYS C 495 -26.18 0.06 -0.33
C LYS C 495 -26.69 1.49 -0.52
N LYS C 496 -25.85 2.35 -1.09
CA LYS C 496 -26.24 3.74 -1.29
C LYS C 496 -27.37 3.85 -2.32
N GLU C 497 -28.28 4.80 -2.08
CA GLU C 497 -29.40 5.04 -2.97
C GLU C 497 -29.43 6.53 -3.32
N TRP C 498 -29.82 6.81 -4.57
CA TRP C 498 -29.89 8.18 -5.06
C TRP C 498 -31.27 8.75 -4.79
N ASN C 499 -31.31 9.95 -4.22
CA ASN C 499 -32.54 10.58 -3.79
C ASN C 499 -32.78 11.89 -4.55
N GLY C 500 -33.96 12.02 -5.13
CA GLY C 500 -34.33 13.24 -5.83
C GLY C 500 -34.46 13.06 -7.33
N MET C 501 -34.08 14.09 -8.09
CA MET C 501 -34.10 14.01 -9.54
C MET C 501 -33.19 12.90 -10.03
N MET C 502 -32.04 12.72 -9.38
CA MET C 502 -31.15 11.61 -9.70
C MET C 502 -31.82 10.26 -9.55
N GLY C 503 -32.50 10.02 -8.44
CA GLY C 503 -33.20 8.77 -8.23
C GLY C 503 -34.33 8.58 -9.22
N GLU C 504 -35.05 9.65 -9.51
CA GLU C 504 -36.14 9.58 -10.49
C GLU C 504 -35.61 9.18 -11.86
N LEU C 505 -34.50 9.77 -12.28
CA LEU C 505 -33.92 9.39 -13.57
C LEU C 505 -33.38 7.97 -13.55
N LEU C 506 -32.69 7.58 -12.48
CA LEU C 506 -32.07 6.25 -12.45
C LEU C 506 -33.12 5.15 -12.42
N SER C 507 -34.22 5.35 -11.68
CA SER C 507 -35.23 4.32 -11.54
C SER C 507 -35.90 4.02 -12.88
N GLY C 508 -36.22 5.06 -13.65
CA GLY C 508 -36.87 4.87 -14.92
C GLY C 508 -38.08 5.77 -15.10
N GLN C 509 -38.37 6.58 -14.07
CA GLN C 509 -39.49 7.50 -14.15
C GLN C 509 -39.23 8.68 -15.09
N ALA C 510 -38.00 8.86 -15.55
CA ALA C 510 -37.66 9.94 -16.45
C ALA C 510 -36.71 9.41 -17.51
N ASP C 511 -36.68 10.10 -18.66
CA ASP C 511 -35.78 9.75 -19.75
C ASP C 511 -34.77 10.84 -20.06
N MET C 512 -34.94 12.04 -19.52
CA MET C 512 -34.01 13.13 -19.73
C MET C 512 -34.22 14.15 -18.62
N ILE C 513 -33.19 14.94 -18.36
CA ILE C 513 -33.25 16.01 -17.37
C ILE C 513 -32.86 17.29 -18.08
N VAL C 514 -33.83 18.19 -18.28
CA VAL C 514 -33.53 19.48 -18.89
C VAL C 514 -33.67 20.54 -17.80
N ALA C 515 -32.57 20.83 -17.12
CA ALA C 515 -32.58 21.67 -15.94
C ALA C 515 -31.15 22.11 -15.65
N PRO C 516 -30.97 23.16 -14.84
CA PRO C 516 -29.60 23.59 -14.51
C PRO C 516 -28.87 22.60 -13.63
N LEU C 517 -28.43 21.48 -14.21
CA LEU C 517 -27.73 20.43 -13.47
C LEU C 517 -26.23 20.67 -13.52
N THR C 518 -25.59 20.62 -12.36
CA THR C 518 -24.15 20.82 -12.28
C THR C 518 -23.41 19.52 -12.57
N ILE C 519 -22.35 19.62 -13.37
CA ILE C 519 -21.54 18.49 -13.77
C ILE C 519 -20.41 18.33 -12.77
N ASN C 520 -20.24 17.13 -12.23
CA ASN C 520 -19.17 16.87 -11.27
C ASN C 520 -18.81 15.38 -11.31
N ASN C 521 -17.87 15.00 -10.45
CA ASN C 521 -17.37 13.63 -10.43
C ASN C 521 -18.45 12.66 -9.96
N GLU C 522 -19.21 13.04 -8.94
CA GLU C 522 -20.16 12.12 -8.31
C GLU C 522 -21.23 11.65 -9.29
N ARG C 523 -21.58 12.45 -10.28
CA ARG C 523 -22.64 12.11 -11.22
C ARG C 523 -22.14 11.45 -12.50
N ALA C 524 -20.90 11.73 -12.90
CA ALA C 524 -20.39 11.22 -14.17
C ALA C 524 -20.22 9.70 -14.16
N GLN C 525 -20.16 9.08 -12.98
CA GLN C 525 -19.96 7.64 -12.91
C GLN C 525 -21.21 6.87 -13.32
N TYR C 526 -22.38 7.49 -13.23
CA TYR C 526 -23.64 6.82 -13.54
C TYR C 526 -24.46 7.54 -14.60
N ILE C 527 -23.96 8.62 -15.17
CA ILE C 527 -24.70 9.43 -16.13
C ILE C 527 -23.76 9.82 -17.27
N GLU C 528 -24.30 9.81 -18.49
CA GLU C 528 -23.62 10.36 -19.66
C GLU C 528 -24.17 11.76 -19.90
N PHE C 529 -23.36 12.78 -19.59
CA PHE C 529 -23.78 14.17 -19.71
C PHE C 529 -23.62 14.64 -21.14
N SER C 530 -23.78 15.96 -21.34
CA SER C 530 -23.56 16.60 -22.63
C SER C 530 -22.58 17.74 -22.45
N LYS C 531 -22.14 18.32 -23.57
CA LYS C 531 -21.25 19.46 -23.49
C LYS C 531 -21.97 20.63 -22.82
N PRO C 532 -21.29 21.38 -21.96
CA PRO C 532 -21.96 22.46 -21.23
C PRO C 532 -22.54 23.50 -22.16
N PHE C 533 -23.71 24.02 -21.80
CA PHE C 533 -24.32 25.09 -22.56
C PHE C 533 -24.27 26.43 -21.84
N LYS C 534 -23.71 26.50 -20.63
CA LYS C 534 -23.52 27.76 -19.94
C LYS C 534 -22.57 27.52 -18.78
N TYR C 535 -21.50 28.31 -18.73
CA TYR C 535 -20.50 28.18 -17.67
C TYR C 535 -20.84 29.08 -16.50
N GLN C 536 -20.61 28.57 -15.29
CA GLN C 536 -20.94 29.32 -14.08
C GLN C 536 -20.04 28.83 -12.95
N GLY C 537 -19.98 29.62 -11.88
CA GLY C 537 -19.17 29.30 -10.73
C GLY C 537 -19.94 29.31 -9.43
N LEU C 538 -19.35 29.89 -8.38
CA LEU C 538 -19.97 29.90 -7.06
C LEU C 538 -19.63 31.21 -6.37
N THR C 539 -20.67 31.92 -5.91
CA THR C 539 -20.50 33.16 -5.17
C THR C 539 -21.32 33.10 -3.89
N ILE C 540 -21.35 34.21 -3.16
CA ILE C 540 -22.06 34.30 -1.89
C ILE C 540 -22.96 35.51 -1.91
N LEU C 541 -24.03 35.47 -1.13
CA LEU C 541 -25.05 36.50 -1.12
C LEU C 541 -24.98 37.28 0.19
N VAL C 542 -24.83 38.60 0.11
CA VAL C 542 -24.77 39.46 1.28
C VAL C 542 -25.68 40.66 1.06
N LYS C 543 -26.43 41.01 2.10
CA LYS C 543 -27.42 42.08 2.01
C LYS C 543 -26.73 43.43 2.02
N LYS C 544 -27.08 44.28 1.07
CA LYS C 544 -26.46 45.59 0.95
C LYS C 544 -27.38 46.57 0.22
N ARG C 663 -15.89 41.23 5.57
CA ARG C 663 -15.20 40.66 4.43
C ARG C 663 -15.31 39.13 4.43
N ILE C 664 -16.11 38.60 3.52
CA ILE C 664 -16.31 37.15 3.40
C ILE C 664 -15.49 36.71 2.19
N THR C 665 -14.29 36.21 2.45
CA THR C 665 -13.39 35.78 1.38
C THR C 665 -13.76 34.37 0.91
N GLY C 666 -13.00 33.85 -0.04
CA GLY C 666 -13.24 32.52 -0.57
C GLY C 666 -12.30 31.48 -0.01
N ILE C 667 -11.07 31.88 0.30
CA ILE C 667 -10.09 30.94 0.84
C ILE C 667 -10.48 30.52 2.25
N ASN C 668 -10.52 31.47 3.17
CA ASN C 668 -10.92 31.19 4.55
C ASN C 668 -11.22 32.48 5.30
N ASP C 669 -12.41 32.57 5.88
CA ASP C 669 -12.71 33.68 6.76
C ASP C 669 -12.74 33.19 8.20
N PRO C 670 -12.05 33.87 9.13
CA PRO C 670 -12.10 33.43 10.53
C PRO C 670 -13.51 33.44 11.10
N ARG C 671 -14.37 34.33 10.62
CA ARG C 671 -15.78 34.26 10.99
C ARG C 671 -16.42 32.98 10.46
N LEU C 672 -15.94 32.47 9.32
CA LEU C 672 -16.45 31.22 8.77
C LEU C 672 -15.67 30.02 9.30
N ARG C 673 -14.34 30.14 9.36
CA ARG C 673 -13.52 29.03 9.87
C ARG C 673 -13.85 28.76 11.34
N ASN C 674 -14.01 29.81 12.14
CA ASN C 674 -14.46 29.66 13.51
C ASN C 674 -15.92 30.07 13.59
N PRO C 675 -16.84 29.15 13.85
CA PRO C 675 -18.26 29.51 13.86
C PRO C 675 -18.57 30.57 14.91
N SER C 676 -19.48 31.47 14.56
CA SER C 676 -19.91 32.56 15.43
C SER C 676 -21.36 32.34 15.84
N ASP C 677 -21.90 33.29 16.59
CA ASP C 677 -23.28 33.20 17.07
C ASP C 677 -24.26 33.87 16.13
N LYS C 678 -23.89 35.01 15.54
CA LYS C 678 -24.81 35.74 14.68
C LYS C 678 -24.82 35.17 13.26
N PHE C 679 -23.66 35.14 12.61
CA PHE C 679 -23.60 34.70 11.23
C PHE C 679 -23.77 33.19 11.12
N ILE C 680 -24.62 32.76 10.19
CA ILE C 680 -24.84 31.35 9.89
C ILE C 680 -24.46 31.11 8.43
N TYR C 681 -23.57 30.15 8.20
CA TYR C 681 -23.10 29.81 6.87
C TYR C 681 -23.65 28.43 6.52
N ALA C 682 -24.81 28.40 5.86
CA ALA C 682 -25.46 27.15 5.51
C ALA C 682 -26.22 27.34 4.20
N THR C 683 -26.56 26.22 3.57
CA THR C 683 -27.22 26.22 2.27
C THR C 683 -28.41 25.27 2.28
N VAL C 684 -29.09 25.21 1.13
CA VAL C 684 -30.25 24.33 0.99
C VAL C 684 -29.79 22.88 0.97
N LYS C 685 -30.51 22.02 1.69
CA LYS C 685 -30.12 20.64 1.86
C LYS C 685 -30.21 19.87 0.54
N GLN C 686 -29.48 18.75 0.48
CA GLN C 686 -29.49 17.84 -0.66
C GLN C 686 -28.99 18.52 -1.94
N SER C 687 -28.11 19.50 -1.81
CA SER C 687 -27.55 20.18 -2.95
C SER C 687 -26.16 19.61 -3.25
N SER C 688 -25.46 20.22 -4.20
CA SER C 688 -24.10 19.79 -4.51
C SER C 688 -23.08 20.44 -3.58
N VAL C 689 -23.33 21.70 -3.19
CA VAL C 689 -22.43 22.39 -2.28
C VAL C 689 -22.35 21.67 -0.94
N ASP C 690 -23.43 21.01 -0.54
CA ASP C 690 -23.41 20.24 0.72
C ASP C 690 -22.39 19.12 0.65
N ILE C 691 -22.39 18.36 -0.44
CA ILE C 691 -21.42 17.28 -0.60
C ILE C 691 -20.01 17.85 -0.74
N TYR C 692 -19.89 18.97 -1.46
CA TYR C 692 -18.57 19.59 -1.63
C TYR C 692 -17.97 20.01 -0.29
N PHE C 693 -18.80 20.56 0.61
CA PHE C 693 -18.31 20.92 1.93
C PHE C 693 -18.09 19.69 2.81
N ARG C 694 -18.91 18.65 2.63
CA ARG C 694 -18.69 17.40 3.36
C ARG C 694 -17.43 16.68 2.92
N ARG C 695 -16.87 17.03 1.76
CA ARG C 695 -15.62 16.46 1.29
C ARG C 695 -14.39 17.22 1.75
N GLN C 696 -14.56 18.27 2.55
CA GLN C 696 -13.47 19.17 2.94
C GLN C 696 -12.96 18.82 4.34
N VAL C 697 -12.12 19.68 4.88
CA VAL C 697 -11.47 19.44 6.17
C VAL C 697 -11.85 20.53 7.18
N GLU C 698 -11.54 21.79 6.88
CA GLU C 698 -11.98 22.91 7.71
C GLU C 698 -13.37 23.37 7.30
N LEU C 699 -13.63 23.41 6.00
CA LEU C 699 -15.01 23.54 5.55
C LEU C 699 -15.85 22.36 6.00
N SER C 700 -15.22 21.23 6.36
CA SER C 700 -15.96 20.17 7.05
C SER C 700 -16.47 20.65 8.40
N THR C 701 -15.65 21.38 9.16
CA THR C 701 -16.13 21.98 10.40
C THR C 701 -17.21 23.03 10.12
N MET C 702 -17.04 23.79 9.04
CA MET C 702 -18.07 24.77 8.66
C MET C 702 -19.39 24.08 8.35
N TYR C 703 -19.34 22.95 7.63
CA TYR C 703 -20.56 22.22 7.31
C TYR C 703 -21.13 21.53 8.54
N ARG C 704 -20.29 21.12 9.49
CA ARG C 704 -20.79 20.59 10.75
C ARG C 704 -21.56 21.66 11.51
N HIS C 705 -21.05 22.89 11.51
CA HIS C 705 -21.81 24.00 12.09
C HIS C 705 -23.08 24.28 11.28
N MET C 706 -23.01 24.07 9.97
CA MET C 706 -24.14 24.37 9.10
C MET C 706 -25.26 23.33 9.22
N GLU C 707 -24.93 22.09 9.62
CA GLU C 707 -25.88 21.00 9.55
C GLU C 707 -27.15 21.30 10.35
N LYS C 708 -27.05 22.16 11.36
CA LYS C 708 -28.24 22.59 12.08
C LYS C 708 -29.16 23.47 11.25
N HIS C 709 -28.68 24.01 10.13
CA HIS C 709 -29.49 24.86 9.27
C HIS C 709 -29.46 24.32 7.85
N ASN C 710 -30.63 24.01 7.29
CA ASN C 710 -30.71 23.49 5.93
C ASN C 710 -32.07 23.88 5.37
N TYR C 711 -32.05 24.62 4.26
CA TYR C 711 -33.29 25.08 3.63
C TYR C 711 -33.80 24.02 2.66
N GLU C 712 -34.88 24.35 1.94
CA GLU C 712 -35.48 23.43 0.98
C GLU C 712 -35.64 24.02 -0.41
N SER C 713 -35.50 25.33 -0.57
CA SER C 713 -35.67 25.94 -1.88
C SER C 713 -34.91 27.26 -1.92
N ALA C 714 -34.63 27.71 -3.15
CA ALA C 714 -33.96 28.99 -3.33
C ALA C 714 -34.81 30.15 -2.83
N ALA C 715 -36.12 30.09 -3.05
CA ALA C 715 -37.00 31.17 -2.62
C ALA C 715 -36.98 31.33 -1.10
N GLU C 716 -36.91 30.22 -0.37
CA GLU C 716 -36.83 30.29 1.09
C GLU C 716 -35.56 31.01 1.53
N ALA C 717 -34.43 30.67 0.92
CA ALA C 717 -33.17 31.34 1.27
C ALA C 717 -33.22 32.81 0.91
N ILE C 718 -33.80 33.14 -0.25
CA ILE C 718 -33.89 34.54 -0.67
C ILE C 718 -34.74 35.34 0.31
N GLN C 719 -35.88 34.77 0.71
CA GLN C 719 -36.75 35.47 1.67
C GLN C 719 -36.05 35.62 3.01
N ALA C 720 -35.35 34.57 3.47
CA ALA C 720 -34.65 34.63 4.75
C ALA C 720 -33.52 35.65 4.75
N VAL C 721 -32.76 35.75 3.67
CA VAL C 721 -31.65 36.71 3.59
C VAL C 721 -32.11 38.12 3.27
N ARG C 722 -33.29 38.28 2.67
CA ARG C 722 -33.80 39.61 2.37
C ARG C 722 -34.26 40.34 3.62
N ASP C 723 -34.84 39.62 4.58
CA ASP C 723 -35.34 40.21 5.81
C ASP C 723 -34.34 40.12 6.95
N ASN C 724 -33.05 39.99 6.63
CA ASN C 724 -31.95 39.92 7.59
C ASN C 724 -32.05 38.70 8.51
N LYS C 725 -32.92 37.75 8.21
CA LYS C 725 -33.01 36.55 9.03
C LYS C 725 -31.84 35.61 8.74
N LEU C 726 -31.38 35.57 7.51
CA LEU C 726 -30.26 34.73 7.11
C LEU C 726 -29.01 35.59 6.92
N HIS C 727 -27.85 35.00 7.23
CA HIS C 727 -26.58 35.71 7.17
C HIS C 727 -25.79 35.37 5.90
N ALA C 728 -25.52 34.10 5.66
CA ALA C 728 -24.68 33.68 4.55
C ALA C 728 -25.40 32.64 3.71
N PHE C 729 -25.17 32.70 2.40
CA PHE C 729 -25.71 31.73 1.45
C PHE C 729 -24.81 31.70 0.23
N ILE C 730 -24.32 30.51 -0.12
CA ILE C 730 -23.39 30.34 -1.22
C ILE C 730 -24.08 29.47 -2.28
N TRP C 731 -24.05 29.91 -3.53
CA TRP C 731 -24.63 29.13 -4.62
C TRP C 731 -24.05 29.62 -5.94
N ASP C 732 -24.71 29.22 -7.03
CA ASP C 732 -24.19 29.44 -8.38
C ASP C 732 -24.12 30.92 -8.71
N SER C 733 -23.24 31.24 -9.67
CA SER C 733 -23.02 32.62 -10.06
C SER C 733 -24.19 33.18 -10.86
N ALA C 734 -24.74 32.37 -11.77
CA ALA C 734 -25.77 32.88 -12.68
C ALA C 734 -27.06 33.22 -11.93
N VAL C 735 -27.54 32.30 -11.10
CA VAL C 735 -28.78 32.53 -10.37
C VAL C 735 -28.63 33.71 -9.42
N LEU C 736 -27.51 33.76 -8.69
CA LEU C 736 -27.29 34.84 -7.74
C LEU C 736 -27.19 36.18 -8.45
N GLU C 737 -26.49 36.23 -9.59
CA GLU C 737 -26.37 37.46 -10.35
C GLU C 737 -27.73 37.92 -10.85
N PHE C 738 -28.54 36.99 -11.35
CA PHE C 738 -29.87 37.35 -11.82
C PHE C 738 -30.73 37.89 -10.68
N GLU C 739 -30.67 37.23 -9.52
CA GLU C 739 -31.45 37.69 -8.37
C GLU C 739 -31.01 39.07 -7.92
N ALA C 740 -29.69 39.32 -7.87
CA ALA C 740 -29.21 40.64 -7.49
C ALA C 740 -29.62 41.70 -8.50
N SER C 741 -29.57 41.38 -9.78
CA SER C 741 -30.00 42.34 -10.80
C SER C 741 -31.49 42.64 -10.70
N GLN C 742 -32.30 41.64 -10.36
CA GLN C 742 -33.73 41.84 -10.21
C GLN C 742 -34.08 42.40 -8.83
N LYS C 743 -33.71 41.68 -7.78
CA LYS C 743 -33.98 42.11 -6.41
C LYS C 743 -32.84 43.00 -5.95
N CYS C 744 -33.12 44.30 -5.84
CA CYS C 744 -32.11 45.26 -5.43
C CYS C 744 -31.80 45.11 -3.94
N ASP C 745 -30.89 45.96 -3.46
CA ASP C 745 -30.42 45.99 -2.07
C ASP C 745 -29.72 44.70 -1.66
N LEU C 746 -29.34 43.86 -2.62
CA LEU C 746 -28.67 42.59 -2.34
C LEU C 746 -27.46 42.49 -3.27
N VAL C 747 -26.30 42.19 -2.71
CA VAL C 747 -25.05 42.23 -3.46
C VAL C 747 -24.27 40.95 -3.19
N THR C 748 -23.70 40.39 -4.25
CA THR C 748 -22.87 39.20 -4.16
C THR C 748 -21.44 39.61 -3.78
N THR C 749 -20.79 38.75 -3.01
CA THR C 749 -19.45 39.01 -2.51
C THR C 749 -18.45 38.09 -3.19
N GLY C 750 -17.41 38.70 -3.76
CA GLY C 750 -16.35 37.94 -4.40
C GLY C 750 -16.71 37.49 -5.79
N GLU C 751 -15.68 37.04 -6.52
CA GLU C 751 -15.86 36.52 -7.86
C GLU C 751 -16.15 35.03 -7.79
N LEU C 752 -16.28 34.39 -8.95
CA LEU C 752 -16.53 32.96 -9.02
C LEU C 752 -15.26 32.22 -8.62
N PHE C 753 -15.19 31.75 -7.38
CA PHE C 753 -14.03 31.04 -6.87
C PHE C 753 -14.02 29.57 -7.30
N PHE C 754 -14.95 29.17 -8.14
CA PHE C 754 -15.02 27.78 -8.61
C PHE C 754 -15.48 27.78 -10.06
N ARG C 755 -15.22 26.69 -10.76
CA ARG C 755 -15.57 26.54 -12.15
C ARG C 755 -16.37 25.25 -12.35
N SER C 756 -17.46 25.34 -13.11
CA SER C 756 -18.30 24.20 -13.43
C SER C 756 -19.17 24.57 -14.63
N GLY C 757 -20.12 23.70 -14.95
CA GLY C 757 -21.00 23.95 -16.08
C GLY C 757 -22.30 23.19 -15.97
N PHE C 758 -23.28 23.64 -16.73
CA PHE C 758 -24.60 23.02 -16.77
C PHE C 758 -24.70 22.07 -17.95
N GLY C 759 -25.45 20.99 -17.76
CA GLY C 759 -25.60 20.01 -18.81
C GLY C 759 -26.87 19.19 -18.76
N ILE C 760 -27.30 18.70 -19.91
CA ILE C 760 -28.45 17.80 -19.97
C ILE C 760 -28.04 16.42 -19.50
N GLY C 761 -28.81 15.85 -18.57
CA GLY C 761 -28.47 14.54 -18.05
C GLY C 761 -29.31 13.42 -18.65
N MET C 762 -28.66 12.31 -18.98
CA MET C 762 -29.34 11.16 -19.57
C MET C 762 -28.73 9.87 -19.03
N ARG C 763 -29.48 8.79 -19.15
CA ARG C 763 -28.99 7.48 -18.73
C ARG C 763 -27.81 7.05 -19.59
N LYS C 764 -26.91 6.27 -18.99
CA LYS C 764 -25.72 5.81 -19.70
C LYS C 764 -26.12 4.94 -20.88
N ASP C 765 -25.38 5.09 -21.98
CA ASP C 765 -25.64 4.37 -23.23
C ASP C 765 -27.06 4.68 -23.69
N SER C 766 -27.29 5.93 -24.09
CA SER C 766 -28.55 6.37 -24.67
C SER C 766 -28.32 6.90 -26.08
N PRO C 767 -29.22 6.59 -27.01
CA PRO C 767 -28.97 6.95 -28.41
C PRO C 767 -28.99 8.45 -28.68
N TRP C 768 -29.54 9.26 -27.78
CA TRP C 768 -29.72 10.68 -28.08
C TRP C 768 -28.53 11.53 -27.69
N LYS C 769 -27.54 10.98 -27.00
CA LYS C 769 -26.48 11.79 -26.40
C LYS C 769 -25.65 12.52 -27.45
N GLN C 770 -25.15 11.78 -28.45
CA GLN C 770 -24.35 12.38 -29.50
C GLN C 770 -25.13 13.42 -30.28
N ASN C 771 -26.38 13.08 -30.62
CA ASN C 771 -27.26 14.00 -31.31
C ASN C 771 -27.38 15.31 -30.55
N VAL C 772 -27.65 15.22 -29.24
CA VAL C 772 -27.89 16.41 -28.43
C VAL C 772 -26.61 17.23 -28.29
N SER C 773 -25.48 16.56 -28.07
CA SER C 773 -24.22 17.29 -27.91
C SER C 773 -23.86 18.07 -29.17
N LEU C 774 -24.01 17.43 -30.33
CA LEU C 774 -23.72 18.16 -31.56
C LEU C 774 -24.70 19.29 -31.79
N SER C 775 -25.97 19.11 -31.42
CA SER C 775 -26.92 20.21 -31.59
C SER C 775 -26.56 21.39 -30.70
N ILE C 776 -26.15 21.12 -29.46
CA ILE C 776 -25.75 22.21 -28.56
C ILE C 776 -24.54 22.94 -29.11
N LEU C 777 -23.56 22.19 -29.61
CA LEU C 777 -22.38 22.85 -30.17
C LEU C 777 -22.74 23.69 -31.39
N LYS C 778 -23.60 23.18 -32.25
CA LYS C 778 -24.04 23.95 -33.41
C LYS C 778 -24.79 25.21 -32.99
N SER C 779 -25.61 25.12 -31.94
CA SER C 779 -26.30 26.29 -31.43
C SER C 779 -25.31 27.32 -30.89
N HIS C 780 -24.27 26.86 -30.18
CA HIS C 780 -23.25 27.78 -29.70
C HIS C 780 -22.57 28.50 -30.85
N GLU C 781 -22.20 27.77 -31.89
CA GLU C 781 -21.54 28.38 -33.05
C GLU C 781 -22.48 29.29 -33.84
N ASN C 782 -23.78 28.99 -33.85
CA ASN C 782 -24.72 29.76 -34.65
C ASN C 782 -24.92 31.17 -34.09
N GLY C 783 -25.12 31.27 -32.78
CA GLY C 783 -25.37 32.55 -32.16
C GLY C 783 -26.71 32.59 -31.45
N PHE C 784 -27.45 31.48 -31.52
CA PHE C 784 -28.77 31.42 -30.89
C PHE C 784 -28.68 31.71 -29.40
N MET C 785 -27.68 31.13 -28.73
CA MET C 785 -27.56 31.31 -27.29
C MET C 785 -27.37 32.77 -26.93
N GLU C 786 -26.71 33.54 -27.80
CA GLU C 786 -26.47 34.95 -27.51
C GLU C 786 -27.78 35.73 -27.40
N ASP C 787 -28.64 35.63 -28.42
CA ASP C 787 -29.91 36.36 -28.36
C ASP C 787 -30.83 35.79 -27.29
N LEU C 788 -30.78 34.47 -27.08
CA LEU C 788 -31.62 33.87 -26.05
C LEU C 788 -31.24 34.40 -24.67
N ASP C 789 -29.94 34.49 -24.38
CA ASP C 789 -29.48 35.03 -23.11
C ASP C 789 -29.81 36.51 -23.00
N LYS C 790 -29.69 37.25 -24.10
CA LYS C 790 -30.09 38.65 -24.09
C LYS C 790 -31.56 38.81 -23.78
N THR C 791 -32.39 37.86 -24.23
CA THR C 791 -33.82 37.92 -23.95
C THR C 791 -34.13 37.57 -22.50
N TRP C 792 -33.50 36.52 -21.97
CA TRP C 792 -33.88 36.01 -20.65
C TRP C 792 -32.95 36.44 -19.52
N VAL C 793 -31.64 36.17 -19.65
CA VAL C 793 -30.75 36.29 -18.50
C VAL C 793 -30.56 37.75 -18.08
N ARG C 794 -30.42 38.68 -19.03
CA ARG C 794 -30.17 40.07 -18.68
C ARG C 794 -31.11 40.94 -19.50
N TYR C 795 -32.06 41.58 -18.81
CA TYR C 795 -33.02 42.48 -19.47
C TYR C 795 -32.50 43.92 -19.47
N GLN C 796 -31.28 44.07 -19.96
CA GLN C 796 -30.61 45.37 -20.07
C GLN C 796 -30.61 46.11 -18.73
N GLU C 797 -30.00 45.48 -17.74
CA GLU C 797 -29.91 46.06 -16.40
C GLU C 797 -28.68 46.96 -16.28
N THR D 62 -50.17 -24.91 28.81
CA THR D 62 -49.13 -25.85 29.22
C THR D 62 -47.89 -25.71 28.35
N VAL D 63 -46.72 -25.99 28.94
CA VAL D 63 -45.43 -25.89 28.26
C VAL D 63 -44.62 -27.15 28.58
N ALA D 64 -44.04 -27.73 27.54
CA ALA D 64 -43.24 -28.93 27.68
C ALA D 64 -41.76 -28.57 27.72
N VAL D 65 -40.97 -29.45 28.33
CA VAL D 65 -39.52 -29.25 28.46
C VAL D 65 -38.83 -30.58 28.19
N VAL D 66 -37.78 -30.55 27.38
CA VAL D 66 -37.06 -31.76 26.98
C VAL D 66 -35.56 -31.53 27.17
N PHE D 67 -34.88 -32.51 27.75
CA PHE D 67 -33.45 -32.49 27.98
C PHE D 67 -32.77 -33.50 27.06
N SER D 68 -31.44 -33.45 27.02
CA SER D 68 -30.69 -34.38 26.17
C SER D 68 -29.19 -34.47 26.50
N SER D 69 -28.70 -35.69 26.62
CA SER D 69 -27.28 -36.03 26.48
C SER D 69 -26.37 -35.18 27.39
N SER D 70 -26.52 -35.41 28.69
CA SER D 70 -25.63 -34.81 29.68
C SER D 70 -25.63 -35.72 30.90
N GLY D 71 -25.00 -35.24 31.98
CA GLY D 71 -25.13 -35.88 33.26
C GLY D 71 -26.59 -35.92 33.66
N PRO D 72 -27.06 -37.07 34.13
CA PRO D 72 -28.51 -37.28 34.33
C PRO D 72 -29.10 -36.18 35.21
N PRO D 73 -29.94 -35.33 34.65
CA PRO D 73 -30.47 -34.17 35.39
C PRO D 73 -31.79 -34.48 36.09
N GLN D 74 -31.81 -35.56 36.87
CA GLN D 74 -33.00 -35.90 37.63
C GLN D 74 -33.31 -34.81 38.66
N ALA D 75 -32.28 -34.35 39.38
CA ALA D 75 -32.46 -33.24 40.29
C ALA D 75 -32.83 -31.97 39.53
N GLN D 76 -32.18 -31.73 38.39
CA GLN D 76 -32.53 -30.57 37.58
C GLN D 76 -33.94 -30.68 37.03
N PHE D 77 -34.35 -31.88 36.62
CA PHE D 77 -35.72 -32.06 36.13
C PHE D 77 -36.74 -31.79 37.23
N ARG D 78 -36.47 -32.28 38.45
CA ARG D 78 -37.37 -32.01 39.57
C ARG D 78 -37.40 -30.52 39.91
N ALA D 79 -36.24 -29.86 39.86
CA ALA D 79 -36.20 -28.44 40.16
C ALA D 79 -36.93 -27.63 39.10
N ARG D 80 -36.94 -28.11 37.86
CA ARG D 80 -37.68 -27.41 36.81
C ARG D 80 -39.18 -27.66 36.91
N LEU D 81 -39.56 -28.88 37.32
CA LEU D 81 -40.98 -29.21 37.42
C LEU D 81 -41.62 -28.61 38.67
N THR D 82 -40.82 -28.37 39.71
CA THR D 82 -41.33 -27.91 40.99
C THR D 82 -42.07 -26.59 40.92
N PRO D 83 -41.51 -25.53 40.28
CA PRO D 83 -42.25 -24.25 40.32
C PRO D 83 -43.43 -24.21 39.35
N GLN D 84 -44.50 -24.91 39.72
CA GLN D 84 -45.74 -24.87 38.98
C GLN D 84 -46.36 -23.47 38.95
N SER D 85 -45.96 -22.61 39.87
CA SER D 85 -46.30 -21.19 39.87
C SER D 85 -45.03 -20.43 40.26
N PHE D 86 -44.23 -20.08 39.26
CA PHE D 86 -42.96 -19.42 39.50
C PHE D 86 -43.08 -17.89 39.54
N LEU D 87 -44.26 -17.35 39.23
CA LEU D 87 -44.50 -15.91 39.26
C LEU D 87 -43.51 -15.15 38.38
N ASP D 88 -43.14 -15.75 37.25
CA ASP D 88 -42.24 -15.13 36.30
C ASP D 88 -42.97 -14.32 35.25
N LEU D 89 -44.30 -14.35 35.24
CA LEU D 89 -45.10 -13.64 34.24
C LEU D 89 -46.53 -13.63 34.73
N PRO D 90 -47.36 -12.71 34.20
CA PRO D 90 -48.80 -12.75 34.50
C PRO D 90 -49.41 -14.05 33.99
N LEU D 91 -49.92 -14.86 34.93
CA LEU D 91 -50.42 -16.21 34.67
C LEU D 91 -49.27 -17.15 34.33
N GLU D 92 -49.37 -18.41 34.77
CA GLU D 92 -48.30 -19.37 34.56
C GLU D 92 -48.92 -20.71 34.22
N ILE D 93 -48.81 -21.12 32.96
CA ILE D 93 -49.31 -22.43 32.54
C ILE D 93 -48.53 -23.52 33.27
N GLN D 94 -49.19 -24.62 33.55
CA GLN D 94 -48.57 -25.72 34.28
C GLN D 94 -47.46 -26.34 33.45
N PRO D 95 -46.22 -26.36 33.95
CA PRO D 95 -45.12 -26.96 33.19
C PRO D 95 -44.99 -28.46 33.45
N LEU D 96 -44.53 -29.16 32.42
CA LEU D 96 -44.26 -30.59 32.50
C LEU D 96 -42.96 -30.88 31.78
N THR D 97 -42.30 -31.96 32.18
CA THR D 97 -40.96 -32.27 31.70
C THR D 97 -40.94 -33.64 31.04
N VAL D 98 -40.06 -33.77 30.03
CA VAL D 98 -39.85 -35.01 29.30
C VAL D 98 -38.35 -35.15 29.07
N GLY D 99 -37.86 -36.38 29.15
CA GLY D 99 -36.44 -36.62 28.92
C GLY D 99 -36.18 -37.82 28.03
N VAL D 100 -35.39 -37.62 26.97
CA VAL D 100 -35.04 -38.70 26.06
C VAL D 100 -33.70 -39.28 26.48
N ASN D 101 -33.58 -40.61 26.40
CA ASN D 101 -32.33 -41.25 26.80
C ASN D 101 -31.24 -41.01 25.76
N THR D 102 -31.57 -41.15 24.49
CA THR D 102 -30.61 -40.97 23.40
C THR D 102 -31.23 -40.12 22.30
N THR D 103 -30.38 -39.45 21.54
CA THR D 103 -30.80 -38.60 20.44
C THR D 103 -30.79 -39.42 19.15
N ASN D 104 -31.98 -39.64 18.59
CA ASN D 104 -32.15 -40.44 17.39
C ASN D 104 -33.43 -40.01 16.70
N PRO D 105 -33.60 -40.31 15.41
CA PRO D 105 -34.81 -39.87 14.71
C PRO D 105 -36.10 -40.45 15.26
N SER D 106 -36.22 -41.78 15.34
CA SER D 106 -37.47 -42.37 15.86
C SER D 106 -37.66 -42.06 17.32
N SER D 107 -36.58 -42.09 18.12
CA SER D 107 -36.72 -41.79 19.53
C SER D 107 -37.33 -40.40 19.72
N LEU D 108 -36.73 -39.40 19.08
CA LEU D 108 -37.24 -38.04 19.20
C LEU D 108 -38.66 -37.93 18.64
N LEU D 109 -38.92 -38.50 17.47
CA LEU D 109 -40.23 -38.39 16.86
C LEU D 109 -41.31 -38.99 17.75
N THR D 110 -41.06 -40.21 18.24
CA THR D 110 -42.04 -40.88 19.09
C THR D 110 -42.28 -40.11 20.38
N GLN D 111 -41.21 -39.66 21.03
CA GLN D 111 -41.39 -38.94 22.29
C GLN D 111 -42.19 -37.67 22.09
N ILE D 112 -41.84 -36.85 21.10
CA ILE D 112 -42.56 -35.60 20.92
C ILE D 112 -44.00 -35.85 20.49
N CYS D 113 -44.23 -36.76 19.54
CA CYS D 113 -45.60 -37.02 19.11
C CYS D 113 -46.44 -37.53 20.28
N GLY D 114 -45.90 -38.47 21.07
CA GLY D 114 -46.66 -38.98 22.19
C GLY D 114 -46.97 -37.92 23.22
N LEU D 115 -45.97 -37.11 23.60
CA LEU D 115 -46.19 -36.10 24.61
C LEU D 115 -47.21 -35.07 24.15
N LEU D 116 -47.06 -34.57 22.92
CA LEU D 116 -47.93 -33.51 22.44
C LEU D 116 -49.28 -34.05 21.96
N GLY D 117 -49.43 -35.38 21.83
CA GLY D 117 -50.73 -35.94 21.53
C GLY D 117 -51.49 -36.42 22.74
N ALA D 118 -50.80 -36.69 23.85
CA ALA D 118 -51.45 -37.09 25.09
C ALA D 118 -51.42 -36.01 26.15
N ALA D 119 -50.93 -34.81 25.82
CA ALA D 119 -50.90 -33.71 26.78
C ALA D 119 -51.67 -32.46 26.34
N HIS D 120 -51.89 -32.28 25.04
CA HIS D 120 -52.56 -31.09 24.50
C HIS D 120 -51.81 -29.82 24.92
N VAL D 121 -50.57 -29.72 24.43
CA VAL D 121 -49.65 -28.65 24.82
C VAL D 121 -49.69 -27.53 23.80
N HIS D 122 -49.50 -26.30 24.27
CA HIS D 122 -49.53 -25.11 23.44
C HIS D 122 -48.15 -24.72 22.92
N GLY D 123 -47.12 -24.82 23.75
CA GLY D 123 -45.76 -24.53 23.34
C GLY D 123 -44.80 -25.50 23.98
N ILE D 124 -43.67 -25.69 23.32
CA ILE D 124 -42.66 -26.66 23.76
C ILE D 124 -41.29 -26.02 23.65
N VAL D 125 -40.46 -26.24 24.67
CA VAL D 125 -39.13 -25.65 24.78
C VAL D 125 -38.10 -26.77 24.77
N PHE D 126 -37.09 -26.64 23.91
CA PHE D 126 -36.06 -27.65 23.76
C PHE D 126 -34.84 -27.31 24.60
N GLU D 127 -34.05 -28.33 24.91
CA GLU D 127 -32.74 -28.17 25.51
C GLU D 127 -31.77 -29.11 24.82
N ASP D 128 -30.58 -28.61 24.51
CA ASP D 128 -29.66 -29.28 23.60
C ASP D 128 -28.87 -30.41 24.23
N ASN D 129 -27.79 -30.80 23.56
CA ASN D 129 -27.08 -32.04 23.80
C ASN D 129 -25.59 -31.86 23.57
N VAL D 130 -24.89 -32.97 23.30
CA VAL D 130 -23.44 -33.02 23.17
C VAL D 130 -22.96 -32.17 22.00
N ASP D 131 -23.88 -31.47 21.34
CA ASP D 131 -23.61 -30.59 20.20
C ASP D 131 -23.14 -31.38 18.98
N THR D 132 -23.99 -32.27 18.50
CA THR D 132 -23.84 -32.89 17.20
C THR D 132 -24.77 -32.22 16.20
N GLU D 133 -24.37 -32.21 14.93
CA GLU D 133 -25.13 -31.50 13.91
C GLU D 133 -26.28 -32.37 13.41
N ALA D 134 -27.04 -31.80 12.47
CA ALA D 134 -28.17 -32.48 11.82
C ALA D 134 -29.25 -32.89 12.83
N VAL D 135 -29.50 -32.04 13.82
CA VAL D 135 -30.58 -32.29 14.77
C VAL D 135 -31.65 -31.21 14.71
N ALA D 136 -31.32 -29.98 14.33
CA ALA D 136 -32.33 -28.94 14.24
C ALA D 136 -33.28 -29.17 13.07
N GLN D 137 -32.82 -29.91 12.05
CA GLN D 137 -33.68 -30.19 10.90
C GLN D 137 -34.90 -31.02 11.31
N ILE D 138 -34.71 -31.99 12.21
CA ILE D 138 -35.84 -32.78 12.66
C ILE D 138 -36.84 -31.90 13.39
N LEU D 139 -36.36 -30.97 14.21
CA LEU D 139 -37.27 -30.06 14.90
C LEU D 139 -38.02 -29.18 13.91
N ASP D 140 -37.34 -28.69 12.87
CA ASP D 140 -38.02 -27.90 11.85
C ASP D 140 -39.10 -28.75 11.17
N PHE D 141 -38.77 -30.00 10.84
CA PHE D 141 -39.73 -30.89 10.20
C PHE D 141 -40.96 -31.09 11.07
N ILE D 142 -40.76 -31.35 12.35
CA ILE D 142 -41.88 -31.59 13.26
C ILE D 142 -42.74 -30.34 13.40
N SER D 143 -42.11 -29.17 13.59
CA SER D 143 -42.88 -27.95 13.76
C SER D 143 -43.65 -27.60 12.50
N SER D 144 -43.07 -27.86 11.33
CA SER D 144 -43.78 -27.61 10.08
C SER D 144 -44.98 -28.55 9.93
N GLN D 145 -44.81 -29.82 10.32
CA GLN D 145 -45.90 -30.77 10.16
C GLN D 145 -47.04 -30.48 11.12
N THR D 146 -46.76 -30.47 12.42
CA THR D 146 -47.85 -30.41 13.40
C THR D 146 -48.16 -29.00 13.88
N HIS D 147 -47.51 -27.98 13.33
CA HIS D 147 -47.87 -26.58 13.58
C HIS D 147 -47.86 -26.21 15.06
N VAL D 148 -46.86 -26.71 15.79
CA VAL D 148 -46.67 -26.34 17.18
C VAL D 148 -45.40 -25.51 17.29
N PRO D 149 -45.45 -24.31 17.86
CA PRO D 149 -44.23 -23.50 17.97
C PRO D 149 -43.29 -24.08 19.00
N ILE D 150 -42.02 -24.19 18.64
CA ILE D 150 -41.01 -24.71 19.55
C ILE D 150 -39.92 -23.66 19.72
N LEU D 151 -38.89 -23.97 20.51
CA LEU D 151 -37.82 -23.01 20.75
C LEU D 151 -36.60 -23.74 21.25
N SER D 152 -35.49 -23.60 20.53
CA SER D 152 -34.20 -24.17 20.91
C SER D 152 -33.40 -23.15 21.71
N ILE D 153 -32.73 -23.61 22.76
CA ILE D 153 -32.08 -22.70 23.69
C ILE D 153 -30.56 -22.81 23.73
N SER D 154 -29.96 -23.97 23.52
CA SER D 154 -28.53 -24.10 23.73
C SER D 154 -27.94 -25.07 22.71
N GLY D 155 -26.66 -25.40 22.91
CA GLY D 155 -25.90 -26.42 22.23
C GLY D 155 -25.86 -26.29 20.73
N GLY D 156 -25.70 -27.45 20.07
CA GLY D 156 -25.58 -27.50 18.63
C GLY D 156 -26.89 -27.31 17.89
N SER D 157 -28.03 -27.54 18.55
CA SER D 157 -29.30 -27.27 17.91
C SER D 157 -29.60 -25.78 17.83
N ALA D 158 -28.86 -24.96 18.56
CA ALA D 158 -28.98 -23.50 18.45
C ALA D 158 -27.97 -22.93 17.46
N VAL D 159 -27.95 -23.51 16.26
CA VAL D 159 -27.13 -23.03 15.15
C VAL D 159 -28.08 -22.62 14.04
N VAL D 160 -27.89 -21.41 13.52
CA VAL D 160 -28.90 -20.81 12.66
C VAL D 160 -29.07 -21.61 11.39
N LEU D 161 -30.33 -21.91 11.04
CA LEU D 161 -30.71 -22.59 9.81
C LEU D 161 -31.40 -21.55 8.94
N THR D 162 -30.74 -21.14 7.85
CA THR D 162 -31.22 -19.98 7.10
C THR D 162 -32.45 -20.30 6.26
N PRO D 163 -32.43 -21.28 5.34
CA PRO D 163 -33.65 -21.53 4.55
C PRO D 163 -34.59 -22.55 5.21
N LYS D 164 -35.26 -22.11 6.26
CA LYS D 164 -36.19 -22.97 6.97
C LYS D 164 -37.42 -23.25 6.12
N GLU D 165 -38.24 -24.19 6.58
CA GLU D 165 -39.45 -24.55 5.85
C GLU D 165 -40.42 -23.37 5.82
N PRO D 166 -41.30 -23.31 4.80
CA PRO D 166 -42.15 -22.14 4.64
C PRO D 166 -43.09 -21.88 5.80
N GLY D 167 -43.89 -22.88 6.18
CA GLY D 167 -44.85 -22.74 7.24
C GLY D 167 -44.34 -23.07 8.63
N SER D 168 -43.03 -23.20 8.80
CA SER D 168 -42.44 -23.64 10.06
C SER D 168 -42.34 -22.49 11.05
N ALA D 169 -42.26 -22.84 12.33
CA ALA D 169 -42.04 -21.90 13.43
C ALA D 169 -41.01 -22.51 14.36
N PHE D 170 -39.73 -22.24 14.10
CA PHE D 170 -38.64 -22.87 14.83
C PHE D 170 -38.07 -21.97 15.92
N LEU D 171 -37.65 -20.75 15.56
CA LEU D 171 -37.21 -19.75 16.53
C LEU D 171 -36.07 -20.26 17.40
N GLN D 172 -34.93 -20.51 16.77
CA GLN D 172 -33.72 -20.91 17.48
C GLN D 172 -32.86 -19.69 17.75
N LEU D 173 -32.44 -19.51 19.00
CA LEU D 173 -31.73 -18.31 19.41
C LEU D 173 -30.25 -18.45 19.06
N GLY D 174 -29.81 -17.66 18.09
CA GLY D 174 -28.44 -17.64 17.66
C GLY D 174 -28.20 -16.43 16.79
N VAL D 175 -27.04 -16.39 16.15
CA VAL D 175 -26.66 -15.25 15.33
C VAL D 175 -26.15 -15.76 14.00
N SER D 176 -26.63 -15.15 12.91
CA SER D 176 -26.20 -15.54 11.58
C SER D 176 -24.76 -15.10 11.36
N LEU D 177 -24.15 -15.60 10.28
CA LEU D 177 -22.74 -15.29 10.02
C LEU D 177 -22.54 -13.81 9.75
N GLU D 178 -23.58 -13.14 9.24
CA GLU D 178 -23.44 -11.71 8.91
C GLU D 178 -23.15 -10.88 10.15
N GLN D 179 -23.90 -11.11 11.23
CA GLN D 179 -23.72 -10.31 12.44
C GLN D 179 -22.38 -10.61 13.11
N GLN D 180 -21.98 -11.89 13.13
CA GLN D 180 -20.69 -12.24 13.69
C GLN D 180 -19.55 -11.61 12.91
N LEU D 181 -19.64 -11.63 11.57
CA LEU D 181 -18.61 -11.00 10.75
C LEU D 181 -18.59 -9.50 10.95
N GLN D 182 -19.76 -8.89 11.11
CA GLN D 182 -19.81 -7.46 11.41
C GLN D 182 -19.07 -7.15 12.70
N VAL D 183 -19.32 -7.94 13.75
CA VAL D 183 -18.65 -7.70 15.02
C VAL D 183 -17.15 -7.90 14.88
N LEU D 184 -16.72 -8.94 14.16
CA LEU D 184 -15.30 -9.18 14.00
C LEU D 184 -14.63 -8.02 13.25
N PHE D 185 -15.26 -7.52 12.19
CA PHE D 185 -14.66 -6.41 11.47
C PHE D 185 -14.74 -5.11 12.23
N LYS D 186 -15.64 -4.99 13.20
CA LYS D 186 -15.64 -3.83 14.08
C LYS D 186 -14.54 -3.91 15.14
N VAL D 187 -13.93 -5.08 15.33
CA VAL D 187 -12.77 -5.16 16.22
C VAL D 187 -11.47 -5.15 15.43
N LEU D 188 -11.51 -5.52 14.15
CA LEU D 188 -10.33 -5.34 13.31
C LEU D 188 -10.07 -3.87 13.00
N GLU D 189 -11.13 -3.08 12.80
CA GLU D 189 -10.95 -1.68 12.45
C GLU D 189 -10.37 -0.88 13.62
N GLU D 190 -10.77 -1.19 14.84
CA GLU D 190 -10.33 -0.38 15.97
C GLU D 190 -8.85 -0.56 16.26
N TYR D 191 -8.33 -1.78 16.12
CA TYR D 191 -6.90 -2.01 16.26
C TYR D 191 -6.13 -1.82 14.97
N ASP D 192 -6.83 -1.57 13.86
CA ASP D 192 -6.22 -1.18 12.59
C ASP D 192 -5.21 -2.22 12.12
N TRP D 193 -5.71 -3.42 11.84
CA TRP D 193 -4.84 -4.49 11.35
C TRP D 193 -4.88 -4.57 9.82
N SER D 194 -6.06 -4.82 9.26
CA SER D 194 -6.28 -4.87 7.81
C SER D 194 -5.27 -5.78 7.10
N ALA D 195 -5.32 -7.06 7.46
CA ALA D 195 -4.45 -8.08 6.86
C ALA D 195 -5.24 -9.09 6.04
N PHE D 196 -6.29 -9.67 6.62
CA PHE D 196 -7.27 -10.47 5.88
C PHE D 196 -6.62 -11.71 5.24
N ALA D 197 -6.16 -12.61 6.10
CA ALA D 197 -5.77 -13.95 5.68
C ALA D 197 -6.92 -14.89 6.04
N VAL D 198 -7.78 -15.17 5.06
CA VAL D 198 -9.00 -15.94 5.29
C VAL D 198 -8.75 -17.38 4.91
N ILE D 199 -9.02 -18.29 5.84
CA ILE D 199 -8.84 -19.72 5.64
C ILE D 199 -10.17 -20.41 5.94
N THR D 200 -10.62 -21.26 5.02
CA THR D 200 -11.87 -21.98 5.22
C THR D 200 -11.70 -23.42 4.78
N SER D 201 -12.25 -24.35 5.55
CA SER D 201 -12.20 -25.75 5.18
C SER D 201 -13.35 -26.08 4.22
N LEU D 202 -13.36 -27.33 3.76
CA LEU D 202 -14.42 -27.80 2.87
C LEU D 202 -15.62 -28.21 3.72
N HIS D 203 -16.40 -27.20 4.12
CA HIS D 203 -17.56 -27.37 4.98
C HIS D 203 -18.83 -27.10 4.18
N PRO D 204 -19.98 -27.63 4.61
CA PRO D 204 -21.23 -27.34 3.90
C PRO D 204 -21.54 -25.85 3.78
N GLY D 205 -21.25 -25.05 4.80
CA GLY D 205 -21.59 -23.64 4.78
C GLY D 205 -20.48 -22.69 4.40
N HIS D 206 -19.41 -23.18 3.76
CA HIS D 206 -18.26 -22.33 3.47
C HIS D 206 -18.57 -21.29 2.41
N ALA D 207 -19.42 -21.63 1.43
CA ALA D 207 -19.76 -20.67 0.39
C ALA D 207 -20.48 -19.45 0.96
N LEU D 208 -21.39 -19.68 1.91
CA LEU D 208 -22.08 -18.57 2.55
C LEU D 208 -21.11 -17.66 3.29
N PHE D 209 -20.15 -18.23 4.01
CA PHE D 209 -19.16 -17.43 4.72
C PHE D 209 -18.31 -16.64 3.74
N LEU D 210 -17.89 -17.27 2.63
CA LEU D 210 -17.05 -16.58 1.66
C LEU D 210 -17.81 -15.46 0.96
N GLU D 211 -19.11 -15.63 0.74
CA GLU D 211 -19.90 -14.53 0.20
C GLU D 211 -20.10 -13.43 1.23
N GLY D 212 -20.32 -13.80 2.49
CA GLY D 212 -20.59 -12.81 3.51
C GLY D 212 -19.39 -11.93 3.81
N VAL D 213 -18.19 -12.51 3.84
CA VAL D 213 -17.00 -11.71 4.12
C VAL D 213 -16.81 -10.67 3.04
N ARG D 214 -16.97 -11.06 1.77
CA ARG D 214 -16.86 -10.11 0.68
C ARG D 214 -17.95 -9.05 0.74
N ALA D 215 -19.18 -9.45 1.08
CA ALA D 215 -20.27 -8.48 1.15
C ALA D 215 -20.01 -7.44 2.24
N VAL D 216 -19.56 -7.88 3.42
CA VAL D 216 -19.27 -6.93 4.49
C VAL D 216 -18.02 -6.09 4.18
N ALA D 217 -17.07 -6.64 3.43
CA ALA D 217 -15.85 -5.88 3.12
C ALA D 217 -16.15 -4.60 2.37
N ASP D 218 -17.22 -4.59 1.58
CA ASP D 218 -17.62 -3.41 0.82
C ASP D 218 -18.61 -2.54 1.58
N ALA D 219 -18.90 -2.86 2.84
CA ALA D 219 -19.88 -2.15 3.63
C ALA D 219 -19.22 -1.35 4.75
N SER D 220 -17.97 -0.93 4.54
CA SER D 220 -17.24 -0.17 5.55
C SER D 220 -16.44 0.91 4.86
N HIS D 221 -15.77 1.73 5.69
CA HIS D 221 -15.01 2.86 5.17
C HIS D 221 -13.61 2.44 4.73
N VAL D 222 -12.92 1.65 5.55
CA VAL D 222 -11.54 1.29 5.26
C VAL D 222 -11.47 0.40 4.02
N SER D 223 -10.35 0.47 3.31
CA SER D 223 -10.17 -0.31 2.08
C SER D 223 -10.26 -1.80 2.32
N TRP D 224 -9.67 -2.29 3.42
CA TRP D 224 -9.62 -3.72 3.74
C TRP D 224 -8.92 -4.49 2.61
N ARG D 225 -7.63 -4.20 2.46
CA ARG D 225 -6.84 -4.85 1.44
C ARG D 225 -6.72 -6.34 1.74
N LEU D 226 -7.43 -7.16 0.98
CA LEU D 226 -7.38 -8.61 1.17
C LEU D 226 -6.06 -9.15 0.64
N LEU D 227 -5.54 -10.18 1.30
CA LEU D 227 -4.27 -10.77 0.92
C LEU D 227 -4.45 -12.11 0.22
N ASP D 228 -5.12 -13.07 0.85
CA ASP D 228 -5.29 -14.39 0.24
C ASP D 228 -6.41 -15.14 0.95
N VAL D 229 -7.15 -15.93 0.18
CA VAL D 229 -8.14 -16.86 0.71
C VAL D 229 -7.79 -18.25 0.19
N VAL D 230 -7.83 -19.24 1.08
CA VAL D 230 -7.43 -20.61 0.75
C VAL D 230 -8.47 -21.57 1.29
N THR D 231 -8.72 -22.64 0.54
CA THR D 231 -9.62 -23.72 0.96
C THR D 231 -8.85 -25.03 0.90
N LEU D 232 -8.85 -25.77 2.01
CA LEU D 232 -8.10 -27.01 2.11
C LEU D 232 -8.95 -28.10 2.71
N GLU D 233 -8.62 -29.35 2.39
CA GLU D 233 -9.32 -30.50 2.95
C GLU D 233 -8.76 -30.78 4.34
N LEU D 234 -9.47 -30.33 5.36
CA LEU D 234 -9.08 -30.53 6.75
C LEU D 234 -9.92 -31.62 7.41
N GLY D 235 -10.29 -32.63 6.65
CA GLY D 235 -11.13 -33.71 7.14
C GLY D 235 -10.33 -34.78 7.84
N PRO D 236 -11.02 -35.82 8.32
CA PRO D 236 -10.31 -36.92 9.01
C PRO D 236 -9.31 -37.63 8.11
N GLY D 237 -9.60 -37.75 6.82
CA GLY D 237 -8.70 -38.41 5.91
C GLY D 237 -8.31 -37.56 4.72
N GLY D 238 -7.01 -37.45 4.45
CA GLY D 238 -6.53 -36.68 3.35
C GLY D 238 -5.02 -36.52 3.36
N PRO D 239 -4.46 -35.94 2.31
CA PRO D 239 -3.00 -35.74 2.23
C PRO D 239 -2.56 -34.57 3.10
N ARG D 240 -1.84 -34.90 4.18
CA ARG D 240 -1.37 -33.85 5.09
C ARG D 240 -0.21 -33.07 4.48
N ALA D 241 0.55 -33.69 3.56
CA ALA D 241 1.70 -33.02 2.99
C ALA D 241 1.28 -31.81 2.15
N ARG D 242 0.22 -31.95 1.36
CA ARG D 242 -0.24 -30.84 0.54
C ARG D 242 -0.68 -29.66 1.39
N THR D 243 -1.47 -29.93 2.44
CA THR D 243 -1.90 -28.86 3.34
C THR D 243 -0.71 -28.25 4.07
N GLN D 244 0.29 -29.07 4.43
CA GLN D 244 1.50 -28.54 5.05
C GLN D 244 2.20 -27.57 4.11
N ARG D 245 2.31 -27.95 2.83
CA ARG D 245 2.95 -27.07 1.86
C ARG D 245 2.18 -25.77 1.69
N LEU D 246 0.85 -25.85 1.62
CA LEU D 246 0.06 -24.63 1.43
C LEU D 246 0.13 -23.72 2.66
N LEU D 247 0.07 -24.29 3.86
CA LEU D 247 0.19 -23.47 5.07
C LEU D 247 1.58 -22.88 5.22
N ARG D 248 2.62 -23.59 4.78
CA ARG D 248 3.98 -23.10 4.95
C ARG D 248 4.24 -21.82 4.18
N GLN D 249 3.44 -21.53 3.16
CA GLN D 249 3.62 -20.34 2.33
C GLN D 249 2.46 -19.38 2.60
N LEU D 250 2.65 -18.49 3.57
CA LEU D 250 1.68 -17.45 3.87
C LEU D 250 2.40 -16.33 4.60
N ASP D 251 1.84 -15.13 4.51
CA ASP D 251 2.43 -13.96 5.16
C ASP D 251 1.32 -12.95 5.42
N ALA D 252 0.85 -12.90 6.67
CA ALA D 252 -0.18 -11.96 7.08
C ALA D 252 -0.27 -11.93 8.60
N PRO D 253 -0.35 -10.74 9.21
CA PRO D 253 -0.41 -10.66 10.68
C PRO D 253 -1.75 -11.03 11.28
N VAL D 254 -2.81 -11.20 10.49
CA VAL D 254 -4.15 -11.49 11.01
C VAL D 254 -4.77 -12.59 10.17
N PHE D 255 -5.33 -13.61 10.85
CA PHE D 255 -6.00 -14.71 10.18
C PHE D 255 -7.45 -14.80 10.64
N VAL D 256 -8.34 -15.13 9.70
CA VAL D 256 -9.73 -15.43 9.99
C VAL D 256 -10.01 -16.83 9.46
N ALA D 257 -10.50 -17.71 10.33
CA ALA D 257 -10.67 -19.11 9.99
C ALA D 257 -12.11 -19.54 10.21
N TYR D 258 -12.58 -20.45 9.37
CA TYR D 258 -13.94 -21.01 9.47
C TYR D 258 -13.84 -22.51 9.25
N CYS D 259 -14.22 -23.28 10.28
CA CYS D 259 -14.14 -24.74 10.22
C CYS D 259 -14.89 -25.32 11.41
N SER D 260 -14.91 -26.65 11.48
CA SER D 260 -15.55 -27.36 12.57
C SER D 260 -14.53 -27.68 13.66
N ARG D 261 -15.04 -28.17 14.80
CA ARG D 261 -14.19 -28.37 15.97
C ARG D 261 -13.05 -29.34 15.67
N GLU D 262 -13.37 -30.49 15.07
CA GLU D 262 -12.32 -31.41 14.66
C GLU D 262 -11.42 -30.77 13.61
N GLU D 263 -12.03 -30.09 12.64
CA GLU D 263 -11.24 -29.35 11.66
C GLU D 263 -10.41 -28.27 12.33
N ALA D 264 -10.96 -27.62 13.36
CA ALA D 264 -10.21 -26.60 14.07
C ALA D 264 -8.98 -27.19 14.76
N GLU D 265 -9.14 -28.34 15.43
CA GLU D 265 -8.00 -28.93 16.11
C GLU D 265 -6.94 -29.39 15.12
N VAL D 266 -7.36 -29.97 13.99
CA VAL D 266 -6.41 -30.41 12.98
C VAL D 266 -5.65 -29.21 12.41
N LEU D 267 -6.38 -28.15 12.06
CA LEU D 267 -5.76 -26.97 11.47
C LEU D 267 -4.81 -26.31 12.45
N PHE D 268 -5.20 -26.20 13.71
CA PHE D 268 -4.33 -25.56 14.70
C PHE D 268 -3.09 -26.38 14.97
N ALA D 269 -3.22 -27.72 15.03
CA ALA D 269 -2.05 -28.56 15.18
C ALA D 269 -1.11 -28.39 13.99
N GLU D 270 -1.66 -28.34 12.78
CA GLU D 270 -0.83 -28.18 11.60
C GLU D 270 -0.14 -26.82 11.60
N ALA D 271 -0.85 -25.77 12.02
CA ALA D 271 -0.25 -24.45 12.09
C ALA D 271 0.87 -24.41 13.13
N ALA D 272 0.66 -25.08 14.27
CA ALA D 272 1.72 -25.17 15.27
C ALA D 272 2.93 -25.90 14.71
N GLN D 273 2.70 -26.92 13.89
CA GLN D 273 3.81 -27.61 13.23
C GLN D 273 4.55 -26.65 12.29
N ALA D 274 3.81 -25.95 11.44
CA ALA D 274 4.42 -25.02 10.48
C ALA D 274 4.47 -23.59 11.02
N GLY D 275 4.96 -23.42 12.25
CA GLY D 275 5.31 -22.14 12.83
C GLY D 275 4.48 -20.92 12.49
N LEU D 276 3.15 -20.98 12.66
CA LEU D 276 2.29 -19.83 12.41
C LEU D 276 1.50 -19.45 13.65
N VAL D 277 1.99 -19.83 14.84
CA VAL D 277 1.25 -19.65 16.08
C VAL D 277 2.01 -18.79 17.08
N GLY D 278 3.21 -18.33 16.75
CA GLY D 278 3.99 -17.52 17.66
C GLY D 278 3.37 -16.17 17.95
N PRO D 279 4.09 -15.30 18.64
CA PRO D 279 3.54 -14.00 19.02
C PRO D 279 3.37 -13.03 17.86
N GLY D 280 3.65 -13.45 16.63
CA GLY D 280 3.56 -12.55 15.49
C GLY D 280 2.18 -12.42 14.87
N HIS D 281 1.39 -13.49 14.92
CA HIS D 281 0.11 -13.53 14.22
C HIS D 281 -1.06 -13.57 15.20
N VAL D 282 -2.25 -13.31 14.66
CA VAL D 282 -3.49 -13.28 15.43
C VAL D 282 -4.54 -14.11 14.68
N TRP D 283 -5.29 -14.92 15.42
CA TRP D 283 -6.31 -15.77 14.84
C TRP D 283 -7.70 -15.36 15.31
N LEU D 284 -8.69 -15.55 14.45
CA LEU D 284 -10.07 -15.20 14.74
C LEU D 284 -10.98 -16.29 14.19
N VAL D 285 -11.96 -16.70 14.98
CA VAL D 285 -12.91 -17.73 14.55
C VAL D 285 -14.31 -17.35 15.02
N PRO D 286 -15.33 -17.78 14.27
CA PRO D 286 -16.71 -17.59 14.72
C PRO D 286 -17.08 -18.58 15.80
N ASN D 287 -18.34 -18.53 16.23
CA ASN D 287 -18.80 -19.40 17.30
C ASN D 287 -19.02 -20.84 16.86
N LEU D 288 -18.94 -21.13 15.56
CA LEU D 288 -19.15 -22.50 15.09
C LEU D 288 -18.10 -23.45 15.64
N ALA D 289 -16.84 -23.01 15.70
CA ALA D 289 -15.76 -23.82 16.26
C ALA D 289 -15.78 -23.73 17.78
N LEU D 290 -14.68 -24.13 18.41
CA LEU D 290 -14.39 -23.95 19.85
C LEU D 290 -15.31 -24.77 20.75
N GLY D 291 -16.31 -25.43 20.18
CA GLY D 291 -17.11 -26.41 20.90
C GLY D 291 -17.72 -26.03 22.23
N SER D 292 -17.23 -26.67 23.30
CA SER D 292 -17.99 -26.75 24.54
C SER D 292 -17.98 -25.44 25.32
N THR D 293 -16.97 -24.60 25.12
CA THR D 293 -16.74 -23.31 25.78
C THR D 293 -16.27 -23.51 27.22
N ASP D 294 -16.34 -24.73 27.74
CA ASP D 294 -15.91 -25.01 29.10
C ASP D 294 -14.76 -26.01 29.17
N ALA D 295 -14.16 -26.35 28.05
CA ALA D 295 -13.05 -27.30 28.01
C ALA D 295 -12.19 -27.04 26.79
N PRO D 296 -11.36 -26.00 26.82
CA PRO D 296 -10.49 -25.71 25.68
C PRO D 296 -9.44 -26.80 25.52
N PRO D 297 -9.39 -27.45 24.37
CA PRO D 297 -8.45 -28.55 24.19
C PRO D 297 -7.02 -28.07 24.02
N ALA D 298 -6.10 -28.99 23.74
CA ALA D 298 -4.74 -28.62 23.44
C ALA D 298 -4.68 -27.94 22.07
N THR D 299 -3.46 -27.58 21.66
CA THR D 299 -3.11 -26.94 20.39
C THR D 299 -4.03 -25.77 20.04
N PHE D 300 -4.72 -25.19 21.01
CA PHE D 300 -5.49 -23.98 20.76
C PHE D 300 -4.65 -22.77 21.13
N PRO D 301 -4.32 -21.90 20.18
CA PRO D 301 -3.42 -20.77 20.47
C PRO D 301 -3.99 -19.87 21.55
N VAL D 302 -3.10 -19.39 22.42
CA VAL D 302 -3.47 -18.38 23.40
C VAL D 302 -3.64 -17.05 22.69
N GLY D 303 -4.74 -16.36 22.98
CA GLY D 303 -5.09 -15.17 22.24
C GLY D 303 -6.13 -15.38 21.16
N LEU D 304 -6.71 -16.58 21.08
CA LEU D 304 -7.80 -16.81 20.15
C LEU D 304 -8.96 -15.89 20.45
N ILE D 305 -9.57 -15.33 19.42
CA ILE D 305 -10.67 -14.40 19.56
C ILE D 305 -11.91 -14.99 18.90
N SER D 306 -13.01 -14.99 19.64
CA SER D 306 -14.30 -15.41 19.13
C SER D 306 -15.35 -14.42 19.60
N VAL D 307 -16.56 -14.56 19.05
CA VAL D 307 -17.69 -13.73 19.44
C VAL D 307 -18.86 -14.64 19.76
N VAL D 308 -19.35 -14.56 20.99
CA VAL D 308 -20.48 -15.35 21.43
C VAL D 308 -21.57 -14.41 21.92
N THR D 309 -22.81 -14.89 21.89
CA THR D 309 -23.91 -14.07 22.35
C THR D 309 -23.88 -13.94 23.87
N GLU D 310 -24.82 -13.14 24.38
CA GLU D 310 -24.97 -13.02 25.83
C GLU D 310 -25.37 -14.36 26.41
N SER D 311 -25.28 -14.46 27.74
CA SER D 311 -25.63 -15.69 28.46
C SER D 311 -24.77 -16.87 27.98
N TRP D 312 -23.47 -16.62 27.89
CA TRP D 312 -22.51 -17.69 27.61
C TRP D 312 -21.96 -18.31 28.87
N ARG D 313 -22.43 -17.88 30.04
CA ARG D 313 -21.97 -18.43 31.31
C ARG D 313 -23.09 -18.72 32.30
N LEU D 314 -24.35 -18.67 31.85
CA LEU D 314 -25.46 -18.97 32.75
C LEU D 314 -25.55 -20.48 33.00
N SER D 315 -26.55 -20.86 33.77
CA SER D 315 -26.80 -22.26 34.09
C SER D 315 -27.87 -22.83 33.16
N LEU D 316 -27.92 -24.17 33.11
CA LEU D 316 -28.97 -24.82 32.32
C LEU D 316 -30.35 -24.48 32.85
N ARG D 317 -30.50 -24.46 34.18
CA ARG D 317 -31.79 -24.10 34.76
C ARG D 317 -32.15 -22.65 34.45
N GLN D 318 -31.18 -21.75 34.46
CA GLN D 318 -31.45 -20.36 34.16
C GLN D 318 -31.95 -20.19 32.73
N LYS D 319 -31.36 -20.92 31.79
CA LYS D 319 -31.77 -20.81 30.39
C LYS D 319 -33.21 -21.25 30.20
N VAL D 320 -33.62 -22.34 30.86
CA VAL D 320 -35.00 -22.80 30.73
C VAL D 320 -35.96 -21.78 31.31
N ARG D 321 -35.54 -21.09 32.37
CA ARG D 321 -36.39 -20.04 32.95
C ARG D 321 -36.63 -18.92 31.94
N ASP D 322 -35.63 -18.61 31.13
CA ASP D 322 -35.83 -17.63 30.06
C ASP D 322 -36.74 -18.19 28.97
N GLY D 323 -36.63 -19.49 28.70
CA GLY D 323 -37.45 -20.09 27.65
C GLY D 323 -38.93 -20.10 27.99
N VAL D 324 -39.25 -20.43 29.25
CA VAL D 324 -40.65 -20.42 29.66
C VAL D 324 -41.17 -19.00 29.78
N ALA D 325 -40.31 -18.05 30.19
CA ALA D 325 -40.74 -16.67 30.32
C ALA D 325 -41.13 -16.07 28.98
N ILE D 326 -40.36 -16.37 27.93
CA ILE D 326 -40.63 -15.77 26.63
C ILE D 326 -41.93 -16.32 26.04
N LEU D 327 -42.21 -17.61 26.28
CA LEU D 327 -43.50 -18.17 25.86
C LEU D 327 -44.64 -17.56 26.66
N ALA D 328 -44.44 -17.38 27.98
CA ALA D 328 -45.49 -16.83 28.83
C ALA D 328 -45.84 -15.40 28.44
N LEU D 329 -44.81 -14.58 28.20
CA LEU D 329 -45.07 -13.20 27.79
C LEU D 329 -45.76 -13.15 26.43
N GLY D 330 -45.36 -14.03 25.51
CA GLY D 330 -46.01 -14.07 24.22
C GLY D 330 -47.49 -14.37 24.32
N ALA D 331 -47.85 -15.34 25.16
CA ALA D 331 -49.27 -15.61 25.40
C ALA D 331 -49.94 -14.43 26.09
N HIS D 332 -49.29 -13.84 27.08
CA HIS D 332 -49.87 -12.71 27.80
C HIS D 332 -50.05 -11.51 26.87
N SER D 333 -49.07 -11.24 26.03
CA SER D 333 -49.21 -10.15 25.06
C SER D 333 -50.35 -10.43 24.10
N TYR D 334 -50.47 -11.67 23.64
CA TYR D 334 -51.60 -12.04 22.80
C TYR D 334 -52.91 -12.04 23.59
N TRP D 335 -52.82 -12.31 24.89
CA TRP D 335 -54.02 -12.30 25.74
C TRP D 335 -54.63 -10.91 25.80
N ARG D 336 -53.79 -9.87 25.93
CA ARG D 336 -54.32 -8.51 25.98
C ARG D 336 -55.03 -8.16 24.69
N GLN D 337 -54.59 -8.74 23.56
CA GLN D 337 -55.20 -8.43 22.27
C GLN D 337 -56.57 -9.07 22.14
N HIS D 338 -56.71 -10.35 22.53
CA HIS D 338 -57.92 -11.11 22.25
C HIS D 338 -58.43 -11.92 23.43
N GLY D 339 -57.72 -11.92 24.55
CA GLY D 339 -58.24 -12.57 25.76
C GLY D 339 -58.45 -14.06 25.64
N THR D 340 -57.49 -14.78 25.06
CA THR D 340 -57.62 -16.22 24.89
C THR D 340 -56.24 -16.84 24.71
N LEU D 341 -56.20 -18.16 24.77
CA LEU D 341 -55.01 -18.93 24.47
C LEU D 341 -55.39 -19.91 23.36
N PRO D 342 -54.72 -19.89 22.22
CA PRO D 342 -55.13 -20.74 21.10
C PRO D 342 -55.06 -22.22 21.46
N ALA D 343 -56.02 -22.98 20.94
CA ALA D 343 -56.09 -24.40 21.24
C ALA D 343 -54.93 -25.14 20.56
N PRO D 344 -54.45 -26.21 21.19
CA PRO D 344 -53.38 -27.00 20.57
C PRO D 344 -53.87 -27.74 19.33
N ALA D 345 -52.92 -28.03 18.44
CA ALA D 345 -53.19 -28.80 17.22
C ALA D 345 -52.09 -29.86 17.14
N GLY D 346 -52.37 -31.05 17.67
CA GLY D 346 -51.33 -32.03 17.85
C GLY D 346 -51.57 -33.43 17.34
N ASP D 347 -52.27 -33.57 16.22
CA ASP D 347 -52.51 -34.90 15.67
C ASP D 347 -51.33 -35.36 14.81
N CYS D 348 -50.31 -35.93 15.45
CA CYS D 348 -49.16 -36.39 14.68
C CYS D 348 -49.55 -37.54 13.75
N ARG D 349 -50.40 -38.44 14.24
CA ARG D 349 -50.82 -39.58 13.42
C ARG D 349 -51.67 -39.15 12.23
N VAL D 350 -52.64 -38.26 12.46
CA VAL D 350 -53.48 -37.78 11.37
C VAL D 350 -52.71 -36.87 10.41
N HIS D 351 -51.85 -36.01 10.96
CA HIS D 351 -51.12 -35.01 10.19
C HIS D 351 -52.03 -34.15 9.30
N PRO D 352 -53.08 -33.52 9.88
CA PRO D 352 -53.92 -32.63 9.07
C PRO D 352 -53.42 -31.19 9.10
N GLY D 353 -54.16 -30.29 8.47
CA GLY D 353 -53.93 -28.88 8.66
C GLY D 353 -53.42 -28.15 7.43
N PRO D 354 -54.31 -27.41 6.77
CA PRO D 354 -53.86 -26.37 5.83
C PRO D 354 -53.42 -25.13 6.58
N VAL D 355 -53.13 -24.05 5.85
CA VAL D 355 -52.76 -22.79 6.50
C VAL D 355 -53.87 -22.35 7.43
N SER D 356 -53.51 -22.08 8.68
CA SER D 356 -54.47 -21.70 9.71
C SER D 356 -54.22 -20.26 10.14
N PRO D 357 -55.22 -19.38 10.11
CA PRO D 357 -54.96 -17.97 10.43
C PRO D 357 -54.79 -17.71 11.92
N ALA D 358 -55.44 -18.47 12.79
CA ALA D 358 -55.32 -18.23 14.23
C ALA D 358 -53.91 -18.50 14.72
N ARG D 359 -53.36 -19.68 14.39
CA ARG D 359 -51.99 -20.00 14.78
C ARG D 359 -51.00 -19.07 14.10
N GLU D 360 -51.28 -18.65 12.87
CA GLU D 360 -50.41 -17.70 12.19
C GLU D 360 -50.37 -16.36 12.94
N ALA D 361 -51.53 -15.88 13.38
CA ALA D 361 -51.58 -14.63 14.13
C ALA D 361 -50.87 -14.77 15.47
N PHE D 362 -51.06 -15.90 16.14
CA PHE D 362 -50.36 -16.13 17.41
C PHE D 362 -48.84 -16.12 17.20
N TYR D 363 -48.37 -16.78 16.14
CA TYR D 363 -46.94 -16.78 15.85
C TYR D 363 -46.44 -15.39 15.51
N ARG D 364 -47.23 -14.60 14.76
CA ARG D 364 -46.82 -13.24 14.44
C ARG D 364 -46.70 -12.40 15.70
N HIS D 365 -47.63 -12.55 16.63
CA HIS D 365 -47.54 -11.83 17.90
C HIS D 365 -46.43 -12.39 18.79
N LEU D 366 -45.96 -13.61 18.51
CA LEU D 366 -44.91 -14.24 19.31
C LEU D 366 -43.52 -13.70 19.00
N LEU D 367 -43.37 -12.90 17.94
CA LEU D 367 -42.03 -12.52 17.49
C LEU D 367 -41.35 -11.61 18.51
N ASN D 368 -41.92 -10.43 18.76
CA ASN D 368 -41.27 -9.45 19.61
C ASN D 368 -41.61 -9.69 21.08
N VAL D 369 -40.60 -9.57 21.94
CA VAL D 369 -40.74 -9.77 23.38
C VAL D 369 -39.67 -8.95 24.09
N THR D 370 -39.96 -8.50 25.30
CA THR D 370 -38.99 -7.77 26.11
C THR D 370 -39.33 -7.93 27.59
N TRP D 371 -38.35 -8.31 28.39
CA TRP D 371 -38.55 -8.52 29.81
C TRP D 371 -37.19 -8.63 30.49
N GLU D 372 -37.13 -8.15 31.73
CA GLU D 372 -35.91 -8.16 32.53
C GLU D 372 -34.77 -7.42 31.84
N GLY D 373 -35.12 -6.37 31.09
CA GLY D 373 -34.10 -5.56 30.44
C GLY D 373 -33.27 -6.32 29.43
N ARG D 374 -33.90 -7.20 28.67
CA ARG D 374 -33.22 -7.97 27.62
C ARG D 374 -34.14 -8.05 26.41
N ASP D 375 -33.70 -7.46 25.30
CA ASP D 375 -34.53 -7.34 24.11
C ASP D 375 -34.34 -8.57 23.23
N PHE D 376 -35.39 -9.39 23.12
CA PHE D 376 -35.41 -10.54 22.23
C PHE D 376 -36.35 -10.21 21.07
N SER D 377 -35.78 -10.04 19.88
CA SER D 377 -36.56 -9.72 18.69
C SER D 377 -36.14 -10.66 17.57
N PHE D 378 -37.01 -11.58 17.22
CA PHE D 378 -36.71 -12.59 16.21
C PHE D 378 -37.02 -12.04 14.82
N SER D 379 -36.08 -12.23 13.91
CA SER D 379 -36.30 -11.92 12.51
C SER D 379 -37.27 -12.92 11.90
N PRO D 380 -37.82 -12.62 10.72
CA PRO D 380 -38.63 -13.65 10.02
C PRO D 380 -37.94 -15.01 9.95
N GLY D 381 -36.64 -15.03 9.61
CA GLY D 381 -35.89 -16.25 9.78
C GLY D 381 -35.69 -16.56 11.25
N GLY D 382 -35.60 -17.84 11.57
CA GLY D 382 -35.60 -18.24 12.97
C GLY D 382 -34.35 -17.90 13.74
N TYR D 383 -33.95 -16.63 13.76
CA TYR D 383 -32.81 -16.17 14.54
C TYR D 383 -33.13 -14.78 15.10
N LEU D 384 -32.59 -14.47 16.27
CA LEU D 384 -32.89 -13.17 16.87
C LEU D 384 -32.00 -12.10 16.27
N VAL D 385 -32.53 -10.88 16.23
CA VAL D 385 -31.83 -9.74 15.65
C VAL D 385 -31.54 -8.74 16.76
N GLN D 386 -30.47 -7.97 16.56
CA GLN D 386 -29.98 -6.97 17.50
C GLN D 386 -29.73 -7.55 18.89
N PRO D 387 -28.79 -8.48 19.05
CA PRO D 387 -28.37 -8.92 20.38
C PRO D 387 -27.16 -8.12 20.84
N THR D 388 -26.76 -8.39 22.09
CA THR D 388 -25.58 -7.75 22.66
C THR D 388 -24.49 -8.80 22.80
N MET D 389 -23.71 -8.97 21.74
CA MET D 389 -22.64 -9.96 21.74
C MET D 389 -21.53 -9.53 22.70
N VAL D 390 -20.77 -10.51 23.17
CA VAL D 390 -19.61 -10.28 24.02
C VAL D 390 -18.42 -11.05 23.43
N VAL D 391 -17.32 -10.36 23.22
CA VAL D 391 -16.12 -11.00 22.67
C VAL D 391 -15.35 -11.67 23.79
N ILE D 392 -14.81 -12.85 23.51
CA ILE D 392 -14.05 -13.61 24.50
C ILE D 392 -12.71 -13.97 23.90
N ALA D 393 -11.74 -14.23 24.78
CA ALA D 393 -10.39 -14.57 24.36
C ALA D 393 -9.77 -15.51 25.38
N LEU D 394 -8.78 -16.27 24.92
CA LEU D 394 -8.12 -17.27 25.75
C LEU D 394 -7.01 -16.60 26.56
N ASN D 395 -7.17 -16.59 27.88
CA ASN D 395 -6.20 -15.96 28.76
C ASN D 395 -4.89 -16.74 28.75
N ARG D 396 -3.91 -16.21 29.49
CA ARG D 396 -2.60 -16.83 29.56
C ARG D 396 -2.59 -18.14 30.34
N HIS D 397 -3.67 -18.47 31.04
CA HIS D 397 -3.73 -19.68 31.86
C HIS D 397 -4.79 -20.65 31.34
N ARG D 398 -5.07 -20.61 30.04
CA ARG D 398 -6.00 -21.54 29.39
C ARG D 398 -7.40 -21.43 30.01
N LEU D 399 -8.01 -20.26 29.87
CA LEU D 399 -9.33 -20.03 30.41
C LEU D 399 -10.00 -18.89 29.66
N TRP D 400 -11.21 -19.13 29.16
CA TRP D 400 -11.93 -18.10 28.42
C TRP D 400 -12.27 -16.94 29.34
N GLU D 401 -12.09 -15.72 28.83
CA GLU D 401 -12.37 -14.52 29.60
C GLU D 401 -12.93 -13.45 28.67
N MET D 402 -13.71 -12.54 29.23
CA MET D 402 -14.30 -11.48 28.43
C MET D 402 -13.25 -10.45 28.06
N VAL D 403 -13.36 -9.91 26.84
CA VAL D 403 -12.45 -8.88 26.35
C VAL D 403 -13.20 -7.60 25.99
N GLY D 404 -14.25 -7.72 25.18
CA GLY D 404 -14.96 -6.52 24.74
C GLY D 404 -16.43 -6.73 24.46
N ARG D 405 -17.27 -5.83 24.96
CA ARG D 405 -18.70 -5.91 24.78
C ARG D 405 -19.10 -5.28 23.44
N TRP D 406 -20.37 -5.40 23.09
CA TRP D 406 -20.92 -4.75 21.90
C TRP D 406 -22.39 -4.47 22.22
N GLU D 407 -22.82 -3.22 22.05
CA GLU D 407 -24.14 -2.81 22.51
C GLU D 407 -24.60 -1.67 21.62
N HIS D 408 -25.62 -1.92 20.80
CA HIS D 408 -26.12 -0.97 19.81
C HIS D 408 -25.00 -0.41 18.93
N GLY D 409 -24.23 -1.33 18.36
CA GLY D 409 -23.34 -0.99 17.27
C GLY D 409 -22.09 -0.22 17.63
N VAL D 410 -21.76 -0.11 18.92
CA VAL D 410 -20.52 0.52 19.35
C VAL D 410 -19.72 -0.50 20.15
N LEU D 411 -18.45 -0.65 19.81
CA LEU D 411 -17.62 -1.67 20.42
C LEU D 411 -16.76 -1.09 21.53
N TYR D 412 -16.58 -1.86 22.59
CA TYR D 412 -15.74 -1.49 23.72
C TYR D 412 -14.66 -2.55 23.87
N MET D 413 -13.58 -2.19 24.54
CA MET D 413 -12.52 -3.15 24.84
C MET D 413 -11.98 -2.93 26.24
N LYS D 414 -11.57 -4.04 26.87
CA LYS D 414 -10.92 -3.96 28.16
C LYS D 414 -9.50 -3.43 28.05
N TYR D 415 -8.80 -3.75 26.96
CA TYR D 415 -7.42 -3.38 26.79
C TYR D 415 -7.27 -2.31 25.71
N PRO D 416 -6.59 -1.20 26.00
CA PRO D 416 -6.30 -0.20 24.96
C PRO D 416 -5.31 -0.66 23.91
N VAL D 417 -4.49 -1.67 24.21
CA VAL D 417 -3.61 -2.31 23.23
C VAL D 417 -3.73 -3.81 23.41
N TRP D 418 -3.40 -4.54 22.33
CA TRP D 418 -3.57 -5.99 22.36
C TRP D 418 -2.40 -6.62 23.10
N PRO D 419 -2.65 -7.31 24.22
CA PRO D 419 -1.55 -7.99 24.91
C PRO D 419 -1.01 -9.12 24.07
N ARG D 420 0.31 -9.14 23.90
CA ARG D 420 0.99 -10.16 23.10
C ARG D 420 1.84 -11.02 24.02
N TYR D 421 1.61 -12.33 24.01
CA TYR D 421 2.32 -13.25 24.88
C TYR D 421 3.31 -14.07 24.06
N SER D 422 4.21 -14.75 24.76
CA SER D 422 5.27 -15.52 24.11
C SER D 422 5.18 -16.97 24.56
N ALA D 423 6.13 -17.77 24.07
CA ALA D 423 6.15 -19.19 24.42
C ALA D 423 6.33 -19.39 25.92
N SER D 424 7.23 -18.62 26.53
CA SER D 424 7.44 -18.65 27.97
C SER D 424 6.76 -17.49 28.67
N LEU D 425 5.60 -17.07 28.16
CA LEU D 425 4.87 -15.90 28.65
C LEU D 425 5.76 -14.67 28.62
N GLN D 426 5.78 -13.90 29.72
CA GLN D 426 6.57 -12.68 29.80
C GLN D 426 6.16 -11.75 28.67
N PRO D 427 4.98 -11.13 28.75
CA PRO D 427 4.42 -10.42 27.60
C PRO D 427 5.38 -9.46 26.91
N VAL D 428 5.69 -9.77 25.65
CA VAL D 428 6.59 -8.92 24.88
C VAL D 428 5.89 -7.61 24.54
N VAL D 429 6.69 -6.57 24.31
CA VAL D 429 6.20 -5.25 23.97
C VAL D 429 6.81 -4.84 22.63
N ASP D 430 5.97 -4.32 21.73
CA ASP D 430 6.45 -3.94 20.42
C ASP D 430 7.47 -2.81 20.52
N SER D 431 8.59 -2.97 19.82
CA SER D 431 9.67 -1.98 19.90
C SER D 431 9.27 -0.67 19.23
N ARG D 432 8.52 -0.75 18.13
CA ARG D 432 8.15 0.43 17.35
C ARG D 432 6.77 0.96 17.75
N HIS D 433 6.38 0.79 19.00
CA HIS D 433 5.15 1.35 19.53
C HIS D 433 5.46 2.13 20.80
N LEU D 434 4.81 3.28 20.94
CA LEU D 434 5.07 4.16 22.07
C LEU D 434 3.76 4.82 22.51
N THR D 435 3.74 5.27 23.76
CA THR D 435 2.57 5.91 24.34
C THR D 435 2.84 7.40 24.46
N VAL D 436 1.85 8.22 24.09
CA VAL D 436 1.98 9.67 24.07
C VAL D 436 0.98 10.26 25.05
N ALA D 437 1.46 11.14 25.91
CA ALA D 437 0.60 11.83 26.86
C ALA D 437 0.38 13.27 26.42
N THR D 438 -0.74 13.84 26.82
CA THR D 438 -1.10 15.21 26.45
C THR D 438 -2.34 15.61 27.23
N LEU D 439 -2.80 16.84 27.02
CA LEU D 439 -4.12 17.27 27.49
C LEU D 439 -4.60 18.41 26.60
N GLU D 440 -5.74 19.00 26.96
CA GLU D 440 -6.45 19.90 26.07
C GLU D 440 -5.98 21.34 26.23
N GLU D 441 -5.47 21.90 25.14
CA GLU D 441 -5.25 23.34 25.03
C GLU D 441 -5.98 23.80 23.78
N ARG D 442 -6.90 24.76 23.95
CA ARG D 442 -7.92 25.04 22.94
C ARG D 442 -7.36 25.28 21.55
N PRO D 443 -6.32 26.11 21.34
CA PRO D 443 -5.79 26.24 19.98
C PRO D 443 -5.06 25.00 19.49
N PHE D 444 -4.52 24.18 20.40
CA PHE D 444 -3.60 23.11 20.05
C PHE D 444 -4.17 21.72 20.20
N VAL D 445 -4.91 21.44 21.27
CA VAL D 445 -5.52 20.13 21.48
C VAL D 445 -6.97 20.34 21.88
N ILE D 446 -7.89 19.80 21.09
CA ILE D 446 -9.33 19.93 21.33
C ILE D 446 -9.93 18.54 21.46
N VAL D 447 -10.74 18.35 22.50
CA VAL D 447 -11.38 17.07 22.79
C VAL D 447 -12.85 17.17 22.44
N GLU D 448 -13.34 16.22 21.65
CA GLU D 448 -14.73 16.17 21.25
C GLU D 448 -15.24 14.75 21.42
N SER D 449 -16.43 14.61 22.02
CA SER D 449 -17.02 13.29 22.20
C SER D 449 -17.43 12.70 20.85
N PRO D 450 -17.38 11.38 20.70
CA PRO D 450 -17.74 10.79 19.40
C PRO D 450 -19.18 11.06 19.04
N ASP D 451 -19.43 11.28 17.76
CA ASP D 451 -20.78 11.54 17.28
C ASP D 451 -21.60 10.26 17.33
N PRO D 452 -22.93 10.38 17.50
CA PRO D 452 -23.78 9.20 17.48
C PRO D 452 -24.03 8.68 16.06
N GLY D 453 -23.26 9.19 15.09
CA GLY D 453 -23.43 8.83 13.70
C GLY D 453 -23.14 7.37 13.40
N THR D 454 -21.88 6.96 13.55
CA THR D 454 -21.49 5.60 13.20
C THR D 454 -20.50 5.01 14.20
N GLY D 455 -20.57 5.43 15.46
CA GLY D 455 -19.68 4.92 16.47
C GLY D 455 -18.34 5.64 16.51
N GLY D 456 -17.49 5.37 15.52
CA GLY D 456 -16.25 6.12 15.41
C GLY D 456 -16.48 7.54 14.95
N CYS D 457 -15.61 8.43 15.40
CA CYS D 457 -15.80 9.84 15.11
C CYS D 457 -15.30 10.18 13.71
N VAL D 458 -15.31 11.48 13.41
CA VAL D 458 -15.00 11.97 12.06
C VAL D 458 -13.57 11.62 11.70
N PRO D 459 -13.25 11.31 10.44
CA PRO D 459 -11.85 11.12 10.05
C PRO D 459 -11.04 12.39 10.25
N ASN D 460 -9.74 12.27 9.98
CA ASN D 460 -8.76 13.31 10.32
C ASN D 460 -8.80 13.62 11.82
N THR D 461 -9.04 12.58 12.61
CA THR D 461 -9.05 12.66 14.06
C THR D 461 -8.56 11.33 14.60
N VAL D 462 -8.04 11.35 15.83
CA VAL D 462 -7.46 10.13 16.39
C VAL D 462 -8.18 9.75 17.66
N PRO D 463 -8.41 8.45 17.90
CA PRO D 463 -9.00 8.03 19.18
C PRO D 463 -8.08 8.40 20.34
N CYS D 464 -8.70 8.79 21.45
CA CYS D 464 -8.00 9.36 22.58
C CYS D 464 -8.87 9.19 23.81
N ARG D 465 -8.30 8.59 24.86
CA ARG D 465 -9.06 8.16 26.02
C ARG D 465 -8.51 8.80 27.28
N ARG D 466 -9.42 9.26 28.14
CA ARG D 466 -9.04 9.87 29.41
C ARG D 466 -8.86 8.77 30.43
N GLN D 467 -7.60 8.42 30.70
CA GLN D 467 -7.29 7.41 31.70
C GLN D 467 -7.47 7.98 33.11
N SER D 468 -7.69 7.08 34.06
CA SER D 468 -7.86 7.48 35.46
C SER D 468 -7.23 6.47 36.41
N ALA D 478 -10.33 1.63 35.42
CA ALA D 478 -10.43 0.62 34.37
C ALA D 478 -11.42 1.03 33.30
N PRO D 479 -12.65 1.37 33.71
CA PRO D 479 -13.64 1.84 32.74
C PRO D 479 -13.19 3.12 32.06
N TYR D 480 -13.48 3.22 30.76
CA TYR D 480 -13.01 4.35 29.98
C TYR D 480 -14.12 4.80 29.02
N THR D 481 -14.06 6.06 28.63
CA THR D 481 -14.93 6.62 27.59
C THR D 481 -14.05 7.11 26.46
N LYS D 482 -14.29 6.59 25.26
CA LYS D 482 -13.40 6.85 24.12
C LYS D 482 -13.81 8.15 23.44
N LEU D 483 -13.18 9.24 23.85
CA LEU D 483 -13.26 10.48 23.08
C LEU D 483 -12.32 10.39 21.88
N CYS D 484 -12.15 11.49 21.17
CA CYS D 484 -11.17 11.53 20.10
C CYS D 484 -10.69 12.97 19.91
N CYS D 485 -9.38 13.15 20.11
CA CYS D 485 -8.74 14.45 20.23
C CYS D 485 -8.38 15.00 18.86
N LYS D 486 -8.44 16.33 18.73
CA LYS D 486 -8.06 17.01 17.49
C LYS D 486 -7.32 18.29 17.82
N GLY D 487 -6.47 18.72 16.90
CA GLY D 487 -5.77 19.99 17.07
C GLY D 487 -4.48 20.03 16.25
N PHE D 488 -3.69 21.06 16.53
CA PHE D 488 -2.44 21.32 15.80
C PHE D 488 -1.39 20.27 16.11
N CYS D 489 -1.03 20.12 17.39
CA CYS D 489 -0.03 19.14 17.77
C CYS D 489 -0.44 17.74 17.36
N ILE D 490 -1.75 17.49 17.27
CA ILE D 490 -2.22 16.20 16.78
C ILE D 490 -1.82 15.99 15.32
N ASP D 491 -1.98 17.03 14.48
CA ASP D 491 -1.55 16.91 13.09
C ASP D 491 -0.04 16.73 13.00
N ILE D 492 0.71 17.44 13.85
CA ILE D 492 2.16 17.24 13.88
C ILE D 492 2.49 15.79 14.22
N LEU D 493 1.80 15.24 15.22
CA LEU D 493 2.02 13.85 15.63
C LEU D 493 1.67 12.89 14.50
N LYS D 494 0.58 13.16 13.78
CA LYS D 494 0.18 12.29 12.69
C LYS D 494 1.24 12.27 11.59
N LYS D 495 1.74 13.44 11.22
CA LYS D 495 2.79 13.48 10.20
C LYS D 495 4.06 12.80 10.69
N LEU D 496 4.41 12.98 11.96
CA LEU D 496 5.59 12.32 12.51
C LEU D 496 5.45 10.81 12.46
N ALA D 497 4.28 10.29 12.83
CA ALA D 497 4.04 8.86 12.71
C ALA D 497 4.11 8.41 11.27
N ARG D 498 3.66 9.24 10.33
CA ARG D 498 3.74 8.89 8.92
C ARG D 498 5.20 8.77 8.48
N VAL D 499 6.07 9.69 8.89
CA VAL D 499 7.41 9.79 8.34
C VAL D 499 8.39 8.88 9.07
N VAL D 500 8.32 8.81 10.41
CA VAL D 500 9.29 8.04 11.18
C VAL D 500 8.92 6.56 11.28
N LYS D 501 7.74 6.17 10.77
CA LYS D 501 7.34 4.77 10.71
C LYS D 501 7.26 4.14 12.11
N PHE D 502 6.35 4.67 12.92
CA PHE D 502 6.05 4.11 14.23
C PHE D 502 4.55 4.22 14.50
N SER D 503 4.09 3.47 15.50
CA SER D 503 2.70 3.49 15.91
C SER D 503 2.60 4.05 17.32
N TYR D 504 1.40 4.51 17.68
CA TYR D 504 1.23 5.23 18.92
C TYR D 504 -0.19 5.07 19.44
N ASP D 505 -0.34 5.35 20.74
CA ASP D 505 -1.65 5.51 21.37
C ASP D 505 -1.61 6.74 22.26
N LEU D 506 -2.70 7.50 22.26
CA LEU D 506 -2.75 8.80 22.90
C LEU D 506 -3.73 8.77 24.06
N TYR D 507 -3.33 9.30 25.22
CA TYR D 507 -4.20 9.33 26.37
C TYR D 507 -3.97 10.60 27.17
N LEU D 508 -5.05 11.22 27.62
CA LEU D 508 -4.97 12.47 28.34
C LEU D 508 -4.46 12.25 29.76
N VAL D 509 -4.03 13.34 30.38
CA VAL D 509 -3.54 13.30 31.75
C VAL D 509 -4.67 13.71 32.68
N THR D 510 -4.54 13.32 33.95
CA THR D 510 -5.56 13.57 34.95
C THR D 510 -5.12 14.52 36.05
N ASN D 511 -3.83 14.52 36.40
CA ASN D 511 -3.31 15.38 37.46
C ASN D 511 -3.11 16.80 36.95
N GLY D 512 -2.35 17.60 37.71
CA GLY D 512 -2.02 18.97 37.34
C GLY D 512 -1.63 19.15 35.89
N LYS D 513 -1.89 20.33 35.34
CA LYS D 513 -1.84 20.52 33.90
C LYS D 513 -0.48 20.19 33.27
N HIS D 514 0.54 20.98 33.58
CA HIS D 514 1.80 20.93 32.82
C HIS D 514 2.96 20.37 33.63
N GLY D 515 3.23 20.90 34.81
CA GLY D 515 4.31 20.38 35.62
C GLY D 515 4.66 21.22 36.83
N LYS D 516 4.95 20.55 37.94
CA LYS D 516 5.37 21.22 39.17
C LYS D 516 6.12 20.20 40.01
N ARG D 517 6.93 20.70 40.94
CA ARG D 517 7.72 19.84 41.82
C ARG D 517 7.30 20.18 43.25
N VAL D 518 6.33 19.42 43.77
CA VAL D 518 5.91 19.55 45.17
C VAL D 518 6.74 18.54 45.96
N ARG D 519 7.94 18.96 46.34
CA ARG D 519 8.88 18.13 47.08
C ARG D 519 9.17 16.81 46.37
N GLY D 520 9.61 16.94 45.11
CA GLY D 520 10.02 15.78 44.33
C GLY D 520 8.90 15.02 43.67
N VAL D 521 7.66 15.44 43.82
CA VAL D 521 6.52 14.75 43.19
C VAL D 521 6.10 15.61 42.00
N TRP D 522 6.40 15.14 40.79
CA TRP D 522 6.05 15.84 39.57
C TRP D 522 4.74 15.29 39.03
N ASN D 523 3.76 16.18 38.83
CA ASN D 523 2.50 15.80 38.20
C ASN D 523 2.55 16.22 36.72
N GLY D 524 1.43 16.07 36.02
CA GLY D 524 1.37 16.51 34.65
C GLY D 524 2.18 15.62 33.70
N MET D 525 2.29 16.10 32.47
CA MET D 525 2.99 15.32 31.44
C MET D 525 4.45 15.09 31.82
N ILE D 526 5.08 16.10 32.44
CA ILE D 526 6.47 15.93 32.87
C ILE D 526 6.56 14.85 33.93
N GLY D 527 5.57 14.78 34.82
CA GLY D 527 5.54 13.69 35.78
C GLY D 527 5.37 12.34 35.13
N GLU D 528 4.47 12.25 34.15
CA GLU D 528 4.23 10.97 33.50
C GLU D 528 5.41 10.52 32.65
N VAL D 529 6.23 11.46 32.19
CA VAL D 529 7.39 11.07 31.38
C VAL D 529 8.59 10.76 32.26
N TYR D 530 8.78 11.52 33.33
CA TYR D 530 9.96 11.35 34.18
C TYR D 530 9.92 10.03 34.94
N TYR D 531 8.72 9.52 35.27
CA TYR D 531 8.58 8.29 36.01
C TYR D 531 8.38 7.08 35.10
N LYS D 532 8.65 7.23 33.80
CA LYS D 532 8.67 6.12 32.85
C LYS D 532 7.29 5.46 32.69
N ARG D 533 6.25 6.29 32.71
CA ARG D 533 4.91 5.84 32.33
C ARG D 533 4.53 6.26 30.92
N ALA D 534 5.41 6.94 30.21
CA ALA D 534 5.14 7.38 28.85
C ALA D 534 6.48 7.58 28.13
N ASP D 535 6.40 7.81 26.83
CA ASP D 535 7.60 7.96 26.02
C ASP D 535 7.74 9.33 25.37
N MET D 536 6.64 10.05 25.17
CA MET D 536 6.69 11.43 24.72
C MET D 536 5.63 12.20 25.49
N ALA D 537 5.62 13.52 25.31
CA ALA D 537 4.56 14.35 25.90
C ALA D 537 4.40 15.58 25.01
N ILE D 538 3.47 15.50 24.06
CA ILE D 538 3.28 16.53 23.07
C ILE D 538 2.19 17.48 23.55
N GLY D 539 2.17 18.68 22.98
CA GLY D 539 1.16 19.66 23.30
C GLY D 539 1.80 20.99 23.62
N SER D 540 1.13 21.75 24.49
CA SER D 540 1.61 23.05 24.94
C SER D 540 2.56 22.85 26.11
N LEU D 541 3.83 22.61 25.81
CA LEU D 541 4.83 22.27 26.81
C LEU D 541 6.11 23.04 26.50
N THR D 542 6.31 24.19 27.15
CA THR D 542 7.44 25.04 26.84
C THR D 542 8.74 24.43 27.35
N ILE D 543 9.83 25.16 27.16
CA ILE D 543 11.17 24.71 27.51
C ILE D 543 11.73 25.64 28.57
N ASN D 544 12.24 25.08 29.66
CA ASN D 544 12.90 25.90 30.65
C ASN D 544 14.03 25.10 31.28
N GLU D 545 14.81 25.78 32.14
CA GLU D 545 16.03 25.19 32.67
C GLU D 545 15.73 23.97 33.54
N GLU D 546 14.68 24.05 34.36
CA GLU D 546 14.38 22.94 35.26
C GLU D 546 13.99 21.68 34.51
N ARG D 547 13.05 21.79 33.57
CA ARG D 547 12.59 20.61 32.86
C ARG D 547 13.70 20.00 32.02
N SER D 548 14.50 20.84 31.36
CA SER D 548 15.50 20.31 30.43
C SER D 548 16.58 19.51 31.16
N GLU D 549 16.68 19.65 32.48
CA GLU D 549 17.66 18.87 33.23
C GLU D 549 17.22 17.42 33.39
N ILE D 550 15.93 17.20 33.67
CA ILE D 550 15.45 15.87 34.03
C ILE D 550 14.79 15.12 32.88
N VAL D 551 14.30 15.82 31.86
CA VAL D 551 13.64 15.21 30.72
C VAL D 551 14.19 15.86 29.45
N ASP D 552 14.47 15.04 28.45
CA ASP D 552 15.05 15.53 27.21
C ASP D 552 14.05 16.43 26.47
N PHE D 553 14.50 17.02 25.37
CA PHE D 553 13.65 17.89 24.57
C PHE D 553 14.12 17.87 23.13
N SER D 554 13.22 18.25 22.23
CA SER D 554 13.55 18.37 20.82
C SER D 554 13.55 19.85 20.43
N VAL D 555 13.82 20.13 19.16
CA VAL D 555 13.93 21.52 18.69
C VAL D 555 12.56 22.18 18.78
N PRO D 556 12.50 23.49 19.02
CA PRO D 556 11.21 24.17 19.05
C PRO D 556 10.57 24.27 17.68
N PHE D 557 9.24 24.19 17.66
CA PHE D 557 8.49 24.36 16.42
C PHE D 557 7.43 25.44 16.48
N VAL D 558 7.08 25.95 17.66
CA VAL D 558 6.18 27.09 17.81
C VAL D 558 6.80 28.01 18.84
N GLU D 559 6.86 29.30 18.55
CA GLU D 559 7.65 30.23 19.34
C GLU D 559 6.77 31.05 20.26
N THR D 560 7.11 31.05 21.56
CA THR D 560 6.30 31.75 22.55
C THR D 560 7.16 32.58 23.49
N GLY D 561 6.57 33.01 24.60
CA GLY D 561 7.26 33.79 25.61
C GLY D 561 6.35 34.20 26.74
N ILE D 562 6.47 35.45 27.17
CA ILE D 562 5.58 36.05 28.15
C ILE D 562 5.01 37.34 27.57
N SER D 563 3.69 37.50 27.67
CA SER D 563 3.05 38.68 27.10
C SER D 563 1.98 39.17 28.07
N VAL D 564 1.56 40.42 27.86
CA VAL D 564 0.57 41.07 28.71
C VAL D 564 -0.60 41.51 27.83
N MET D 565 -1.82 41.19 28.26
CA MET D 565 -3.04 41.60 27.58
C MET D 565 -3.79 42.61 28.44
N VAL D 566 -4.21 43.70 27.81
CA VAL D 566 -4.89 44.80 28.49
C VAL D 566 -6.23 45.05 27.80
N ALA D 567 -6.99 45.98 28.37
CA ALA D 567 -8.29 46.33 27.82
C ALA D 567 -8.17 47.55 26.90
N ARG D 568 -8.66 47.39 25.67
CA ARG D 568 -8.59 48.46 24.69
C ARG D 568 -9.71 49.48 24.90
N THR D 690 -0.28 51.85 28.37
CA THR D 690 -0.50 52.00 29.80
C THR D 690 0.63 51.36 30.61
N VAL D 691 1.52 50.67 29.90
CA VAL D 691 2.66 50.02 30.53
C VAL D 691 3.75 49.88 29.49
N SER D 692 5.01 49.88 29.94
CA SER D 692 6.16 49.83 29.05
C SER D 692 7.04 48.62 29.36
N GLY D 693 6.43 47.48 29.60
CA GLY D 693 7.14 46.25 29.88
C GLY D 693 7.11 45.89 31.35
N LEU D 694 7.75 44.75 31.65
CA LEU D 694 7.78 44.26 33.03
C LEU D 694 8.58 45.18 33.93
N SER D 695 9.65 45.77 33.41
CA SER D 695 10.53 46.62 34.20
C SER D 695 9.90 47.95 34.58
N ASP D 696 8.73 48.27 34.04
CA ASP D 696 8.07 49.54 34.38
C ASP D 696 7.75 49.58 35.86
N LYS D 697 7.76 50.80 36.43
CA LYS D 697 7.45 50.97 37.83
C LYS D 697 6.04 50.53 38.17
N LYS D 698 5.18 50.41 37.16
CA LYS D 698 3.83 49.89 37.39
C LYS D 698 3.87 48.48 37.97
N PHE D 699 4.73 47.62 37.44
CA PHE D 699 4.87 46.26 37.93
C PHE D 699 6.06 46.06 38.84
N GLN D 700 7.13 46.83 38.65
CA GLN D 700 8.32 46.69 39.49
C GLN D 700 8.11 47.24 40.89
N ARG D 701 7.28 48.28 41.02
CA ARG D 701 7.04 48.95 42.31
C ARG D 701 5.54 48.89 42.61
N PRO D 702 5.08 47.88 43.35
CA PRO D 702 3.67 47.78 43.74
C PRO D 702 3.33 48.63 44.96
N GLN D 703 3.61 49.92 44.88
CA GLN D 703 3.39 50.86 45.97
C GLN D 703 2.58 52.06 45.50
N ASP D 704 1.60 51.82 44.62
CA ASP D 704 0.70 52.87 44.17
C ASP D 704 -0.44 53.03 45.16
N GLN D 705 -0.76 54.28 45.49
CA GLN D 705 -1.72 54.53 46.57
C GLN D 705 -3.16 54.29 46.11
N TYR D 706 -3.64 55.08 45.14
CA TYR D 706 -5.05 54.99 44.79
C TYR D 706 -5.34 53.78 43.91
N PRO D 707 -4.76 53.62 42.72
CA PRO D 707 -5.02 52.41 41.93
C PRO D 707 -4.03 51.31 42.23
N PRO D 708 -4.48 50.17 42.76
CA PRO D 708 -3.64 48.97 42.74
C PRO D 708 -3.88 48.18 41.46
N PHE D 709 -2.80 47.89 40.74
CA PHE D 709 -2.94 47.14 39.50
C PHE D 709 -3.12 45.65 39.79
N ARG D 710 -3.80 44.97 38.87
CA ARG D 710 -4.13 43.56 39.02
C ARG D 710 -3.45 42.76 37.92
N PHE D 711 -3.03 41.54 38.27
CA PHE D 711 -2.30 40.67 37.36
C PHE D 711 -3.07 39.38 37.14
N GLY D 712 -2.56 38.55 36.24
CA GLY D 712 -3.17 37.28 35.92
C GLY D 712 -2.45 36.13 36.58
N THR D 713 -1.54 35.50 35.84
CA THR D 713 -0.66 34.45 36.36
C THR D 713 -1.46 33.26 36.91
N VAL D 714 -2.12 32.58 35.97
CA VAL D 714 -2.71 31.28 36.26
C VAL D 714 -1.60 30.39 36.85
N PRO D 715 -1.72 29.98 38.11
CA PRO D 715 -0.58 29.39 38.82
C PRO D 715 -0.34 27.94 38.44
N ASN D 716 0.67 27.36 39.08
CA ASN D 716 1.11 25.99 38.86
C ASN D 716 1.53 25.73 37.41
N GLY D 717 2.04 26.75 36.73
CA GLY D 717 2.49 26.58 35.37
C GLY D 717 3.94 27.02 35.19
N SER D 718 4.34 27.24 33.93
CA SER D 718 5.71 27.63 33.66
C SER D 718 5.97 29.09 34.04
N THR D 719 5.06 29.98 33.66
CA THR D 719 5.31 31.41 33.79
C THR D 719 5.43 31.82 35.26
N GLU D 720 4.56 31.30 36.11
CA GLU D 720 4.58 31.66 37.52
C GLU D 720 5.83 31.18 38.23
N ARG D 721 6.53 30.18 37.67
CA ARG D 721 7.80 29.79 38.25
C ARG D 721 8.87 30.85 37.99
N ASN D 722 9.03 31.27 36.74
CA ASN D 722 10.02 32.28 36.41
C ASN D 722 9.71 33.61 37.08
N ILE D 723 8.43 34.00 37.10
CA ILE D 723 8.06 35.28 37.68
C ILE D 723 8.39 35.30 39.17
N ARG D 724 8.06 34.23 39.88
CA ARG D 724 8.37 34.18 41.31
C ARG D 724 9.88 34.12 41.53
N SER D 725 10.59 33.37 40.69
CA SER D 725 12.04 33.23 40.90
C SER D 725 12.80 34.51 40.62
N ASN D 726 12.29 35.38 39.76
CA ASN D 726 13.04 36.55 39.35
C ASN D 726 12.52 37.87 39.93
N TYR D 727 11.32 37.88 40.51
CA TYR D 727 10.78 39.11 41.09
C TYR D 727 9.96 38.72 42.32
N ARG D 728 10.57 38.83 43.49
CA ARG D 728 9.89 38.40 44.73
C ARG D 728 8.71 39.29 45.05
N ASP D 729 8.87 40.60 44.88
CA ASP D 729 7.81 41.54 45.26
C ASP D 729 6.56 41.32 44.42
N MET D 730 6.73 41.08 43.12
CA MET D 730 5.58 40.81 42.26
C MET D 730 4.86 39.54 42.69
N HIS D 731 5.61 38.50 43.05
CA HIS D 731 4.99 37.27 43.52
C HIS D 731 4.21 37.51 44.81
N THR D 732 4.78 38.29 45.73
CA THR D 732 4.07 38.60 46.97
C THR D 732 2.79 39.38 46.70
N HIS D 733 2.85 40.34 45.78
CA HIS D 733 1.70 41.19 45.50
C HIS D 733 0.71 40.56 44.53
N MET D 734 1.03 39.40 43.95
CA MET D 734 0.19 38.77 42.96
C MET D 734 -0.75 37.73 43.55
N VAL D 735 -0.88 37.67 44.87
CA VAL D 735 -1.77 36.69 45.48
C VAL D 735 -3.22 36.98 45.10
N LYS D 736 -3.61 38.25 45.12
CA LYS D 736 -4.98 38.64 44.80
C LYS D 736 -5.11 38.80 43.28
N PHE D 737 -4.99 37.67 42.59
CA PHE D 737 -5.08 37.61 41.14
C PHE D 737 -6.04 36.50 40.72
N ASN D 738 -6.95 36.83 39.81
CA ASN D 738 -7.91 35.85 39.34
C ASN D 738 -7.19 34.68 38.67
N GLN D 739 -7.54 33.46 39.08
CA GLN D 739 -6.81 32.29 38.59
C GLN D 739 -7.80 31.12 38.55
N ARG D 740 -8.45 30.94 37.41
CA ARG D 740 -9.25 29.75 37.19
C ARG D 740 -8.93 29.07 35.87
N SER D 741 -8.70 29.84 34.82
CA SER D 741 -8.43 29.31 33.48
C SER D 741 -8.04 30.48 32.60
N VAL D 742 -7.87 30.22 31.31
CA VAL D 742 -7.61 31.28 30.33
C VAL D 742 -8.96 31.79 29.83
N GLU D 743 -10.04 31.21 30.35
CA GLU D 743 -11.40 31.59 29.96
C GLU D 743 -12.00 32.63 30.90
N ASP D 744 -11.98 32.36 32.22
CA ASP D 744 -12.55 33.30 33.17
C ASP D 744 -11.78 34.62 33.22
N ALA D 745 -10.49 34.59 32.85
CA ALA D 745 -9.70 35.81 32.84
C ALA D 745 -10.24 36.80 31.81
N LEU D 746 -10.67 36.30 30.64
CA LEU D 746 -11.27 37.19 29.65
C LEU D 746 -12.54 37.84 30.19
N THR D 747 -13.38 37.06 30.88
CA THR D 747 -14.60 37.62 31.44
C THR D 747 -14.28 38.68 32.48
N SER D 748 -13.29 38.41 33.34
CA SER D 748 -12.91 39.39 34.35
C SER D 748 -12.37 40.66 33.72
N LEU D 749 -11.56 40.51 32.66
CA LEU D 749 -11.02 41.69 31.97
C LEU D 749 -12.12 42.50 31.32
N LYS D 750 -13.05 41.83 30.63
CA LYS D 750 -14.15 42.54 29.98
C LYS D 750 -15.10 43.18 30.99
N MET D 751 -15.21 42.61 32.18
CA MET D 751 -16.07 43.20 33.21
C MET D 751 -15.44 44.47 33.79
N GLY D 752 -14.15 44.41 34.13
CA GLY D 752 -13.48 45.56 34.69
C GLY D 752 -12.94 45.31 36.09
N LYS D 753 -13.02 44.07 36.55
CA LYS D 753 -12.52 43.72 37.88
C LYS D 753 -11.03 43.42 37.89
N LEU D 754 -10.36 43.48 36.73
CA LEU D 754 -8.94 43.16 36.65
C LEU D 754 -8.36 43.95 35.49
N ASP D 755 -7.09 44.37 35.63
CA ASP D 755 -6.48 45.29 34.70
C ASP D 755 -5.52 44.65 33.69
N ALA D 756 -4.65 43.73 34.11
CA ALA D 756 -3.63 43.20 33.23
C ALA D 756 -3.49 41.70 33.40
N PHE D 757 -3.28 41.01 32.28
CA PHE D 757 -3.15 39.56 32.25
C PHE D 757 -1.73 39.19 31.87
N ILE D 758 -1.16 38.19 32.52
CA ILE D 758 0.19 37.69 32.22
C ILE D 758 0.10 36.19 31.98
N TYR D 759 0.54 35.77 30.80
CA TYR D 759 0.39 34.39 30.37
C TYR D 759 1.28 34.17 29.16
N ASP D 760 1.13 33.02 28.50
CA ASP D 760 1.92 32.72 27.32
C ASP D 760 1.66 33.73 26.22
N ALA D 761 2.43 33.61 25.14
CA ALA D 761 2.25 34.51 24.00
C ALA D 761 1.47 33.83 22.88
N ALA D 762 1.81 32.58 22.56
CA ALA D 762 1.17 31.91 21.44
C ALA D 762 -0.32 31.72 21.66
N VAL D 763 -0.77 31.64 22.91
CA VAL D 763 -2.19 31.51 23.16
C VAL D 763 -2.83 32.87 23.40
N LEU D 764 -2.09 33.82 23.98
CA LEU D 764 -2.68 35.13 24.23
C LEU D 764 -2.92 35.89 22.94
N ASN D 765 -1.95 35.89 22.03
CA ASN D 765 -2.17 36.63 20.79
C ASN D 765 -3.26 35.98 19.93
N TYR D 766 -3.33 34.64 19.91
CA TYR D 766 -4.41 33.97 19.21
C TYR D 766 -5.76 34.26 19.85
N MET D 767 -5.81 34.27 21.19
CA MET D 767 -7.05 34.55 21.89
C MET D 767 -7.55 35.96 21.61
N ALA D 768 -6.65 36.88 21.29
CA ALA D 768 -7.01 38.23 20.90
C ALA D 768 -7.30 38.34 19.40
N GLY D 769 -7.17 37.26 18.66
CA GLY D 769 -7.47 37.26 17.24
C GLY D 769 -8.96 37.19 16.96
N LYS D 770 -9.64 36.25 17.61
CA LYS D 770 -11.09 36.07 17.47
C LYS D 770 -11.72 36.38 18.83
N ASP D 771 -12.23 37.60 18.97
CA ASP D 771 -12.79 38.06 20.22
C ASP D 771 -14.01 38.93 19.97
N GLU D 772 -14.86 39.05 20.99
CA GLU D 772 -16.01 39.94 20.93
C GLU D 772 -15.54 41.39 21.02
N GLY D 773 -15.57 42.10 19.91
CA GLY D 773 -14.98 43.42 19.85
C GLY D 773 -13.52 43.34 19.51
N CYS D 774 -12.69 44.16 20.15
CA CYS D 774 -11.24 44.10 19.91
C CYS D 774 -10.53 44.44 21.23
N LYS D 775 -10.16 43.39 21.97
CA LYS D 775 -9.25 43.52 23.09
C LYS D 775 -7.83 43.22 22.63
N LEU D 776 -6.91 44.13 22.93
CA LEU D 776 -5.57 44.07 22.37
C LEU D 776 -4.54 43.99 23.48
N VAL D 777 -3.30 43.77 23.08
CA VAL D 777 -2.17 43.61 24.00
C VAL D 777 -1.25 44.80 23.81
N THR D 778 -0.12 44.80 24.52
CA THR D 778 0.85 45.89 24.41
C THR D 778 1.54 45.78 23.05
N ILE D 779 2.61 46.55 22.88
CA ILE D 779 3.21 46.87 21.57
C ILE D 779 3.16 45.71 20.59
N GLY D 780 3.46 44.50 21.07
CA GLY D 780 3.24 43.33 20.25
C GLY D 780 4.35 42.30 20.32
N SER D 781 4.76 41.79 19.15
CA SER D 781 5.84 40.82 19.09
C SER D 781 7.14 41.38 19.62
N GLY D 782 7.29 42.71 19.65
CA GLY D 782 8.41 43.31 20.34
C GLY D 782 8.35 43.13 21.85
N LYS D 783 7.17 42.89 22.39
CA LYS D 783 6.99 42.59 23.81
C LYS D 783 6.83 41.09 23.97
N VAL D 784 7.96 40.39 23.88
CA VAL D 784 8.06 38.99 24.28
C VAL D 784 9.24 38.85 25.22
N PHE D 785 9.00 38.27 26.38
CA PHE D 785 10.02 38.17 27.42
C PHE D 785 10.31 36.70 27.68
N ALA D 786 11.59 36.36 27.82
CA ALA D 786 12.02 34.99 28.00
C ALA D 786 11.51 34.12 26.86
N THR D 787 11.95 34.46 25.65
CA THR D 787 11.43 33.85 24.43
C THR D 787 11.95 32.42 24.31
N THR D 788 11.12 31.45 24.64
CA THR D 788 11.42 30.04 24.43
C THR D 788 10.40 29.47 23.45
N GLY D 789 10.42 28.15 23.23
CA GLY D 789 9.51 27.55 22.27
C GLY D 789 8.91 26.26 22.79
N TYR D 790 7.81 25.86 22.17
CA TYR D 790 7.18 24.60 22.47
C TYR D 790 8.07 23.44 22.02
N GLY D 791 7.89 22.28 22.66
CA GLY D 791 8.75 21.16 22.34
C GLY D 791 8.10 19.84 22.72
N ILE D 792 8.73 18.77 22.25
CA ILE D 792 8.26 17.40 22.50
C ILE D 792 9.16 16.77 23.54
N ALA D 793 8.64 16.58 24.74
CA ALA D 793 9.45 15.97 25.81
C ALA D 793 9.74 14.52 25.48
N MET D 794 10.83 14.00 26.05
CA MET D 794 11.28 12.64 25.76
C MET D 794 12.00 12.08 26.98
N GLN D 795 11.90 10.77 27.15
CA GLN D 795 12.68 10.10 28.18
C GLN D 795 14.17 10.25 27.86
N LYS D 796 14.98 10.39 28.89
CA LYS D 796 16.39 10.70 28.69
C LYS D 796 17.08 9.58 27.92
N ASP D 797 17.97 9.97 27.01
CA ASP D 797 18.75 9.04 26.20
C ASP D 797 17.85 8.10 25.40
N SER D 798 16.88 8.68 24.70
CA SER D 798 15.97 7.92 23.85
C SER D 798 16.46 7.97 22.41
N HIS D 799 16.49 6.81 21.76
CA HIS D 799 16.98 6.74 20.38
C HIS D 799 16.04 7.42 19.39
N TRP D 800 14.82 7.74 19.81
CA TRP D 800 13.91 8.45 18.92
C TRP D 800 14.39 9.88 18.69
N LYS D 801 14.93 10.51 19.73
CA LYS D 801 15.31 11.92 19.75
C LYS D 801 16.02 12.35 18.47
N ARG D 802 17.14 11.71 18.15
CA ARG D 802 17.87 12.07 16.93
C ARG D 802 17.03 11.80 15.69
N ALA D 803 16.31 10.68 15.66
CA ALA D 803 15.57 10.30 14.47
C ALA D 803 14.52 11.32 14.10
N ILE D 804 13.81 11.87 15.09
CA ILE D 804 12.66 12.73 14.81
C ILE D 804 12.98 14.21 14.98
N ASP D 805 14.09 14.58 15.59
CA ASP D 805 14.50 15.98 15.53
C ASP D 805 14.78 16.40 14.10
N LEU D 806 15.43 15.53 13.33
CA LEU D 806 15.68 15.81 11.93
C LEU D 806 14.37 15.94 11.15
N ALA D 807 13.38 15.09 11.47
CA ALA D 807 12.09 15.19 10.81
C ALA D 807 11.41 16.52 11.12
N LEU D 808 11.48 16.95 12.38
CA LEU D 808 10.93 18.25 12.74
C LEU D 808 11.61 19.37 11.97
N LEU D 809 12.94 19.30 11.84
CA LEU D 809 13.66 20.32 11.09
C LEU D 809 13.24 20.32 9.63
N GLN D 810 13.09 19.13 9.04
CA GLN D 810 12.66 19.04 7.65
C GLN D 810 11.27 19.64 7.47
N PHE D 811 10.36 19.33 8.40
CA PHE D 811 9.01 19.87 8.31
C PHE D 811 9.01 21.39 8.41
N LEU D 812 9.83 21.93 9.30
CA LEU D 812 9.92 23.39 9.44
C LEU D 812 10.55 24.02 8.20
N GLY D 813 11.45 23.30 7.53
CA GLY D 813 12.22 23.92 6.46
C GLY D 813 11.38 24.36 5.28
N ASP D 814 10.49 23.49 4.80
CA ASP D 814 9.83 23.74 3.52
C ASP D 814 8.49 24.47 3.64
N GLY D 815 7.97 24.66 4.84
CA GLY D 815 6.84 25.55 5.04
C GLY D 815 5.50 24.91 5.30
N GLU D 816 5.43 23.61 5.59
CA GLU D 816 4.14 23.02 5.97
C GLU D 816 3.64 23.59 7.28
N THR D 817 4.55 23.99 8.17
CA THR D 817 4.13 24.61 9.42
C THR D 817 3.40 25.92 9.17
N GLN D 818 3.80 26.66 8.14
CA GLN D 818 3.07 27.88 7.80
C GLN D 818 1.64 27.57 7.38
N LYS D 819 1.46 26.49 6.59
CA LYS D 819 0.11 26.10 6.20
C LYS D 819 -0.72 25.70 7.40
N LEU D 820 -0.14 24.93 8.32
CA LEU D 820 -0.88 24.54 9.51
C LEU D 820 -1.23 25.75 10.36
N GLU D 821 -0.31 26.72 10.46
CA GLU D 821 -0.59 27.92 11.24
C GLU D 821 -1.71 28.73 10.61
N THR D 822 -1.69 28.88 9.29
CA THR D 822 -2.75 29.63 8.63
C THR D 822 -4.08 28.88 8.64
N VAL D 823 -4.05 27.57 8.85
CA VAL D 823 -5.29 26.82 8.99
C VAL D 823 -5.86 26.90 10.41
N TRP D 824 -5.00 26.83 11.44
CA TRP D 824 -5.46 26.70 12.81
C TRP D 824 -5.25 27.95 13.67
N LEU D 825 -4.47 28.93 13.22
CA LEU D 825 -4.03 30.03 14.07
C LEU D 825 -4.27 31.37 13.39
N SER D 826 -5.48 31.58 12.87
CA SER D 826 -5.84 32.83 12.22
C SER D 826 -7.02 33.47 12.93
N GLY D 827 -7.08 34.81 12.89
CA GLY D 827 -8.13 35.55 13.55
C GLY D 827 -8.60 36.72 12.70
N ILE D 828 -9.66 37.37 13.17
CA ILE D 828 -10.26 38.50 12.47
C ILE D 828 -9.57 39.80 12.87
N CYS D 829 -9.61 40.15 14.15
CA CYS D 829 -9.17 41.45 14.61
C CYS D 829 -7.72 41.43 15.04
C1 NAG E . 20.73 -15.10 27.70
C2 NAG E . 19.55 -15.93 27.29
C3 NAG E . 18.40 -15.77 28.31
C4 NAG E . 18.69 -14.76 29.41
C5 NAG E . 20.14 -14.73 29.92
C6 NAG E . 20.31 -15.43 31.25
C7 NAG E . 19.22 -16.43 24.91
C8 NAG E . 19.85 -17.75 25.20
N2 NAG E . 19.09 -15.59 25.95
O3 NAG E . 18.11 -17.05 28.89
O4 NAG E . 18.30 -13.44 29.01
O5 NAG E . 21.05 -15.36 29.01
O6 NAG E . 21.40 -14.88 31.99
O7 NAG E . 18.83 -16.12 23.79
C1 NAG E . 17.62 -12.83 30.12
C2 NAG E . 16.35 -12.13 29.60
C3 NAG E . 15.11 -12.82 30.14
C4 NAG E . 15.11 -12.83 31.67
C5 NAG E . 16.49 -13.26 32.18
C6 NAG E . 16.41 -14.34 33.24
C7 NAG E . 15.95 -9.74 29.15
C8 NAG E . 15.49 -10.16 27.78
N2 NAG E . 16.36 -10.72 29.96
O3 NAG E . 15.06 -14.16 29.65
O4 NAG E . 14.84 -11.52 32.13
O5 NAG E . 17.26 -13.80 31.11
O6 NAG E . 15.22 -15.09 33.12
O7 NAG E . 15.97 -8.56 29.49
C1 BMA E . 14.22 -11.53 33.43
C2 BMA E . 13.31 -10.27 33.54
C3 BMA E . 11.83 -10.64 33.39
C4 BMA E . 11.38 -11.78 34.34
C5 BMA E . 12.58 -12.65 34.77
C6 BMA E . 12.18 -14.05 35.17
O2 BMA E . 13.61 -9.36 32.50
O3 BMA E . 11.51 -10.97 32.04
O4 BMA E . 10.76 -11.23 35.50
O5 BMA E . 13.47 -12.73 33.64
O6 BMA E . 12.60 -14.28 36.50
C1 NAG F . -3.96 27.29 -45.31
C2 NAG F . -2.67 27.00 -44.53
C3 NAG F . -1.45 27.17 -45.47
C4 NAG F . -1.62 26.36 -46.75
C5 NAG F . -2.97 26.64 -47.41
C6 NAG F . -3.28 25.71 -48.55
C7 NAG F . -2.32 29.17 -43.40
C8 NAG F . -2.16 29.85 -42.07
N2 NAG F . -2.53 27.85 -43.36
O3 NAG F . -0.28 26.75 -44.78
O4 NAG F . -0.54 26.61 -47.65
O5 NAG F . -4.03 26.45 -46.45
O6 NAG F . -2.11 25.08 -49.04
O7 NAG F . -2.27 29.80 -44.45
C1 NAG F . -0.54 27.83 -48.43
C2 NAG F . 0.93 28.20 -48.77
C3 NAG F . 1.44 27.44 -50.00
C4 NAG F . 0.51 27.58 -51.21
C5 NAG F . -0.76 28.33 -50.82
C6 NAG F . -1.82 28.28 -51.89
C7 NAG F . 2.30 30.24 -48.82
C8 NAG F . 2.31 31.73 -49.01
N2 NAG F . 1.12 29.64 -48.92
O3 NAG F . 1.61 26.07 -49.68
O4 NAG F . 1.16 28.27 -52.27
O5 NAG F . -1.31 27.72 -49.67
O6 NAG F . -2.10 26.94 -52.28
O7 NAG F . 3.33 29.61 -48.59
C1 BMA F . 2.19 27.42 -52.84
C2 BMA F . 1.75 26.98 -54.26
C3 BMA F . 2.91 26.30 -55.00
C4 BMA F . 4.22 27.10 -54.87
C5 BMA F . 4.52 27.34 -53.39
C6 BMA F . 5.80 28.12 -53.16
O2 BMA F . 1.38 28.11 -55.05
O3 BMA F . 2.60 26.09 -56.37
O4 BMA F . 5.29 26.39 -55.46
O5 BMA F . 3.44 28.10 -52.85
O6 BMA F . 5.57 29.47 -53.48
C1 NAG G . -30.85 -60.03 0.18
C2 NAG G . -32.05 -60.70 -0.44
C3 NAG G . -32.75 -61.60 0.59
C4 NAG G . -32.24 -61.41 2.03
C5 NAG G . -30.70 -61.35 2.14
C6 NAG G . -30.08 -62.67 2.54
C7 NAG G . -33.59 -58.76 -0.33
C8 NAG G . -34.55 -57.92 -1.12
N2 NAG G . -32.98 -59.75 -1.01
O3 NAG G . -32.65 -62.97 0.22
O4 NAG G . -32.80 -60.22 2.58
O5 NAG G . -30.10 -60.97 0.91
O6 NAG G . -30.46 -63.05 3.85
O7 NAG G . -33.37 -58.56 0.85
C1 NAG G . -34.02 -60.56 3.26
C2 NAG G . -34.09 -59.81 4.59
C3 NAG G . -35.43 -60.08 5.28
C4 NAG G . -36.60 -59.80 4.33
C5 NAG G . -36.38 -60.54 3.01
C6 NAG G . -37.43 -60.21 1.96
C7 NAG G . -31.78 -59.62 5.39
C8 NAG G . -30.77 -60.09 6.39
N2 NAG G . -32.99 -60.16 5.47
O3 NAG G . -35.53 -59.29 6.46
O4 NAG G . -37.82 -60.26 4.90
O5 NAG G . -35.11 -60.21 2.44
O6 NAG G . -37.44 -58.83 1.64
O7 NAG G . -31.51 -58.76 4.54
C1 BMA G . -38.58 -59.21 5.52
C2 BMA G . -39.76 -58.83 4.58
C3 BMA G . -40.79 -57.94 5.30
C4 BMA G . -41.13 -58.50 6.68
C5 BMA G . -39.86 -58.67 7.50
C6 BMA G . -40.13 -59.20 8.90
O2 BMA G . -40.44 -59.99 4.14
O3 BMA G . -41.97 -57.78 4.53
O4 BMA G . -42.02 -57.59 7.35
O5 BMA G . -39.03 -59.62 6.81
O6 BMA G . -40.12 -60.61 8.86
C1 NAG H . 25.49 -21.03 28.78
C2 NAG H . 23.99 -20.78 28.63
C3 NAG H . 23.41 -21.61 27.48
C4 NAG H . 24.41 -22.67 27.02
C5 NAG H . 24.98 -23.38 28.24
C6 NAG H . 25.91 -24.51 27.90
C7 NAG H . 22.69 -20.11 30.60
C8 NAG H . 22.80 -18.71 30.07
N2 NAG H . 23.28 -21.06 29.87
O3 NAG H . 23.08 -20.76 26.39
O4 NAG H . 23.77 -23.62 26.19
O5 NAG H . 25.74 -22.45 29.04
O6 NAG H . 26.60 -24.26 26.68
O7 NAG H . 22.11 -20.37 31.64
C1 NAG I . 28.47 19.78 32.50
C2 NAG I . 29.92 19.31 32.44
C3 NAG I . 30.18 18.21 33.48
C4 NAG I . 29.71 18.64 34.86
C5 NAG I . 28.25 19.08 34.80
C6 NAG I . 27.73 19.65 36.09
C7 NAG I . 31.42 18.93 30.54
C8 NAG I . 31.55 18.33 29.17
N2 NAG I . 30.22 18.81 31.10
O3 NAG I . 31.57 17.93 33.51
O4 NAG I . 29.82 17.55 35.78
O5 NAG I . 28.14 20.14 33.83
O6 NAG I . 26.79 20.67 35.83
O7 NAG I . 32.34 19.50 31.09
C1 NAG J . 37.01 26.69 37.19
C2 NAG J . 36.23 26.12 38.36
C3 NAG J . 36.96 26.43 39.65
C4 NAG J . 38.37 25.85 39.58
C5 NAG J . 39.10 26.33 38.33
C6 NAG J . 40.42 25.61 38.12
C7 NAG J . 33.84 26.01 37.82
C8 NAG J . 32.52 26.70 37.93
N2 NAG J . 34.88 26.65 38.39
O3 NAG J . 36.27 25.83 40.74
O4 NAG J . 39.13 26.19 40.74
O5 NAG J . 38.32 26.10 37.15
O6 NAG J . 40.85 25.68 36.77
O7 NAG J . 33.98 24.93 37.26
C1 NAG K . 53.73 -1.89 -16.88
C2 NAG K . 54.33 -0.49 -17.05
C3 NAG K . 55.83 -0.54 -16.84
C4 NAG K . 56.16 -1.17 -15.50
C5 NAG K . 55.48 -2.53 -15.36
C6 NAG K . 55.64 -3.15 -13.99
C7 NAG K . 53.35 1.20 -18.54
C8 NAG K . 53.12 1.60 -19.96
N2 NAG K . 54.01 0.05 -18.36
O3 NAG K . 56.33 0.80 -16.88
O4 NAG K . 57.57 -1.32 -15.36
O5 NAG K . 54.07 -2.39 -15.58
O6 NAG K . 56.80 -3.96 -13.92
O7 NAG K . 52.97 1.89 -17.60
C1 NAG L . -21.06 -31.75 -28.94
C2 NAG L . -20.03 -30.67 -28.62
C3 NAG L . -20.57 -29.29 -28.93
C4 NAG L . -21.08 -29.23 -30.37
C5 NAG L . -22.08 -30.37 -30.61
C6 NAG L . -22.55 -30.44 -32.04
C7 NAG L . -20.39 -30.59 -26.16
C8 NAG L . -19.73 -30.71 -24.83
N2 NAG L . -19.59 -30.75 -27.23
O3 NAG L . -19.55 -28.31 -28.75
O4 NAG L . -21.73 -27.99 -30.61
O5 NAG L . -21.47 -31.63 -30.31
O6 NAG L . -23.00 -29.18 -32.51
O7 NAG L . -21.59 -30.35 -26.29
C1 NAG M . -28.45 11.27 -34.58
C2 NAG M . -29.84 11.04 -35.16
C3 NAG M . -29.88 11.44 -36.64
C4 NAG M . -28.89 10.59 -37.44
C5 NAG M . -27.65 10.32 -36.62
C6 NAG M . -26.38 10.27 -37.45
C7 NAG M . -31.21 9.29 -34.12
C8 NAG M . -31.53 7.82 -34.09
N2 NAG M . -30.27 9.66 -34.99
O3 NAG M . -29.55 12.83 -36.76
O4 NAG M . -29.50 9.34 -37.78
O5 NAG M . -27.49 11.39 -35.65
O6 NAG M . -26.05 11.55 -37.98
O7 NAG M . -31.76 10.09 -33.37
C1 NAG N . -29.54 -35.34 -26.36
C2 NAG N . -29.36 -35.73 -27.83
C3 NAG N . -28.44 -36.94 -27.96
C4 NAG N . -27.13 -36.66 -27.24
C5 NAG N . -27.38 -36.50 -25.75
C6 NAG N . -26.58 -35.37 -25.14
C7 NAG N . -31.50 -36.94 -28.08
C8 NAG N . -32.77 -37.05 -28.86
N2 NAG N . -30.65 -35.99 -28.47
O3 NAG N . -28.20 -37.23 -29.33
O4 NAG N . -26.24 -37.75 -27.43
O5 NAG N . -28.77 -36.28 -25.49
O6 NAG N . -25.73 -34.76 -26.10
O7 NAG N . -31.28 -37.68 -27.13
C1 NAG O . -38.88 -44.68 -21.20
C2 NAG O . -38.99 -44.42 -22.72
C3 NAG O . -39.04 -45.74 -23.50
C4 NAG O . -37.94 -46.70 -23.04
C5 NAG O . -38.00 -46.87 -21.53
C6 NAG O . -36.93 -47.77 -20.99
C7 NAG O . -41.42 -43.96 -22.78
C8 NAG O . -42.48 -42.99 -23.21
N2 NAG O . -40.15 -43.61 -23.04
O3 NAG O . -38.86 -45.48 -24.88
O4 NAG O . -38.12 -47.97 -23.66
O5 NAG O . -37.81 -45.58 -20.93
O6 NAG O . -35.81 -47.01 -20.56
O7 NAG O . -41.71 -45.02 -22.23
C1 NAG P . -44.98 -6.33 18.79
C2 NAG P . -46.10 -7.39 18.82
C3 NAG P . -47.44 -6.73 19.13
C4 NAG P . -47.36 -5.89 20.40
C5 NAG P . -46.22 -4.88 20.26
C6 NAG P . -46.01 -4.05 21.51
C7 NAG P . -46.47 -7.60 16.38
C8 NAG P . -46.49 -8.54 15.23
N2 NAG P . -46.16 -8.13 17.57
O3 NAG P . -48.44 -7.74 19.29
O4 NAG P . -48.58 -5.19 20.60
O5 NAG P . -44.99 -5.57 20.01
O6 NAG P . -46.36 -4.78 22.68
O7 NAG P . -46.71 -6.39 16.26
#